data_1WK1
#
_entry.id   1WK1
#
_entity_poly.entity_id   1
_entity_poly.type   'polypeptide(L)'
_entity_poly.pdbx_seq_one_letter_code
;GSSGSSGVKFLTVNDDILSMPQARNFCASAGGYLADDLGDDKNNFYSSIAANTQFWIGLFKNSDGQFYWDRGQGINPDLL
NQPITYWANGEPSNDPTRQCVYFDGRSGDKSKVWTTDTCATPRPFICQKHRYDSDHKPNTIGDASGPSSG
;
_entity_poly.pdbx_strand_id   A
#
# COMPACT_ATOMS: atom_id res chain seq x y z
N GLY A 1 15.21 22.35 -14.46
CA GLY A 1 15.18 20.90 -14.38
C GLY A 1 15.17 20.41 -12.94
N SER A 2 14.76 19.16 -12.75
CA SER A 2 14.70 18.57 -11.42
C SER A 2 15.50 17.27 -11.36
N SER A 3 16.68 17.35 -10.76
CA SER A 3 17.55 16.19 -10.63
C SER A 3 18.10 16.06 -9.22
N GLY A 4 17.31 15.45 -8.34
CA GLY A 4 17.72 15.27 -6.97
C GLY A 4 17.63 13.83 -6.51
N SER A 5 16.79 13.58 -5.51
CA SER A 5 16.62 12.24 -4.97
C SER A 5 15.14 11.83 -5.00
N SER A 6 14.31 12.63 -4.33
CA SER A 6 12.88 12.36 -4.28
C SER A 6 12.34 12.01 -5.66
N GLY A 7 11.71 10.84 -5.78
CA GLY A 7 11.16 10.42 -7.04
C GLY A 7 10.69 8.97 -7.03
N VAL A 8 10.08 8.57 -5.92
CA VAL A 8 9.60 7.20 -5.77
C VAL A 8 8.50 6.90 -6.79
N LYS A 9 8.73 5.87 -7.60
CA LYS A 9 7.76 5.47 -8.62
C LYS A 9 6.46 5.00 -7.98
N PHE A 10 5.34 5.24 -8.67
CA PHE A 10 4.04 4.83 -8.16
C PHE A 10 3.62 3.49 -8.76
N LEU A 11 2.74 2.78 -8.06
CA LEU A 11 2.25 1.49 -8.52
C LEU A 11 3.42 0.57 -8.92
N THR A 12 4.49 0.65 -8.15
CA THR A 12 5.68 -0.16 -8.40
C THR A 12 6.27 -0.71 -7.11
N VAL A 13 6.58 -2.00 -7.10
CA VAL A 13 7.15 -2.64 -5.93
C VAL A 13 8.59 -2.21 -5.71
N ASN A 14 8.85 -1.56 -4.58
CA ASN A 14 10.19 -1.10 -4.25
C ASN A 14 10.96 -2.15 -3.45
N ASP A 15 11.95 -2.76 -4.08
CA ASP A 15 12.77 -3.78 -3.43
C ASP A 15 12.97 -3.45 -1.96
N ASP A 16 13.49 -2.26 -1.69
CA ASP A 16 13.74 -1.83 -0.32
C ASP A 16 12.66 -2.37 0.63
N ILE A 17 13.01 -3.42 1.36
CA ILE A 17 12.07 -4.02 2.30
C ILE A 17 11.98 -3.22 3.59
N LEU A 18 10.75 -2.94 4.02
CA LEU A 18 10.52 -2.17 5.24
C LEU A 18 9.22 -2.60 5.91
N SER A 19 9.23 -2.64 7.24
CA SER A 19 8.05 -3.03 8.01
C SER A 19 6.87 -2.09 7.70
N MET A 20 5.67 -2.53 8.07
CA MET A 20 4.48 -1.73 7.83
C MET A 20 4.65 -0.31 8.37
N PRO A 21 5.07 -0.21 9.65
CA PRO A 21 5.28 1.08 10.30
C PRO A 21 6.49 1.83 9.74
N GLN A 22 7.21 1.18 8.82
CA GLN A 22 8.38 1.78 8.20
C GLN A 22 8.10 2.17 6.75
N ALA A 23 7.21 1.43 6.10
CA ALA A 23 6.85 1.69 4.72
C ALA A 23 5.85 2.84 4.62
N ARG A 24 4.74 2.72 5.34
CA ARG A 24 3.70 3.74 5.34
C ARG A 24 4.30 5.12 5.61
N ASN A 25 5.31 5.16 6.48
CA ASN A 25 5.97 6.42 6.83
C ASN A 25 6.81 6.93 5.66
N PHE A 26 7.44 6.01 4.94
CA PHE A 26 8.28 6.37 3.81
C PHE A 26 7.44 7.01 2.70
N CYS A 27 6.50 6.24 2.16
CA CYS A 27 5.64 6.73 1.08
C CYS A 27 5.16 8.15 1.37
N ALA A 28 4.73 8.39 2.61
CA ALA A 28 4.26 9.70 3.02
C ALA A 28 5.35 10.75 2.87
N SER A 29 6.51 10.48 3.46
CA SER A 29 7.64 11.40 3.39
C SER A 29 8.02 11.69 1.94
N ALA A 30 8.04 10.63 1.12
CA ALA A 30 8.39 10.77 -0.29
C ALA A 30 7.36 11.62 -1.03
N GLY A 31 6.08 11.35 -0.78
CA GLY A 31 5.02 12.10 -1.43
C GLY A 31 3.89 11.20 -1.91
N GLY A 32 3.51 10.25 -1.06
CA GLY A 32 2.43 9.33 -1.43
C GLY A 32 2.00 8.46 -0.26
N TYR A 33 1.31 7.37 -0.56
CA TYR A 33 0.83 6.46 0.46
C TYR A 33 0.61 5.05 -0.10
N LEU A 34 0.63 4.06 0.77
CA LEU A 34 0.43 2.67 0.36
C LEU A 34 -0.74 2.56 -0.62
N ALA A 35 -0.58 1.72 -1.64
CA ALA A 35 -1.62 1.52 -2.64
C ALA A 35 -2.67 0.53 -2.14
N ASP A 36 -3.89 1.02 -1.91
CA ASP A 36 -4.98 0.18 -1.44
C ASP A 36 -5.38 -0.84 -2.49
N ASP A 37 -5.87 -1.99 -2.05
CA ASP A 37 -6.30 -3.04 -2.97
C ASP A 37 -7.78 -3.35 -2.79
N LEU A 38 -8.62 -2.41 -3.21
CA LEU A 38 -10.07 -2.57 -3.10
C LEU A 38 -10.73 -2.50 -4.46
N GLY A 39 -10.94 -3.67 -5.07
CA GLY A 39 -11.57 -3.73 -6.38
C GLY A 39 -10.80 -4.60 -7.35
N ASP A 40 -11.50 -5.52 -8.01
CA ASP A 40 -10.88 -6.42 -8.96
C ASP A 40 -9.88 -5.67 -9.85
N ASP A 41 -10.40 -4.82 -10.72
CA ASP A 41 -9.55 -4.04 -11.61
C ASP A 41 -8.28 -3.57 -10.90
N LYS A 42 -8.38 -3.42 -9.58
CA LYS A 42 -7.25 -2.98 -8.78
C LYS A 42 -6.37 -4.16 -8.38
N ASN A 43 -7.00 -5.24 -7.94
CA ASN A 43 -6.28 -6.44 -7.53
C ASN A 43 -5.67 -7.14 -8.73
N ASN A 44 -6.50 -7.43 -9.73
CA ASN A 44 -6.05 -8.10 -10.94
C ASN A 44 -4.82 -7.42 -11.52
N PHE A 45 -4.66 -6.13 -11.21
CA PHE A 45 -3.53 -5.36 -11.69
C PHE A 45 -2.28 -5.63 -10.86
N TYR A 46 -2.46 -5.72 -9.54
CA TYR A 46 -1.36 -5.98 -8.63
C TYR A 46 -0.81 -7.39 -8.83
N SER A 47 -1.72 -8.37 -8.80
CA SER A 47 -1.33 -9.77 -8.96
C SER A 47 -0.25 -9.91 -10.03
N SER A 48 -0.38 -9.13 -11.10
CA SER A 48 0.58 -9.17 -12.20
C SER A 48 1.98 -8.82 -11.71
N ILE A 49 2.15 -7.58 -11.28
CA ILE A 49 3.44 -7.11 -10.79
C ILE A 49 3.85 -7.87 -9.53
N ALA A 50 2.88 -8.49 -8.88
CA ALA A 50 3.14 -9.25 -7.66
C ALA A 50 3.59 -10.67 -7.99
N ALA A 51 4.10 -10.87 -9.20
CA ALA A 51 4.56 -12.17 -9.63
C ALA A 51 5.49 -12.80 -8.60
N ASN A 52 4.92 -13.63 -7.73
CA ASN A 52 5.70 -14.29 -6.69
C ASN A 52 6.40 -13.26 -5.79
N THR A 53 5.70 -12.17 -5.51
CA THR A 53 6.25 -11.11 -4.66
C THR A 53 5.24 -10.69 -3.59
N GLN A 54 5.68 -10.69 -2.34
CA GLN A 54 4.81 -10.30 -1.23
C GLN A 54 5.14 -8.88 -0.76
N PHE A 55 4.17 -7.99 -0.89
CA PHE A 55 4.36 -6.60 -0.47
C PHE A 55 3.18 -6.12 0.37
N TRP A 56 3.42 -5.10 1.18
CA TRP A 56 2.39 -4.55 2.05
C TRP A 56 1.34 -3.80 1.24
N ILE A 57 0.23 -3.45 1.89
CA ILE A 57 -0.84 -2.72 1.22
C ILE A 57 -1.49 -1.72 2.16
N GLY A 58 -2.52 -1.04 1.67
CA GLY A 58 -3.22 -0.05 2.48
C GLY A 58 -4.06 -0.69 3.57
N LEU A 59 -4.22 -2.00 3.49
CA LEU A 59 -5.01 -2.73 4.48
C LEU A 59 -4.20 -2.99 5.75
N PHE A 60 -4.69 -2.48 6.87
CA PHE A 60 -4.00 -2.66 8.15
C PHE A 60 -4.99 -2.65 9.30
N LYS A 61 -4.77 -3.54 10.27
CA LYS A 61 -5.65 -3.64 11.43
C LYS A 61 -5.37 -2.52 12.42
N ASN A 62 -6.43 -2.00 13.04
CA ASN A 62 -6.30 -0.92 14.01
C ASN A 62 -6.41 -1.46 15.43
N SER A 63 -6.31 -0.56 16.41
CA SER A 63 -6.40 -0.94 17.82
C SER A 63 -7.68 -1.74 18.08
N ASP A 64 -8.82 -1.14 17.77
CA ASP A 64 -10.10 -1.80 17.96
C ASP A 64 -10.08 -3.22 17.44
N GLY A 65 -9.46 -3.41 16.28
CA GLY A 65 -9.38 -4.73 15.68
C GLY A 65 -9.97 -4.77 14.29
N GLN A 66 -10.32 -3.61 13.75
CA GLN A 66 -10.91 -3.52 12.42
C GLN A 66 -9.85 -3.16 11.39
N PHE A 67 -10.11 -3.53 10.13
CA PHE A 67 -9.18 -3.24 9.05
C PHE A 67 -9.53 -1.91 8.37
N TYR A 68 -8.54 -1.03 8.27
CA TYR A 68 -8.74 0.28 7.66
C TYR A 68 -7.91 0.41 6.38
N TRP A 69 -7.94 1.59 5.78
CA TRP A 69 -7.19 1.85 4.57
C TRP A 69 -6.22 3.01 4.75
N ASP A 70 -4.98 2.83 4.32
CA ASP A 70 -3.97 3.86 4.44
C ASP A 70 -4.28 5.04 3.53
N ARG A 71 -4.39 6.23 4.13
CA ARG A 71 -4.69 7.44 3.36
C ARG A 71 -3.60 8.50 3.58
N GLY A 72 -2.38 8.03 3.85
CA GLY A 72 -1.28 8.95 4.07
C GLY A 72 -0.92 9.09 5.53
N GLN A 73 -0.14 10.13 5.86
CA GLN A 73 0.26 10.36 7.23
C GLN A 73 -0.67 11.35 7.92
N GLY A 74 -1.29 10.91 9.02
CA GLY A 74 -2.21 11.76 9.75
C GLY A 74 -3.62 11.72 9.18
N ILE A 75 -3.72 11.68 7.86
CA ILE A 75 -5.02 11.64 7.20
C ILE A 75 -5.92 10.58 7.83
N ASN A 76 -7.22 10.87 7.88
CA ASN A 76 -8.18 9.95 8.46
C ASN A 76 -8.34 8.71 7.58
N PRO A 77 -8.05 7.53 8.17
CA PRO A 77 -8.14 6.26 7.46
C PRO A 77 -9.59 5.87 7.17
N ASP A 78 -9.78 4.91 6.27
CA ASP A 78 -11.11 4.44 5.91
C ASP A 78 -11.34 3.02 6.41
N LEU A 79 -12.53 2.78 6.95
CA LEU A 79 -12.88 1.46 7.48
C LEU A 79 -13.30 0.52 6.35
N LEU A 80 -12.70 -0.67 6.33
CA LEU A 80 -13.02 -1.65 5.30
C LEU A 80 -14.48 -2.09 5.41
N ASN A 81 -15.34 -1.45 4.62
CA ASN A 81 -16.76 -1.78 4.61
C ASN A 81 -17.21 -2.23 3.23
N GLN A 82 -16.27 -2.79 2.46
CA GLN A 82 -16.58 -3.27 1.12
C GLN A 82 -17.10 -4.70 1.15
N PRO A 83 -18.08 -4.99 0.29
CA PRO A 83 -18.69 -6.33 0.20
C PRO A 83 -17.74 -7.36 -0.39
N ILE A 84 -16.83 -6.91 -1.26
CA ILE A 84 -15.86 -7.79 -1.88
C ILE A 84 -14.55 -7.80 -1.11
N THR A 85 -14.04 -8.99 -0.84
CA THR A 85 -12.78 -9.13 -0.12
C THR A 85 -11.90 -10.22 -0.75
N TYR A 86 -10.64 -10.26 -0.32
CA TYR A 86 -9.70 -11.24 -0.85
C TYR A 86 -9.10 -12.08 0.28
N TRP A 87 -9.64 -11.91 1.48
CA TRP A 87 -9.15 -12.65 2.64
C TRP A 87 -8.88 -14.11 2.28
N ALA A 88 -7.66 -14.56 2.58
CA ALA A 88 -7.27 -15.93 2.29
C ALA A 88 -8.15 -16.93 3.03
N ASN A 89 -7.88 -18.21 2.83
CA ASN A 89 -8.66 -19.27 3.48
C ASN A 89 -8.57 -19.13 5.00
N GLY A 90 -9.62 -18.58 5.61
CA GLY A 90 -9.64 -18.42 7.05
C GLY A 90 -9.41 -16.98 7.47
N GLU A 91 -8.66 -16.24 6.65
CA GLU A 91 -8.37 -14.85 6.96
C GLU A 91 -9.65 -14.01 6.97
N PRO A 92 -9.62 -12.90 7.74
CA PRO A 92 -8.45 -12.50 8.50
C PRO A 92 -8.17 -13.44 9.68
N SER A 93 -6.94 -13.41 10.16
CA SER A 93 -6.54 -14.26 11.28
C SER A 93 -6.87 -13.58 12.62
N ASN A 94 -6.97 -14.39 13.67
CA ASN A 94 -7.28 -13.87 15.00
C ASN A 94 -6.04 -13.90 15.90
N ASP A 95 -4.87 -13.69 15.30
CA ASP A 95 -3.62 -13.69 16.05
C ASP A 95 -3.27 -12.28 16.52
N PRO A 96 -2.83 -12.17 17.79
CA PRO A 96 -2.45 -10.89 18.39
C PRO A 96 -1.17 -10.33 17.78
N THR A 97 -0.31 -11.22 17.29
CA THR A 97 0.95 -10.80 16.68
C THR A 97 0.74 -10.29 15.27
N ARG A 98 -0.24 -10.85 14.58
CA ARG A 98 -0.55 -10.44 13.21
C ARG A 98 -1.69 -9.44 13.17
N GLN A 99 -1.38 -8.20 12.76
CA GLN A 99 -2.38 -7.15 12.69
C GLN A 99 -2.42 -6.53 11.30
N CYS A 100 -1.25 -6.43 10.67
CA CYS A 100 -1.15 -5.86 9.33
C CYS A 100 -1.42 -6.91 8.27
N VAL A 101 -1.71 -6.46 7.04
CA VAL A 101 -1.99 -7.36 5.94
C VAL A 101 -1.07 -7.07 4.75
N TYR A 102 -0.59 -8.13 4.12
CA TYR A 102 0.30 -7.99 2.97
C TYR A 102 -0.17 -8.85 1.81
N PHE A 103 -0.15 -8.27 0.61
CA PHE A 103 -0.58 -8.99 -0.59
C PHE A 103 0.33 -10.19 -0.87
N ASP A 104 -0.28 -11.36 -0.98
CA ASP A 104 0.47 -12.59 -1.24
C ASP A 104 0.48 -12.91 -2.73
N GLY A 105 1.51 -12.45 -3.43
CA GLY A 105 1.62 -12.70 -4.85
C GLY A 105 1.79 -14.18 -5.18
N ARG A 106 2.64 -14.85 -4.42
CA ARG A 106 2.89 -16.28 -4.63
C ARG A 106 1.58 -17.06 -4.61
N SER A 107 0.69 -16.70 -3.69
CA SER A 107 -0.59 -17.38 -3.57
C SER A 107 -1.26 -17.54 -4.93
N GLY A 108 -1.18 -18.75 -5.49
CA GLY A 108 -1.77 -19.01 -6.78
C GLY A 108 -3.17 -18.42 -6.91
N ASP A 109 -3.96 -18.54 -5.83
CA ASP A 109 -5.32 -18.02 -5.83
C ASP A 109 -5.33 -16.53 -5.57
N LYS A 110 -5.61 -15.75 -6.62
CA LYS A 110 -5.65 -14.30 -6.50
C LYS A 110 -6.73 -13.86 -5.51
N SER A 111 -7.69 -14.75 -5.26
CA SER A 111 -8.78 -14.45 -4.33
C SER A 111 -8.37 -14.77 -2.90
N LYS A 112 -7.19 -15.36 -2.73
CA LYS A 112 -6.68 -15.71 -1.41
C LYS A 112 -5.28 -15.15 -1.21
N VAL A 113 -5.05 -13.95 -1.74
CA VAL A 113 -3.74 -13.30 -1.61
C VAL A 113 -3.63 -12.56 -0.29
N TRP A 114 -4.76 -12.07 0.22
CA TRP A 114 -4.79 -11.35 1.48
C TRP A 114 -4.36 -12.24 2.63
N THR A 115 -3.41 -11.76 3.43
CA THR A 115 -2.91 -12.51 4.57
C THR A 115 -2.40 -11.57 5.66
N THR A 116 -2.79 -11.87 6.90
CA THR A 116 -2.38 -11.06 8.04
C THR A 116 -1.04 -11.54 8.60
N ASP A 117 -0.16 -10.59 8.91
CA ASP A 117 1.16 -10.92 9.45
C ASP A 117 1.65 -9.80 10.37
N THR A 118 2.74 -10.07 11.08
CA THR A 118 3.31 -9.09 12.00
C THR A 118 3.78 -7.84 11.26
N CYS A 119 3.60 -6.69 11.89
CA CYS A 119 3.99 -5.42 11.29
C CYS A 119 5.47 -5.13 11.55
N ALA A 120 6.26 -6.19 11.70
CA ALA A 120 7.68 -6.05 11.94
C ALA A 120 8.50 -6.65 10.81
N THR A 121 7.96 -7.68 10.17
CA THR A 121 8.64 -8.34 9.07
C THR A 121 8.90 -7.38 7.92
N PRO A 122 10.19 -7.25 7.54
CA PRO A 122 10.60 -6.37 6.45
C PRO A 122 10.13 -6.87 5.08
N ARG A 123 9.21 -6.13 4.46
CA ARG A 123 8.68 -6.50 3.16
C ARG A 123 8.49 -5.27 2.28
N PRO A 124 8.48 -5.49 0.96
CA PRO A 124 8.30 -4.41 -0.02
C PRO A 124 6.89 -3.83 0.00
N PHE A 125 6.73 -2.63 -0.55
CA PHE A 125 5.43 -1.97 -0.60
C PHE A 125 5.27 -1.19 -1.89
N ILE A 126 4.13 -0.51 -2.02
CA ILE A 126 3.84 0.28 -3.22
C ILE A 126 3.20 1.62 -2.85
N CYS A 127 3.86 2.70 -3.23
CA CYS A 127 3.36 4.04 -2.94
C CYS A 127 2.45 4.53 -4.07
N GLN A 128 1.43 5.29 -3.70
CA GLN A 128 0.49 5.83 -4.68
C GLN A 128 0.14 7.28 -4.38
N LYS A 129 -0.15 8.05 -5.42
CA LYS A 129 -0.50 9.45 -5.26
C LYS A 129 -2.01 9.66 -5.35
N HIS A 130 -2.50 10.68 -4.67
CA HIS A 130 -3.93 10.99 -4.67
C HIS A 130 -4.48 10.99 -6.09
N ARG A 131 -5.77 10.69 -6.22
CA ARG A 131 -6.42 10.65 -7.53
C ARG A 131 -6.99 12.02 -7.89
N TYR A 132 -6.26 13.07 -7.50
CA TYR A 132 -6.70 14.43 -7.78
C TYR A 132 -6.24 14.88 -9.16
N ASP A 133 -7.11 15.58 -9.88
CA ASP A 133 -6.78 16.07 -11.22
C ASP A 133 -7.33 17.48 -11.42
N SER A 134 -6.89 18.13 -12.50
CA SER A 134 -7.34 19.48 -12.81
C SER A 134 -8.34 19.47 -13.95
N ASP A 135 -9.30 20.39 -13.90
CA ASP A 135 -10.32 20.49 -14.94
C ASP A 135 -10.47 21.93 -15.41
N HIS A 136 -10.81 22.82 -14.49
CA HIS A 136 -10.99 24.23 -14.80
C HIS A 136 -9.85 25.07 -14.24
N LYS A 137 -9.58 26.20 -14.88
CA LYS A 137 -8.50 27.09 -14.44
C LYS A 137 -9.04 28.50 -14.19
N PRO A 138 -9.61 28.71 -12.99
CA PRO A 138 -10.16 30.00 -12.59
C PRO A 138 -9.08 31.06 -12.38
N ASN A 139 -7.98 30.65 -11.75
CA ASN A 139 -6.87 31.55 -11.48
C ASN A 139 -5.56 30.78 -11.31
N THR A 140 -4.45 31.50 -11.36
CA THR A 140 -3.14 30.89 -11.20
C THR A 140 -2.82 30.62 -9.73
N ILE A 141 -3.13 31.59 -8.88
CA ILE A 141 -2.89 31.45 -7.45
C ILE A 141 -1.54 30.80 -7.18
N GLY A 142 -0.55 31.14 -7.99
CA GLY A 142 0.79 30.58 -7.83
C GLY A 142 1.72 31.52 -7.09
N ASP A 143 2.80 30.97 -6.55
CA ASP A 143 3.77 31.76 -5.82
C ASP A 143 5.17 31.16 -5.94
N ALA A 144 6.14 31.98 -6.32
CA ALA A 144 7.51 31.52 -6.48
C ALA A 144 7.87 30.46 -5.43
N SER A 145 8.20 29.28 -5.90
CA SER A 145 8.56 28.17 -5.00
C SER A 145 10.06 27.94 -4.99
N GLY A 146 10.57 27.41 -3.88
CA GLY A 146 11.98 27.15 -3.77
C GLY A 146 12.29 25.68 -3.54
N PRO A 147 13.58 25.31 -3.66
CA PRO A 147 14.02 23.93 -3.47
C PRO A 147 13.93 23.49 -2.02
N SER A 148 13.92 22.17 -1.80
CA SER A 148 13.83 21.62 -0.46
C SER A 148 15.12 20.88 -0.09
N SER A 149 15.49 20.94 1.18
CA SER A 149 16.70 20.28 1.66
C SER A 149 16.43 19.49 2.93
N GLY A 150 16.64 18.19 2.88
CA GLY A 150 16.41 17.34 4.03
C GLY A 150 17.63 17.22 4.91
N GLY A 1 21.85 16.50 -12.11
CA GLY A 1 22.16 15.35 -11.29
C GLY A 1 22.37 15.72 -9.83
N SER A 2 21.44 15.30 -8.98
CA SER A 2 21.52 15.61 -7.56
C SER A 2 22.50 14.66 -6.86
N SER A 3 22.96 15.07 -5.68
CA SER A 3 23.91 14.26 -4.92
C SER A 3 23.28 13.78 -3.62
N GLY A 4 22.03 13.34 -3.69
CA GLY A 4 21.34 12.85 -2.51
C GLY A 4 19.84 13.09 -2.59
N SER A 5 19.16 12.26 -3.37
CA SER A 5 17.71 12.38 -3.52
C SER A 5 17.08 11.02 -3.78
N SER A 6 15.79 10.91 -3.48
CA SER A 6 15.07 9.66 -3.68
C SER A 6 13.81 9.88 -4.52
N GLY A 7 13.70 9.15 -5.61
CA GLY A 7 12.54 9.29 -6.48
C GLY A 7 11.71 8.02 -6.54
N VAL A 8 11.05 7.69 -5.43
CA VAL A 8 10.22 6.50 -5.37
C VAL A 8 9.12 6.53 -6.42
N LYS A 9 9.04 5.46 -7.21
CA LYS A 9 8.03 5.36 -8.26
C LYS A 9 6.68 4.94 -7.68
N PHE A 10 5.60 5.28 -8.40
CA PHE A 10 4.26 4.94 -7.96
C PHE A 10 3.79 3.64 -8.59
N LEU A 11 2.92 2.92 -7.89
CA LEU A 11 2.39 1.66 -8.37
C LEU A 11 3.53 0.73 -8.80
N THR A 12 4.62 0.75 -8.04
CA THR A 12 5.77 -0.10 -8.33
C THR A 12 6.37 -0.67 -7.05
N VAL A 13 6.50 -1.99 -7.01
CA VAL A 13 7.06 -2.67 -5.84
C VAL A 13 8.52 -2.25 -5.63
N ASN A 14 8.75 -1.49 -4.56
CA ASN A 14 10.09 -1.03 -4.23
C ASN A 14 10.87 -2.10 -3.47
N ASP A 15 11.89 -2.66 -4.13
CA ASP A 15 12.71 -3.70 -3.52
C ASP A 15 12.93 -3.42 -2.04
N ASP A 16 13.40 -2.21 -1.74
CA ASP A 16 13.67 -1.81 -0.36
C ASP A 16 12.63 -2.40 0.58
N ILE A 17 13.03 -3.40 1.35
CA ILE A 17 12.14 -4.05 2.30
C ILE A 17 12.02 -3.24 3.59
N LEU A 18 10.79 -2.97 4.00
CA LEU A 18 10.53 -2.21 5.21
C LEU A 18 9.21 -2.64 5.86
N SER A 19 9.21 -2.71 7.19
CA SER A 19 8.02 -3.12 7.93
C SER A 19 6.86 -2.17 7.64
N MET A 20 5.66 -2.58 8.03
CA MET A 20 4.46 -1.78 7.81
C MET A 20 4.68 -0.35 8.28
N PRO A 21 5.13 -0.20 9.54
CA PRO A 21 5.39 1.12 10.14
C PRO A 21 6.61 1.80 9.51
N GLN A 22 7.32 1.09 8.66
CA GLN A 22 8.50 1.63 7.99
C GLN A 22 8.17 2.05 6.57
N ALA A 23 7.26 1.33 5.94
CA ALA A 23 6.86 1.63 4.56
C ALA A 23 5.89 2.80 4.52
N ARG A 24 4.77 2.68 5.22
CA ARG A 24 3.78 3.73 5.26
C ARG A 24 4.41 5.08 5.60
N ASN A 25 5.43 5.04 6.46
CA ASN A 25 6.12 6.26 6.87
C ASN A 25 6.89 6.87 5.71
N PHE A 26 7.46 6.00 4.87
CA PHE A 26 8.22 6.46 3.71
C PHE A 26 7.31 7.03 2.64
N CYS A 27 6.41 6.17 2.12
CA CYS A 27 5.47 6.59 1.08
C CYS A 27 4.91 7.97 1.39
N ALA A 28 4.78 8.28 2.68
CA ALA A 28 4.25 9.58 3.10
C ALA A 28 5.30 10.67 2.96
N SER A 29 6.48 10.43 3.50
CA SER A 29 7.57 11.39 3.45
C SER A 29 7.94 11.70 2.00
N ALA A 30 7.81 10.70 1.13
CA ALA A 30 8.14 10.86 -0.28
C ALA A 30 7.12 11.77 -0.97
N GLY A 31 5.86 11.62 -0.58
CA GLY A 31 4.81 12.44 -1.18
C GLY A 31 3.63 11.61 -1.65
N GLY A 32 3.21 10.66 -0.82
CA GLY A 32 2.09 9.81 -1.17
C GLY A 32 1.65 8.91 -0.02
N TYR A 33 1.24 7.70 -0.35
CA TYR A 33 0.78 6.75 0.67
C TYR A 33 0.73 5.33 0.10
N LEU A 34 0.42 4.37 0.96
CA LEU A 34 0.35 2.97 0.55
C LEU A 34 -0.79 2.76 -0.45
N ALA A 35 -0.55 1.89 -1.42
CA ALA A 35 -1.56 1.60 -2.44
C ALA A 35 -2.57 0.57 -1.94
N ASP A 36 -3.85 0.96 -1.92
CA ASP A 36 -4.91 0.08 -1.46
C ASP A 36 -5.25 -0.96 -2.52
N ASP A 37 -5.87 -2.06 -2.09
CA ASP A 37 -6.26 -3.13 -3.01
C ASP A 37 -7.72 -3.49 -2.84
N LEU A 38 -8.60 -2.56 -3.22
CA LEU A 38 -10.04 -2.78 -3.11
C LEU A 38 -10.70 -2.74 -4.48
N GLY A 39 -10.86 -3.90 -5.09
CA GLY A 39 -11.48 -3.98 -6.40
C GLY A 39 -10.88 -5.05 -7.28
N ASP A 40 -11.69 -5.65 -8.14
CA ASP A 40 -11.24 -6.70 -9.03
C ASP A 40 -10.20 -6.16 -10.01
N ASP A 41 -10.39 -4.92 -10.46
CA ASP A 41 -9.48 -4.30 -11.40
C ASP A 41 -8.22 -3.82 -10.69
N LYS A 42 -8.37 -3.39 -9.45
CA LYS A 42 -7.24 -2.90 -8.65
C LYS A 42 -6.36 -4.06 -8.21
N ASN A 43 -6.99 -5.17 -7.83
CA ASN A 43 -6.25 -6.35 -7.38
C ASN A 43 -5.56 -7.04 -8.56
N ASN A 44 -6.33 -7.30 -9.61
CA ASN A 44 -5.80 -7.95 -10.80
C ASN A 44 -4.54 -7.24 -11.30
N PHE A 45 -4.58 -5.91 -11.30
CA PHE A 45 -3.45 -5.11 -11.76
C PHE A 45 -2.22 -5.39 -10.91
N TYR A 46 -2.42 -5.59 -9.62
CA TYR A 46 -1.32 -5.86 -8.70
C TYR A 46 -0.79 -7.29 -8.88
N SER A 47 -1.69 -8.26 -8.78
CA SER A 47 -1.32 -9.66 -8.93
C SER A 47 -0.22 -9.82 -9.98
N SER A 48 -0.35 -9.08 -11.07
CA SER A 48 0.64 -9.14 -12.15
C SER A 48 2.02 -8.79 -11.64
N ILE A 49 2.23 -7.50 -11.36
CA ILE A 49 3.53 -7.03 -10.86
C ILE A 49 3.93 -7.79 -9.60
N ALA A 50 2.96 -8.35 -8.91
CA ALA A 50 3.21 -9.10 -7.68
C ALA A 50 3.59 -10.54 -8.00
N ALA A 51 4.09 -10.77 -9.21
CA ALA A 51 4.50 -12.10 -9.64
C ALA A 51 5.39 -12.77 -8.59
N ASN A 52 4.78 -13.59 -7.74
CA ASN A 52 5.53 -14.29 -6.69
C ASN A 52 6.25 -13.29 -5.79
N THR A 53 5.57 -12.18 -5.49
CA THR A 53 6.14 -11.16 -4.62
C THR A 53 5.15 -10.72 -3.57
N GLN A 54 5.60 -10.69 -2.32
CA GLN A 54 4.74 -10.29 -1.20
C GLN A 54 5.09 -8.87 -0.73
N PHE A 55 4.10 -7.99 -0.80
CA PHE A 55 4.29 -6.60 -0.39
C PHE A 55 3.15 -6.14 0.52
N TRP A 56 3.37 -5.04 1.22
CA TRP A 56 2.36 -4.48 2.11
C TRP A 56 1.29 -3.73 1.34
N ILE A 57 0.13 -3.55 1.96
CA ILE A 57 -0.97 -2.83 1.33
C ILE A 57 -1.58 -1.80 2.28
N GLY A 58 -2.57 -1.08 1.80
CA GLY A 58 -3.23 -0.08 2.62
C GLY A 58 -4.09 -0.68 3.70
N LEU A 59 -4.32 -1.99 3.61
CA LEU A 59 -5.14 -2.69 4.60
C LEU A 59 -4.33 -3.01 5.85
N PHE A 60 -4.78 -2.52 6.99
CA PHE A 60 -4.10 -2.76 8.26
C PHE A 60 -5.09 -2.80 9.41
N LYS A 61 -4.82 -3.67 10.39
CA LYS A 61 -5.68 -3.82 11.56
C LYS A 61 -5.45 -2.68 12.54
N ASN A 62 -6.53 -2.23 13.20
CA ASN A 62 -6.45 -1.15 14.17
C ASN A 62 -6.77 -1.67 15.57
N SER A 63 -6.65 -0.78 16.56
CA SER A 63 -6.92 -1.14 17.94
C SER A 63 -8.34 -1.68 18.09
N ASP A 64 -9.25 -1.19 17.25
CA ASP A 64 -10.64 -1.62 17.29
C ASP A 64 -10.80 -2.98 16.62
N GLY A 65 -9.68 -3.60 16.24
CA GLY A 65 -9.72 -4.90 15.61
C GLY A 65 -10.38 -4.85 14.24
N GLN A 66 -10.26 -3.71 13.57
CA GLN A 66 -10.85 -3.53 12.25
C GLN A 66 -9.78 -3.24 11.20
N PHE A 67 -10.10 -3.53 9.94
CA PHE A 67 -9.16 -3.30 8.85
C PHE A 67 -9.48 -1.98 8.13
N TYR A 68 -8.55 -1.05 8.20
CA TYR A 68 -8.72 0.25 7.55
C TYR A 68 -7.83 0.38 6.33
N TRP A 69 -8.05 1.43 5.54
CA TRP A 69 -7.27 1.67 4.34
C TRP A 69 -6.37 2.89 4.51
N ASP A 70 -5.06 2.70 4.36
CA ASP A 70 -4.11 3.78 4.49
C ASP A 70 -4.46 4.94 3.58
N ARG A 71 -4.58 6.14 4.15
CA ARG A 71 -4.92 7.32 3.38
C ARG A 71 -3.72 8.26 3.25
N GLY A 72 -2.74 8.07 4.14
CA GLY A 72 -1.56 8.91 4.10
C GLY A 72 -1.01 9.19 5.49
N GLN A 73 -0.42 10.37 5.66
CA GLN A 73 0.15 10.76 6.95
C GLN A 73 -0.79 11.70 7.69
N GLY A 74 -1.33 11.22 8.81
CA GLY A 74 -2.24 12.04 9.59
C GLY A 74 -3.67 11.97 9.09
N ILE A 75 -3.83 11.84 7.78
CA ILE A 75 -5.15 11.77 7.17
C ILE A 75 -5.98 10.66 7.81
N ASN A 76 -7.29 10.87 7.88
CA ASN A 76 -8.19 9.90 8.47
C ASN A 76 -8.26 8.63 7.60
N PRO A 77 -8.01 7.48 8.23
CA PRO A 77 -8.04 6.18 7.54
C PRO A 77 -9.46 5.78 7.13
N ASP A 78 -9.57 5.11 5.99
CA ASP A 78 -10.87 4.66 5.49
C ASP A 78 -11.12 3.21 5.88
N LEU A 79 -12.02 3.00 6.85
CA LEU A 79 -12.35 1.67 7.32
C LEU A 79 -12.81 0.79 6.16
N LEU A 80 -12.73 -0.53 6.35
CA LEU A 80 -13.14 -1.47 5.32
C LEU A 80 -14.66 -1.64 5.31
N ASN A 81 -15.32 -0.94 4.41
CA ASN A 81 -16.78 -1.02 4.29
C ASN A 81 -17.19 -1.58 2.93
N GLN A 82 -16.39 -2.51 2.41
CA GLN A 82 -16.66 -3.13 1.12
C GLN A 82 -17.21 -4.54 1.31
N PRO A 83 -18.24 -4.88 0.50
CA PRO A 83 -18.88 -6.20 0.56
C PRO A 83 -17.97 -7.30 0.03
N ILE A 84 -17.13 -6.95 -0.94
CA ILE A 84 -16.21 -7.92 -1.54
C ILE A 84 -14.86 -7.89 -0.82
N THR A 85 -14.30 -9.08 -0.58
CA THR A 85 -13.02 -9.21 0.09
C THR A 85 -12.18 -10.33 -0.52
N TYR A 86 -10.88 -10.28 -0.28
CA TYR A 86 -9.97 -11.28 -0.81
C TYR A 86 -9.26 -12.03 0.32
N TRP A 87 -9.84 -11.95 1.52
CA TRP A 87 -9.26 -12.62 2.68
C TRP A 87 -8.91 -14.06 2.36
N ALA A 88 -7.65 -14.43 2.60
CA ALA A 88 -7.19 -15.79 2.34
C ALA A 88 -8.03 -16.81 3.10
N ASN A 89 -7.73 -18.09 2.89
CA ASN A 89 -8.46 -19.17 3.54
C ASN A 89 -8.44 -18.98 5.06
N GLY A 90 -9.60 -18.67 5.62
CA GLY A 90 -9.69 -18.47 7.06
C GLY A 90 -9.50 -17.02 7.46
N GLU A 91 -8.85 -16.26 6.60
CA GLU A 91 -8.60 -14.84 6.87
C GLU A 91 -9.90 -14.05 6.87
N PRO A 92 -9.91 -12.92 7.60
CA PRO A 92 -8.74 -12.46 8.35
C PRO A 92 -8.45 -13.35 9.55
N SER A 93 -7.18 -13.40 9.97
CA SER A 93 -6.76 -14.21 11.10
C SER A 93 -6.93 -13.44 12.41
N ASN A 94 -7.55 -14.09 13.39
CA ASN A 94 -7.77 -13.46 14.69
C ASN A 94 -6.57 -13.68 15.61
N ASP A 95 -5.37 -13.42 15.08
CA ASP A 95 -4.14 -13.59 15.85
C ASP A 95 -3.69 -12.25 16.43
N PRO A 96 -3.23 -12.27 17.69
CA PRO A 96 -2.76 -11.08 18.38
C PRO A 96 -1.44 -10.56 17.82
N THR A 97 -0.63 -11.48 17.29
CA THR A 97 0.66 -11.12 16.72
C THR A 97 0.50 -10.47 15.35
N ARG A 98 -0.31 -11.10 14.49
CA ARG A 98 -0.54 -10.57 13.16
C ARG A 98 -1.67 -9.55 13.17
N GLN A 99 -1.33 -8.31 12.84
CA GLN A 99 -2.30 -7.22 12.80
C GLN A 99 -2.38 -6.59 11.42
N CYS A 100 -1.23 -6.43 10.78
CA CYS A 100 -1.16 -5.84 9.45
C CYS A 100 -1.41 -6.89 8.37
N VAL A 101 -1.82 -6.45 7.19
CA VAL A 101 -2.08 -7.35 6.08
C VAL A 101 -1.16 -7.07 4.90
N TYR A 102 -0.79 -8.13 4.18
CA TYR A 102 0.10 -7.98 3.04
C TYR A 102 -0.38 -8.85 1.87
N PHE A 103 -0.21 -8.33 0.66
CA PHE A 103 -0.63 -9.04 -0.54
C PHE A 103 0.28 -10.24 -0.81
N ASP A 104 -0.33 -11.41 -0.98
CA ASP A 104 0.43 -12.63 -1.24
C ASP A 104 0.52 -12.91 -2.73
N GLY A 105 1.59 -12.43 -3.36
CA GLY A 105 1.76 -12.63 -4.79
C GLY A 105 1.86 -14.10 -5.16
N ARG A 106 2.62 -14.86 -4.37
CA ARG A 106 2.79 -16.29 -4.62
C ARG A 106 1.44 -17.01 -4.62
N SER A 107 0.60 -16.66 -3.64
CA SER A 107 -0.71 -17.28 -3.53
C SER A 107 -1.38 -17.41 -4.90
N GLY A 108 -1.37 -18.62 -5.45
CA GLY A 108 -1.97 -18.85 -6.75
C GLY A 108 -3.35 -18.23 -6.86
N ASP A 109 -4.17 -18.42 -5.83
CA ASP A 109 -5.52 -17.88 -5.82
C ASP A 109 -5.50 -16.36 -5.60
N LYS A 110 -5.83 -15.62 -6.66
CA LYS A 110 -5.85 -14.16 -6.59
C LYS A 110 -6.96 -13.68 -5.66
N SER A 111 -7.83 -14.60 -5.26
CA SER A 111 -8.94 -14.26 -4.37
C SER A 111 -8.58 -14.56 -2.93
N LYS A 112 -7.40 -15.13 -2.72
CA LYS A 112 -6.93 -15.47 -1.38
C LYS A 112 -5.52 -14.94 -1.14
N VAL A 113 -5.21 -13.79 -1.75
CA VAL A 113 -3.90 -13.18 -1.60
C VAL A 113 -3.77 -12.46 -0.27
N TRP A 114 -4.89 -11.95 0.23
CA TRP A 114 -4.91 -11.23 1.50
C TRP A 114 -4.44 -12.14 2.64
N THR A 115 -3.35 -11.75 3.29
CA THR A 115 -2.79 -12.53 4.40
C THR A 115 -2.25 -11.62 5.48
N THR A 116 -2.64 -11.89 6.73
CA THR A 116 -2.19 -11.09 7.86
C THR A 116 -0.79 -11.49 8.29
N ASP A 117 -0.07 -10.56 8.90
CA ASP A 117 1.29 -10.82 9.36
C ASP A 117 1.76 -9.71 10.30
N THR A 118 2.81 -10.01 11.07
CA THR A 118 3.36 -9.04 12.01
C THR A 118 3.81 -7.76 11.29
N CYS A 119 3.62 -6.62 11.94
CA CYS A 119 4.01 -5.35 11.37
C CYS A 119 5.48 -5.04 11.65
N ALA A 120 6.28 -6.10 11.80
CA ALA A 120 7.70 -5.94 12.07
C ALA A 120 8.54 -6.64 11.00
N THR A 121 7.90 -7.48 10.21
CA THR A 121 8.59 -8.21 9.15
C THR A 121 8.91 -7.30 7.97
N PRO A 122 10.19 -7.28 7.57
CA PRO A 122 10.66 -6.45 6.45
C PRO A 122 10.14 -6.95 5.11
N ARG A 123 9.23 -6.18 4.52
CA ARG A 123 8.65 -6.55 3.22
C ARG A 123 8.49 -5.32 2.34
N PRO A 124 8.47 -5.54 1.02
CA PRO A 124 8.32 -4.46 0.03
C PRO A 124 6.92 -3.85 0.05
N PHE A 125 6.81 -2.62 -0.44
CA PHE A 125 5.52 -1.92 -0.47
C PHE A 125 5.36 -1.14 -1.77
N ILE A 126 4.27 -0.40 -1.88
CA ILE A 126 4.01 0.40 -3.07
C ILE A 126 3.39 1.74 -2.70
N CYS A 127 3.87 2.80 -3.35
CA CYS A 127 3.37 4.14 -3.09
C CYS A 127 2.42 4.59 -4.20
N GLN A 128 1.33 5.23 -3.82
CA GLN A 128 0.34 5.71 -4.78
C GLN A 128 0.18 7.22 -4.68
N LYS A 129 -0.48 7.81 -5.67
CA LYS A 129 -0.70 9.25 -5.70
C LYS A 129 -2.12 9.59 -5.23
N HIS A 130 -2.34 10.85 -4.92
CA HIS A 130 -3.65 11.31 -4.45
C HIS A 130 -4.24 12.35 -5.40
N ARG A 131 -5.55 12.49 -5.38
CA ARG A 131 -6.23 13.46 -6.24
C ARG A 131 -5.55 14.82 -6.17
N TYR A 132 -5.51 15.52 -7.30
CA TYR A 132 -4.89 16.83 -7.37
C TYR A 132 -5.86 17.87 -7.90
N ASP A 133 -6.57 17.51 -8.98
CA ASP A 133 -7.54 18.42 -9.58
C ASP A 133 -7.05 19.86 -9.52
N SER A 134 -5.84 20.10 -10.02
CA SER A 134 -5.26 21.43 -10.00
C SER A 134 -5.46 22.12 -11.36
N ASP A 135 -5.15 23.41 -11.41
CA ASP A 135 -5.29 24.18 -12.64
C ASP A 135 -4.01 24.11 -13.47
N HIS A 136 -2.91 24.58 -12.89
CA HIS A 136 -1.62 24.59 -13.57
C HIS A 136 -0.57 23.85 -12.75
N LYS A 137 0.62 23.69 -13.33
CA LYS A 137 1.71 23.00 -12.65
C LYS A 137 2.30 23.88 -11.54
N PRO A 138 2.64 23.24 -10.41
CA PRO A 138 3.22 23.94 -9.26
C PRO A 138 4.64 24.42 -9.53
N ASN A 139 5.27 25.01 -8.52
CA ASN A 139 6.63 25.52 -8.65
C ASN A 139 7.61 24.38 -8.84
N THR A 140 7.52 23.36 -7.98
CA THR A 140 8.41 22.21 -8.05
C THR A 140 9.82 22.63 -8.46
N ILE A 141 10.28 23.75 -7.92
CA ILE A 141 11.61 24.26 -8.23
C ILE A 141 12.64 23.77 -7.21
N GLY A 142 13.91 23.85 -7.57
CA GLY A 142 14.96 23.42 -6.67
C GLY A 142 16.06 24.46 -6.53
N ASP A 143 17.27 24.11 -6.97
CA ASP A 143 18.40 25.03 -6.88
C ASP A 143 19.43 24.72 -7.96
N ALA A 144 20.20 25.72 -8.34
CA ALA A 144 21.23 25.56 -9.35
C ALA A 144 22.13 24.37 -9.04
N SER A 145 22.63 23.71 -10.09
CA SER A 145 23.49 22.55 -9.92
C SER A 145 24.24 22.24 -11.22
N GLY A 146 25.53 21.98 -11.10
CA GLY A 146 26.35 21.68 -12.26
C GLY A 146 27.35 20.58 -12.00
N PRO A 147 27.76 19.87 -13.07
CA PRO A 147 28.71 18.77 -12.98
C PRO A 147 30.12 19.25 -12.64
N SER A 148 31.02 18.31 -12.37
CA SER A 148 32.39 18.64 -12.02
C SER A 148 33.36 17.60 -12.60
N SER A 149 34.21 18.03 -13.53
CA SER A 149 35.17 17.14 -14.15
C SER A 149 36.40 16.95 -13.25
N GLY A 150 36.87 15.72 -13.16
CA GLY A 150 38.03 15.42 -12.33
C GLY A 150 37.92 16.03 -10.95
N GLY A 1 16.22 10.60 -25.10
CA GLY A 1 16.60 10.60 -23.70
C GLY A 1 15.60 11.37 -22.84
N SER A 2 14.46 10.76 -22.57
CA SER A 2 13.43 11.40 -21.77
C SER A 2 13.32 10.72 -20.40
N SER A 3 13.22 11.53 -19.35
CA SER A 3 13.11 11.01 -17.99
C SER A 3 12.27 11.94 -17.12
N GLY A 4 11.15 11.42 -16.62
CA GLY A 4 10.27 12.22 -15.78
C GLY A 4 9.91 11.51 -14.49
N SER A 5 10.72 11.72 -13.45
CA SER A 5 10.48 11.08 -12.16
C SER A 5 10.90 12.00 -11.02
N SER A 6 9.95 12.39 -10.18
CA SER A 6 10.23 13.27 -9.06
C SER A 6 11.14 12.58 -8.04
N GLY A 7 10.82 11.33 -7.72
CA GLY A 7 11.63 10.59 -6.77
C GLY A 7 11.24 9.13 -6.70
N VAL A 8 10.36 8.79 -5.77
CA VAL A 8 9.91 7.42 -5.60
C VAL A 8 8.82 7.08 -6.60
N LYS A 9 9.03 6.01 -7.37
CA LYS A 9 8.07 5.58 -8.36
C LYS A 9 6.75 5.17 -7.71
N PHE A 10 5.66 5.31 -8.44
CA PHE A 10 4.34 4.96 -7.93
C PHE A 10 3.81 3.70 -8.60
N LEU A 11 3.05 2.90 -7.85
CA LEU A 11 2.48 1.66 -8.37
C LEU A 11 3.58 0.71 -8.82
N THR A 12 4.62 0.58 -8.00
CA THR A 12 5.74 -0.31 -8.31
C THR A 12 6.32 -0.90 -7.03
N VAL A 13 6.58 -2.21 -7.07
CA VAL A 13 7.15 -2.90 -5.92
C VAL A 13 8.61 -2.51 -5.69
N ASN A 14 8.84 -1.69 -4.67
CA ASN A 14 10.18 -1.23 -4.35
C ASN A 14 10.93 -2.28 -3.53
N ASP A 15 11.99 -2.84 -4.11
CA ASP A 15 12.79 -3.85 -3.44
C ASP A 15 12.99 -3.50 -1.97
N ASP A 16 13.47 -2.29 -1.71
CA ASP A 16 13.70 -1.83 -0.35
C ASP A 16 12.64 -2.39 0.60
N ILE A 17 13.01 -3.42 1.35
CA ILE A 17 12.09 -4.03 2.31
C ILE A 17 11.98 -3.21 3.58
N LEU A 18 10.75 -2.94 3.99
CA LEU A 18 10.49 -2.16 5.21
C LEU A 18 9.21 -2.61 5.88
N SER A 19 9.23 -2.65 7.22
CA SER A 19 8.06 -3.06 7.99
C SER A 19 6.88 -2.13 7.72
N MET A 20 5.68 -2.58 8.10
CA MET A 20 4.47 -1.79 7.91
C MET A 20 4.66 -0.37 8.43
N PRO A 21 5.14 -0.27 9.69
CA PRO A 21 5.37 1.03 10.34
C PRO A 21 6.55 1.78 9.72
N GLN A 22 7.23 1.14 8.78
CA GLN A 22 8.37 1.74 8.10
C GLN A 22 8.02 2.12 6.67
N ALA A 23 7.11 1.38 6.07
CA ALA A 23 6.68 1.64 4.70
C ALA A 23 5.74 2.83 4.63
N ARG A 24 4.56 2.68 5.22
CA ARG A 24 3.57 3.76 5.23
C ARG A 24 4.22 5.09 5.56
N ASN A 25 5.20 5.06 6.46
CA ASN A 25 5.89 6.28 6.87
C ASN A 25 6.76 6.82 5.73
N PHE A 26 7.28 5.90 4.92
CA PHE A 26 8.13 6.28 3.79
C PHE A 26 7.31 6.93 2.69
N CYS A 27 6.33 6.20 2.17
CA CYS A 27 5.47 6.70 1.11
C CYS A 27 5.02 8.13 1.40
N ALA A 28 4.79 8.42 2.67
CA ALA A 28 4.38 9.76 3.08
C ALA A 28 5.50 10.77 2.91
N SER A 29 6.66 10.45 3.48
CA SER A 29 7.82 11.33 3.39
C SER A 29 8.11 11.73 1.95
N ALA A 30 7.97 10.77 1.05
CA ALA A 30 8.21 11.00 -0.37
C ALA A 30 7.11 11.89 -0.97
N GLY A 31 5.88 11.66 -0.54
CA GLY A 31 4.76 12.43 -1.05
C GLY A 31 3.61 11.57 -1.52
N GLY A 32 3.31 10.53 -0.75
CA GLY A 32 2.22 9.63 -1.11
C GLY A 32 1.83 8.72 0.04
N TYR A 33 1.23 7.58 -0.30
CA TYR A 33 0.79 6.61 0.70
C TYR A 33 0.65 5.23 0.09
N LEU A 34 0.43 4.24 0.95
CA LEU A 34 0.28 2.86 0.51
C LEU A 34 -0.87 2.72 -0.49
N ALA A 35 -0.69 1.86 -1.47
CA ALA A 35 -1.71 1.63 -2.49
C ALA A 35 -2.78 0.66 -1.99
N ASP A 36 -4.04 1.03 -2.19
CA ASP A 36 -5.15 0.19 -1.75
C ASP A 36 -5.22 -1.09 -2.59
N ASP A 37 -5.97 -2.07 -2.11
CA ASP A 37 -6.12 -3.34 -2.81
C ASP A 37 -7.60 -3.72 -2.93
N LEU A 38 -8.46 -2.71 -3.05
CA LEU A 38 -9.89 -2.94 -3.17
C LEU A 38 -10.38 -2.59 -4.57
N GLY A 39 -10.74 -3.61 -5.34
CA GLY A 39 -11.22 -3.40 -6.69
C GLY A 39 -10.80 -4.50 -7.64
N ASP A 40 -11.78 -5.26 -8.14
CA ASP A 40 -11.51 -6.35 -9.06
C ASP A 40 -10.42 -5.97 -10.06
N ASP A 41 -10.39 -4.69 -10.44
CA ASP A 41 -9.40 -4.19 -11.39
C ASP A 41 -8.09 -3.86 -10.68
N LYS A 42 -8.20 -3.36 -9.46
CA LYS A 42 -7.03 -3.00 -8.67
C LYS A 42 -6.20 -4.24 -8.31
N ASN A 43 -6.87 -5.23 -7.71
CA ASN A 43 -6.20 -6.46 -7.33
C ASN A 43 -5.57 -7.14 -8.54
N ASN A 44 -6.38 -7.38 -9.56
CA ASN A 44 -5.90 -8.03 -10.77
C ASN A 44 -4.63 -7.35 -11.29
N PHE A 45 -4.64 -6.02 -11.31
CA PHE A 45 -3.49 -5.26 -11.77
C PHE A 45 -2.25 -5.59 -10.95
N TYR A 46 -2.42 -5.63 -9.64
CA TYR A 46 -1.31 -5.94 -8.73
C TYR A 46 -0.77 -7.34 -8.97
N SER A 47 -1.66 -8.32 -8.94
CA SER A 47 -1.28 -9.71 -9.16
C SER A 47 -0.15 -9.81 -10.18
N SER A 48 -0.30 -9.10 -11.29
CA SER A 48 0.70 -9.12 -12.35
C SER A 48 2.07 -8.72 -11.80
N ILE A 49 2.23 -7.45 -11.48
CA ILE A 49 3.49 -6.94 -10.95
C ILE A 49 3.87 -7.67 -9.66
N ALA A 50 2.89 -8.35 -9.06
CA ALA A 50 3.12 -9.09 -7.82
C ALA A 50 3.63 -10.49 -8.11
N ALA A 51 4.19 -10.69 -9.31
CA ALA A 51 4.71 -11.98 -9.71
C ALA A 51 5.59 -12.58 -8.62
N ASN A 52 5.05 -13.55 -7.90
CA ASN A 52 5.78 -14.20 -6.82
C ASN A 52 6.45 -13.17 -5.92
N THR A 53 5.76 -12.07 -5.67
CA THR A 53 6.28 -11.00 -4.83
C THR A 53 5.26 -10.59 -3.77
N GLN A 54 5.70 -10.54 -2.52
CA GLN A 54 4.82 -10.15 -1.42
C GLN A 54 5.17 -8.76 -0.91
N PHE A 55 4.18 -7.87 -0.92
CA PHE A 55 4.38 -6.50 -0.46
C PHE A 55 3.25 -6.07 0.46
N TRP A 56 3.44 -4.93 1.14
CA TRP A 56 2.44 -4.41 2.06
C TRP A 56 1.35 -3.65 1.30
N ILE A 57 0.18 -3.55 1.91
CA ILE A 57 -0.94 -2.85 1.30
C ILE A 57 -1.51 -1.78 2.24
N GLY A 58 -2.56 -1.11 1.78
CA GLY A 58 -3.17 -0.08 2.60
C GLY A 58 -4.10 -0.65 3.65
N LEU A 59 -4.20 -1.98 3.69
CA LEU A 59 -5.06 -2.65 4.66
C LEU A 59 -4.29 -2.94 5.94
N PHE A 60 -4.73 -2.32 7.04
CA PHE A 60 -4.09 -2.51 8.33
C PHE A 60 -5.13 -2.61 9.44
N LYS A 61 -4.86 -3.46 10.42
CA LYS A 61 -5.78 -3.66 11.54
C LYS A 61 -5.49 -2.65 12.65
N ASN A 62 -6.49 -1.80 12.93
CA ASN A 62 -6.34 -0.79 13.97
C ASN A 62 -6.43 -1.41 15.36
N SER A 63 -6.37 -0.56 16.39
CA SER A 63 -6.44 -1.04 17.76
C SER A 63 -7.74 -1.79 18.02
N ASP A 64 -8.87 -1.12 17.78
CA ASP A 64 -10.17 -1.73 17.97
C ASP A 64 -10.19 -3.17 17.49
N GLY A 65 -9.47 -3.43 16.40
CA GLY A 65 -9.41 -4.77 15.85
C GLY A 65 -10.05 -4.85 14.47
N GLN A 66 -10.25 -3.70 13.84
CA GLN A 66 -10.85 -3.66 12.51
C GLN A 66 -9.83 -3.21 11.47
N PHE A 67 -10.06 -3.61 10.22
CA PHE A 67 -9.16 -3.24 9.13
C PHE A 67 -9.56 -1.89 8.53
N TYR A 68 -8.55 -1.08 8.22
CA TYR A 68 -8.79 0.23 7.64
C TYR A 68 -7.95 0.44 6.39
N TRP A 69 -8.21 1.54 5.68
CA TRP A 69 -7.47 1.85 4.46
C TRP A 69 -6.64 3.12 4.64
N ASP A 70 -5.33 3.00 4.45
CA ASP A 70 -4.43 4.14 4.58
C ASP A 70 -4.75 5.21 3.56
N ARG A 71 -4.78 6.46 4.01
CA ARG A 71 -5.09 7.58 3.12
C ARG A 71 -4.04 8.68 3.27
N GLY A 72 -2.89 8.33 3.85
CA GLY A 72 -1.83 9.30 4.04
C GLY A 72 -1.26 9.27 5.44
N GLN A 73 -0.55 10.33 5.82
CA GLN A 73 0.05 10.42 7.14
C GLN A 73 -0.93 11.01 8.15
N GLY A 74 -1.32 12.27 7.93
CA GLY A 74 -2.25 12.92 8.82
C GLY A 74 -3.68 12.89 8.30
N ILE A 75 -3.94 11.96 7.39
CA ILE A 75 -5.28 11.83 6.82
C ILE A 75 -6.09 10.75 7.53
N ASN A 76 -7.37 11.01 7.73
CA ASN A 76 -8.25 10.07 8.40
C ASN A 76 -8.39 8.78 7.60
N PRO A 77 -8.18 7.63 8.27
CA PRO A 77 -8.28 6.31 7.63
C PRO A 77 -9.71 5.95 7.25
N ASP A 78 -9.85 5.16 6.19
CA ASP A 78 -11.18 4.74 5.73
C ASP A 78 -11.41 3.26 6.02
N LEU A 79 -12.12 2.98 7.11
CA LEU A 79 -12.41 1.61 7.50
C LEU A 79 -12.77 0.76 6.28
N LEU A 80 -12.61 -0.55 6.42
CA LEU A 80 -12.91 -1.48 5.33
C LEU A 80 -14.42 -1.63 5.16
N ASN A 81 -15.00 -0.88 4.24
CA ASN A 81 -16.43 -0.94 3.97
C ASN A 81 -16.70 -1.49 2.57
N GLN A 82 -15.90 -2.46 2.16
CA GLN A 82 -16.07 -3.07 0.84
C GLN A 82 -16.65 -4.47 0.96
N PRO A 83 -17.68 -4.75 0.15
CA PRO A 83 -18.37 -6.05 0.15
C PRO A 83 -17.49 -7.16 -0.43
N ILE A 84 -16.52 -6.77 -1.26
CA ILE A 84 -15.61 -7.72 -1.87
C ILE A 84 -14.28 -7.78 -1.13
N THR A 85 -13.80 -8.99 -0.87
CA THR A 85 -12.54 -9.18 -0.17
C THR A 85 -11.76 -10.36 -0.74
N TYR A 86 -10.45 -10.37 -0.53
CA TYR A 86 -9.59 -11.43 -1.02
C TYR A 86 -8.96 -12.21 0.13
N TRP A 87 -9.55 -12.07 1.31
CA TRP A 87 -9.05 -12.75 2.50
C TRP A 87 -8.73 -14.22 2.18
N ALA A 88 -7.49 -14.62 2.44
CA ALA A 88 -7.06 -15.99 2.20
C ALA A 88 -7.94 -16.98 2.94
N ASN A 89 -7.69 -18.27 2.72
CA ASN A 89 -8.46 -19.33 3.38
C ASN A 89 -8.40 -19.18 4.89
N GLY A 90 -9.50 -18.72 5.48
CA GLY A 90 -9.55 -18.55 6.93
C GLY A 90 -9.35 -17.10 7.35
N GLU A 91 -8.58 -16.36 6.55
CA GLU A 91 -8.31 -14.96 6.84
C GLU A 91 -9.60 -14.14 6.82
N PRO A 92 -9.61 -13.03 7.58
CA PRO A 92 -8.45 -12.61 8.39
C PRO A 92 -8.22 -13.55 9.58
N SER A 93 -6.97 -13.60 10.04
CA SER A 93 -6.61 -14.44 11.16
C SER A 93 -6.90 -13.74 12.49
N ASN A 94 -7.44 -14.49 13.45
CA ASN A 94 -7.76 -13.94 14.76
C ASN A 94 -6.55 -14.00 15.69
N ASP A 95 -5.38 -13.69 15.14
CA ASP A 95 -4.15 -13.69 15.92
C ASP A 95 -3.81 -12.29 16.43
N PRO A 96 -3.47 -12.20 17.72
CA PRO A 96 -3.12 -10.92 18.35
C PRO A 96 -1.79 -10.39 17.86
N THR A 97 -0.94 -11.28 17.35
CA THR A 97 0.37 -10.89 16.85
C THR A 97 0.26 -10.27 15.46
N ARG A 98 -0.47 -10.93 14.57
CA ARG A 98 -0.65 -10.44 13.21
C ARG A 98 -1.80 -9.44 13.14
N GLN A 99 -1.48 -8.20 12.79
CA GLN A 99 -2.50 -7.15 12.69
C GLN A 99 -2.51 -6.56 11.29
N CYS A 100 -1.33 -6.43 10.69
CA CYS A 100 -1.21 -5.88 9.35
C CYS A 100 -1.38 -6.96 8.29
N VAL A 101 -1.77 -6.55 7.09
CA VAL A 101 -1.98 -7.48 5.99
C VAL A 101 -1.03 -7.19 4.84
N TYR A 102 -0.54 -8.24 4.19
CA TYR A 102 0.39 -8.08 3.07
C TYR A 102 -0.08 -8.90 1.87
N PHE A 103 0.01 -8.30 0.69
CA PHE A 103 -0.40 -8.96 -0.55
C PHE A 103 0.50 -10.16 -0.85
N ASP A 104 -0.10 -11.35 -0.90
CA ASP A 104 0.64 -12.57 -1.18
C ASP A 104 0.66 -12.87 -2.67
N GLY A 105 1.64 -12.30 -3.38
CA GLY A 105 1.74 -12.52 -4.81
C GLY A 105 1.93 -13.98 -5.16
N ARG A 106 2.92 -14.61 -4.53
CA ARG A 106 3.21 -16.02 -4.78
C ARG A 106 1.93 -16.85 -4.72
N SER A 107 1.06 -16.53 -3.77
CA SER A 107 -0.19 -17.26 -3.60
C SER A 107 -0.86 -17.50 -4.95
N GLY A 108 -0.86 -18.75 -5.38
CA GLY A 108 -1.47 -19.09 -6.65
C GLY A 108 -2.85 -18.49 -6.81
N ASP A 109 -3.64 -18.53 -5.74
CA ASP A 109 -4.99 -17.99 -5.76
C ASP A 109 -4.97 -16.49 -5.50
N LYS A 110 -5.35 -15.71 -6.51
CA LYS A 110 -5.37 -14.26 -6.38
C LYS A 110 -6.47 -13.81 -5.42
N SER A 111 -7.50 -14.63 -5.29
CA SER A 111 -8.61 -14.32 -4.40
C SER A 111 -8.24 -14.59 -2.94
N LYS A 112 -7.12 -15.29 -2.75
CA LYS A 112 -6.64 -15.61 -1.40
C LYS A 112 -5.25 -15.02 -1.16
N VAL A 113 -5.00 -13.86 -1.74
CA VAL A 113 -3.73 -13.18 -1.59
C VAL A 113 -3.66 -12.42 -0.27
N TRP A 114 -4.82 -12.03 0.25
CA TRP A 114 -4.90 -11.30 1.51
C TRP A 114 -4.53 -12.21 2.67
N THR A 115 -3.50 -11.82 3.43
CA THR A 115 -3.06 -12.59 4.57
C THR A 115 -2.52 -11.69 5.67
N THR A 116 -2.83 -12.03 6.93
CA THR A 116 -2.37 -11.24 8.07
C THR A 116 -0.95 -11.63 8.47
N ASP A 117 -0.21 -10.66 8.99
CA ASP A 117 1.17 -10.90 9.41
C ASP A 117 1.65 -9.78 10.34
N THR A 118 2.71 -10.07 11.10
CA THR A 118 3.26 -9.10 12.03
C THR A 118 3.71 -7.84 11.29
N CYS A 119 3.54 -6.69 11.95
CA CYS A 119 3.92 -5.41 11.37
C CYS A 119 5.40 -5.11 11.63
N ALA A 120 6.20 -6.17 11.76
CA ALA A 120 7.63 -6.03 12.00
C ALA A 120 8.44 -6.69 10.90
N THR A 121 7.80 -7.56 10.13
CA THR A 121 8.47 -8.27 9.05
C THR A 121 8.82 -7.31 7.91
N PRO A 122 10.12 -7.24 7.58
CA PRO A 122 10.61 -6.37 6.51
C PRO A 122 10.19 -6.86 5.13
N ARG A 123 9.27 -6.13 4.50
CA ARG A 123 8.77 -6.49 3.18
C ARG A 123 8.58 -5.24 2.32
N PRO A 124 8.53 -5.44 0.99
CA PRO A 124 8.36 -4.35 0.03
C PRO A 124 6.96 -3.75 0.09
N PHE A 125 6.79 -2.59 -0.54
CA PHE A 125 5.50 -1.91 -0.55
C PHE A 125 5.27 -1.22 -1.90
N ILE A 126 4.12 -0.56 -2.03
CA ILE A 126 3.78 0.14 -3.26
C ILE A 126 3.16 1.50 -2.96
N CYS A 127 3.89 2.57 -3.26
CA CYS A 127 3.40 3.92 -3.02
C CYS A 127 2.51 4.39 -4.17
N GLN A 128 1.36 4.96 -3.83
CA GLN A 128 0.42 5.44 -4.83
C GLN A 128 0.07 6.91 -4.58
N LYS A 129 -0.35 7.60 -5.64
CA LYS A 129 -0.71 9.01 -5.53
C LYS A 129 -2.05 9.17 -4.81
N HIS A 130 -2.18 10.27 -4.08
CA HIS A 130 -3.41 10.55 -3.35
C HIS A 130 -4.03 11.87 -3.81
N ARG A 131 -5.26 12.12 -3.37
CA ARG A 131 -5.97 13.34 -3.73
C ARG A 131 -6.47 14.07 -2.49
N TYR A 132 -6.03 15.31 -2.32
CA TYR A 132 -6.42 16.12 -1.18
C TYR A 132 -6.16 17.59 -1.43
N ASP A 133 -7.02 18.45 -0.88
CA ASP A 133 -6.87 19.89 -1.04
C ASP A 133 -5.48 20.35 -0.62
N SER A 134 -5.02 19.86 0.52
CA SER A 134 -3.71 20.22 1.04
C SER A 134 -3.45 21.72 0.84
N ASP A 135 -4.46 22.53 1.09
CA ASP A 135 -4.34 23.98 0.93
C ASP A 135 -4.20 24.65 2.30
N HIS A 136 -2.99 24.61 2.86
CA HIS A 136 -2.73 25.22 4.15
C HIS A 136 -1.26 25.64 4.27
N LYS A 137 -0.93 26.29 5.38
CA LYS A 137 0.44 26.74 5.61
C LYS A 137 1.01 26.15 6.89
N PRO A 138 2.32 25.92 6.91
CA PRO A 138 3.01 25.35 8.07
C PRO A 138 3.06 26.32 9.25
N ASN A 139 2.56 27.53 9.03
CA ASN A 139 2.56 28.56 10.06
C ASN A 139 3.97 29.06 10.36
N THR A 140 4.81 29.03 9.33
CA THR A 140 6.19 29.48 9.47
C THR A 140 6.40 30.85 8.82
N ILE A 141 7.23 31.67 9.45
CA ILE A 141 7.52 33.00 8.92
C ILE A 141 7.57 33.00 7.40
N GLY A 142 6.64 33.73 6.77
CA GLY A 142 6.61 33.78 5.32
C GLY A 142 5.86 32.63 4.71
N ASP A 143 6.54 31.86 3.85
CA ASP A 143 5.92 30.71 3.20
C ASP A 143 6.98 29.76 2.65
N ALA A 144 6.58 28.54 2.37
CA ALA A 144 7.50 27.54 1.84
C ALA A 144 7.37 27.42 0.32
N SER A 145 7.25 28.57 -0.34
CA SER A 145 7.12 28.61 -1.80
C SER A 145 8.27 27.87 -2.47
N GLY A 146 8.00 26.66 -2.94
CA GLY A 146 9.03 25.87 -3.61
C GLY A 146 10.36 25.94 -2.88
N PRO A 147 10.52 25.10 -1.85
CA PRO A 147 11.75 25.06 -1.06
C PRO A 147 12.93 24.47 -1.84
N SER A 148 13.86 25.34 -2.24
CA SER A 148 15.03 24.90 -2.99
C SER A 148 16.15 24.46 -2.06
N SER A 149 16.58 23.21 -2.21
CA SER A 149 17.65 22.67 -1.38
C SER A 149 19.01 22.83 -2.06
N GLY A 150 19.74 23.88 -1.66
CA GLY A 150 21.04 24.12 -2.25
C GLY A 150 22.13 23.26 -1.62
N GLY A 1 27.77 20.52 -11.48
CA GLY A 1 27.04 19.81 -10.46
C GLY A 1 25.71 19.29 -10.95
N SER A 2 24.70 20.16 -10.98
CA SER A 2 23.37 19.78 -11.44
C SER A 2 23.04 18.35 -11.03
N SER A 3 23.40 17.99 -9.80
CA SER A 3 23.14 16.64 -9.30
C SER A 3 21.71 16.51 -8.81
N GLY A 4 21.01 15.50 -9.33
CA GLY A 4 19.63 15.27 -8.93
C GLY A 4 19.22 13.82 -9.07
N SER A 5 19.45 13.04 -8.02
CA SER A 5 19.10 11.62 -8.02
C SER A 5 18.09 11.31 -6.92
N SER A 6 16.81 11.48 -7.23
CA SER A 6 15.75 11.21 -6.26
C SER A 6 14.39 11.21 -6.95
N GLY A 7 13.55 10.25 -6.56
CA GLY A 7 12.22 10.14 -7.15
C GLY A 7 11.67 8.73 -7.09
N VAL A 8 10.84 8.46 -6.09
CA VAL A 8 10.26 7.13 -5.93
C VAL A 8 9.10 6.93 -6.90
N LYS A 9 9.05 5.74 -7.50
CA LYS A 9 7.99 5.42 -8.45
C LYS A 9 6.72 4.96 -7.73
N PHE A 10 5.57 5.34 -8.27
CA PHE A 10 4.29 4.96 -7.68
C PHE A 10 3.73 3.70 -8.33
N LEU A 11 2.96 2.94 -7.55
CA LEU A 11 2.37 1.71 -8.05
C LEU A 11 3.44 0.74 -8.55
N THR A 12 4.58 0.74 -7.86
CA THR A 12 5.68 -0.13 -8.24
C THR A 12 6.34 -0.74 -7.01
N VAL A 13 6.44 -2.07 -6.98
CA VAL A 13 7.05 -2.77 -5.86
C VAL A 13 8.51 -2.38 -5.70
N ASN A 14 8.84 -1.75 -4.58
CA ASN A 14 10.21 -1.33 -4.31
C ASN A 14 10.96 -2.39 -3.51
N ASP A 15 11.92 -3.04 -4.16
CA ASP A 15 12.72 -4.08 -3.51
C ASP A 15 12.97 -3.73 -2.05
N ASP A 16 13.42 -2.51 -1.81
CA ASP A 16 13.71 -2.05 -0.45
C ASP A 16 12.65 -2.57 0.53
N ILE A 17 13.01 -3.59 1.30
CA ILE A 17 12.10 -4.18 2.27
C ILE A 17 12.03 -3.32 3.54
N LEU A 18 10.81 -3.07 4.01
CA LEU A 18 10.60 -2.27 5.21
C LEU A 18 9.31 -2.67 5.91
N SER A 19 9.34 -2.66 7.24
CA SER A 19 8.17 -3.02 8.03
C SER A 19 6.99 -2.12 7.71
N MET A 20 5.82 -2.49 8.21
CA MET A 20 4.61 -1.71 7.98
C MET A 20 4.79 -0.26 8.42
N PRO A 21 5.25 -0.08 9.68
CA PRO A 21 5.48 1.24 10.25
C PRO A 21 6.67 1.96 9.61
N GLN A 22 7.39 1.24 8.76
CA GLN A 22 8.55 1.80 8.08
C GLN A 22 8.21 2.17 6.64
N ALA A 23 7.33 1.39 6.02
CA ALA A 23 6.93 1.63 4.65
C ALA A 23 5.99 2.84 4.55
N ARG A 24 4.81 2.71 5.14
CA ARG A 24 3.83 3.79 5.12
C ARG A 24 4.49 5.13 5.44
N ASN A 25 5.49 5.10 6.31
CA ASN A 25 6.20 6.31 6.69
C ASN A 25 7.03 6.85 5.52
N PHE A 26 7.56 5.95 4.71
CA PHE A 26 8.37 6.33 3.56
C PHE A 26 7.50 6.91 2.45
N CYS A 27 6.57 6.11 1.95
CA CYS A 27 5.67 6.54 0.88
C CYS A 27 5.13 7.94 1.18
N ALA A 28 4.87 8.22 2.45
CA ALA A 28 4.35 9.51 2.87
C ALA A 28 5.40 10.61 2.71
N SER A 29 6.60 10.33 3.22
CA SER A 29 7.70 11.28 3.14
C SER A 29 7.93 11.74 1.71
N ALA A 30 7.73 10.82 0.76
CA ALA A 30 7.92 11.13 -0.65
C ALA A 30 6.76 11.96 -1.18
N GLY A 31 5.59 11.76 -0.61
CA GLY A 31 4.42 12.49 -1.05
C GLY A 31 3.31 11.59 -1.57
N GLY A 32 3.15 10.43 -0.91
CA GLY A 32 2.13 9.50 -1.33
C GLY A 32 1.60 8.66 -0.16
N TYR A 33 1.04 7.50 -0.48
CA TYR A 33 0.50 6.61 0.55
C TYR A 33 0.37 5.19 0.01
N LEU A 34 0.52 4.21 0.90
CA LEU A 34 0.42 2.81 0.54
C LEU A 34 -0.69 2.59 -0.49
N ALA A 35 -0.45 1.70 -1.44
CA ALA A 35 -1.43 1.41 -2.48
C ALA A 35 -2.48 0.41 -1.97
N ASP A 36 -3.71 0.87 -1.85
CA ASP A 36 -4.80 0.02 -1.38
C ASP A 36 -5.23 -0.96 -2.46
N ASP A 37 -5.96 -2.00 -2.06
CA ASP A 37 -6.43 -3.01 -3.00
C ASP A 37 -7.94 -3.18 -2.90
N LEU A 38 -8.69 -2.23 -3.45
CA LEU A 38 -10.14 -2.28 -3.41
C LEU A 38 -10.72 -2.21 -4.83
N GLY A 39 -11.00 -3.37 -5.40
CA GLY A 39 -11.55 -3.43 -6.74
C GLY A 39 -10.81 -4.39 -7.64
N ASP A 40 -11.56 -5.24 -8.34
CA ASP A 40 -10.96 -6.22 -9.25
C ASP A 40 -9.91 -5.56 -10.14
N ASP A 41 -10.10 -4.28 -10.43
CA ASP A 41 -9.17 -3.54 -11.28
C ASP A 41 -7.89 -3.23 -10.53
N LYS A 42 -8.00 -3.04 -9.22
CA LYS A 42 -6.85 -2.74 -8.38
C LYS A 42 -6.15 -4.02 -7.93
N ASN A 43 -6.93 -5.09 -7.77
CA ASN A 43 -6.40 -6.37 -7.34
C ASN A 43 -5.74 -7.11 -8.50
N ASN A 44 -6.45 -7.22 -9.61
CA ASN A 44 -5.94 -7.89 -10.80
C ASN A 44 -4.72 -7.17 -11.35
N PHE A 45 -4.59 -5.89 -11.02
CA PHE A 45 -3.47 -5.08 -11.48
C PHE A 45 -2.21 -5.40 -10.67
N TYR A 46 -2.36 -5.51 -9.37
CA TYR A 46 -1.24 -5.81 -8.49
C TYR A 46 -0.69 -7.21 -8.75
N SER A 47 -1.60 -8.18 -8.85
CA SER A 47 -1.22 -9.56 -9.09
C SER A 47 -0.08 -9.64 -10.11
N SER A 48 -0.28 -9.01 -11.26
CA SER A 48 0.73 -9.01 -12.31
C SER A 48 2.10 -8.68 -11.74
N ILE A 49 2.26 -7.48 -11.22
CA ILE A 49 3.53 -7.05 -10.65
C ILE A 49 3.83 -7.80 -9.35
N ALA A 50 2.81 -8.48 -8.82
CA ALA A 50 2.97 -9.24 -7.59
C ALA A 50 3.38 -10.67 -7.88
N ALA A 51 3.96 -10.89 -9.05
CA ALA A 51 4.41 -12.22 -9.45
C ALA A 51 5.35 -12.82 -8.41
N ASN A 52 4.84 -13.77 -7.62
CA ASN A 52 5.64 -14.41 -6.60
C ASN A 52 6.33 -13.39 -5.71
N THR A 53 5.65 -12.27 -5.46
CA THR A 53 6.20 -11.20 -4.64
C THR A 53 5.22 -10.80 -3.54
N GLN A 54 5.73 -10.62 -2.33
CA GLN A 54 4.90 -10.23 -1.20
C GLN A 54 5.25 -8.82 -0.73
N PHE A 55 4.25 -7.94 -0.73
CA PHE A 55 4.44 -6.56 -0.31
C PHE A 55 3.29 -6.08 0.57
N TRP A 56 3.49 -4.96 1.25
CA TRP A 56 2.46 -4.40 2.12
C TRP A 56 1.44 -3.61 1.33
N ILE A 57 0.22 -3.54 1.84
CA ILE A 57 -0.84 -2.81 1.18
C ILE A 57 -1.48 -1.79 2.12
N GLY A 58 -2.44 -1.03 1.60
CA GLY A 58 -3.11 -0.03 2.41
C GLY A 58 -3.96 -0.64 3.51
N LEU A 59 -4.24 -1.93 3.39
CA LEU A 59 -5.04 -2.64 4.38
C LEU A 59 -4.25 -2.87 5.67
N PHE A 60 -4.84 -2.51 6.80
CA PHE A 60 -4.19 -2.69 8.10
C PHE A 60 -5.22 -2.72 9.21
N LYS A 61 -5.03 -3.63 10.16
CA LYS A 61 -5.94 -3.76 11.30
C LYS A 61 -5.70 -2.65 12.32
N ASN A 62 -6.76 -2.23 13.00
CA ASN A 62 -6.66 -1.19 14.00
C ASN A 62 -6.85 -1.76 15.40
N SER A 63 -6.54 -0.95 16.42
CA SER A 63 -6.67 -1.36 17.80
C SER A 63 -8.07 -1.96 18.06
N ASP A 64 -9.09 -1.29 17.53
CA ASP A 64 -10.47 -1.74 17.71
C ASP A 64 -10.62 -3.19 17.25
N GLY A 65 -9.92 -3.55 16.18
CA GLY A 65 -9.99 -4.91 15.67
C GLY A 65 -10.55 -4.96 14.26
N GLN A 66 -10.85 -3.80 13.70
CA GLN A 66 -11.39 -3.72 12.34
C GLN A 66 -10.30 -3.36 11.33
N PHE A 67 -10.51 -3.76 10.08
CA PHE A 67 -9.54 -3.50 9.03
C PHE A 67 -9.82 -2.16 8.36
N TYR A 68 -8.81 -1.30 8.31
CA TYR A 68 -8.95 0.02 7.70
C TYR A 68 -8.03 0.16 6.50
N TRP A 69 -8.06 1.33 5.87
CA TRP A 69 -7.21 1.60 4.71
C TRP A 69 -6.19 2.69 5.02
N ASP A 70 -5.03 2.59 4.38
CA ASP A 70 -3.96 3.56 4.59
C ASP A 70 -4.09 4.74 3.62
N ARG A 71 -4.31 5.92 4.16
CA ARG A 71 -4.46 7.12 3.34
C ARG A 71 -3.37 8.14 3.66
N GLY A 72 -2.15 7.65 3.87
CA GLY A 72 -1.04 8.54 4.18
C GLY A 72 -0.74 8.58 5.66
N GLN A 73 -0.07 9.64 6.10
CA GLN A 73 0.28 9.81 7.51
C GLN A 73 -0.60 10.85 8.17
N GLY A 74 -1.24 10.47 9.27
CA GLY A 74 -2.11 11.39 9.98
C GLY A 74 -3.52 11.41 9.42
N ILE A 75 -3.62 11.31 8.09
CA ILE A 75 -4.92 11.32 7.43
C ILE A 75 -5.84 10.25 8.01
N ASN A 76 -7.12 10.58 8.15
CA ASN A 76 -8.09 9.65 8.69
C ASN A 76 -8.23 8.42 7.79
N PRO A 77 -8.16 7.23 8.40
CA PRO A 77 -8.27 5.97 7.68
C PRO A 77 -9.68 5.72 7.15
N ASP A 78 -9.86 4.59 6.48
CA ASP A 78 -11.17 4.24 5.92
C ASP A 78 -11.55 2.81 6.31
N LEU A 79 -12.71 2.66 6.93
CA LEU A 79 -13.19 1.36 7.36
C LEU A 79 -13.54 0.49 6.15
N LEU A 80 -12.92 -0.68 6.07
CA LEU A 80 -13.16 -1.60 4.97
C LEU A 80 -14.60 -2.11 4.98
N ASN A 81 -15.47 -1.43 4.24
CA ASN A 81 -16.87 -1.80 4.17
C ASN A 81 -17.25 -2.25 2.75
N GLN A 82 -16.27 -2.78 2.03
CA GLN A 82 -16.48 -3.25 0.67
C GLN A 82 -17.02 -4.68 0.66
N PRO A 83 -17.97 -4.96 -0.26
CA PRO A 83 -18.57 -6.28 -0.38
C PRO A 83 -17.60 -7.32 -0.92
N ILE A 84 -16.66 -6.88 -1.75
CA ILE A 84 -15.67 -7.77 -2.32
C ILE A 84 -14.39 -7.78 -1.50
N THR A 85 -13.87 -8.99 -1.24
CA THR A 85 -12.66 -9.14 -0.45
C THR A 85 -11.76 -10.23 -1.03
N TYR A 86 -10.50 -10.22 -0.64
CA TYR A 86 -9.53 -11.21 -1.12
C TYR A 86 -8.95 -12.02 0.04
N TRP A 87 -9.57 -11.89 1.21
CA TRP A 87 -9.12 -12.62 2.38
C TRP A 87 -8.77 -14.06 2.05
N ALA A 88 -7.50 -14.41 2.18
CA ALA A 88 -7.04 -15.77 1.89
C ALA A 88 -7.92 -16.80 2.60
N ASN A 89 -7.66 -18.07 2.31
CA ASN A 89 -8.43 -19.16 2.92
C ASN A 89 -8.40 -19.06 4.44
N GLY A 90 -9.53 -18.70 5.03
CA GLY A 90 -9.61 -18.58 6.47
C GLY A 90 -9.51 -17.14 6.93
N GLU A 91 -8.76 -16.34 6.19
CA GLU A 91 -8.58 -14.93 6.54
C GLU A 91 -9.91 -14.18 6.49
N PRO A 92 -10.00 -13.09 7.27
CA PRO A 92 -8.91 -12.64 8.13
C PRO A 92 -8.65 -13.59 9.30
N SER A 93 -7.45 -13.52 9.87
CA SER A 93 -7.08 -14.37 10.99
C SER A 93 -7.19 -13.61 12.31
N ASN A 94 -7.65 -14.31 13.35
CA ASN A 94 -7.80 -13.70 14.67
C ASN A 94 -6.50 -13.77 15.45
N ASP A 95 -5.37 -13.68 14.74
CA ASP A 95 -4.06 -13.73 15.38
C ASP A 95 -3.76 -12.43 16.12
N PRO A 96 -3.38 -12.55 17.40
CA PRO A 96 -3.06 -11.40 18.24
C PRO A 96 -1.76 -10.72 17.83
N THR A 97 -0.91 -11.48 17.14
CA THR A 97 0.39 -10.95 16.68
C THR A 97 0.26 -10.34 15.31
N ARG A 98 -0.50 -10.99 14.43
CA ARG A 98 -0.69 -10.51 13.07
C ARG A 98 -1.86 -9.53 13.00
N GLN A 99 -1.56 -8.28 12.68
CA GLN A 99 -2.59 -7.25 12.59
C GLN A 99 -2.58 -6.59 11.21
N CYS A 100 -1.38 -6.41 10.65
CA CYS A 100 -1.23 -5.79 9.34
C CYS A 100 -1.38 -6.83 8.24
N VAL A 101 -1.90 -6.40 7.09
CA VAL A 101 -2.10 -7.29 5.95
C VAL A 101 -1.08 -7.01 4.85
N TYR A 102 -0.63 -8.06 4.18
CA TYR A 102 0.34 -7.93 3.11
C TYR A 102 -0.08 -8.74 1.88
N PHE A 103 0.05 -8.12 0.71
CA PHE A 103 -0.32 -8.78 -0.54
C PHE A 103 0.49 -10.04 -0.75
N ASP A 104 -0.14 -11.19 -0.58
CA ASP A 104 0.53 -12.47 -0.77
C ASP A 104 0.44 -12.93 -2.22
N GLY A 105 1.51 -12.67 -2.98
CA GLY A 105 1.54 -13.06 -4.37
C GLY A 105 1.77 -14.56 -4.55
N ARG A 106 2.53 -15.14 -3.64
CA ARG A 106 2.83 -16.57 -3.70
C ARG A 106 1.78 -17.38 -2.94
N SER A 107 0.56 -16.84 -2.88
CA SER A 107 -0.52 -17.52 -2.17
C SER A 107 -1.24 -18.50 -3.09
N GLY A 108 -0.60 -18.83 -4.22
CA GLY A 108 -1.19 -19.75 -5.16
C GLY A 108 -2.24 -19.09 -6.04
N ASP A 109 -3.02 -18.19 -5.46
CA ASP A 109 -4.05 -17.49 -6.19
C ASP A 109 -3.96 -15.98 -5.98
N LYS A 110 -4.80 -15.23 -6.68
CA LYS A 110 -4.81 -13.78 -6.58
C LYS A 110 -5.95 -13.30 -5.68
N SER A 111 -7.02 -14.10 -5.62
CA SER A 111 -8.18 -13.77 -4.81
C SER A 111 -7.92 -14.08 -3.34
N LYS A 112 -6.86 -14.85 -3.08
CA LYS A 112 -6.51 -15.22 -1.71
C LYS A 112 -5.13 -14.67 -1.35
N VAL A 113 -4.82 -13.49 -1.85
CA VAL A 113 -3.54 -12.85 -1.57
C VAL A 113 -3.57 -12.14 -0.23
N TRP A 114 -4.76 -11.73 0.21
CA TRP A 114 -4.92 -11.05 1.48
C TRP A 114 -4.56 -11.97 2.64
N THR A 115 -3.54 -11.60 3.40
CA THR A 115 -3.10 -12.39 4.54
C THR A 115 -2.54 -11.51 5.65
N THR A 116 -2.92 -11.80 6.89
CA THR A 116 -2.45 -11.03 8.03
C THR A 116 -1.03 -11.42 8.42
N ASP A 117 -0.29 -10.49 9.00
CA ASP A 117 1.08 -10.75 9.43
C ASP A 117 1.59 -9.63 10.32
N THR A 118 2.60 -9.94 11.13
CA THR A 118 3.18 -8.96 12.05
C THR A 118 3.62 -7.70 11.30
N CYS A 119 3.46 -6.55 11.93
CA CYS A 119 3.84 -5.28 11.33
C CYS A 119 5.32 -4.98 11.57
N ALA A 120 6.11 -6.04 11.69
CA ALA A 120 7.54 -5.90 11.91
C ALA A 120 8.34 -6.61 10.83
N THR A 121 7.69 -7.48 10.09
CA THR A 121 8.33 -8.23 9.02
C THR A 121 8.76 -7.31 7.88
N PRO A 122 10.06 -7.30 7.58
CA PRO A 122 10.62 -6.46 6.51
C PRO A 122 10.21 -6.94 5.13
N ARG A 123 9.30 -6.21 4.51
CA ARG A 123 8.82 -6.56 3.17
C ARG A 123 8.62 -5.32 2.32
N PRO A 124 8.59 -5.51 0.99
CA PRO A 124 8.41 -4.42 0.03
C PRO A 124 7.01 -3.82 0.09
N PHE A 125 6.87 -2.58 -0.40
CA PHE A 125 5.59 -1.90 -0.41
C PHE A 125 5.39 -1.12 -1.71
N ILE A 126 4.29 -0.38 -1.78
CA ILE A 126 3.98 0.41 -2.97
C ILE A 126 3.34 1.74 -2.59
N CYS A 127 3.62 2.77 -3.37
CA CYS A 127 3.07 4.10 -3.13
C CYS A 127 2.11 4.51 -4.23
N GLN A 128 0.88 4.83 -3.86
CA GLN A 128 -0.13 5.24 -4.82
C GLN A 128 -0.55 6.69 -4.59
N LYS A 129 -0.72 7.42 -5.68
CA LYS A 129 -1.11 8.83 -5.60
C LYS A 129 -2.63 8.97 -5.65
N HIS A 130 -3.12 10.18 -5.38
CA HIS A 130 -4.56 10.44 -5.39
C HIS A 130 -4.92 11.36 -6.56
N ARG A 131 -5.28 10.75 -7.69
CA ARG A 131 -5.66 11.51 -8.88
C ARG A 131 -4.83 12.79 -8.98
N TYR A 132 -3.53 12.66 -8.82
CA TYR A 132 -2.63 13.80 -8.89
C TYR A 132 -2.52 14.31 -10.33
N ASP A 133 -2.55 15.64 -10.48
CA ASP A 133 -2.46 16.25 -11.79
C ASP A 133 -1.48 17.43 -11.77
N SER A 134 -0.22 17.14 -12.06
CA SER A 134 0.81 18.17 -12.07
C SER A 134 2.13 17.62 -12.62
N ASP A 135 2.60 18.20 -13.72
CA ASP A 135 3.85 17.76 -14.34
C ASP A 135 5.04 18.35 -13.61
N HIS A 136 5.43 17.72 -12.51
CA HIS A 136 6.57 18.18 -11.72
C HIS A 136 7.07 17.09 -10.80
N LYS A 137 8.20 17.34 -10.14
CA LYS A 137 8.79 16.37 -9.21
C LYS A 137 9.05 17.01 -7.86
N PRO A 138 8.83 16.23 -6.79
CA PRO A 138 9.04 16.69 -5.41
C PRO A 138 10.51 16.90 -5.08
N ASN A 139 10.80 17.30 -3.85
CA ASN A 139 12.17 17.53 -3.42
C ASN A 139 12.42 16.91 -2.03
N THR A 140 12.85 15.65 -2.03
CA THR A 140 13.12 14.95 -0.78
C THR A 140 14.57 14.49 -0.71
N ILE A 141 14.94 13.87 0.40
CA ILE A 141 16.29 13.38 0.59
C ILE A 141 16.33 11.86 0.58
N GLY A 142 17.29 11.30 -0.15
CA GLY A 142 17.42 9.85 -0.24
C GLY A 142 17.89 9.40 -1.61
N ASP A 143 17.40 8.24 -2.04
CA ASP A 143 17.76 7.69 -3.35
C ASP A 143 16.52 7.38 -4.18
N ALA A 144 16.73 7.07 -5.45
CA ALA A 144 15.63 6.75 -6.36
C ALA A 144 15.77 5.34 -6.91
N SER A 145 14.72 4.88 -7.60
CA SER A 145 14.73 3.54 -8.18
C SER A 145 14.68 3.62 -9.70
N GLY A 146 15.38 2.69 -10.35
CA GLY A 146 15.40 2.67 -11.81
C GLY A 146 16.16 3.85 -12.39
N PRO A 147 15.96 4.09 -13.70
CA PRO A 147 16.61 5.20 -14.40
C PRO A 147 16.08 6.56 -13.97
N SER A 148 16.87 7.60 -14.20
CA SER A 148 16.49 8.96 -13.83
C SER A 148 16.18 9.79 -15.07
N SER A 149 17.06 9.72 -16.06
CA SER A 149 16.90 10.48 -17.29
C SER A 149 15.97 9.74 -18.25
N GLY A 150 14.85 10.37 -18.59
CA GLY A 150 13.89 9.76 -19.50
C GLY A 150 12.54 9.55 -18.86
N GLY A 1 22.58 21.45 -11.43
CA GLY A 1 21.28 21.35 -12.07
C GLY A 1 20.80 19.92 -12.19
N SER A 2 19.67 19.73 -12.87
CA SER A 2 19.10 18.40 -13.04
C SER A 2 18.13 18.37 -14.23
N SER A 3 17.74 17.17 -14.64
CA SER A 3 16.84 17.01 -15.77
C SER A 3 15.40 16.85 -15.28
N GLY A 4 15.01 17.66 -14.30
CA GLY A 4 13.68 17.59 -13.76
C GLY A 4 13.60 16.78 -12.48
N SER A 5 12.52 16.96 -11.73
CA SER A 5 12.33 16.23 -10.48
C SER A 5 12.03 14.75 -10.74
N SER A 6 12.55 13.89 -9.88
CA SER A 6 12.34 12.46 -10.02
C SER A 6 12.92 11.70 -8.82
N GLY A 7 12.13 10.80 -8.26
CA GLY A 7 12.58 10.02 -7.12
C GLY A 7 11.87 8.69 -7.00
N VAL A 8 10.94 8.60 -6.05
CA VAL A 8 10.19 7.37 -5.84
C VAL A 8 9.10 7.20 -6.89
N LYS A 9 8.90 5.97 -7.35
CA LYS A 9 7.90 5.67 -8.36
C LYS A 9 6.57 5.31 -7.71
N PHE A 10 5.51 5.30 -8.51
CA PHE A 10 4.17 4.96 -8.02
C PHE A 10 3.72 3.61 -8.55
N LEU A 11 2.77 2.99 -7.86
CA LEU A 11 2.25 1.69 -8.26
C LEU A 11 3.38 0.75 -8.67
N THR A 12 4.46 0.77 -7.89
CA THR A 12 5.60 -0.09 -8.18
C THR A 12 6.19 -0.67 -6.90
N VAL A 13 6.48 -1.97 -6.92
CA VAL A 13 7.04 -2.66 -5.76
C VAL A 13 8.49 -2.26 -5.54
N ASN A 14 8.74 -1.56 -4.43
CA ASN A 14 10.09 -1.12 -4.10
C ASN A 14 10.84 -2.20 -3.34
N ASP A 15 11.93 -2.68 -3.94
CA ASP A 15 12.74 -3.72 -3.32
C ASP A 15 12.99 -3.42 -1.84
N ASP A 16 13.50 -2.22 -1.58
CA ASP A 16 13.79 -1.79 -0.21
C ASP A 16 12.73 -2.32 0.75
N ILE A 17 13.07 -3.37 1.48
CA ILE A 17 12.15 -3.98 2.44
C ILE A 17 12.05 -3.13 3.71
N LEU A 18 10.83 -2.88 4.16
CA LEU A 18 10.59 -2.09 5.35
C LEU A 18 9.30 -2.50 6.03
N SER A 19 9.31 -2.51 7.36
CA SER A 19 8.13 -2.88 8.14
C SER A 19 6.94 -2.01 7.76
N MET A 20 5.74 -2.48 8.10
CA MET A 20 4.51 -1.75 7.80
C MET A 20 4.61 -0.31 8.28
N PRO A 21 4.99 -0.14 9.56
CA PRO A 21 5.12 1.18 10.17
C PRO A 21 6.31 1.96 9.62
N GLN A 22 7.13 1.29 8.81
CA GLN A 22 8.30 1.91 8.21
C GLN A 22 8.03 2.32 6.76
N ALA A 23 7.21 1.54 6.08
CA ALA A 23 6.86 1.81 4.69
C ALA A 23 5.93 3.00 4.59
N ARG A 24 4.70 2.83 5.08
CA ARG A 24 3.71 3.90 5.04
C ARG A 24 4.34 5.25 5.33
N ASN A 25 5.26 5.27 6.31
CA ASN A 25 5.94 6.51 6.68
C ASN A 25 6.80 7.02 5.53
N PHE A 26 7.49 6.10 4.86
CA PHE A 26 8.36 6.46 3.75
C PHE A 26 7.54 7.04 2.59
N CYS A 27 6.57 6.28 2.12
CA CYS A 27 5.72 6.71 1.01
C CYS A 27 5.24 8.14 1.23
N ALA A 28 4.88 8.46 2.47
CA ALA A 28 4.41 9.80 2.81
C ALA A 28 5.50 10.84 2.57
N SER A 29 6.67 10.61 3.16
CA SER A 29 7.79 11.53 3.01
C SER A 29 8.17 11.71 1.55
N ALA A 30 8.12 10.61 0.79
CA ALA A 30 8.45 10.65 -0.62
C ALA A 30 7.43 11.47 -1.41
N GLY A 31 6.15 11.29 -1.07
CA GLY A 31 5.11 12.01 -1.75
C GLY A 31 3.96 11.11 -2.18
N GLY A 32 3.53 10.23 -1.29
CA GLY A 32 2.45 9.32 -1.60
C GLY A 32 2.08 8.45 -0.43
N TYR A 33 1.21 7.46 -0.67
CA TYR A 33 0.76 6.56 0.38
C TYR A 33 0.54 5.15 -0.17
N LEU A 34 0.59 4.16 0.71
CA LEU A 34 0.41 2.77 0.32
C LEU A 34 -0.76 2.64 -0.65
N ALA A 35 -0.60 1.78 -1.66
CA ALA A 35 -1.64 1.56 -2.65
C ALA A 35 -2.67 0.54 -2.15
N ASP A 36 -3.90 0.98 -1.99
CA ASP A 36 -4.97 0.11 -1.51
C ASP A 36 -5.32 -0.95 -2.57
N ASP A 37 -6.13 -1.92 -2.17
CA ASP A 37 -6.54 -2.99 -3.07
C ASP A 37 -8.04 -2.99 -3.27
N LEU A 38 -8.64 -1.81 -3.27
CA LEU A 38 -10.08 -1.66 -3.44
C LEU A 38 -10.43 -1.50 -4.92
N GLY A 39 -10.84 -2.60 -5.55
CA GLY A 39 -11.21 -2.55 -6.96
C GLY A 39 -10.80 -3.81 -7.71
N ASP A 40 -11.78 -4.50 -8.29
CA ASP A 40 -11.52 -5.72 -9.03
C ASP A 40 -10.30 -5.55 -9.95
N ASP A 41 -10.28 -4.45 -10.69
CA ASP A 41 -9.18 -4.17 -11.61
C ASP A 41 -7.92 -3.77 -10.84
N LYS A 42 -8.11 -3.15 -9.67
CA LYS A 42 -7.00 -2.72 -8.84
C LYS A 42 -6.18 -3.92 -8.37
N ASN A 43 -6.84 -4.84 -7.67
CA ASN A 43 -6.17 -6.03 -7.15
C ASN A 43 -5.53 -6.82 -8.29
N ASN A 44 -6.34 -7.20 -9.27
CA ASN A 44 -5.85 -7.96 -10.42
C ASN A 44 -4.58 -7.33 -10.99
N PHE A 45 -4.63 -6.01 -11.22
CA PHE A 45 -3.49 -5.29 -11.77
C PHE A 45 -2.23 -5.57 -10.96
N TYR A 46 -2.40 -5.73 -9.65
CA TYR A 46 -1.27 -5.99 -8.76
C TYR A 46 -0.78 -7.43 -8.92
N SER A 47 -1.72 -8.37 -8.85
CA SER A 47 -1.37 -9.79 -8.99
C SER A 47 -0.39 -10.01 -10.14
N SER A 48 -0.49 -9.16 -11.16
CA SER A 48 0.40 -9.26 -12.31
C SER A 48 1.84 -8.93 -11.94
N ILE A 49 2.03 -7.77 -11.33
CA ILE A 49 3.35 -7.33 -10.91
C ILE A 49 3.79 -8.04 -9.63
N ALA A 50 2.83 -8.67 -8.96
CA ALA A 50 3.12 -9.40 -7.72
C ALA A 50 3.61 -10.80 -8.02
N ALA A 51 4.15 -11.00 -9.23
CA ALA A 51 4.66 -12.31 -9.63
C ALA A 51 5.60 -12.89 -8.58
N ASN A 52 5.04 -13.68 -7.66
CA ASN A 52 5.83 -14.29 -6.60
C ASN A 52 6.46 -13.22 -5.71
N THR A 53 5.71 -12.16 -5.46
CA THR A 53 6.19 -11.07 -4.61
C THR A 53 5.17 -10.70 -3.55
N GLN A 54 5.62 -10.70 -2.29
CA GLN A 54 4.74 -10.36 -1.18
C GLN A 54 5.09 -9.00 -0.60
N PHE A 55 4.23 -8.02 -0.84
CA PHE A 55 4.45 -6.66 -0.34
C PHE A 55 3.27 -6.20 0.52
N TRP A 56 3.47 -5.10 1.23
CA TRP A 56 2.43 -4.56 2.10
C TRP A 56 1.40 -3.78 1.27
N ILE A 57 0.24 -3.53 1.87
CA ILE A 57 -0.83 -2.80 1.20
C ILE A 57 -1.45 -1.76 2.12
N GLY A 58 -2.48 -1.08 1.62
CA GLY A 58 -3.15 -0.07 2.42
C GLY A 58 -4.01 -0.67 3.52
N LEU A 59 -4.23 -1.98 3.45
CA LEU A 59 -5.04 -2.67 4.45
C LEU A 59 -4.24 -2.93 5.72
N PHE A 60 -4.80 -2.58 6.86
CA PHE A 60 -4.14 -2.79 8.14
C PHE A 60 -5.14 -2.80 9.29
N LYS A 61 -4.89 -3.63 10.28
CA LYS A 61 -5.78 -3.73 11.43
C LYS A 61 -5.47 -2.64 12.46
N ASN A 62 -6.50 -2.17 13.14
CA ASN A 62 -6.34 -1.13 14.15
C ASN A 62 -6.41 -1.71 15.56
N SER A 63 -6.12 -0.88 16.56
CA SER A 63 -6.15 -1.31 17.95
C SER A 63 -7.45 -2.04 18.27
N ASP A 64 -8.57 -1.36 18.03
CA ASP A 64 -9.88 -1.94 18.29
C ASP A 64 -9.96 -3.37 17.77
N GLY A 65 -9.36 -3.61 16.61
CA GLY A 65 -9.37 -4.93 16.03
C GLY A 65 -10.03 -4.96 14.66
N GLN A 66 -10.32 -3.78 14.12
CA GLN A 66 -10.95 -3.68 12.81
C GLN A 66 -9.93 -3.29 11.75
N PHE A 67 -10.19 -3.70 10.51
CA PHE A 67 -9.30 -3.39 9.40
C PHE A 67 -9.60 -2.01 8.82
N TYR A 68 -8.57 -1.36 8.30
CA TYR A 68 -8.73 -0.04 7.71
C TYR A 68 -7.86 0.11 6.46
N TRP A 69 -7.91 1.28 5.85
CA TRP A 69 -7.14 1.56 4.65
C TRP A 69 -6.17 2.71 4.87
N ASP A 70 -5.01 2.64 4.23
CA ASP A 70 -3.99 3.69 4.36
C ASP A 70 -4.30 4.86 3.43
N ARG A 71 -4.49 6.03 4.02
CA ARG A 71 -4.80 7.23 3.24
C ARG A 71 -3.75 8.32 3.48
N GLY A 72 -2.54 7.89 3.86
CA GLY A 72 -1.47 8.84 4.11
C GLY A 72 -1.08 8.89 5.58
N GLN A 73 -0.31 9.90 5.95
CA GLN A 73 0.14 10.06 7.33
C GLN A 73 -0.77 11.02 8.08
N GLY A 74 -1.47 10.51 9.09
CA GLY A 74 -2.36 11.33 9.88
C GLY A 74 -3.78 11.34 9.33
N ILE A 75 -3.90 11.30 8.00
CA ILE A 75 -5.20 11.31 7.35
C ILE A 75 -6.11 10.23 7.93
N ASN A 76 -7.39 10.57 8.07
CA ASN A 76 -8.37 9.62 8.61
C ASN A 76 -8.51 8.40 7.70
N PRO A 77 -8.22 7.22 8.27
CA PRO A 77 -8.30 5.95 7.53
C PRO A 77 -9.74 5.56 7.22
N ASP A 78 -9.90 4.58 6.33
CA ASP A 78 -11.23 4.12 5.95
C ASP A 78 -11.48 2.71 6.48
N LEU A 79 -12.65 2.52 7.10
CA LEU A 79 -13.02 1.22 7.65
C LEU A 79 -13.40 0.24 6.55
N LEU A 80 -12.70 -0.88 6.48
CA LEU A 80 -12.97 -1.90 5.47
C LEU A 80 -14.47 -2.23 5.43
N ASN A 81 -15.17 -1.62 4.48
CA ASN A 81 -16.60 -1.85 4.33
C ASN A 81 -16.93 -2.25 2.89
N GLN A 82 -16.10 -3.12 2.32
CA GLN A 82 -16.31 -3.58 0.95
C GLN A 82 -17.00 -4.94 0.93
N PRO A 83 -17.92 -5.12 -0.03
CA PRO A 83 -18.67 -6.38 -0.18
C PRO A 83 -17.80 -7.53 -0.64
N ILE A 84 -16.78 -7.22 -1.44
CA ILE A 84 -15.87 -8.22 -1.95
C ILE A 84 -14.54 -8.20 -1.20
N THR A 85 -14.07 -9.38 -0.80
CA THR A 85 -12.82 -9.50 -0.07
C THR A 85 -11.96 -10.64 -0.63
N TYR A 86 -10.65 -10.53 -0.41
CA TYR A 86 -9.72 -11.54 -0.90
C TYR A 86 -9.10 -12.31 0.27
N TRP A 87 -9.69 -12.17 1.45
CA TRP A 87 -9.19 -12.84 2.63
C TRP A 87 -8.85 -14.30 2.33
N ALA A 88 -7.60 -14.67 2.58
CA ALA A 88 -7.14 -16.03 2.32
C ALA A 88 -8.05 -17.05 2.99
N ASN A 89 -7.68 -18.32 2.92
CA ASN A 89 -8.46 -19.39 3.52
C ASN A 89 -8.45 -19.29 5.05
N GLY A 90 -9.51 -18.71 5.60
CA GLY A 90 -9.60 -18.56 7.04
C GLY A 90 -9.40 -17.13 7.49
N GLU A 91 -8.77 -16.33 6.63
CA GLU A 91 -8.50 -14.93 6.94
C GLU A 91 -9.80 -14.13 6.97
N PRO A 92 -9.79 -13.02 7.74
CA PRO A 92 -8.63 -12.61 8.51
C PRO A 92 -8.35 -13.54 9.69
N SER A 93 -7.08 -13.65 10.07
CA SER A 93 -6.69 -14.52 11.17
C SER A 93 -7.01 -13.87 12.51
N ASN A 94 -6.97 -14.66 13.58
CA ASN A 94 -7.26 -14.17 14.91
C ASN A 94 -6.01 -14.21 15.80
N ASP A 95 -4.88 -13.83 15.22
CA ASP A 95 -3.62 -13.82 15.95
C ASP A 95 -3.23 -12.39 16.34
N PRO A 96 -2.78 -12.22 17.60
CA PRO A 96 -2.37 -10.92 18.13
C PRO A 96 -1.08 -10.42 17.49
N THR A 97 -0.20 -11.35 17.14
CA THR A 97 1.08 -11.00 16.52
C THR A 97 0.88 -10.50 15.10
N ARG A 98 -0.26 -10.83 14.52
CA ARG A 98 -0.58 -10.42 13.15
C ARG A 98 -1.73 -9.42 13.14
N GLN A 99 -1.47 -8.22 12.63
CA GLN A 99 -2.48 -7.18 12.56
C GLN A 99 -2.54 -6.56 11.15
N CYS A 100 -1.37 -6.41 10.53
CA CYS A 100 -1.29 -5.84 9.20
C CYS A 100 -1.53 -6.90 8.13
N VAL A 101 -1.85 -6.46 6.92
CA VAL A 101 -2.10 -7.37 5.82
C VAL A 101 -1.17 -7.09 4.64
N TYR A 102 -0.73 -8.15 3.98
CA TYR A 102 0.17 -8.02 2.84
C TYR A 102 -0.31 -8.87 1.66
N PHE A 103 -0.17 -8.33 0.46
CA PHE A 103 -0.58 -9.03 -0.75
C PHE A 103 0.33 -10.21 -1.04
N ASP A 104 -0.22 -11.42 -0.96
CA ASP A 104 0.55 -12.63 -1.21
C ASP A 104 0.66 -12.91 -2.71
N GLY A 105 1.65 -12.30 -3.35
CA GLY A 105 1.85 -12.50 -4.78
C GLY A 105 2.00 -13.95 -5.15
N ARG A 106 2.64 -14.73 -4.28
CA ARG A 106 2.85 -16.14 -4.52
C ARG A 106 1.53 -16.90 -4.50
N SER A 107 0.62 -16.49 -3.62
CA SER A 107 -0.68 -17.12 -3.50
C SER A 107 -1.26 -17.44 -4.88
N GLY A 108 -1.22 -18.72 -5.24
CA GLY A 108 -1.74 -19.14 -6.53
C GLY A 108 -3.08 -18.51 -6.85
N ASP A 109 -3.86 -18.22 -5.81
CA ASP A 109 -5.17 -17.61 -5.98
C ASP A 109 -5.11 -16.11 -5.70
N LYS A 110 -5.76 -15.32 -6.55
CA LYS A 110 -5.78 -13.88 -6.40
C LYS A 110 -6.81 -13.45 -5.36
N SER A 111 -7.72 -14.36 -5.03
CA SER A 111 -8.77 -14.08 -4.06
C SER A 111 -8.35 -14.53 -2.67
N LYS A 112 -7.15 -15.11 -2.57
CA LYS A 112 -6.62 -15.59 -1.30
C LYS A 112 -5.27 -14.96 -1.00
N VAL A 113 -5.04 -13.78 -1.55
CA VAL A 113 -3.78 -13.07 -1.34
C VAL A 113 -3.78 -12.33 -0.01
N TRP A 114 -4.96 -11.86 0.40
CA TRP A 114 -5.10 -11.13 1.66
C TRP A 114 -4.71 -12.02 2.85
N THR A 115 -3.60 -11.67 3.49
CA THR A 115 -3.13 -12.44 4.64
C THR A 115 -2.60 -11.52 5.73
N THR A 116 -2.96 -11.82 6.97
CA THR A 116 -2.53 -11.02 8.12
C THR A 116 -1.18 -11.49 8.65
N ASP A 117 -0.32 -10.55 9.00
CA ASP A 117 0.99 -10.88 9.53
C ASP A 117 1.54 -9.73 10.39
N THR A 118 2.58 -10.02 11.15
CA THR A 118 3.20 -9.02 12.02
C THR A 118 3.60 -7.78 11.23
N CYS A 119 3.50 -6.62 11.86
CA CYS A 119 3.86 -5.36 11.22
C CYS A 119 5.31 -4.99 11.52
N ALA A 120 6.13 -5.99 11.79
CA ALA A 120 7.54 -5.77 12.10
C ALA A 120 8.43 -6.42 11.05
N THR A 121 7.86 -7.35 10.28
CA THR A 121 8.61 -8.04 9.25
C THR A 121 8.94 -7.11 8.09
N PRO A 122 10.25 -7.00 7.77
CA PRO A 122 10.73 -6.14 6.68
C PRO A 122 10.33 -6.68 5.30
N ARG A 123 9.39 -6.00 4.66
CA ARG A 123 8.94 -6.41 3.33
C ARG A 123 8.71 -5.20 2.44
N PRO A 124 8.67 -5.43 1.12
CA PRO A 124 8.46 -4.38 0.13
C PRO A 124 7.04 -3.82 0.16
N PHE A 125 6.85 -2.66 -0.45
CA PHE A 125 5.54 -2.02 -0.49
C PHE A 125 5.37 -1.21 -1.77
N ILE A 126 4.20 -0.59 -1.91
CA ILE A 126 3.91 0.21 -3.10
C ILE A 126 3.29 1.55 -2.70
N CYS A 127 3.85 2.64 -3.22
CA CYS A 127 3.34 3.98 -2.93
C CYS A 127 2.43 4.47 -4.05
N GLN A 128 1.49 5.33 -3.70
CA GLN A 128 0.54 5.87 -4.67
C GLN A 128 -0.04 7.20 -4.19
N LYS A 129 -0.03 8.20 -5.04
CA LYS A 129 -0.56 9.51 -4.70
C LYS A 129 -2.01 9.65 -5.15
N HIS A 130 -2.70 10.65 -4.61
CA HIS A 130 -4.10 10.89 -4.97
C HIS A 130 -4.23 11.25 -6.44
N ARG A 131 -4.98 10.44 -7.18
CA ARG A 131 -5.18 10.68 -8.61
C ARG A 131 -5.48 12.15 -8.88
N TYR A 132 -6.48 12.68 -8.19
CA TYR A 132 -6.88 14.07 -8.35
C TYR A 132 -6.07 14.98 -7.42
N ASP A 133 -4.89 15.37 -7.87
CA ASP A 133 -4.02 16.24 -7.07
C ASP A 133 -3.28 17.23 -7.97
N SER A 134 -3.49 18.52 -7.73
CA SER A 134 -2.85 19.56 -8.51
C SER A 134 -1.78 20.29 -7.69
N ASP A 135 -0.67 20.61 -8.33
CA ASP A 135 0.42 21.30 -7.66
C ASP A 135 0.07 22.76 -7.41
N HIS A 136 0.37 23.25 -6.21
CA HIS A 136 0.08 24.63 -5.85
C HIS A 136 1.35 25.37 -5.45
N LYS A 137 2.02 24.87 -4.40
CA LYS A 137 3.25 25.48 -3.92
C LYS A 137 4.47 24.76 -4.47
N PRO A 138 5.53 25.52 -4.78
CA PRO A 138 6.78 24.96 -5.31
C PRO A 138 7.53 24.13 -4.29
N ASN A 139 8.03 22.98 -4.71
CA ASN A 139 8.79 22.09 -3.82
C ASN A 139 9.50 21.01 -4.62
N THR A 140 10.82 20.98 -4.52
CA THR A 140 11.62 19.99 -5.23
C THR A 140 12.91 19.67 -4.47
N ILE A 141 13.26 18.40 -4.44
CA ILE A 141 14.47 17.96 -3.74
C ILE A 141 14.74 16.48 -3.98
N GLY A 142 16.01 16.10 -3.91
CA GLY A 142 16.39 14.72 -4.14
C GLY A 142 17.84 14.56 -4.54
N ASP A 143 18.07 13.89 -5.67
CA ASP A 143 19.41 13.68 -6.18
C ASP A 143 19.42 13.60 -7.71
N ALA A 144 20.47 14.13 -8.32
CA ALA A 144 20.60 14.12 -9.77
C ALA A 144 20.85 12.71 -10.28
N SER A 145 19.78 11.93 -10.41
CA SER A 145 19.89 10.55 -10.89
C SER A 145 18.54 10.04 -11.39
N GLY A 146 18.56 8.89 -12.05
CA GLY A 146 17.33 8.30 -12.56
C GLY A 146 17.27 6.80 -12.33
N PRO A 147 16.43 6.39 -11.35
CA PRO A 147 16.25 4.99 -11.01
C PRO A 147 15.52 4.21 -12.11
N SER A 148 15.66 2.88 -12.08
CA SER A 148 15.02 2.04 -13.07
C SER A 148 14.46 0.78 -12.42
N SER A 149 13.66 0.03 -13.19
CA SER A 149 13.06 -1.20 -12.67
C SER A 149 13.39 -2.38 -13.58
N GLY A 150 13.60 -3.54 -12.98
CA GLY A 150 13.93 -4.73 -13.74
C GLY A 150 12.91 -5.84 -13.54
N GLY A 1 8.36 24.64 -17.00
CA GLY A 1 8.07 24.65 -15.57
C GLY A 1 9.20 24.08 -14.74
N SER A 2 8.97 23.96 -13.44
CA SER A 2 9.98 23.42 -12.53
C SER A 2 10.44 22.04 -12.98
N SER A 3 11.63 21.65 -12.54
CA SER A 3 12.18 20.34 -12.89
C SER A 3 11.55 19.24 -12.06
N GLY A 4 11.59 18.02 -12.58
CA GLY A 4 11.02 16.89 -11.86
C GLY A 4 12.04 16.13 -11.05
N SER A 5 11.61 15.08 -10.37
CA SER A 5 12.49 14.27 -9.54
C SER A 5 12.49 12.81 -9.99
N SER A 6 11.30 12.28 -10.24
CA SER A 6 11.15 10.91 -10.68
C SER A 6 11.91 9.96 -9.75
N GLY A 7 11.80 10.22 -8.44
CA GLY A 7 12.48 9.38 -7.47
C GLY A 7 11.70 8.11 -7.16
N VAL A 8 10.78 8.20 -6.21
CA VAL A 8 9.97 7.05 -5.82
C VAL A 8 8.89 6.76 -6.86
N LYS A 9 9.01 5.61 -7.53
CA LYS A 9 8.05 5.21 -8.54
C LYS A 9 6.74 4.73 -7.90
N PHE A 10 5.63 5.25 -8.39
CA PHE A 10 4.32 4.88 -7.86
C PHE A 10 3.83 3.59 -8.51
N LEU A 11 2.89 2.93 -7.84
CA LEU A 11 2.33 1.67 -8.34
C LEU A 11 3.45 0.72 -8.78
N THR A 12 4.57 0.77 -8.08
CA THR A 12 5.71 -0.08 -8.40
C THR A 12 6.33 -0.66 -7.14
N VAL A 13 6.49 -1.98 -7.12
CA VAL A 13 7.08 -2.66 -5.96
C VAL A 13 8.50 -2.18 -5.70
N ASN A 14 8.71 -1.56 -4.55
CA ASN A 14 10.02 -1.06 -4.18
C ASN A 14 10.81 -2.10 -3.41
N ASP A 15 11.88 -2.60 -4.01
CA ASP A 15 12.73 -3.61 -3.38
C ASP A 15 12.95 -3.28 -1.91
N ASP A 16 13.40 -2.06 -1.64
CA ASP A 16 13.65 -1.62 -0.27
C ASP A 16 12.63 -2.21 0.68
N ILE A 17 13.04 -3.24 1.43
CA ILE A 17 12.15 -3.89 2.38
C ILE A 17 12.09 -3.11 3.69
N LEU A 18 10.88 -2.85 4.16
CA LEU A 18 10.68 -2.12 5.41
C LEU A 18 9.37 -2.53 6.08
N SER A 19 9.39 -2.56 7.41
CA SER A 19 8.20 -2.94 8.17
C SER A 19 7.03 -2.03 7.84
N MET A 20 5.83 -2.44 8.26
CA MET A 20 4.63 -1.67 8.00
C MET A 20 4.78 -0.24 8.51
N PRO A 21 5.18 -0.10 9.78
CA PRO A 21 5.37 1.20 10.41
C PRO A 21 6.58 1.95 9.85
N GLN A 22 7.31 1.29 8.96
CA GLN A 22 8.49 1.89 8.35
C GLN A 22 8.21 2.27 6.89
N ALA A 23 7.38 1.49 6.24
CA ALA A 23 7.03 1.74 4.84
C ALA A 23 6.05 2.90 4.73
N ARG A 24 4.89 2.76 5.36
CA ARG A 24 3.85 3.78 5.32
C ARG A 24 4.46 5.16 5.57
N ASN A 25 5.41 5.23 6.50
CA ASN A 25 6.07 6.48 6.84
C ASN A 25 6.93 6.97 5.69
N PHE A 26 7.55 6.03 4.97
CA PHE A 26 8.40 6.38 3.83
C PHE A 26 7.58 6.98 2.71
N CYS A 27 6.63 6.21 2.18
CA CYS A 27 5.77 6.67 1.10
C CYS A 27 5.28 8.09 1.35
N ALA A 28 4.82 8.33 2.58
CA ALA A 28 4.32 9.65 2.96
C ALA A 28 5.42 10.70 2.88
N SER A 29 6.58 10.38 3.43
CA SER A 29 7.71 11.30 3.42
C SER A 29 8.13 11.64 2.00
N ALA A 30 8.15 10.62 1.14
CA ALA A 30 8.53 10.81 -0.26
C ALA A 30 7.48 11.64 -1.00
N GLY A 31 6.21 11.39 -0.71
CA GLY A 31 5.14 12.13 -1.35
C GLY A 31 4.05 11.22 -1.89
N GLY A 32 3.69 10.21 -1.10
CA GLY A 32 2.66 9.27 -1.52
C GLY A 32 2.05 8.52 -0.35
N TYR A 33 1.42 7.39 -0.64
CA TYR A 33 0.79 6.58 0.40
C TYR A 33 0.54 5.16 -0.11
N LEU A 34 0.60 4.19 0.81
CA LEU A 34 0.39 2.79 0.45
C LEU A 34 -0.80 2.65 -0.48
N ALA A 35 -0.64 1.85 -1.53
CA ALA A 35 -1.69 1.62 -2.50
C ALA A 35 -2.69 0.57 -1.99
N ASP A 36 -3.93 0.99 -1.79
CA ASP A 36 -4.97 0.09 -1.31
C ASP A 36 -5.37 -0.91 -2.40
N ASP A 37 -6.21 -1.86 -2.03
CA ASP A 37 -6.68 -2.87 -2.97
C ASP A 37 -8.19 -3.06 -2.87
N LEU A 38 -8.93 -2.10 -3.40
CA LEU A 38 -10.40 -2.17 -3.37
C LEU A 38 -10.97 -2.15 -4.78
N GLY A 39 -11.20 -3.34 -5.33
CA GLY A 39 -11.76 -3.44 -6.67
C GLY A 39 -11.20 -4.62 -7.44
N ASP A 40 -12.08 -5.33 -8.15
CA ASP A 40 -11.67 -6.48 -8.93
C ASP A 40 -10.48 -6.15 -9.84
N ASP A 41 -10.64 -5.10 -10.63
CA ASP A 41 -9.58 -4.67 -11.55
C ASP A 41 -8.35 -4.21 -10.77
N LYS A 42 -8.58 -3.56 -9.64
CA LYS A 42 -7.48 -3.07 -8.81
C LYS A 42 -6.57 -4.21 -8.38
N ASN A 43 -7.16 -5.32 -7.93
CA ASN A 43 -6.40 -6.48 -7.50
C ASN A 43 -5.76 -7.18 -8.69
N ASN A 44 -6.53 -7.33 -9.77
CA ASN A 44 -6.04 -7.99 -10.98
C ASN A 44 -4.78 -7.29 -11.49
N PHE A 45 -4.66 -6.00 -11.22
CA PHE A 45 -3.50 -5.23 -11.66
C PHE A 45 -2.27 -5.59 -10.84
N TYR A 46 -2.42 -5.58 -9.52
CA TYR A 46 -1.32 -5.90 -8.63
C TYR A 46 -0.73 -7.27 -8.95
N SER A 47 -1.59 -8.28 -9.00
CA SER A 47 -1.16 -9.64 -9.30
C SER A 47 -0.15 -9.65 -10.43
N SER A 48 -0.41 -8.86 -11.46
CA SER A 48 0.48 -8.78 -12.62
C SER A 48 1.92 -8.55 -12.18
N ILE A 49 2.12 -7.54 -11.35
CA ILE A 49 3.46 -7.21 -10.86
C ILE A 49 3.79 -8.02 -9.62
N ALA A 50 2.77 -8.63 -9.02
CA ALA A 50 2.96 -9.44 -7.82
C ALA A 50 3.33 -10.87 -8.18
N ALA A 51 3.93 -11.05 -9.36
CA ALA A 51 4.35 -12.36 -9.81
C ALA A 51 5.34 -12.99 -8.85
N ASN A 52 4.83 -13.63 -7.80
CA ASN A 52 5.69 -14.27 -6.81
C ASN A 52 6.35 -13.23 -5.91
N THR A 53 5.63 -12.16 -5.60
CA THR A 53 6.14 -11.11 -4.75
C THR A 53 5.15 -10.75 -3.65
N GLN A 54 5.64 -10.73 -2.42
CA GLN A 54 4.80 -10.41 -1.26
C GLN A 54 5.13 -9.02 -0.73
N PHE A 55 4.19 -8.09 -0.88
CA PHE A 55 4.38 -6.72 -0.41
C PHE A 55 3.19 -6.27 0.44
N TRP A 56 3.41 -5.23 1.24
CA TRP A 56 2.36 -4.71 2.10
C TRP A 56 1.28 -4.01 1.27
N ILE A 57 0.20 -3.60 1.94
CA ILE A 57 -0.89 -2.93 1.27
C ILE A 57 -1.53 -1.87 2.18
N GLY A 58 -2.47 -1.11 1.63
CA GLY A 58 -3.14 -0.09 2.41
C GLY A 58 -4.01 -0.67 3.50
N LEU A 59 -4.22 -1.98 3.46
CA LEU A 59 -5.05 -2.66 4.45
C LEU A 59 -4.25 -2.92 5.72
N PHE A 60 -4.75 -2.44 6.85
CA PHE A 60 -4.09 -2.63 8.13
C PHE A 60 -5.09 -2.61 9.28
N LYS A 61 -4.90 -3.51 10.23
CA LYS A 61 -5.80 -3.60 11.39
C LYS A 61 -5.52 -2.48 12.38
N ASN A 62 -6.57 -1.97 13.01
CA ASN A 62 -6.44 -0.89 13.98
C ASN A 62 -6.62 -1.42 15.40
N SER A 63 -6.42 -0.53 16.38
CA SER A 63 -6.55 -0.91 17.78
C SER A 63 -7.86 -1.64 18.03
N ASP A 64 -8.96 -1.02 17.63
CA ASP A 64 -10.28 -1.61 17.81
C ASP A 64 -10.30 -3.07 17.34
N GLY A 65 -9.65 -3.32 16.21
CA GLY A 65 -9.60 -4.67 15.68
C GLY A 65 -10.15 -4.77 14.27
N GLN A 66 -10.46 -3.61 13.69
CA GLN A 66 -11.01 -3.57 12.33
C GLN A 66 -9.93 -3.17 11.32
N PHE A 67 -10.14 -3.56 10.06
CA PHE A 67 -9.19 -3.24 9.01
C PHE A 67 -9.51 -1.90 8.35
N TYR A 68 -8.49 -1.08 8.17
CA TYR A 68 -8.67 0.24 7.54
C TYR A 68 -7.79 0.38 6.31
N TRP A 69 -7.98 1.48 5.59
CA TRP A 69 -7.19 1.74 4.38
C TRP A 69 -6.21 2.88 4.61
N ASP A 70 -4.95 2.64 4.24
CA ASP A 70 -3.90 3.64 4.40
C ASP A 70 -4.02 4.73 3.34
N ARG A 71 -4.42 5.92 3.78
CA ARG A 71 -4.58 7.05 2.86
C ARG A 71 -3.57 8.15 3.18
N GLY A 72 -2.43 7.76 3.73
CA GLY A 72 -1.41 8.73 4.07
C GLY A 72 -0.98 8.63 5.54
N GLN A 73 -0.29 9.66 6.01
CA GLN A 73 0.17 9.68 7.39
C GLN A 73 -0.83 10.42 8.29
N GLY A 74 -1.12 11.66 7.93
CA GLY A 74 -2.06 12.45 8.71
C GLY A 74 -3.47 12.42 8.13
N ILE A 75 -3.67 11.60 7.11
CA ILE A 75 -4.96 11.48 6.47
C ILE A 75 -5.87 10.53 7.22
N ASN A 76 -7.17 10.83 7.23
CA ASN A 76 -8.15 9.99 7.91
C ASN A 76 -8.33 8.66 7.20
N PRO A 77 -8.08 7.56 7.91
CA PRO A 77 -8.21 6.21 7.36
C PRO A 77 -9.66 5.82 7.09
N ASP A 78 -9.87 4.93 6.12
CA ASP A 78 -11.21 4.49 5.77
C ASP A 78 -11.43 3.04 6.20
N LEU A 79 -12.59 2.77 6.79
CA LEU A 79 -12.93 1.43 7.25
C LEU A 79 -13.25 0.52 6.07
N LEU A 80 -12.63 -0.66 6.06
CA LEU A 80 -12.84 -1.63 4.99
C LEU A 80 -14.26 -2.19 5.05
N ASN A 81 -15.14 -1.65 4.23
CA ASN A 81 -16.53 -2.10 4.19
C ASN A 81 -16.94 -2.49 2.76
N GLN A 82 -15.99 -3.04 2.01
CA GLN A 82 -16.24 -3.44 0.64
C GLN A 82 -16.80 -4.86 0.58
N PRO A 83 -17.76 -5.08 -0.33
CA PRO A 83 -18.39 -6.39 -0.51
C PRO A 83 -17.44 -7.43 -1.10
N ILE A 84 -16.45 -6.95 -1.84
CA ILE A 84 -15.46 -7.82 -2.46
C ILE A 84 -14.18 -7.87 -1.66
N THR A 85 -13.69 -9.07 -1.39
CA THR A 85 -12.45 -9.25 -0.63
C THR A 85 -11.57 -10.32 -1.25
N TYR A 86 -10.32 -10.38 -0.81
CA TYR A 86 -9.37 -11.37 -1.32
C TYR A 86 -8.78 -12.20 -0.20
N TRP A 87 -9.34 -12.05 1.01
CA TRP A 87 -8.86 -12.77 2.17
C TRP A 87 -8.44 -14.19 1.79
N ALA A 88 -7.30 -14.63 2.30
CA ALA A 88 -6.79 -15.97 2.01
C ALA A 88 -7.68 -17.04 2.65
N ASN A 89 -7.29 -18.30 2.45
CA ASN A 89 -8.05 -19.42 3.00
C ASN A 89 -8.03 -19.39 4.53
N GLY A 90 -9.05 -18.78 5.12
CA GLY A 90 -9.15 -18.70 6.56
C GLY A 90 -8.79 -17.33 7.09
N GLU A 91 -8.80 -16.34 6.20
CA GLU A 91 -8.48 -14.97 6.58
C GLU A 91 -9.74 -14.12 6.66
N PRO A 92 -9.68 -13.05 7.48
CA PRO A 92 -8.47 -12.71 8.25
C PRO A 92 -8.21 -13.71 9.38
N SER A 93 -6.93 -13.98 9.62
CA SER A 93 -6.54 -14.93 10.66
C SER A 93 -6.84 -14.36 12.05
N ASN A 94 -7.20 -15.24 12.98
CA ASN A 94 -7.51 -14.82 14.33
C ASN A 94 -6.25 -14.76 15.19
N ASP A 95 -5.16 -14.32 14.60
CA ASP A 95 -3.88 -14.21 15.30
C ASP A 95 -3.69 -12.80 15.85
N PRO A 96 -3.43 -12.72 17.16
CA PRO A 96 -3.23 -11.43 17.85
C PRO A 96 -1.91 -10.78 17.46
N THR A 97 -0.95 -11.58 17.02
CA THR A 97 0.35 -11.08 16.61
C THR A 97 0.27 -10.39 15.26
N ARG A 98 -0.38 -11.05 14.31
CA ARG A 98 -0.53 -10.51 12.96
C ARG A 98 -1.70 -9.53 12.90
N GLN A 99 -1.38 -8.26 12.64
CA GLN A 99 -2.39 -7.23 12.55
C GLN A 99 -2.40 -6.58 11.16
N CYS A 100 -1.22 -6.43 10.59
CA CYS A 100 -1.08 -5.83 9.27
C CYS A 100 -1.25 -6.88 8.16
N VAL A 101 -1.79 -6.46 7.03
CA VAL A 101 -2.00 -7.36 5.90
C VAL A 101 -1.03 -7.06 4.76
N TYR A 102 -0.57 -8.10 4.08
CA TYR A 102 0.35 -7.95 2.97
C TYR A 102 -0.11 -8.75 1.76
N PHE A 103 0.00 -8.14 0.58
CA PHE A 103 -0.41 -8.79 -0.66
C PHE A 103 0.40 -10.07 -0.89
N ASP A 104 -0.15 -11.20 -0.46
CA ASP A 104 0.52 -12.48 -0.62
C ASP A 104 0.44 -12.96 -2.07
N GLY A 105 1.47 -12.62 -2.85
CA GLY A 105 1.50 -13.02 -4.25
C GLY A 105 1.81 -14.49 -4.42
N ARG A 106 2.73 -15.00 -3.61
CA ARG A 106 3.12 -16.40 -3.69
C ARG A 106 2.16 -17.28 -2.88
N SER A 107 0.93 -16.80 -2.71
CA SER A 107 -0.08 -17.53 -1.95
C SER A 107 -0.72 -18.61 -2.82
N GLY A 108 -0.08 -18.91 -3.95
CA GLY A 108 -0.61 -19.93 -4.84
C GLY A 108 -1.72 -19.41 -5.72
N ASP A 109 -2.52 -18.50 -5.19
CA ASP A 109 -3.62 -17.91 -5.95
C ASP A 109 -3.65 -16.40 -5.79
N LYS A 110 -4.55 -15.74 -6.52
CA LYS A 110 -4.68 -14.29 -6.47
C LYS A 110 -5.85 -13.88 -5.59
N SER A 111 -6.87 -14.72 -5.54
CA SER A 111 -8.06 -14.45 -4.74
C SER A 111 -7.79 -14.71 -3.25
N LYS A 112 -6.61 -15.24 -2.96
CA LYS A 112 -6.23 -15.54 -1.59
C LYS A 112 -4.88 -14.90 -1.24
N VAL A 113 -4.65 -13.70 -1.76
CA VAL A 113 -3.41 -12.98 -1.51
C VAL A 113 -3.48 -12.23 -0.18
N TRP A 114 -4.66 -11.76 0.17
CA TRP A 114 -4.86 -11.03 1.42
C TRP A 114 -4.49 -11.89 2.62
N THR A 115 -3.26 -11.73 3.11
CA THR A 115 -2.78 -12.49 4.25
C THR A 115 -2.25 -11.57 5.34
N THR A 116 -2.60 -11.86 6.58
CA THR A 116 -2.16 -11.07 7.72
C THR A 116 -0.75 -11.48 8.16
N ASP A 117 -0.07 -10.58 8.86
CA ASP A 117 1.28 -10.84 9.34
C ASP A 117 1.73 -9.75 10.30
N THR A 118 2.82 -10.01 11.02
CA THR A 118 3.37 -9.05 11.97
C THR A 118 3.82 -7.78 11.26
N CYS A 119 3.62 -6.65 11.92
CA CYS A 119 4.00 -5.35 11.35
C CYS A 119 5.46 -5.04 11.66
N ALA A 120 6.27 -6.09 11.80
CA ALA A 120 7.69 -5.92 12.08
C ALA A 120 8.55 -6.60 11.01
N THR A 121 7.93 -7.46 10.22
CA THR A 121 8.62 -8.17 9.16
C THR A 121 8.93 -7.25 7.98
N PRO A 122 10.21 -7.19 7.59
CA PRO A 122 10.66 -6.35 6.47
C PRO A 122 10.16 -6.87 5.13
N ARG A 123 9.23 -6.14 4.52
CA ARG A 123 8.67 -6.52 3.23
C ARG A 123 8.46 -5.30 2.35
N PRO A 124 8.47 -5.51 1.02
CA PRO A 124 8.28 -4.44 0.05
C PRO A 124 6.86 -3.91 0.05
N PHE A 125 6.68 -2.71 -0.52
CA PHE A 125 5.35 -2.09 -0.59
C PHE A 125 5.21 -1.27 -1.87
N ILE A 126 4.06 -0.61 -2.01
CA ILE A 126 3.80 0.21 -3.19
C ILE A 126 3.21 1.56 -2.80
N CYS A 127 3.90 2.63 -3.19
CA CYS A 127 3.45 3.98 -2.89
C CYS A 127 2.48 4.48 -3.95
N GLN A 128 1.50 5.27 -3.51
CA GLN A 128 0.50 5.82 -4.42
C GLN A 128 0.23 7.28 -4.12
N LYS A 129 0.16 8.09 -5.16
CA LYS A 129 -0.10 9.52 -5.01
C LYS A 129 -1.47 9.89 -5.55
N HIS A 130 -2.04 10.98 -5.03
CA HIS A 130 -3.35 11.44 -5.46
C HIS A 130 -3.32 11.86 -6.93
N ARG A 131 -4.22 11.28 -7.72
CA ARG A 131 -4.30 11.59 -9.14
C ARG A 131 -5.26 12.75 -9.39
N TYR A 132 -5.11 13.81 -8.60
CA TYR A 132 -5.96 14.99 -8.73
C TYR A 132 -5.17 16.17 -9.29
N ASP A 133 -5.88 17.06 -9.99
CA ASP A 133 -5.24 18.23 -10.58
C ASP A 133 -5.79 19.51 -9.94
N SER A 134 -4.90 20.48 -9.72
CA SER A 134 -5.29 21.75 -9.12
C SER A 134 -4.32 22.86 -9.50
N ASP A 135 -4.76 24.10 -9.37
CA ASP A 135 -3.93 25.25 -9.70
C ASP A 135 -2.97 25.57 -8.56
N HIS A 136 -1.73 25.10 -8.69
CA HIS A 136 -0.71 25.34 -7.67
C HIS A 136 0.32 26.36 -8.16
N LYS A 137 0.86 26.13 -9.35
CA LYS A 137 1.85 27.01 -9.93
C LYS A 137 1.18 28.21 -10.59
N PRO A 138 1.76 29.41 -10.37
CA PRO A 138 1.23 30.65 -10.94
C PRO A 138 1.43 30.73 -12.46
N ASN A 139 2.61 30.34 -12.91
CA ASN A 139 2.92 30.36 -14.34
C ASN A 139 4.08 29.41 -14.67
N THR A 140 3.92 28.65 -15.74
CA THR A 140 4.95 27.70 -16.15
C THR A 140 5.30 27.87 -17.62
N ILE A 141 6.57 27.68 -17.97
CA ILE A 141 7.03 27.80 -19.34
C ILE A 141 8.08 26.76 -19.67
N GLY A 142 8.12 26.34 -20.93
CA GLY A 142 9.08 25.35 -21.36
C GLY A 142 8.50 24.38 -22.38
N ASP A 143 9.23 23.30 -22.65
CA ASP A 143 8.78 22.30 -23.62
C ASP A 143 8.98 20.89 -23.07
N ALA A 144 7.87 20.19 -22.87
CA ALA A 144 7.93 18.82 -22.35
C ALA A 144 6.99 17.90 -23.12
N SER A 145 7.45 16.69 -23.40
CA SER A 145 6.65 15.71 -24.13
C SER A 145 5.96 14.75 -23.19
N GLY A 146 4.75 15.11 -22.74
CA GLY A 146 4.01 14.26 -21.84
C GLY A 146 2.51 14.47 -21.94
N PRO A 147 1.74 13.38 -21.83
CA PRO A 147 0.28 13.43 -21.91
C PRO A 147 -0.35 14.11 -20.70
N SER A 148 -1.67 14.25 -20.71
CA SER A 148 -2.39 14.88 -19.61
C SER A 148 -3.05 13.83 -18.72
N SER A 149 -3.05 14.09 -17.42
CA SER A 149 -3.65 13.17 -16.46
C SER A 149 -5.17 13.28 -16.48
N GLY A 150 -5.83 12.26 -17.03
CA GLY A 150 -7.27 12.26 -17.11
C GLY A 150 -7.82 11.10 -17.91
N GLY A 1 17.80 18.71 -20.46
CA GLY A 1 16.65 19.42 -19.97
C GLY A 1 15.69 18.52 -19.21
N SER A 2 16.22 17.73 -18.30
CA SER A 2 15.41 16.82 -17.51
C SER A 2 15.04 17.43 -16.16
N SER A 3 13.76 17.67 -15.95
CA SER A 3 13.28 18.27 -14.70
C SER A 3 12.14 17.45 -14.11
N GLY A 4 12.23 17.16 -12.81
CA GLY A 4 11.20 16.38 -12.15
C GLY A 4 11.76 15.52 -11.04
N SER A 5 11.12 15.56 -9.88
CA SER A 5 11.55 14.78 -8.73
C SER A 5 11.35 13.29 -8.97
N SER A 6 12.33 12.67 -9.62
CA SER A 6 12.26 11.24 -9.92
C SER A 6 13.04 10.43 -8.91
N GLY A 7 12.35 9.97 -7.87
CA GLY A 7 13.01 9.18 -6.83
C GLY A 7 12.28 7.88 -6.55
N VAL A 8 11.06 7.99 -6.06
CA VAL A 8 10.25 6.81 -5.75
C VAL A 8 9.18 6.57 -6.81
N LYS A 9 9.15 5.35 -7.33
CA LYS A 9 8.17 4.99 -8.36
C LYS A 9 6.82 4.64 -7.72
N PHE A 10 5.75 4.96 -8.43
CA PHE A 10 4.40 4.69 -7.94
C PHE A 10 3.87 3.38 -8.53
N LEU A 11 2.90 2.78 -7.85
CA LEU A 11 2.30 1.53 -8.30
C LEU A 11 3.39 0.54 -8.74
N THR A 12 4.56 0.65 -8.13
CA THR A 12 5.67 -0.23 -8.45
C THR A 12 6.31 -0.81 -7.20
N VAL A 13 6.39 -2.14 -7.13
CA VAL A 13 6.97 -2.81 -5.97
C VAL A 13 8.45 -2.44 -5.82
N ASN A 14 8.75 -1.68 -4.77
CA ASN A 14 10.12 -1.26 -4.50
C ASN A 14 10.83 -2.27 -3.61
N ASP A 15 11.91 -2.86 -4.13
CA ASP A 15 12.69 -3.84 -3.39
C ASP A 15 12.84 -3.42 -1.92
N ASP A 16 13.27 -2.18 -1.72
CA ASP A 16 13.47 -1.65 -0.38
C ASP A 16 12.45 -2.24 0.59
N ILE A 17 12.87 -3.24 1.35
CA ILE A 17 12.01 -3.89 2.32
C ILE A 17 11.97 -3.13 3.64
N LEU A 18 10.77 -2.93 4.17
CA LEU A 18 10.61 -2.22 5.43
C LEU A 18 9.33 -2.66 6.15
N SER A 19 9.32 -2.53 7.47
CA SER A 19 8.16 -2.91 8.27
C SER A 19 6.97 -2.03 7.94
N MET A 20 5.77 -2.49 8.32
CA MET A 20 4.55 -1.74 8.07
C MET A 20 4.68 -0.30 8.56
N PRO A 21 5.08 -0.14 9.82
CA PRO A 21 5.26 1.17 10.44
C PRO A 21 6.44 1.94 9.85
N GLN A 22 7.17 1.29 8.96
CA GLN A 22 8.34 1.90 8.33
C GLN A 22 8.05 2.23 6.86
N ALA A 23 7.18 1.44 6.24
CA ALA A 23 6.82 1.64 4.84
C ALA A 23 5.89 2.84 4.69
N ARG A 24 4.68 2.71 5.25
CA ARG A 24 3.69 3.77 5.16
C ARG A 24 4.31 5.12 5.53
N ASN A 25 5.22 5.11 6.49
CA ASN A 25 5.89 6.33 6.93
C ASN A 25 6.82 6.86 5.84
N PHE A 26 7.49 5.95 5.14
CA PHE A 26 8.40 6.33 4.07
C PHE A 26 7.65 6.97 2.92
N CYS A 27 6.79 6.20 2.27
CA CYS A 27 6.01 6.70 1.14
C CYS A 27 5.56 8.13 1.38
N ALA A 28 5.16 8.43 2.62
CA ALA A 28 4.72 9.77 2.99
C ALA A 28 5.81 10.81 2.73
N SER A 29 7.03 10.49 3.15
CA SER A 29 8.15 11.40 2.96
C SER A 29 8.42 11.65 1.48
N ALA A 30 8.33 10.59 0.69
CA ALA A 30 8.56 10.69 -0.75
C ALA A 30 7.47 11.54 -1.41
N GLY A 31 6.23 11.31 -1.02
CA GLY A 31 5.12 12.05 -1.59
C GLY A 31 3.96 11.15 -1.99
N GLY A 32 3.69 10.14 -1.18
CA GLY A 32 2.60 9.21 -1.48
C GLY A 32 2.18 8.42 -0.26
N TYR A 33 1.36 7.39 -0.50
CA TYR A 33 0.87 6.55 0.59
C TYR A 33 0.56 5.14 0.09
N LEU A 34 0.60 4.17 0.99
CA LEU A 34 0.33 2.79 0.64
C LEU A 34 -0.86 2.69 -0.31
N ALA A 35 -0.69 1.93 -1.39
CA ALA A 35 -1.75 1.75 -2.37
C ALA A 35 -2.74 0.68 -1.92
N ASP A 36 -3.96 1.10 -1.66
CA ASP A 36 -5.01 0.17 -1.21
C ASP A 36 -5.32 -0.85 -2.31
N ASP A 37 -6.10 -1.87 -1.96
CA ASP A 37 -6.47 -2.91 -2.90
C ASP A 37 -7.96 -3.21 -2.82
N LEU A 38 -8.77 -2.30 -3.33
CA LEU A 38 -10.22 -2.47 -3.31
C LEU A 38 -10.80 -2.38 -4.72
N GLY A 39 -11.03 -3.54 -5.33
CA GLY A 39 -11.57 -3.57 -6.69
C GLY A 39 -10.90 -4.61 -7.56
N ASP A 40 -11.69 -5.53 -8.10
CA ASP A 40 -11.16 -6.58 -8.96
C ASP A 40 -10.10 -6.03 -9.91
N ASP A 41 -10.34 -4.82 -10.41
CA ASP A 41 -9.42 -4.18 -11.34
C ASP A 41 -8.09 -3.88 -10.65
N LYS A 42 -8.16 -3.47 -9.38
CA LYS A 42 -6.97 -3.15 -8.60
C LYS A 42 -6.28 -4.42 -8.12
N ASN A 43 -7.06 -5.43 -7.76
CA ASN A 43 -6.53 -6.69 -7.29
C ASN A 43 -5.89 -7.48 -8.43
N ASN A 44 -6.68 -7.72 -9.48
CA ASN A 44 -6.20 -8.47 -10.64
C ASN A 44 -5.02 -7.74 -11.30
N PHE A 45 -4.95 -6.43 -11.07
CA PHE A 45 -3.88 -5.63 -11.65
C PHE A 45 -2.55 -5.87 -10.92
N TYR A 46 -2.62 -5.85 -9.59
CA TYR A 46 -1.43 -6.06 -8.77
C TYR A 46 -0.79 -7.41 -9.09
N SER A 47 -1.59 -8.47 -9.02
CA SER A 47 -1.10 -9.81 -9.31
C SER A 47 -0.05 -9.79 -10.41
N SER A 48 -0.25 -8.93 -11.40
CA SER A 48 0.67 -8.81 -12.51
C SER A 48 2.06 -8.41 -12.03
N ILE A 49 2.16 -7.22 -11.46
CA ILE A 49 3.43 -6.72 -10.95
C ILE A 49 3.85 -7.46 -9.68
N ALA A 50 2.92 -8.22 -9.12
CA ALA A 50 3.19 -8.98 -7.90
C ALA A 50 3.58 -10.41 -8.23
N ALA A 51 4.07 -10.63 -9.45
CA ALA A 51 4.47 -11.96 -9.89
C ALA A 51 5.37 -12.63 -8.85
N ASN A 52 4.76 -13.38 -7.95
CA ASN A 52 5.51 -14.08 -6.90
C ASN A 52 6.22 -13.09 -5.99
N THR A 53 5.54 -11.98 -5.68
CA THR A 53 6.11 -10.95 -4.82
C THR A 53 5.15 -10.59 -3.68
N GLN A 54 5.68 -10.49 -2.47
CA GLN A 54 4.88 -10.16 -1.31
C GLN A 54 5.20 -8.75 -0.81
N PHE A 55 4.22 -7.86 -0.89
CA PHE A 55 4.40 -6.48 -0.46
C PHE A 55 3.26 -6.05 0.46
N TRP A 56 3.44 -4.91 1.13
CA TRP A 56 2.43 -4.39 2.04
C TRP A 56 1.35 -3.64 1.26
N ILE A 57 0.22 -3.38 1.92
CA ILE A 57 -0.89 -2.67 1.30
C ILE A 57 -1.56 -1.72 2.28
N GLY A 58 -2.53 -0.95 1.79
CA GLY A 58 -3.23 -0.01 2.63
C GLY A 58 -4.09 -0.70 3.67
N LEU A 59 -4.35 -1.98 3.46
CA LEU A 59 -5.17 -2.75 4.39
C LEU A 59 -4.38 -3.10 5.65
N PHE A 60 -4.87 -2.64 6.80
CA PHE A 60 -4.21 -2.90 8.07
C PHE A 60 -5.23 -2.93 9.21
N LYS A 61 -4.98 -3.78 10.20
CA LYS A 61 -5.87 -3.89 11.35
C LYS A 61 -5.65 -2.74 12.32
N ASN A 62 -6.73 -2.32 12.99
CA ASN A 62 -6.66 -1.23 13.94
C ASN A 62 -6.80 -1.75 15.37
N SER A 63 -6.76 -0.83 16.34
CA SER A 63 -6.89 -1.20 17.74
C SER A 63 -8.19 -1.95 17.99
N ASP A 64 -9.31 -1.30 17.69
CA ASP A 64 -10.62 -1.92 17.87
C ASP A 64 -10.63 -3.36 17.38
N GLY A 65 -10.05 -3.57 16.20
CA GLY A 65 -9.99 -4.91 15.62
C GLY A 65 -10.50 -4.95 14.19
N GLN A 66 -10.74 -3.78 13.62
CA GLN A 66 -11.24 -3.68 12.26
C GLN A 66 -10.11 -3.34 11.29
N PHE A 67 -10.34 -3.62 10.01
CA PHE A 67 -9.34 -3.35 8.97
C PHE A 67 -9.63 -2.03 8.26
N TYR A 68 -8.65 -1.13 8.27
CA TYR A 68 -8.81 0.17 7.62
C TYR A 68 -7.87 0.29 6.43
N TRP A 69 -7.93 1.44 5.76
CA TRP A 69 -7.10 1.68 4.59
C TRP A 69 -6.15 2.86 4.84
N ASP A 70 -4.92 2.72 4.38
CA ASP A 70 -3.91 3.77 4.56
C ASP A 70 -4.23 4.97 3.66
N ARG A 71 -4.67 6.06 4.28
CA ARG A 71 -5.01 7.27 3.53
C ARG A 71 -3.92 8.33 3.70
N GLY A 72 -2.74 7.89 4.11
CA GLY A 72 -1.63 8.80 4.30
C GLY A 72 -1.16 8.85 5.73
N GLN A 73 -0.31 9.84 6.05
CA GLN A 73 0.22 9.99 7.40
C GLN A 73 -0.66 10.91 8.23
N GLY A 74 -1.28 10.35 9.26
CA GLY A 74 -2.15 11.14 10.12
C GLY A 74 -3.56 11.24 9.59
N ILE A 75 -3.69 11.40 8.27
CA ILE A 75 -4.99 11.51 7.63
C ILE A 75 -5.94 10.43 8.14
N ASN A 76 -7.21 10.79 8.31
CA ASN A 76 -8.22 9.85 8.79
C ASN A 76 -8.37 8.68 7.81
N PRO A 77 -8.11 7.46 8.30
CA PRO A 77 -8.22 6.25 7.49
C PRO A 77 -9.66 5.90 7.14
N ASP A 78 -9.84 4.86 6.35
CA ASP A 78 -11.17 4.42 5.94
C ASP A 78 -11.48 3.02 6.46
N LEU A 79 -12.72 2.80 6.87
CA LEU A 79 -13.14 1.50 7.38
C LEU A 79 -13.54 0.57 6.25
N LEU A 80 -12.84 -0.56 6.15
CA LEU A 80 -13.13 -1.55 5.11
C LEU A 80 -14.61 -1.90 5.08
N ASN A 81 -15.36 -1.23 4.22
CA ASN A 81 -16.80 -1.48 4.10
C ASN A 81 -17.15 -1.96 2.70
N GLN A 82 -16.24 -2.72 2.09
CA GLN A 82 -16.46 -3.25 0.75
C GLN A 82 -17.06 -4.65 0.80
N PRO A 83 -18.02 -4.92 -0.11
CA PRO A 83 -18.69 -6.21 -0.18
C PRO A 83 -17.77 -7.32 -0.67
N ILE A 84 -16.82 -6.95 -1.52
CA ILE A 84 -15.87 -7.92 -2.07
C ILE A 84 -14.57 -7.92 -1.28
N THR A 85 -14.01 -9.11 -1.06
CA THR A 85 -12.76 -9.24 -0.31
C THR A 85 -11.84 -10.27 -0.96
N TYR A 86 -10.59 -10.28 -0.55
CA TYR A 86 -9.62 -11.22 -1.08
C TYR A 86 -9.00 -12.06 0.03
N TRP A 87 -9.55 -11.94 1.23
CA TRP A 87 -9.06 -12.69 2.38
C TRP A 87 -8.66 -14.10 1.98
N ALA A 88 -7.39 -14.45 2.23
CA ALA A 88 -6.89 -15.77 1.89
C ALA A 88 -7.67 -16.86 2.63
N ASN A 89 -7.26 -18.11 2.44
CA ASN A 89 -7.91 -19.24 3.08
C ASN A 89 -7.80 -19.14 4.60
N GLY A 90 -8.94 -18.90 5.26
CA GLY A 90 -8.95 -18.78 6.70
C GLY A 90 -8.58 -17.38 7.17
N GLU A 91 -8.58 -16.43 6.25
CA GLU A 91 -8.24 -15.06 6.57
C GLU A 91 -9.49 -14.20 6.70
N PRO A 92 -9.39 -13.09 7.45
CA PRO A 92 -8.14 -12.71 8.12
C PRO A 92 -7.78 -13.64 9.27
N SER A 93 -6.49 -13.78 9.54
CA SER A 93 -6.02 -14.64 10.62
C SER A 93 -6.70 -14.28 11.94
N ASN A 94 -6.37 -15.04 12.98
CA ASN A 94 -6.95 -14.80 14.30
C ASN A 94 -5.86 -14.53 15.33
N ASP A 95 -4.62 -14.80 14.96
CA ASP A 95 -3.47 -14.59 15.85
C ASP A 95 -3.33 -13.11 16.20
N PRO A 96 -3.10 -12.83 17.49
CA PRO A 96 -2.94 -11.45 17.98
C PRO A 96 -1.64 -10.81 17.48
N THR A 97 -0.70 -11.64 17.05
CA THR A 97 0.58 -11.15 16.56
C THR A 97 0.43 -10.48 15.19
N ARG A 98 -0.34 -11.12 14.32
CA ARG A 98 -0.55 -10.59 12.98
C ARG A 98 -1.75 -9.64 12.95
N GLN A 99 -1.48 -8.38 12.64
CA GLN A 99 -2.53 -7.37 12.59
C GLN A 99 -2.59 -6.71 11.21
N CYS A 100 -1.41 -6.45 10.63
CA CYS A 100 -1.34 -5.82 9.32
C CYS A 100 -1.51 -6.86 8.22
N VAL A 101 -1.85 -6.39 7.01
CA VAL A 101 -2.04 -7.27 5.88
C VAL A 101 -1.07 -6.94 4.75
N TYR A 102 -0.61 -7.97 4.04
CA TYR A 102 0.33 -7.79 2.95
C TYR A 102 -0.10 -8.59 1.72
N PHE A 103 0.00 -7.98 0.55
CA PHE A 103 -0.38 -8.65 -0.69
C PHE A 103 0.49 -9.87 -0.94
N ASP A 104 -0.04 -11.05 -0.65
CA ASP A 104 0.69 -12.30 -0.84
C ASP A 104 0.56 -12.79 -2.28
N GLY A 105 1.50 -12.38 -3.12
CA GLY A 105 1.48 -12.78 -4.51
C GLY A 105 1.81 -14.25 -4.70
N ARG A 106 2.69 -14.77 -3.85
CA ARG A 106 3.08 -16.17 -3.92
C ARG A 106 2.12 -17.05 -3.14
N SER A 107 0.88 -16.58 -2.99
CA SER A 107 -0.14 -17.33 -2.27
C SER A 107 -0.79 -18.38 -3.17
N GLY A 108 -0.15 -18.66 -4.29
CA GLY A 108 -0.68 -19.64 -5.22
C GLY A 108 -1.76 -19.06 -6.12
N ASP A 109 -2.50 -18.09 -5.60
CA ASP A 109 -3.57 -17.45 -6.37
C ASP A 109 -3.63 -15.95 -6.08
N LYS A 110 -4.49 -15.26 -6.80
CA LYS A 110 -4.64 -13.81 -6.63
C LYS A 110 -5.87 -13.49 -5.78
N SER A 111 -6.78 -14.46 -5.68
CA SER A 111 -8.00 -14.28 -4.90
C SER A 111 -7.73 -14.47 -3.42
N LYS A 112 -6.61 -15.11 -3.09
CA LYS A 112 -6.23 -15.35 -1.70
C LYS A 112 -4.90 -14.69 -1.38
N VAL A 113 -4.72 -13.47 -1.88
CA VAL A 113 -3.48 -12.73 -1.64
C VAL A 113 -3.53 -12.01 -0.29
N TRP A 114 -4.73 -11.67 0.15
CA TRP A 114 -4.92 -10.97 1.42
C TRP A 114 -4.52 -11.87 2.59
N THR A 115 -3.36 -11.60 3.17
CA THR A 115 -2.86 -12.39 4.29
C THR A 115 -2.35 -11.49 5.41
N THR A 116 -2.71 -11.81 6.64
CA THR A 116 -2.30 -11.02 7.79
C THR A 116 -0.91 -11.46 8.28
N ASP A 117 -0.15 -10.50 8.82
CA ASP A 117 1.19 -10.79 9.31
C ASP A 117 1.68 -9.67 10.23
N THR A 118 2.70 -9.97 11.02
CA THR A 118 3.26 -8.99 11.94
C THR A 118 3.65 -7.71 11.22
N CYS A 119 3.50 -6.57 11.90
CA CYS A 119 3.84 -5.28 11.31
C CYS A 119 5.31 -4.94 11.55
N ALA A 120 6.13 -5.98 11.65
CA ALA A 120 7.56 -5.80 11.87
C ALA A 120 8.39 -6.49 10.79
N THR A 121 7.74 -7.39 10.05
CA THR A 121 8.41 -8.13 9.00
C THR A 121 8.81 -7.22 7.85
N PRO A 122 10.12 -7.19 7.54
CA PRO A 122 10.66 -6.36 6.45
C PRO A 122 10.23 -6.85 5.08
N ARG A 123 9.30 -6.13 4.46
CA ARG A 123 8.81 -6.48 3.14
C ARG A 123 8.61 -5.24 2.27
N PRO A 124 8.54 -5.45 0.95
CA PRO A 124 8.35 -4.36 -0.01
C PRO A 124 6.95 -3.76 0.07
N PHE A 125 6.78 -2.59 -0.54
CA PHE A 125 5.49 -1.91 -0.54
C PHE A 125 5.29 -1.12 -1.83
N ILE A 126 4.10 -0.53 -1.97
CA ILE A 126 3.78 0.25 -3.17
C ILE A 126 3.21 1.61 -2.78
N CYS A 127 3.93 2.67 -3.11
CA CYS A 127 3.49 4.02 -2.81
C CYS A 127 2.60 4.57 -3.92
N GLN A 128 1.59 5.36 -3.53
CA GLN A 128 0.67 5.93 -4.49
C GLN A 128 0.47 7.43 -4.23
N LYS A 129 -0.07 8.13 -5.21
CA LYS A 129 -0.32 9.56 -5.08
C LYS A 129 -1.78 9.83 -4.71
N HIS A 130 -2.01 10.97 -4.05
CA HIS A 130 -3.36 11.34 -3.64
C HIS A 130 -4.23 11.67 -4.84
N ARG A 131 -3.82 12.67 -5.62
CA ARG A 131 -4.58 13.08 -6.80
C ARG A 131 -3.77 12.82 -8.06
N TYR A 132 -3.95 11.63 -8.63
CA TYR A 132 -3.24 11.25 -9.85
C TYR A 132 -3.19 12.41 -10.83
N ASP A 133 -2.01 12.99 -11.00
CA ASP A 133 -1.82 14.11 -11.92
C ASP A 133 -0.36 14.28 -12.28
N SER A 134 -0.10 15.01 -13.36
CA SER A 134 1.27 15.25 -13.81
C SER A 134 1.68 16.70 -13.59
N ASP A 135 1.36 17.22 -12.41
CA ASP A 135 1.69 18.59 -12.07
C ASP A 135 3.12 18.93 -12.48
N HIS A 136 3.26 19.96 -13.32
CA HIS A 136 4.58 20.38 -13.79
C HIS A 136 5.33 21.12 -12.70
N LYS A 137 6.50 20.60 -12.32
CA LYS A 137 7.32 21.21 -11.29
C LYS A 137 8.70 21.59 -11.84
N PRO A 138 8.98 22.90 -11.87
CA PRO A 138 10.27 23.42 -12.36
C PRO A 138 11.43 23.07 -11.44
N ASN A 139 11.11 22.78 -10.19
CA ASN A 139 12.13 22.44 -9.20
C ASN A 139 13.28 21.67 -9.85
N THR A 140 14.36 22.39 -10.16
CA THR A 140 15.53 21.78 -10.79
C THR A 140 16.34 20.98 -9.77
N ILE A 141 16.62 19.72 -10.11
CA ILE A 141 17.38 18.86 -9.23
C ILE A 141 18.39 18.03 -10.02
N GLY A 142 19.55 17.76 -9.40
CA GLY A 142 20.58 16.98 -10.06
C GLY A 142 20.16 15.54 -10.29
N ASP A 143 19.44 15.31 -11.39
CA ASP A 143 18.97 13.96 -11.72
C ASP A 143 20.03 13.21 -12.53
N ALA A 144 20.53 12.12 -11.95
CA ALA A 144 21.55 11.31 -12.61
C ALA A 144 20.98 9.97 -13.04
N SER A 145 21.15 9.65 -14.33
CA SER A 145 20.64 8.39 -14.87
C SER A 145 19.22 8.13 -14.41
N GLY A 146 18.40 9.18 -14.41
CA GLY A 146 17.02 9.04 -13.98
C GLY A 146 16.17 8.28 -14.99
N PRO A 147 16.03 8.85 -16.19
CA PRO A 147 15.25 8.25 -17.27
C PRO A 147 15.90 6.99 -17.83
N SER A 148 15.12 5.91 -17.91
CA SER A 148 15.62 4.64 -18.42
C SER A 148 14.73 4.12 -19.54
N SER A 149 15.19 3.08 -20.23
CA SER A 149 14.44 2.48 -21.32
C SER A 149 14.60 0.97 -21.33
N GLY A 150 13.48 0.26 -21.47
CA GLY A 150 13.51 -1.19 -21.49
C GLY A 150 12.26 -1.81 -20.92
N GLY A 1 16.54 13.70 -22.49
CA GLY A 1 16.90 14.44 -21.30
C GLY A 1 15.75 14.56 -20.32
N SER A 2 16.05 14.46 -19.04
CA SER A 2 15.04 14.54 -18.00
C SER A 2 15.48 15.48 -16.88
N SER A 3 14.64 16.46 -16.56
CA SER A 3 14.96 17.42 -15.51
C SER A 3 14.30 17.01 -14.20
N GLY A 4 15.13 16.79 -13.18
CA GLY A 4 14.62 16.39 -11.88
C GLY A 4 13.79 15.12 -11.94
N SER A 5 14.39 14.05 -12.44
CA SER A 5 13.69 12.77 -12.56
C SER A 5 13.14 12.32 -11.20
N SER A 6 11.93 11.79 -11.21
CA SER A 6 11.29 11.33 -9.98
C SER A 6 12.06 10.15 -9.38
N GLY A 7 12.10 10.09 -8.05
CA GLY A 7 12.81 9.02 -7.38
C GLY A 7 11.92 7.81 -7.12
N VAL A 8 11.21 7.83 -6.01
CA VAL A 8 10.32 6.73 -5.65
C VAL A 8 9.26 6.50 -6.71
N LYS A 9 9.30 5.33 -7.34
CA LYS A 9 8.35 4.98 -8.39
C LYS A 9 6.98 4.64 -7.79
N PHE A 10 5.92 5.18 -8.38
CA PHE A 10 4.58 4.94 -7.90
C PHE A 10 3.99 3.69 -8.55
N LEU A 11 3.08 3.02 -7.84
CA LEU A 11 2.44 1.81 -8.35
C LEU A 11 3.50 0.79 -8.78
N THR A 12 4.57 0.70 -8.01
CA THR A 12 5.66 -0.23 -8.32
C THR A 12 6.28 -0.78 -7.03
N VAL A 13 6.50 -2.09 -7.01
CA VAL A 13 7.10 -2.75 -5.84
C VAL A 13 8.56 -2.34 -5.68
N ASN A 14 8.85 -1.61 -4.61
CA ASN A 14 10.21 -1.17 -4.33
C ASN A 14 10.96 -2.21 -3.50
N ASP A 15 12.00 -2.78 -4.09
CA ASP A 15 12.81 -3.78 -3.40
C ASP A 15 12.97 -3.44 -1.93
N ASP A 16 13.38 -2.21 -1.65
CA ASP A 16 13.58 -1.75 -0.28
C ASP A 16 12.51 -2.34 0.64
N ILE A 17 12.90 -3.35 1.41
CA ILE A 17 11.98 -4.00 2.34
C ILE A 17 11.88 -3.22 3.65
N LEU A 18 10.65 -2.95 4.07
CA LEU A 18 10.42 -2.21 5.30
C LEU A 18 9.08 -2.62 5.94
N SER A 19 9.08 -2.72 7.27
CA SER A 19 7.88 -3.10 7.99
C SER A 19 6.73 -2.15 7.68
N MET A 20 5.52 -2.54 8.09
CA MET A 20 4.34 -1.72 7.85
C MET A 20 4.54 -0.31 8.39
N PRO A 21 4.97 -0.21 9.66
CA PRO A 21 5.21 1.08 10.31
C PRO A 21 6.42 1.81 9.75
N GLN A 22 7.11 1.14 8.82
CA GLN A 22 8.30 1.73 8.20
C GLN A 22 8.02 2.12 6.75
N ALA A 23 7.14 1.36 6.11
CA ALA A 23 6.78 1.64 4.72
C ALA A 23 5.80 2.81 4.62
N ARG A 24 4.68 2.70 5.34
CA ARG A 24 3.67 3.75 5.33
C ARG A 24 4.30 5.11 5.60
N ASN A 25 5.29 5.14 6.48
CA ASN A 25 5.98 6.38 6.83
C ASN A 25 6.92 6.82 5.70
N PHE A 26 7.42 5.85 4.95
CA PHE A 26 8.33 6.12 3.85
C PHE A 26 7.60 6.84 2.71
N CYS A 27 6.59 6.16 2.15
CA CYS A 27 5.82 6.73 1.04
C CYS A 27 5.48 8.19 1.32
N ALA A 28 5.02 8.48 2.54
CA ALA A 28 4.66 9.83 2.93
C ALA A 28 5.83 10.79 2.72
N SER A 29 6.98 10.43 3.30
CA SER A 29 8.18 11.26 3.20
C SER A 29 8.50 11.57 1.74
N ALA A 30 8.36 10.57 0.88
CA ALA A 30 8.63 10.72 -0.54
C ALA A 30 7.58 11.60 -1.21
N GLY A 31 6.33 11.47 -0.75
CA GLY A 31 5.25 12.27 -1.32
C GLY A 31 4.07 11.40 -1.75
N GLY A 32 3.78 10.37 -0.98
CA GLY A 32 2.68 9.48 -1.31
C GLY A 32 2.24 8.64 -0.13
N TYR A 33 1.60 7.51 -0.43
CA TYR A 33 1.13 6.61 0.61
C TYR A 33 0.85 5.22 0.05
N LEU A 34 0.75 4.23 0.93
CA LEU A 34 0.49 2.86 0.53
C LEU A 34 -0.70 2.79 -0.43
N ALA A 35 -0.57 1.96 -1.46
CA ALA A 35 -1.64 1.80 -2.45
C ALA A 35 -2.72 0.85 -1.95
N ASP A 36 -3.94 1.34 -1.83
CA ASP A 36 -5.06 0.53 -1.37
C ASP A 36 -5.56 -0.39 -2.48
N ASP A 37 -6.06 -1.56 -2.08
CA ASP A 37 -6.58 -2.53 -3.04
C ASP A 37 -8.11 -2.57 -3.00
N LEU A 38 -8.74 -1.66 -3.74
CA LEU A 38 -10.19 -1.60 -3.79
C LEU A 38 -10.70 -1.76 -5.22
N GLY A 39 -11.12 -2.97 -5.56
CA GLY A 39 -11.62 -3.23 -6.91
C GLY A 39 -10.90 -4.38 -7.58
N ASP A 40 -11.66 -5.23 -8.27
CA ASP A 40 -11.09 -6.37 -8.96
C ASP A 40 -9.98 -5.94 -9.91
N ASP A 41 -10.20 -4.84 -10.61
CA ASP A 41 -9.22 -4.32 -11.55
C ASP A 41 -7.96 -3.86 -10.81
N LYS A 42 -8.12 -3.46 -9.56
CA LYS A 42 -7.00 -3.00 -8.75
C LYS A 42 -6.27 -4.19 -8.11
N ASN A 43 -7.04 -5.20 -7.73
CA ASN A 43 -6.46 -6.40 -7.10
C ASN A 43 -5.77 -7.28 -8.15
N ASN A 44 -6.51 -7.61 -9.20
CA ASN A 44 -5.97 -8.45 -10.27
C ASN A 44 -4.81 -7.75 -10.99
N PHE A 45 -4.88 -6.42 -11.04
CA PHE A 45 -3.83 -5.64 -11.69
C PHE A 45 -2.49 -5.84 -11.00
N TYR A 46 -2.47 -5.66 -9.68
CA TYR A 46 -1.25 -5.82 -8.91
C TYR A 46 -0.73 -7.26 -8.99
N SER A 47 -1.65 -8.22 -8.91
CA SER A 47 -1.28 -9.62 -8.97
C SER A 47 -0.21 -9.86 -10.04
N SER A 48 -0.30 -9.11 -11.13
CA SER A 48 0.65 -9.24 -12.22
C SER A 48 2.04 -8.82 -11.79
N ILE A 49 2.21 -7.53 -11.50
CA ILE A 49 3.49 -7.00 -11.07
C ILE A 49 3.96 -7.66 -9.76
N ALA A 50 3.01 -8.26 -9.05
CA ALA A 50 3.31 -8.94 -7.80
C ALA A 50 3.74 -10.38 -8.04
N ALA A 51 4.23 -10.66 -9.24
CA ALA A 51 4.68 -11.99 -9.61
C ALA A 51 5.52 -12.61 -8.50
N ASN A 52 4.96 -13.58 -7.79
CA ASN A 52 5.66 -14.25 -6.71
C ASN A 52 6.34 -13.23 -5.79
N THR A 53 5.67 -12.11 -5.56
CA THR A 53 6.19 -11.06 -4.71
C THR A 53 5.18 -10.64 -3.65
N GLN A 54 5.63 -10.58 -2.40
CA GLN A 54 4.76 -10.19 -1.30
C GLN A 54 5.10 -8.79 -0.80
N PHE A 55 4.13 -7.89 -0.89
CA PHE A 55 4.33 -6.51 -0.46
C PHE A 55 3.17 -6.05 0.43
N TRP A 56 3.38 -4.95 1.15
CA TRP A 56 2.36 -4.40 2.03
C TRP A 56 1.32 -3.62 1.24
N ILE A 57 0.18 -3.36 1.87
CA ILE A 57 -0.89 -2.61 1.22
C ILE A 57 -1.54 -1.63 2.19
N GLY A 58 -2.53 -0.89 1.71
CA GLY A 58 -3.23 0.08 2.54
C GLY A 58 -4.03 -0.58 3.64
N LEU A 59 -4.32 -1.88 3.48
CA LEU A 59 -5.10 -2.61 4.47
C LEU A 59 -4.28 -2.86 5.73
N PHE A 60 -4.83 -2.46 6.87
CA PHE A 60 -4.16 -2.64 8.15
C PHE A 60 -5.16 -2.64 9.30
N LYS A 61 -4.96 -3.55 10.24
CA LYS A 61 -5.85 -3.66 11.40
C LYS A 61 -5.60 -2.52 12.38
N ASN A 62 -6.65 -2.13 13.10
CA ASN A 62 -6.54 -1.04 14.07
C ASN A 62 -6.76 -1.56 15.48
N SER A 63 -6.48 -0.72 16.47
CA SER A 63 -6.64 -1.09 17.87
C SER A 63 -8.02 -1.70 18.12
N ASP A 64 -9.05 -1.00 17.64
CA ASP A 64 -10.43 -1.46 17.80
C ASP A 64 -10.56 -2.93 17.42
N GLY A 65 -9.81 -3.34 16.39
CA GLY A 65 -9.87 -4.72 15.94
C GLY A 65 -10.42 -4.86 14.54
N GLN A 66 -10.71 -3.71 13.91
CA GLN A 66 -11.26 -3.71 12.55
C GLN A 66 -10.18 -3.36 11.54
N PHE A 67 -10.38 -3.78 10.29
CA PHE A 67 -9.43 -3.51 9.23
C PHE A 67 -9.72 -2.15 8.57
N TYR A 68 -8.69 -1.31 8.48
CA TYR A 68 -8.83 0.01 7.89
C TYR A 68 -7.95 0.14 6.65
N TRP A 69 -8.00 1.31 6.01
CA TRP A 69 -7.21 1.56 4.82
C TRP A 69 -6.18 2.65 5.07
N ASP A 70 -5.21 2.75 4.18
CA ASP A 70 -4.15 3.76 4.30
C ASP A 70 -4.46 4.98 3.44
N ARG A 71 -4.63 6.12 4.10
CA ARG A 71 -4.93 7.37 3.39
C ARG A 71 -3.84 8.41 3.64
N GLY A 72 -2.64 7.95 3.95
CA GLY A 72 -1.54 8.85 4.22
C GLY A 72 -1.10 8.82 5.67
N GLN A 73 -0.18 9.71 6.02
CA GLN A 73 0.34 9.77 7.39
C GLN A 73 -0.56 10.64 8.26
N GLY A 74 -1.24 10.01 9.21
CA GLY A 74 -2.13 10.75 10.10
C GLY A 74 -3.54 10.86 9.54
N ILE A 75 -3.64 11.15 8.25
CA ILE A 75 -4.94 11.29 7.61
C ILE A 75 -5.89 10.18 8.04
N ASN A 76 -7.16 10.55 8.24
CA ASN A 76 -8.17 9.59 8.65
C ASN A 76 -8.29 8.45 7.64
N PRO A 77 -8.07 7.22 8.13
CA PRO A 77 -8.16 6.01 7.29
C PRO A 77 -9.58 5.70 6.85
N ASP A 78 -9.77 4.52 6.27
CA ASP A 78 -11.09 4.10 5.81
C ASP A 78 -11.42 2.70 6.30
N LEU A 79 -12.54 2.58 7.01
CA LEU A 79 -12.96 1.28 7.54
C LEU A 79 -13.33 0.32 6.41
N LEU A 80 -12.69 -0.84 6.40
CA LEU A 80 -12.94 -1.84 5.38
C LEU A 80 -14.37 -2.37 5.48
N ASN A 81 -15.25 -1.80 4.66
CA ASN A 81 -16.66 -2.21 4.65
C ASN A 81 -17.07 -2.71 3.27
N GLN A 82 -16.19 -2.52 2.29
CA GLN A 82 -16.47 -2.94 0.93
C GLN A 82 -17.12 -4.32 0.91
N PRO A 83 -18.10 -4.49 0.01
CA PRO A 83 -18.84 -5.75 -0.14
C PRO A 83 -17.98 -6.87 -0.71
N ILE A 84 -16.88 -6.48 -1.38
CA ILE A 84 -15.98 -7.44 -1.98
C ILE A 84 -14.61 -7.41 -1.29
N THR A 85 -14.04 -8.59 -1.07
CA THR A 85 -12.74 -8.71 -0.42
C THR A 85 -11.87 -9.76 -1.10
N TYR A 86 -10.60 -9.83 -0.71
CA TYR A 86 -9.67 -10.79 -1.28
C TYR A 86 -9.02 -11.63 -0.20
N TRP A 87 -9.61 -11.61 1.00
CA TRP A 87 -9.08 -12.37 2.12
C TRP A 87 -8.70 -13.79 1.68
N ALA A 88 -7.47 -14.18 2.01
CA ALA A 88 -6.98 -15.51 1.65
C ALA A 88 -7.81 -16.59 2.32
N ASN A 89 -7.42 -17.85 2.09
CA ASN A 89 -8.15 -18.98 2.67
C ASN A 89 -8.19 -18.88 4.19
N GLY A 90 -9.38 -18.60 4.73
CA GLY A 90 -9.54 -18.47 6.16
C GLY A 90 -9.47 -17.03 6.64
N GLU A 91 -8.71 -16.21 5.92
CA GLU A 91 -8.56 -14.80 6.26
C GLU A 91 -9.91 -14.10 6.28
N PRO A 92 -10.01 -13.03 7.07
CA PRO A 92 -8.90 -12.54 7.89
C PRO A 92 -8.57 -13.48 9.04
N SER A 93 -7.27 -13.60 9.35
CA SER A 93 -6.82 -14.47 10.43
C SER A 93 -7.11 -13.84 11.79
N ASN A 94 -7.36 -14.68 12.78
CA ASN A 94 -7.65 -14.21 14.14
C ASN A 94 -6.41 -14.33 15.03
N ASP A 95 -5.26 -13.95 14.48
CA ASP A 95 -4.01 -14.01 15.23
C ASP A 95 -3.70 -12.67 15.87
N PRO A 96 -3.38 -12.69 17.17
CA PRO A 96 -3.06 -11.48 17.94
C PRO A 96 -1.71 -10.88 17.53
N THR A 97 -0.87 -11.70 16.92
CA THR A 97 0.44 -11.25 16.48
C THR A 97 0.36 -10.54 15.13
N ARG A 98 -0.50 -11.05 14.25
CA ARG A 98 -0.68 -10.46 12.93
C ARG A 98 -1.81 -9.44 12.93
N GLN A 99 -1.48 -8.19 12.65
CA GLN A 99 -2.47 -7.12 12.62
C GLN A 99 -2.53 -6.47 11.24
N CYS A 100 -1.38 -6.36 10.59
CA CYS A 100 -1.30 -5.77 9.27
C CYS A 100 -1.54 -6.80 8.19
N VAL A 101 -1.74 -6.33 6.95
CA VAL A 101 -1.98 -7.22 5.83
C VAL A 101 -1.04 -6.91 4.67
N TYR A 102 -0.56 -7.95 4.00
CA TYR A 102 0.35 -7.78 2.88
C TYR A 102 -0.14 -8.58 1.67
N PHE A 103 -0.09 -7.95 0.50
CA PHE A 103 -0.52 -8.60 -0.74
C PHE A 103 0.37 -9.79 -1.06
N ASP A 104 -0.21 -10.99 -0.98
CA ASP A 104 0.54 -12.22 -1.27
C ASP A 104 0.59 -12.48 -2.77
N GLY A 105 1.74 -12.21 -3.38
CA GLY A 105 1.89 -12.42 -4.81
C GLY A 105 1.95 -13.88 -5.18
N ARG A 106 2.72 -14.66 -4.42
CA ARG A 106 2.85 -16.09 -4.66
C ARG A 106 1.48 -16.76 -4.72
N SER A 107 0.60 -16.36 -3.81
CA SER A 107 -0.74 -16.94 -3.75
C SER A 107 -1.31 -17.13 -5.15
N GLY A 108 -1.30 -18.38 -5.62
CA GLY A 108 -1.82 -18.67 -6.94
C GLY A 108 -3.12 -17.95 -7.23
N ASP A 109 -4.02 -17.92 -6.25
CA ASP A 109 -5.30 -17.26 -6.40
C ASP A 109 -5.20 -15.79 -6.02
N LYS A 110 -5.40 -14.91 -6.99
CA LYS A 110 -5.33 -13.46 -6.76
C LYS A 110 -6.40 -13.03 -5.75
N SER A 111 -7.57 -13.66 -5.83
CA SER A 111 -8.67 -13.35 -4.94
C SER A 111 -8.38 -13.84 -3.52
N LYS A 112 -7.22 -14.44 -3.33
CA LYS A 112 -6.81 -14.96 -2.03
C LYS A 112 -5.39 -14.52 -1.69
N VAL A 113 -5.01 -13.35 -2.14
CA VAL A 113 -3.68 -12.82 -1.88
C VAL A 113 -3.61 -12.12 -0.53
N TRP A 114 -4.76 -11.61 -0.07
CA TRP A 114 -4.83 -10.92 1.20
C TRP A 114 -4.45 -11.86 2.35
N THR A 115 -3.38 -11.50 3.07
CA THR A 115 -2.91 -12.31 4.18
C THR A 115 -2.37 -11.43 5.30
N THR A 116 -2.86 -11.65 6.51
CA THR A 116 -2.42 -10.89 7.67
C THR A 116 -1.07 -11.36 8.17
N ASP A 117 -0.25 -10.43 8.63
CA ASP A 117 1.08 -10.75 9.14
C ASP A 117 1.56 -9.69 10.12
N THR A 118 2.65 -9.99 10.83
CA THR A 118 3.21 -9.05 11.80
C THR A 118 3.64 -7.76 11.12
N CYS A 119 3.48 -6.65 11.83
CA CYS A 119 3.85 -5.34 11.30
C CYS A 119 5.31 -5.03 11.62
N ALA A 120 6.12 -6.07 11.73
CA ALA A 120 7.54 -5.91 12.03
C ALA A 120 8.40 -6.60 10.96
N THR A 121 7.77 -7.45 10.17
CA THR A 121 8.48 -8.17 9.12
C THR A 121 8.83 -7.25 7.95
N PRO A 122 10.13 -7.20 7.59
CA PRO A 122 10.62 -6.36 6.49
C PRO A 122 10.15 -6.86 5.13
N ARG A 123 9.23 -6.13 4.51
CA ARG A 123 8.70 -6.49 3.20
C ARG A 123 8.52 -5.26 2.32
N PRO A 124 8.47 -5.48 1.00
CA PRO A 124 8.29 -4.40 0.02
C PRO A 124 6.90 -3.78 0.09
N PHE A 125 6.73 -2.66 -0.61
CA PHE A 125 5.45 -1.97 -0.64
C PHE A 125 5.29 -1.17 -1.93
N ILE A 126 4.17 -0.45 -2.04
CA ILE A 126 3.89 0.35 -3.22
C ILE A 126 3.30 1.70 -2.84
N CYS A 127 3.86 2.76 -3.38
CA CYS A 127 3.38 4.12 -3.10
C CYS A 127 2.44 4.59 -4.20
N GLN A 128 1.37 5.29 -3.79
CA GLN A 128 0.39 5.80 -4.74
C GLN A 128 0.04 7.25 -4.42
N LYS A 129 -0.01 8.09 -5.46
CA LYS A 129 -0.34 9.49 -5.30
C LYS A 129 -1.81 9.67 -4.92
N HIS A 130 -2.20 10.91 -4.66
CA HIS A 130 -3.59 11.22 -4.30
C HIS A 130 -4.30 11.92 -5.44
N ARG A 131 -3.83 13.12 -5.79
CA ARG A 131 -4.43 13.90 -6.86
C ARG A 131 -3.81 13.54 -8.21
N TYR A 132 -4.64 13.42 -9.23
CA TYR A 132 -4.17 13.08 -10.57
C TYR A 132 -2.98 13.96 -10.95
N ASP A 133 -3.14 15.26 -10.84
CA ASP A 133 -2.08 16.20 -11.18
C ASP A 133 -1.17 16.45 -9.97
N SER A 134 0.08 16.80 -10.25
CA SER A 134 1.04 17.06 -9.19
C SER A 134 1.61 18.47 -9.30
N ASP A 135 2.04 19.03 -8.17
CA ASP A 135 2.61 20.37 -8.14
C ASP A 135 3.84 20.47 -9.04
N HIS A 136 4.27 21.70 -9.30
CA HIS A 136 5.44 21.92 -10.15
C HIS A 136 6.57 20.95 -9.80
N LYS A 137 7.57 20.89 -10.67
CA LYS A 137 8.71 20.00 -10.46
C LYS A 137 10.02 20.78 -10.52
N PRO A 138 10.93 20.48 -9.58
CA PRO A 138 12.24 21.14 -9.53
C PRO A 138 13.15 20.73 -10.67
N ASN A 139 14.40 21.18 -10.62
CA ASN A 139 15.37 20.86 -11.67
C ASN A 139 16.74 20.57 -11.06
N THR A 140 17.53 19.77 -11.77
CA THR A 140 18.87 19.41 -11.31
C THR A 140 18.81 18.62 -9.99
N ILE A 141 17.82 17.73 -9.88
CA ILE A 141 17.65 16.92 -8.69
C ILE A 141 17.44 15.46 -9.06
N GLY A 142 18.49 14.66 -8.88
CA GLY A 142 18.40 13.23 -9.19
C GLY A 142 18.80 12.93 -10.62
N ASP A 143 19.78 13.67 -11.13
CA ASP A 143 20.27 13.46 -12.48
C ASP A 143 20.60 12.00 -12.74
N ALA A 144 19.61 11.25 -13.25
CA ALA A 144 19.80 9.84 -13.53
C ALA A 144 20.07 9.61 -15.01
N SER A 145 21.33 9.71 -15.41
CA SER A 145 21.72 9.51 -16.80
C SER A 145 21.61 8.05 -17.19
N GLY A 146 20.46 7.66 -17.71
CA GLY A 146 20.24 6.28 -18.12
C GLY A 146 19.27 6.16 -19.29
N PRO A 147 19.80 6.32 -20.51
CA PRO A 147 19.00 6.24 -21.73
C PRO A 147 18.52 4.82 -22.01
N SER A 148 17.56 4.69 -22.92
CA SER A 148 17.01 3.37 -23.29
C SER A 148 16.16 3.47 -24.55
N SER A 149 16.19 2.42 -25.35
CA SER A 149 15.42 2.38 -26.59
C SER A 149 14.95 0.97 -26.90
N GLY A 150 13.81 0.85 -27.58
CA GLY A 150 13.27 -0.44 -27.92
C GLY A 150 11.99 -0.76 -27.19
N GLY A 1 17.02 23.42 -22.57
CA GLY A 1 16.85 23.40 -21.13
C GLY A 1 15.90 22.30 -20.68
N SER A 2 16.31 21.05 -20.89
CA SER A 2 15.49 19.91 -20.50
C SER A 2 15.57 19.66 -19.00
N SER A 3 14.54 19.05 -18.45
CA SER A 3 14.49 18.76 -17.02
C SER A 3 13.91 17.36 -16.76
N GLY A 4 14.44 16.69 -15.74
CA GLY A 4 13.96 15.36 -15.41
C GLY A 4 14.31 14.96 -14.00
N SER A 5 13.29 14.77 -13.16
CA SER A 5 13.50 14.38 -11.77
C SER A 5 12.47 13.34 -11.35
N SER A 6 12.88 12.45 -10.44
CA SER A 6 12.01 11.41 -9.94
C SER A 6 12.50 10.86 -8.60
N GLY A 7 11.59 10.73 -7.65
CA GLY A 7 11.95 10.21 -6.35
C GLY A 7 11.47 8.79 -6.12
N VAL A 8 10.25 8.66 -5.60
CA VAL A 8 9.68 7.34 -5.33
C VAL A 8 8.65 6.97 -6.40
N LYS A 9 8.90 5.87 -7.10
CA LYS A 9 7.99 5.40 -8.14
C LYS A 9 6.63 5.03 -7.55
N PHE A 10 5.61 5.04 -8.38
CA PHE A 10 4.26 4.70 -7.95
C PHE A 10 3.80 3.38 -8.56
N LEU A 11 2.83 2.75 -7.93
CA LEU A 11 2.30 1.46 -8.41
C LEU A 11 3.44 0.54 -8.83
N THR A 12 4.55 0.60 -8.10
CA THR A 12 5.70 -0.24 -8.41
C THR A 12 6.30 -0.82 -7.13
N VAL A 13 6.59 -2.12 -7.16
CA VAL A 13 7.18 -2.79 -6.01
C VAL A 13 8.63 -2.37 -5.79
N ASN A 14 8.88 -1.67 -4.69
CA ASN A 14 10.23 -1.20 -4.37
C ASN A 14 10.98 -2.25 -3.57
N ASP A 15 12.03 -2.80 -4.17
CA ASP A 15 12.85 -3.82 -3.51
C ASP A 15 13.04 -3.49 -2.03
N ASP A 16 13.51 -2.28 -1.76
CA ASP A 16 13.74 -1.83 -0.39
C ASP A 16 12.68 -2.40 0.55
N ILE A 17 13.05 -3.43 1.30
CA ILE A 17 12.13 -4.07 2.24
C ILE A 17 12.02 -3.26 3.53
N LEU A 18 10.78 -3.03 3.98
CA LEU A 18 10.54 -2.29 5.20
C LEU A 18 9.23 -2.71 5.85
N SER A 19 9.20 -2.66 7.18
CA SER A 19 8.00 -3.05 7.93
C SER A 19 6.83 -2.15 7.57
N MET A 20 5.65 -2.50 8.08
CA MET A 20 4.44 -1.71 7.83
C MET A 20 4.61 -0.27 8.32
N PRO A 21 5.03 -0.13 9.59
CA PRO A 21 5.24 1.18 10.20
C PRO A 21 6.44 1.91 9.62
N GLN A 22 7.18 1.23 8.75
CA GLN A 22 8.36 1.81 8.13
C GLN A 22 8.07 2.22 6.69
N ALA A 23 7.23 1.43 6.02
CA ALA A 23 6.86 1.70 4.63
C ALA A 23 5.91 2.89 4.54
N ARG A 24 4.70 2.71 5.08
CA ARG A 24 3.69 3.77 5.05
C ARG A 24 4.30 5.11 5.47
N ASN A 25 5.28 5.05 6.37
CA ASN A 25 5.94 6.25 6.85
C ASN A 25 6.79 6.89 5.75
N PHE A 26 7.51 6.07 5.00
CA PHE A 26 8.35 6.55 3.93
C PHE A 26 7.52 7.18 2.82
N CYS A 27 6.66 6.37 2.20
CA CYS A 27 5.81 6.86 1.12
C CYS A 27 5.17 8.19 1.49
N ALA A 28 4.78 8.32 2.75
CA ALA A 28 4.16 9.55 3.23
C ALA A 28 5.14 10.72 3.19
N SER A 29 6.31 10.52 3.79
CA SER A 29 7.34 11.56 3.83
C SER A 29 7.76 11.95 2.42
N ALA A 30 7.82 10.96 1.53
CA ALA A 30 8.20 11.20 0.15
C ALA A 30 7.12 11.97 -0.60
N GLY A 31 5.86 11.63 -0.32
CA GLY A 31 4.75 12.29 -0.98
C GLY A 31 3.76 11.31 -1.56
N GLY A 32 3.37 10.31 -0.77
CA GLY A 32 2.42 9.32 -1.23
C GLY A 32 1.96 8.40 -0.11
N TYR A 33 1.01 7.52 -0.42
CA TYR A 33 0.47 6.59 0.57
C TYR A 33 0.32 5.20 -0.04
N LEU A 34 0.51 4.18 0.79
CA LEU A 34 0.38 2.80 0.34
C LEU A 34 -0.75 2.65 -0.65
N ALA A 35 -0.56 1.77 -1.64
CA ALA A 35 -1.57 1.54 -2.66
C ALA A 35 -2.61 0.53 -2.17
N ASP A 36 -3.87 0.97 -2.11
CA ASP A 36 -4.96 0.12 -1.67
C ASP A 36 -5.15 -1.07 -2.62
N ASP A 37 -5.90 -2.06 -2.17
CA ASP A 37 -6.16 -3.24 -2.98
C ASP A 37 -7.64 -3.58 -3.00
N LEU A 38 -8.46 -2.60 -3.40
CA LEU A 38 -9.90 -2.79 -3.46
C LEU A 38 -10.43 -2.50 -4.86
N GLY A 39 -10.86 -3.55 -5.55
CA GLY A 39 -11.38 -3.39 -6.89
C GLY A 39 -10.98 -4.53 -7.82
N ASP A 40 -11.97 -5.29 -8.28
CA ASP A 40 -11.71 -6.41 -9.17
C ASP A 40 -10.55 -6.10 -10.11
N ASP A 41 -10.46 -4.85 -10.54
CA ASP A 41 -9.40 -4.43 -11.46
C ASP A 41 -8.14 -4.06 -10.68
N LYS A 42 -8.33 -3.36 -9.56
CA LYS A 42 -7.20 -2.94 -8.73
C LYS A 42 -6.33 -4.14 -8.35
N ASN A 43 -6.99 -5.24 -7.96
CA ASN A 43 -6.27 -6.44 -7.58
C ASN A 43 -5.66 -7.13 -8.80
N ASN A 44 -6.48 -7.34 -9.82
CA ASN A 44 -6.01 -7.98 -11.04
C ASN A 44 -4.76 -7.30 -11.57
N PHE A 45 -4.70 -5.98 -11.43
CA PHE A 45 -3.55 -5.21 -11.90
C PHE A 45 -2.30 -5.54 -11.08
N TYR A 46 -2.50 -5.74 -9.78
CA TYR A 46 -1.38 -6.05 -8.90
C TYR A 46 -0.93 -7.49 -9.08
N SER A 47 -1.86 -8.43 -8.94
CA SER A 47 -1.56 -9.84 -9.09
C SER A 47 -0.49 -10.06 -10.17
N SER A 48 -0.51 -9.20 -11.19
CA SER A 48 0.46 -9.30 -12.28
C SER A 48 1.86 -8.93 -11.80
N ILE A 49 2.00 -7.70 -11.31
CA ILE A 49 3.29 -7.22 -10.82
C ILE A 49 3.66 -7.89 -9.50
N ALA A 50 2.70 -8.60 -8.92
CA ALA A 50 2.93 -9.29 -7.65
C ALA A 50 3.36 -10.74 -7.89
N ALA A 51 3.90 -11.00 -9.09
CA ALA A 51 4.36 -12.33 -9.44
C ALA A 51 5.28 -12.90 -8.37
N ASN A 52 4.79 -13.88 -7.61
CA ASN A 52 5.58 -14.50 -6.56
C ASN A 52 6.26 -13.45 -5.69
N THR A 53 5.61 -12.28 -5.57
CA THR A 53 6.14 -11.20 -4.76
C THR A 53 5.17 -10.80 -3.65
N GLN A 54 5.71 -10.64 -2.45
CA GLN A 54 4.88 -10.27 -1.30
C GLN A 54 5.23 -8.86 -0.82
N PHE A 55 4.25 -7.97 -0.86
CA PHE A 55 4.45 -6.58 -0.43
C PHE A 55 3.27 -6.10 0.41
N TRP A 56 3.53 -5.11 1.25
CA TRP A 56 2.49 -4.56 2.13
C TRP A 56 1.44 -3.82 1.31
N ILE A 57 0.31 -3.52 1.94
CA ILE A 57 -0.78 -2.81 1.27
C ILE A 57 -1.42 -1.80 2.20
N GLY A 58 -2.41 -1.07 1.69
CA GLY A 58 -3.10 -0.08 2.49
C GLY A 58 -3.96 -0.71 3.58
N LEU A 59 -4.07 -2.03 3.56
CA LEU A 59 -4.86 -2.74 4.55
C LEU A 59 -4.07 -2.96 5.84
N PHE A 60 -4.63 -2.51 6.96
CA PHE A 60 -3.97 -2.65 8.25
C PHE A 60 -4.99 -2.63 9.38
N LYS A 61 -4.77 -3.47 10.39
CA LYS A 61 -5.67 -3.55 11.53
C LYS A 61 -5.41 -2.40 12.50
N ASN A 62 -6.49 -1.87 13.08
CA ASN A 62 -6.38 -0.77 14.03
C ASN A 62 -6.64 -1.25 15.46
N SER A 63 -6.37 -0.39 16.42
CA SER A 63 -6.58 -0.73 17.83
C SER A 63 -7.98 -1.27 18.06
N ASP A 64 -8.97 -0.59 17.48
CA ASP A 64 -10.36 -1.02 17.62
C ASP A 64 -10.53 -2.47 17.21
N GLY A 65 -9.64 -2.95 16.36
CA GLY A 65 -9.71 -4.33 15.91
C GLY A 65 -10.26 -4.45 14.50
N GLN A 66 -10.47 -3.32 13.84
CA GLN A 66 -11.00 -3.31 12.49
C GLN A 66 -9.90 -2.98 11.48
N PHE A 67 -10.15 -3.31 10.21
CA PHE A 67 -9.18 -3.04 9.15
C PHE A 67 -9.51 -1.75 8.42
N TYR A 68 -8.52 -0.88 8.27
CA TYR A 68 -8.71 0.39 7.60
C TYR A 68 -7.82 0.48 6.36
N TRP A 69 -7.91 1.60 5.65
CA TRP A 69 -7.12 1.82 4.45
C TRP A 69 -6.14 2.98 4.64
N ASP A 70 -4.86 2.70 4.46
CA ASP A 70 -3.83 3.72 4.61
C ASP A 70 -3.92 4.76 3.49
N ARG A 71 -4.22 5.99 3.86
CA ARG A 71 -4.33 7.07 2.88
C ARG A 71 -3.35 8.20 3.20
N GLY A 72 -2.21 7.84 3.79
CA GLY A 72 -1.22 8.84 4.14
C GLY A 72 -0.86 8.80 5.61
N GLN A 73 -0.32 9.91 6.11
CA GLN A 73 0.08 10.01 7.51
C GLN A 73 -1.00 10.70 8.33
N GLY A 74 -1.31 11.94 7.97
CA GLY A 74 -2.31 12.69 8.69
C GLY A 74 -3.69 12.59 8.05
N ILE A 75 -3.79 11.75 7.01
CA ILE A 75 -5.05 11.57 6.30
C ILE A 75 -5.95 10.60 7.06
N ASN A 76 -7.26 10.86 7.03
CA ASN A 76 -8.23 10.01 7.70
C ASN A 76 -8.33 8.66 7.01
N PRO A 77 -8.05 7.58 7.76
CA PRO A 77 -8.11 6.22 7.25
C PRO A 77 -9.54 5.77 6.96
N ASP A 78 -9.70 4.97 5.91
CA ASP A 78 -11.02 4.47 5.52
C ASP A 78 -11.27 3.09 6.13
N LEU A 79 -12.50 2.88 6.60
CA LEU A 79 -12.88 1.60 7.21
C LEU A 79 -13.31 0.59 6.15
N LEU A 80 -12.57 -0.50 6.05
CA LEU A 80 -12.87 -1.55 5.08
C LEU A 80 -14.36 -1.91 5.12
N ASN A 81 -15.13 -1.31 4.22
CA ASN A 81 -16.56 -1.57 4.15
C ASN A 81 -16.96 -2.01 2.74
N GLN A 82 -16.09 -2.76 2.09
CA GLN A 82 -16.36 -3.24 0.74
C GLN A 82 -16.91 -4.66 0.76
N PRO A 83 -17.87 -4.94 -0.14
CA PRO A 83 -18.49 -6.27 -0.23
C PRO A 83 -17.54 -7.33 -0.78
N ILE A 84 -16.62 -6.89 -1.65
CA ILE A 84 -15.65 -7.81 -2.24
C ILE A 84 -14.33 -7.76 -1.48
N THR A 85 -13.82 -8.94 -1.14
CA THR A 85 -12.56 -9.04 -0.41
C THR A 85 -11.67 -10.13 -1.00
N TYR A 86 -10.41 -10.16 -0.57
CA TYR A 86 -9.46 -11.14 -1.06
C TYR A 86 -8.86 -11.95 0.09
N TRP A 87 -9.47 -11.82 1.27
CA TRP A 87 -9.00 -12.53 2.45
C TRP A 87 -8.63 -13.97 2.10
N ALA A 88 -7.48 -14.41 2.60
CA ALA A 88 -7.01 -15.77 2.35
C ALA A 88 -7.80 -16.79 3.16
N ASN A 89 -7.39 -18.05 3.07
CA ASN A 89 -8.07 -19.12 3.80
C ASN A 89 -8.00 -18.88 5.30
N GLY A 90 -9.17 -18.74 5.93
CA GLY A 90 -9.22 -18.51 7.36
C GLY A 90 -8.82 -17.10 7.74
N GLU A 91 -8.81 -16.21 6.74
CA GLU A 91 -8.43 -14.82 6.98
C GLU A 91 -9.68 -13.93 7.03
N PRO A 92 -9.57 -12.81 7.76
CA PRO A 92 -8.34 -12.44 8.46
C PRO A 92 -8.05 -13.35 9.65
N SER A 93 -6.77 -13.56 9.94
CA SER A 93 -6.36 -14.42 11.04
C SER A 93 -6.72 -13.78 12.38
N ASN A 94 -7.15 -14.61 13.33
CA ASN A 94 -7.52 -14.13 14.66
C ASN A 94 -6.33 -14.20 15.62
N ASP A 95 -5.21 -13.61 15.21
CA ASP A 95 -4.01 -13.62 16.04
C ASP A 95 -3.67 -12.21 16.51
N PRO A 96 -3.25 -12.09 17.78
CA PRO A 96 -2.89 -10.81 18.38
C PRO A 96 -1.60 -10.25 17.80
N THR A 97 -0.68 -11.13 17.44
CA THR A 97 0.60 -10.72 16.87
C THR A 97 0.42 -10.14 15.48
N ARG A 98 -0.33 -10.85 14.64
CA ARG A 98 -0.57 -10.40 13.27
C ARG A 98 -1.73 -9.41 13.22
N GLN A 99 -1.44 -8.18 12.83
CA GLN A 99 -2.46 -7.15 12.75
C GLN A 99 -2.51 -6.54 11.35
N CYS A 100 -1.34 -6.37 10.75
CA CYS A 100 -1.24 -5.80 9.41
C CYS A 100 -1.51 -6.87 8.34
N VAL A 101 -1.60 -6.43 7.09
CA VAL A 101 -1.84 -7.35 5.99
C VAL A 101 -0.92 -7.05 4.80
N TYR A 102 -0.47 -8.09 4.13
CA TYR A 102 0.41 -7.94 2.98
C TYR A 102 -0.02 -8.85 1.84
N PHE A 103 -0.01 -8.31 0.62
CA PHE A 103 -0.41 -9.06 -0.56
C PHE A 103 0.50 -10.27 -0.76
N ASP A 104 -0.10 -11.45 -0.81
CA ASP A 104 0.65 -12.69 -1.00
C ASP A 104 0.71 -13.07 -2.47
N GLY A 105 1.83 -12.76 -3.12
CA GLY A 105 1.97 -13.08 -4.53
C GLY A 105 2.31 -14.54 -4.75
N ARG A 106 2.94 -15.16 -3.76
CA ARG A 106 3.33 -16.56 -3.86
C ARG A 106 2.22 -17.46 -3.35
N SER A 107 1.01 -16.92 -3.25
CA SER A 107 -0.14 -17.67 -2.77
C SER A 107 -0.67 -18.62 -3.84
N GLY A 108 -1.48 -19.58 -3.44
CA GLY A 108 -2.03 -20.53 -4.39
C GLY A 108 -3.07 -19.90 -5.30
N ASP A 109 -3.72 -18.84 -4.81
CA ASP A 109 -4.73 -18.15 -5.60
C ASP A 109 -4.69 -16.65 -5.33
N LYS A 110 -5.17 -15.86 -6.29
CA LYS A 110 -5.20 -14.41 -6.15
C LYS A 110 -6.31 -13.97 -5.21
N SER A 111 -7.36 -14.78 -5.12
CA SER A 111 -8.50 -14.47 -4.25
C SER A 111 -8.11 -14.63 -2.78
N LYS A 112 -7.00 -15.33 -2.54
CA LYS A 112 -6.53 -15.56 -1.19
C LYS A 112 -5.14 -14.97 -0.99
N VAL A 113 -4.92 -13.77 -1.52
CA VAL A 113 -3.64 -13.09 -1.41
C VAL A 113 -3.56 -12.28 -0.13
N TRP A 114 -4.71 -11.86 0.38
CA TRP A 114 -4.78 -11.08 1.61
C TRP A 114 -4.40 -11.93 2.82
N THR A 115 -3.18 -11.73 3.32
CA THR A 115 -2.71 -12.48 4.47
C THR A 115 -2.21 -11.54 5.57
N THR A 116 -2.69 -11.75 6.80
CA THR A 116 -2.30 -10.93 7.93
C THR A 116 -0.97 -11.40 8.52
N ASP A 117 -0.15 -10.45 8.95
CA ASP A 117 1.14 -10.78 9.53
C ASP A 117 1.66 -9.62 10.38
N THR A 118 2.66 -9.91 11.22
CA THR A 118 3.23 -8.89 12.09
C THR A 118 3.65 -7.66 11.30
N CYS A 119 3.55 -6.49 11.93
CA CYS A 119 3.92 -5.24 11.28
C CYS A 119 5.39 -4.93 11.49
N ALA A 120 6.20 -5.97 11.65
CA ALA A 120 7.63 -5.82 11.86
C ALA A 120 8.42 -6.54 10.78
N THR A 121 7.75 -7.41 10.04
CA THR A 121 8.39 -8.17 8.98
C THR A 121 8.81 -7.27 7.83
N PRO A 122 10.11 -7.26 7.52
CA PRO A 122 10.66 -6.45 6.43
C PRO A 122 10.24 -6.95 5.06
N ARG A 123 9.31 -6.22 4.43
CA ARG A 123 8.82 -6.60 3.11
C ARG A 123 8.63 -5.36 2.24
N PRO A 124 8.58 -5.57 0.92
CA PRO A 124 8.39 -4.49 -0.06
C PRO A 124 6.99 -3.90 0.00
N PHE A 125 6.83 -2.71 -0.58
CA PHE A 125 5.54 -2.04 -0.60
C PHE A 125 5.36 -1.22 -1.88
N ILE A 126 4.24 -0.52 -1.97
CA ILE A 126 3.96 0.31 -3.15
C ILE A 126 3.30 1.62 -2.75
N CYS A 127 3.94 2.72 -3.13
CA CYS A 127 3.42 4.05 -2.80
C CYS A 127 2.46 4.54 -3.89
N GLN A 128 1.40 5.22 -3.47
CA GLN A 128 0.40 5.74 -4.41
C GLN A 128 0.16 7.22 -4.18
N LYS A 129 0.18 7.99 -5.26
CA LYS A 129 -0.04 9.43 -5.18
C LYS A 129 -1.53 9.76 -5.26
N HIS A 130 -1.95 10.79 -4.53
CA HIS A 130 -3.34 11.21 -4.52
C HIS A 130 -3.78 11.69 -5.91
N ARG A 131 -5.08 11.58 -6.18
CA ARG A 131 -5.62 12.01 -7.46
C ARG A 131 -6.38 13.31 -7.33
N TYR A 132 -5.64 14.41 -7.12
CA TYR A 132 -6.26 15.71 -6.97
C TYR A 132 -5.50 16.76 -7.77
N ASP A 133 -6.22 17.77 -8.25
CA ASP A 133 -5.62 18.85 -9.03
C ASP A 133 -4.31 19.31 -8.40
N SER A 134 -3.45 19.94 -9.19
CA SER A 134 -2.18 20.44 -8.71
C SER A 134 -1.31 19.29 -8.20
N ASP A 135 -1.20 18.24 -9.00
CA ASP A 135 -0.40 17.08 -8.63
C ASP A 135 1.03 17.48 -8.32
N HIS A 136 1.38 17.52 -7.05
CA HIS A 136 2.73 17.89 -6.62
C HIS A 136 3.72 16.78 -6.93
N LYS A 137 4.99 17.14 -7.12
CA LYS A 137 6.03 16.17 -7.41
C LYS A 137 7.36 16.60 -6.79
N PRO A 138 8.03 15.64 -6.13
CA PRO A 138 9.33 15.89 -5.49
C PRO A 138 10.44 16.13 -6.49
N ASN A 139 11.40 16.99 -6.12
CA ASN A 139 12.52 17.31 -7.00
C ASN A 139 13.83 16.81 -6.40
N THR A 140 14.14 15.55 -6.63
CA THR A 140 15.37 14.96 -6.12
C THR A 140 16.15 14.23 -7.21
N ILE A 141 17.34 13.76 -6.88
CA ILE A 141 18.18 13.05 -7.84
C ILE A 141 17.74 11.59 -7.98
N GLY A 142 17.37 11.20 -9.19
CA GLY A 142 16.95 9.84 -9.43
C GLY A 142 17.31 9.35 -10.82
N ASP A 143 17.77 8.10 -10.90
CA ASP A 143 18.16 7.53 -12.18
C ASP A 143 18.33 6.01 -12.06
N ALA A 144 17.36 5.27 -12.61
CA ALA A 144 17.41 3.81 -12.57
C ALA A 144 17.37 3.22 -13.97
N SER A 145 17.86 1.98 -14.10
CA SER A 145 17.89 1.30 -15.38
C SER A 145 16.63 0.49 -15.61
N GLY A 146 16.27 -0.31 -14.60
CA GLY A 146 15.07 -1.12 -14.70
C GLY A 146 15.39 -2.60 -14.92
N PRO A 147 14.80 -3.46 -14.08
CA PRO A 147 15.03 -4.91 -14.15
C PRO A 147 14.38 -5.52 -15.38
N SER A 148 13.19 -5.04 -15.72
CA SER A 148 12.46 -5.56 -16.88
C SER A 148 12.82 -4.76 -18.14
N SER A 149 12.70 -5.40 -19.29
CA SER A 149 13.01 -4.77 -20.56
C SER A 149 11.82 -3.98 -21.09
N GLY A 150 12.04 -2.69 -21.37
CA GLY A 150 10.97 -1.85 -21.87
C GLY A 150 11.16 -1.49 -23.33
N GLY A 1 22.68 22.59 -17.34
CA GLY A 1 22.49 21.26 -16.80
C GLY A 1 21.15 20.67 -17.18
N SER A 2 20.67 19.75 -16.36
CA SER A 2 19.38 19.10 -16.61
C SER A 2 18.62 18.89 -15.30
N SER A 3 17.31 19.16 -15.34
CA SER A 3 16.47 19.00 -14.16
C SER A 3 15.29 18.07 -14.46
N GLY A 4 14.52 17.76 -13.41
CA GLY A 4 13.37 16.89 -13.58
C GLY A 4 13.73 15.43 -13.41
N SER A 5 14.21 15.08 -12.22
CA SER A 5 14.59 13.70 -11.94
C SER A 5 13.59 13.04 -10.99
N SER A 6 12.99 11.93 -11.44
CA SER A 6 12.02 11.21 -10.64
C SER A 6 12.71 10.34 -9.60
N GLY A 7 12.06 10.18 -8.45
CA GLY A 7 12.63 9.36 -7.39
C GLY A 7 11.83 8.10 -7.13
N VAL A 8 11.02 8.12 -6.08
CA VAL A 8 10.20 6.97 -5.72
C VAL A 8 9.14 6.69 -6.79
N LYS A 9 9.13 5.47 -7.30
CA LYS A 9 8.18 5.07 -8.33
C LYS A 9 6.87 4.61 -7.71
N PHE A 10 5.75 5.05 -8.30
CA PHE A 10 4.43 4.67 -7.80
C PHE A 10 3.94 3.40 -8.48
N LEU A 11 2.92 2.77 -7.87
CA LEU A 11 2.36 1.56 -8.42
C LEU A 11 3.45 0.58 -8.82
N THR A 12 4.59 0.65 -8.14
CA THR A 12 5.72 -0.23 -8.41
C THR A 12 6.33 -0.76 -7.13
N VAL A 13 6.51 -2.08 -7.06
CA VAL A 13 7.11 -2.71 -5.88
C VAL A 13 8.56 -2.27 -5.69
N ASN A 14 8.81 -1.58 -4.58
CA ASN A 14 10.16 -1.10 -4.27
C ASN A 14 10.94 -2.14 -3.48
N ASP A 15 11.95 -2.73 -4.12
CA ASP A 15 12.78 -3.74 -3.47
C ASP A 15 12.99 -3.41 -2.00
N ASP A 16 13.46 -2.19 -1.72
CA ASP A 16 13.70 -1.76 -0.35
C ASP A 16 12.64 -2.32 0.59
N ILE A 17 13.01 -3.35 1.34
CA ILE A 17 12.09 -3.98 2.28
C ILE A 17 11.98 -3.17 3.57
N LEU A 18 10.76 -2.90 4.00
CA LEU A 18 10.51 -2.13 5.22
C LEU A 18 9.21 -2.56 5.87
N SER A 19 9.21 -2.61 7.21
CA SER A 19 8.03 -3.00 7.96
C SER A 19 6.87 -2.05 7.68
N MET A 20 5.70 -2.36 8.22
CA MET A 20 4.51 -1.54 8.03
C MET A 20 4.75 -0.13 8.55
N PRO A 21 5.23 -0.02 9.80
CA PRO A 21 5.52 1.27 10.43
C PRO A 21 6.71 1.97 9.81
N GLN A 22 7.37 1.30 8.87
CA GLN A 22 8.53 1.87 8.20
C GLN A 22 8.20 2.24 6.76
N ALA A 23 7.31 1.47 6.15
CA ALA A 23 6.90 1.73 4.77
C ALA A 23 5.98 2.94 4.68
N ARG A 24 4.83 2.87 5.36
CA ARG A 24 3.87 3.96 5.36
C ARG A 24 4.57 5.30 5.58
N ASN A 25 5.49 5.33 6.53
CA ASN A 25 6.22 6.55 6.84
C ASN A 25 7.11 6.97 5.66
N PHE A 26 7.62 5.98 4.94
CA PHE A 26 8.48 6.24 3.79
C PHE A 26 7.69 6.90 2.65
N CYS A 27 6.69 6.17 2.14
CA CYS A 27 5.87 6.67 1.06
C CYS A 27 5.42 8.11 1.33
N ALA A 28 5.01 8.37 2.57
CA ALA A 28 4.56 9.70 2.96
C ALA A 28 5.66 10.73 2.75
N SER A 29 6.86 10.42 3.25
CA SER A 29 7.99 11.33 3.12
C SER A 29 8.29 11.61 1.65
N ALA A 30 8.30 10.57 0.84
CA ALA A 30 8.58 10.71 -0.58
C ALA A 30 7.50 11.54 -1.27
N GLY A 31 6.25 11.29 -0.91
CA GLY A 31 5.14 12.02 -1.49
C GLY A 31 4.01 11.12 -1.92
N GLY A 32 3.67 10.15 -1.06
CA GLY A 32 2.60 9.23 -1.38
C GLY A 32 2.19 8.38 -0.18
N TYR A 33 1.52 7.27 -0.44
CA TYR A 33 1.08 6.38 0.62
C TYR A 33 0.80 4.99 0.08
N LEU A 34 0.73 4.00 0.99
CA LEU A 34 0.48 2.63 0.60
C LEU A 34 -0.67 2.54 -0.40
N ALA A 35 -0.49 1.74 -1.45
CA ALA A 35 -1.51 1.58 -2.47
C ALA A 35 -2.56 0.56 -2.04
N ASP A 36 -3.79 1.03 -1.82
CA ASP A 36 -4.88 0.17 -1.40
C ASP A 36 -5.17 -0.88 -2.46
N ASP A 37 -5.87 -1.94 -2.06
CA ASP A 37 -6.23 -3.01 -2.97
C ASP A 37 -7.70 -3.38 -2.84
N LEU A 38 -8.57 -2.47 -3.28
CA LEU A 38 -10.01 -2.70 -3.21
C LEU A 38 -10.65 -2.57 -4.59
N GLY A 39 -10.81 -3.71 -5.26
CA GLY A 39 -11.41 -3.70 -6.58
C GLY A 39 -10.90 -4.83 -7.46
N ASP A 40 -11.79 -5.39 -8.28
CA ASP A 40 -11.42 -6.49 -9.16
C ASP A 40 -10.27 -6.09 -10.08
N ASP A 41 -10.34 -4.88 -10.62
CA ASP A 41 -9.30 -4.36 -11.51
C ASP A 41 -8.09 -3.90 -10.72
N LYS A 42 -8.33 -3.34 -9.53
CA LYS A 42 -7.26 -2.85 -8.68
C LYS A 42 -6.36 -4.00 -8.23
N ASN A 43 -6.98 -5.09 -7.78
CA ASN A 43 -6.23 -6.25 -7.31
C ASN A 43 -5.60 -7.00 -8.48
N ASN A 44 -6.39 -7.24 -9.52
CA ASN A 44 -5.91 -7.94 -10.71
C ASN A 44 -4.66 -7.27 -11.27
N PHE A 45 -4.63 -5.94 -11.20
CA PHE A 45 -3.49 -5.18 -11.69
C PHE A 45 -2.22 -5.50 -10.90
N TYR A 46 -2.35 -5.52 -9.58
CA TYR A 46 -1.22 -5.81 -8.71
C TYR A 46 -0.72 -7.24 -8.91
N SER A 47 -1.65 -8.20 -8.86
CA SER A 47 -1.30 -9.60 -9.04
C SER A 47 -0.21 -9.77 -10.10
N SER A 48 -0.36 -9.05 -11.21
CA SER A 48 0.62 -9.11 -12.29
C SER A 48 2.01 -8.78 -11.79
N ILE A 49 2.19 -7.55 -11.32
CA ILE A 49 3.48 -7.11 -10.80
C ILE A 49 3.87 -7.88 -9.55
N ALA A 50 2.88 -8.50 -8.93
CA ALA A 50 3.11 -9.28 -7.70
C ALA A 50 3.53 -10.72 -8.04
N ALA A 51 4.06 -10.90 -9.25
CA ALA A 51 4.50 -12.23 -9.69
C ALA A 51 5.44 -12.86 -8.68
N ASN A 52 4.90 -13.73 -7.83
CA ASN A 52 5.70 -14.39 -6.81
C ASN A 52 6.36 -13.38 -5.87
N THR A 53 5.72 -12.23 -5.71
CA THR A 53 6.24 -11.18 -4.85
C THR A 53 5.16 -10.68 -3.89
N GLN A 54 5.48 -10.66 -2.60
CA GLN A 54 4.54 -10.20 -1.59
C GLN A 54 4.96 -8.84 -1.04
N PHE A 55 4.01 -7.92 -0.96
CA PHE A 55 4.28 -6.58 -0.45
C PHE A 55 3.14 -6.08 0.42
N TRP A 56 3.39 -5.04 1.20
CA TRP A 56 2.38 -4.48 2.09
C TRP A 56 1.32 -3.73 1.28
N ILE A 57 0.24 -3.35 1.96
CA ILE A 57 -0.85 -2.63 1.31
C ILE A 57 -1.52 -1.66 2.27
N GLY A 58 -2.55 -0.97 1.79
CA GLY A 58 -3.26 -0.02 2.62
C GLY A 58 -4.10 -0.70 3.69
N LEU A 59 -4.38 -1.99 3.49
CA LEU A 59 -5.17 -2.75 4.45
C LEU A 59 -4.38 -3.05 5.71
N PHE A 60 -4.86 -2.52 6.83
CA PHE A 60 -4.19 -2.74 8.11
C PHE A 60 -5.21 -2.77 9.26
N LYS A 61 -4.96 -3.65 10.23
CA LYS A 61 -5.86 -3.78 11.37
C LYS A 61 -5.60 -2.68 12.40
N ASN A 62 -6.67 -2.20 13.03
CA ASN A 62 -6.56 -1.14 14.02
C ASN A 62 -6.69 -1.71 15.43
N SER A 63 -6.56 -0.83 16.43
CA SER A 63 -6.65 -1.25 17.82
C SER A 63 -7.92 -2.05 18.07
N ASP A 64 -9.07 -1.46 17.71
CA ASP A 64 -10.36 -2.11 17.89
C ASP A 64 -10.30 -3.55 17.41
N GLY A 65 -9.75 -3.76 16.21
CA GLY A 65 -9.66 -5.10 15.66
C GLY A 65 -10.22 -5.18 14.25
N GLN A 66 -10.56 -4.03 13.68
CA GLN A 66 -11.11 -3.98 12.33
C GLN A 66 -10.04 -3.58 11.32
N PHE A 67 -10.28 -3.91 10.05
CA PHE A 67 -9.33 -3.59 8.99
C PHE A 67 -9.69 -2.26 8.33
N TYR A 68 -8.70 -1.37 8.23
CA TYR A 68 -8.92 -0.06 7.63
C TYR A 68 -8.04 0.12 6.39
N TRP A 69 -8.11 1.30 5.79
CA TRP A 69 -7.32 1.60 4.60
C TRP A 69 -6.41 2.81 4.84
N ASP A 70 -5.14 2.66 4.51
CA ASP A 70 -4.18 3.74 4.68
C ASP A 70 -4.43 4.86 3.68
N ARG A 71 -4.93 5.99 4.17
CA ARG A 71 -5.22 7.14 3.32
C ARG A 71 -4.18 8.23 3.51
N GLY A 72 -2.95 7.82 3.80
CA GLY A 72 -1.88 8.79 4.00
C GLY A 72 -1.44 8.88 5.45
N GLN A 73 -0.52 9.80 5.74
CA GLN A 73 -0.03 9.99 7.09
C GLN A 73 -0.92 10.95 7.87
N GLY A 74 -1.43 10.48 9.00
CA GLY A 74 -2.30 11.32 9.83
C GLY A 74 -3.73 11.33 9.33
N ILE A 75 -3.89 11.37 8.01
CA ILE A 75 -5.22 11.39 7.41
C ILE A 75 -6.11 10.29 7.99
N ASN A 76 -7.38 10.61 8.17
CA ASN A 76 -8.33 9.65 8.72
C ASN A 76 -8.47 8.44 7.81
N PRO A 77 -8.27 7.24 8.37
CA PRO A 77 -8.36 5.98 7.63
C PRO A 77 -9.80 5.65 7.23
N ASP A 78 -9.96 4.59 6.45
CA ASP A 78 -11.28 4.17 5.99
C ASP A 78 -11.59 2.75 6.48
N LEU A 79 -12.84 2.53 6.88
CA LEU A 79 -13.26 1.23 7.37
C LEU A 79 -13.64 0.31 6.21
N LEU A 80 -12.95 -0.82 6.10
CA LEU A 80 -13.21 -1.78 5.04
C LEU A 80 -14.67 -2.22 5.05
N ASN A 81 -15.50 -1.56 4.25
CA ASN A 81 -16.92 -1.88 4.16
C ASN A 81 -17.28 -2.38 2.78
N GLN A 82 -16.31 -2.99 2.10
CA GLN A 82 -16.54 -3.51 0.76
C GLN A 82 -17.04 -4.95 0.81
N PRO A 83 -17.99 -5.28 -0.07
CA PRO A 83 -18.57 -6.63 -0.15
C PRO A 83 -17.59 -7.66 -0.68
N ILE A 84 -16.68 -7.22 -1.55
CA ILE A 84 -15.68 -8.11 -2.13
C ILE A 84 -14.41 -8.11 -1.30
N THR A 85 -13.86 -9.30 -1.08
CA THR A 85 -12.63 -9.44 -0.30
C THR A 85 -11.73 -10.53 -0.88
N TYR A 86 -10.43 -10.37 -0.70
CA TYR A 86 -9.46 -11.34 -1.21
C TYR A 86 -8.88 -12.17 -0.08
N TRP A 87 -9.41 -11.98 1.13
CA TRP A 87 -8.94 -12.71 2.29
C TRP A 87 -8.53 -14.14 1.92
N ALA A 88 -7.33 -14.53 2.33
CA ALA A 88 -6.83 -15.87 2.03
C ALA A 88 -7.65 -16.94 2.75
N ASN A 89 -7.33 -18.19 2.49
CA ASN A 89 -8.04 -19.31 3.11
C ASN A 89 -8.10 -19.15 4.62
N GLY A 90 -9.26 -18.81 5.14
CA GLY A 90 -9.43 -18.62 6.58
C GLY A 90 -9.34 -17.16 6.98
N GLU A 91 -8.56 -16.39 6.26
CA GLU A 91 -8.40 -14.96 6.56
C GLU A 91 -9.76 -14.25 6.53
N PRO A 92 -9.85 -13.14 7.27
CA PRO A 92 -8.73 -12.62 8.07
C PRO A 92 -8.41 -13.52 9.26
N SER A 93 -7.12 -13.63 9.58
CA SER A 93 -6.69 -14.46 10.70
C SER A 93 -6.78 -13.68 12.01
N ASN A 94 -7.60 -14.20 12.93
CA ASN A 94 -7.78 -13.55 14.23
C ASN A 94 -6.59 -13.81 15.13
N ASP A 95 -5.40 -13.44 14.65
CA ASP A 95 -4.17 -13.62 15.43
C ASP A 95 -3.76 -12.32 16.10
N PRO A 96 -3.30 -12.42 17.35
CA PRO A 96 -2.86 -11.25 18.13
C PRO A 96 -1.55 -10.67 17.61
N THR A 97 -0.68 -11.54 17.11
CA THR A 97 0.60 -11.10 16.57
C THR A 97 0.44 -10.45 15.21
N ARG A 98 -0.37 -11.07 14.35
CA ARG A 98 -0.61 -10.55 13.02
C ARG A 98 -1.75 -9.53 13.02
N GLN A 99 -1.44 -8.30 12.65
CA GLN A 99 -2.44 -7.24 12.62
C GLN A 99 -2.49 -6.58 11.25
N CYS A 100 -1.32 -6.40 10.64
CA CYS A 100 -1.22 -5.78 9.33
C CYS A 100 -1.40 -6.82 8.22
N VAL A 101 -1.94 -6.39 7.09
CA VAL A 101 -2.15 -7.28 5.95
C VAL A 101 -1.16 -6.98 4.83
N TYR A 102 -0.76 -8.02 4.11
CA TYR A 102 0.18 -7.88 3.01
C TYR A 102 -0.26 -8.70 1.80
N PHE A 103 -0.10 -8.13 0.62
CA PHE A 103 -0.48 -8.80 -0.62
C PHE A 103 0.36 -10.07 -0.82
N ASP A 104 -0.22 -11.21 -0.46
CA ASP A 104 0.48 -12.49 -0.60
C ASP A 104 0.43 -12.97 -2.05
N GLY A 105 1.43 -12.57 -2.83
CA GLY A 105 1.48 -12.98 -4.22
C GLY A 105 1.82 -14.44 -4.39
N ARG A 106 2.71 -14.95 -3.53
CA ARG A 106 3.13 -16.34 -3.58
C ARG A 106 2.14 -17.23 -2.84
N SER A 107 0.90 -16.77 -2.71
CA SER A 107 -0.13 -17.52 -2.00
C SER A 107 -0.77 -18.55 -2.94
N GLY A 108 -0.11 -18.82 -4.06
CA GLY A 108 -0.63 -19.79 -5.01
C GLY A 108 -1.69 -19.20 -5.92
N ASP A 109 -2.43 -18.22 -5.39
CA ASP A 109 -3.49 -17.57 -6.16
C ASP A 109 -3.52 -16.07 -5.88
N LYS A 110 -4.37 -15.35 -6.60
CA LYS A 110 -4.51 -13.91 -6.43
C LYS A 110 -5.75 -13.57 -5.62
N SER A 111 -6.69 -14.51 -5.56
CA SER A 111 -7.93 -14.30 -4.82
C SER A 111 -7.74 -14.58 -3.34
N LYS A 112 -6.57 -15.12 -3.00
CA LYS A 112 -6.25 -15.43 -1.61
C LYS A 112 -4.91 -14.82 -1.20
N VAL A 113 -4.64 -13.61 -1.68
CA VAL A 113 -3.39 -12.92 -1.37
C VAL A 113 -3.49 -12.20 -0.04
N TRP A 114 -4.69 -11.73 0.30
CA TRP A 114 -4.91 -11.02 1.55
C TRP A 114 -4.56 -11.90 2.75
N THR A 115 -3.35 -11.72 3.27
CA THR A 115 -2.90 -12.49 4.41
C THR A 115 -2.42 -11.59 5.55
N THR A 116 -2.76 -11.95 6.78
CA THR A 116 -2.37 -11.17 7.94
C THR A 116 -0.99 -11.58 8.44
N ASP A 117 -0.21 -10.62 8.93
CA ASP A 117 1.12 -10.89 9.44
C ASP A 117 1.58 -9.77 10.37
N THR A 118 2.71 -9.99 11.04
CA THR A 118 3.26 -9.01 11.96
C THR A 118 3.70 -7.74 11.23
N CYS A 119 3.54 -6.59 11.88
CA CYS A 119 3.92 -5.32 11.29
C CYS A 119 5.38 -5.00 11.58
N ALA A 120 6.18 -6.04 11.76
CA ALA A 120 7.61 -5.88 12.04
C ALA A 120 8.46 -6.58 10.99
N THR A 121 7.82 -7.40 10.17
CA THR A 121 8.52 -8.15 9.13
C THR A 121 8.86 -7.24 7.94
N PRO A 122 10.15 -7.24 7.56
CA PRO A 122 10.63 -6.43 6.44
C PRO A 122 10.12 -6.93 5.09
N ARG A 123 9.21 -6.17 4.49
CA ARG A 123 8.64 -6.54 3.20
C ARG A 123 8.48 -5.31 2.31
N PRO A 124 8.45 -5.54 0.98
CA PRO A 124 8.29 -4.47 0.00
C PRO A 124 6.90 -3.85 0.02
N PHE A 125 6.76 -2.68 -0.57
CA PHE A 125 5.48 -1.98 -0.62
C PHE A 125 5.32 -1.21 -1.93
N ILE A 126 4.22 -0.49 -2.05
CA ILE A 126 3.95 0.30 -3.26
C ILE A 126 3.28 1.62 -2.90
N CYS A 127 3.92 2.72 -3.29
CA CYS A 127 3.41 4.05 -3.02
C CYS A 127 2.45 4.50 -4.12
N GLN A 128 1.35 5.13 -3.74
CA GLN A 128 0.36 5.60 -4.69
C GLN A 128 -0.02 7.04 -4.41
N LYS A 129 -0.24 7.82 -5.47
CA LYS A 129 -0.61 9.22 -5.33
C LYS A 129 -2.11 9.37 -5.13
N HIS A 130 -2.54 10.55 -4.70
CA HIS A 130 -3.96 10.82 -4.45
C HIS A 130 -4.62 11.35 -5.72
N ARG A 131 -5.95 11.33 -5.74
CA ARG A 131 -6.71 11.81 -6.89
C ARG A 131 -6.84 13.33 -6.84
N TYR A 132 -6.59 13.97 -7.99
CA TYR A 132 -6.68 15.42 -8.09
C TYR A 132 -7.97 15.93 -7.45
N ASP A 133 -9.04 15.15 -7.59
CA ASP A 133 -10.33 15.53 -7.02
C ASP A 133 -10.67 14.68 -5.81
N SER A 134 -9.76 14.64 -4.85
CA SER A 134 -9.95 13.86 -3.63
C SER A 134 -10.34 14.76 -2.46
N ASP A 135 -11.20 15.74 -2.74
CA ASP A 135 -11.67 16.66 -1.71
C ASP A 135 -12.94 16.14 -1.04
N HIS A 136 -12.99 16.24 0.28
CA HIS A 136 -14.15 15.79 1.04
C HIS A 136 -14.01 16.12 2.51
N LYS A 137 -14.96 16.89 3.04
CA LYS A 137 -14.94 17.29 4.44
C LYS A 137 -16.09 16.65 5.20
N PRO A 138 -15.75 15.82 6.21
CA PRO A 138 -16.75 15.14 7.04
C PRO A 138 -17.50 16.09 7.95
N ASN A 139 -16.76 16.91 8.69
CA ASN A 139 -17.36 17.87 9.61
C ASN A 139 -16.36 18.95 9.99
N THR A 140 -16.86 20.16 10.22
CA THR A 140 -16.00 21.29 10.59
C THR A 140 -16.22 21.68 12.05
N ILE A 141 -17.30 21.17 12.64
CA ILE A 141 -17.62 21.47 14.03
C ILE A 141 -18.67 20.51 14.57
N GLY A 142 -18.46 20.05 15.80
CA GLY A 142 -19.40 19.13 16.42
C GLY A 142 -19.73 19.50 17.85
N ASP A 143 -20.55 18.68 18.50
CA ASP A 143 -20.95 18.93 19.88
C ASP A 143 -21.49 17.67 20.53
N ALA A 144 -21.41 17.61 21.86
CA ALA A 144 -21.89 16.45 22.61
C ALA A 144 -22.71 16.88 23.81
N SER A 145 -23.49 15.95 24.35
CA SER A 145 -24.33 16.24 25.52
C SER A 145 -23.77 15.56 26.76
N GLY A 146 -24.42 15.80 27.90
CA GLY A 146 -23.99 15.21 29.15
C GLY A 146 -24.21 13.71 29.19
N PRO A 147 -24.25 13.15 30.40
CA PRO A 147 -24.45 11.72 30.61
C PRO A 147 -25.88 11.28 30.25
N SER A 148 -26.69 12.24 29.82
CA SER A 148 -28.08 11.95 29.45
C SER A 148 -28.81 11.27 30.60
N SER A 149 -28.58 11.77 31.81
CA SER A 149 -29.22 11.21 33.00
C SER A 149 -30.26 12.17 33.57
N GLY A 150 -31.48 12.08 33.05
CA GLY A 150 -32.55 12.95 33.51
C GLY A 150 -33.18 13.73 32.38
N GLY A 1 13.71 16.73 -21.31
CA GLY A 1 13.34 15.41 -21.80
C GLY A 1 11.97 14.97 -21.33
N SER A 2 11.92 13.85 -20.63
CA SER A 2 10.66 13.32 -20.11
C SER A 2 10.84 12.74 -18.72
N SER A 3 10.11 13.29 -17.75
CA SER A 3 10.20 12.83 -16.37
C SER A 3 8.93 13.19 -15.60
N GLY A 4 8.51 12.30 -14.71
CA GLY A 4 7.31 12.53 -13.93
C GLY A 4 7.59 12.53 -12.43
N SER A 5 8.08 11.40 -11.94
CA SER A 5 8.39 11.25 -10.52
C SER A 5 9.71 11.93 -10.18
N SER A 6 9.92 12.20 -8.89
CA SER A 6 11.14 12.86 -8.43
C SER A 6 12.13 11.82 -7.91
N GLY A 7 11.71 11.05 -6.92
CA GLY A 7 12.59 10.04 -6.34
C GLY A 7 11.98 8.65 -6.41
N VAL A 8 11.10 8.33 -5.46
CA VAL A 8 10.46 7.02 -5.42
C VAL A 8 9.35 6.93 -6.47
N LYS A 9 9.25 5.77 -7.11
CA LYS A 9 8.24 5.56 -8.14
C LYS A 9 6.86 5.34 -7.51
N PHE A 10 5.83 5.33 -8.34
CA PHE A 10 4.46 5.14 -7.86
C PHE A 10 3.85 3.88 -8.46
N LEU A 11 2.95 3.25 -7.72
CA LEU A 11 2.30 2.03 -8.17
C LEU A 11 3.33 0.99 -8.63
N THR A 12 4.46 0.96 -7.96
CA THR A 12 5.53 0.03 -8.30
C THR A 12 6.15 -0.58 -7.04
N VAL A 13 6.41 -1.89 -7.09
CA VAL A 13 6.99 -2.59 -5.95
C VAL A 13 8.44 -2.16 -5.73
N ASN A 14 8.69 -1.56 -4.57
CA ASN A 14 10.03 -1.10 -4.23
C ASN A 14 10.82 -2.19 -3.49
N ASP A 15 11.80 -2.77 -4.17
CA ASP A 15 12.61 -3.82 -3.58
C ASP A 15 12.88 -3.54 -2.10
N ASP A 16 13.42 -2.36 -1.83
CA ASP A 16 13.73 -1.97 -0.45
C ASP A 16 12.67 -2.50 0.51
N ILE A 17 13.02 -3.55 1.25
CA ILE A 17 12.10 -4.14 2.20
C ILE A 17 12.06 -3.35 3.51
N LEU A 18 10.87 -3.06 3.98
CA LEU A 18 10.69 -2.30 5.22
C LEU A 18 9.41 -2.73 5.94
N SER A 19 9.42 -2.62 7.27
CA SER A 19 8.27 -2.98 8.08
C SER A 19 7.08 -2.08 7.77
N MET A 20 5.89 -2.52 8.15
CA MET A 20 4.67 -1.75 7.92
C MET A 20 4.83 -0.33 8.42
N PRO A 21 5.26 -0.19 9.68
CA PRO A 21 5.46 1.12 10.32
C PRO A 21 6.65 1.87 9.73
N GLN A 22 7.34 1.22 8.79
CA GLN A 22 8.50 1.84 8.16
C GLN A 22 8.19 2.23 6.72
N ALA A 23 7.32 1.45 6.08
CA ALA A 23 6.94 1.71 4.70
C ALA A 23 6.03 2.95 4.61
N ARG A 24 4.87 2.88 5.25
CA ARG A 24 3.92 3.98 5.23
C ARG A 24 4.63 5.29 5.53
N ASN A 25 5.54 5.27 6.49
CA ASN A 25 6.28 6.47 6.88
C ASN A 25 7.12 6.99 5.72
N PHE A 26 7.73 6.07 4.97
CA PHE A 26 8.56 6.43 3.82
C PHE A 26 7.72 7.08 2.73
N CYS A 27 6.78 6.30 2.18
CA CYS A 27 5.91 6.80 1.12
C CYS A 27 5.40 8.20 1.44
N ALA A 28 4.96 8.40 2.68
CA ALA A 28 4.46 9.70 3.11
C ALA A 28 5.53 10.77 2.98
N SER A 29 6.72 10.48 3.48
CA SER A 29 7.83 11.43 3.42
C SER A 29 8.18 11.78 1.98
N ALA A 30 8.17 10.77 1.12
CA ALA A 30 8.47 10.96 -0.30
C ALA A 30 7.40 11.80 -0.97
N GLY A 31 6.14 11.49 -0.69
CA GLY A 31 5.04 12.22 -1.29
C GLY A 31 3.92 11.31 -1.76
N GLY A 32 3.58 10.31 -0.95
CA GLY A 32 2.54 9.38 -1.31
C GLY A 32 2.08 8.54 -0.14
N TYR A 33 1.30 7.50 -0.42
CA TYR A 33 0.80 6.61 0.62
C TYR A 33 0.57 5.21 0.07
N LEU A 34 0.49 4.24 0.98
CA LEU A 34 0.26 2.84 0.59
C LEU A 34 -0.92 2.73 -0.38
N ALA A 35 -0.73 1.95 -1.43
CA ALA A 35 -1.77 1.75 -2.43
C ALA A 35 -2.77 0.69 -1.98
N ASP A 36 -4.04 1.10 -1.85
CA ASP A 36 -5.09 0.19 -1.42
C ASP A 36 -5.36 -0.87 -2.47
N ASP A 37 -5.96 -1.97 -2.06
CA ASP A 37 -6.28 -3.07 -2.98
C ASP A 37 -7.75 -3.47 -2.85
N LEU A 38 -8.65 -2.56 -3.22
CA LEU A 38 -10.07 -2.83 -3.14
C LEU A 38 -10.71 -2.75 -4.52
N GLY A 39 -10.83 -3.90 -5.18
CA GLY A 39 -11.42 -3.94 -6.51
C GLY A 39 -10.87 -5.07 -7.36
N ASP A 40 -11.73 -5.66 -8.18
CA ASP A 40 -11.33 -6.76 -9.04
C ASP A 40 -10.26 -6.31 -10.03
N ASP A 41 -10.34 -5.05 -10.45
CA ASP A 41 -9.38 -4.49 -11.39
C ASP A 41 -8.09 -4.07 -10.69
N LYS A 42 -8.25 -3.54 -9.48
CA LYS A 42 -7.10 -3.09 -8.69
C LYS A 42 -6.24 -4.28 -8.26
N ASN A 43 -6.88 -5.25 -7.60
CA ASN A 43 -6.17 -6.44 -7.14
C ASN A 43 -5.47 -7.14 -8.30
N ASN A 44 -6.21 -7.38 -9.38
CA ASN A 44 -5.65 -8.04 -10.56
C ASN A 44 -4.42 -7.30 -11.07
N PHE A 45 -4.57 -6.00 -11.29
CA PHE A 45 -3.47 -5.18 -11.78
C PHE A 45 -2.17 -5.52 -11.06
N TYR A 46 -2.21 -5.50 -9.73
CA TYR A 46 -1.03 -5.81 -8.93
C TYR A 46 -0.66 -7.28 -9.05
N SER A 47 -1.65 -8.15 -8.90
CA SER A 47 -1.43 -9.59 -9.00
C SER A 47 -0.36 -9.90 -10.05
N SER A 48 -0.46 -9.23 -11.20
CA SER A 48 0.49 -9.45 -12.28
C SER A 48 1.91 -9.13 -11.84
N ILE A 49 2.17 -7.86 -11.57
CA ILE A 49 3.49 -7.43 -11.13
C ILE A 49 3.89 -8.10 -9.82
N ALA A 50 2.90 -8.66 -9.13
CA ALA A 50 3.15 -9.34 -7.87
C ALA A 50 3.49 -10.82 -8.10
N ALA A 51 3.96 -11.12 -9.30
CA ALA A 51 4.33 -12.50 -9.64
C ALA A 51 5.31 -13.07 -8.62
N ASN A 52 4.78 -13.76 -7.62
CA ASN A 52 5.61 -14.36 -6.58
C ASN A 52 6.27 -13.29 -5.73
N THR A 53 5.55 -12.19 -5.50
CA THR A 53 6.06 -11.09 -4.70
C THR A 53 5.08 -10.69 -3.61
N GLN A 54 5.57 -10.60 -2.37
CA GLN A 54 4.72 -10.23 -1.25
C GLN A 54 5.05 -8.82 -0.76
N PHE A 55 4.09 -7.91 -0.92
CA PHE A 55 4.27 -6.53 -0.50
C PHE A 55 3.13 -6.08 0.41
N TRP A 56 3.34 -4.98 1.11
CA TRP A 56 2.34 -4.44 2.02
C TRP A 56 1.26 -3.67 1.26
N ILE A 57 0.12 -3.46 1.90
CA ILE A 57 -0.97 -2.74 1.28
C ILE A 57 -1.61 -1.76 2.27
N GLY A 58 -2.59 -1.00 1.78
CA GLY A 58 -3.27 -0.04 2.63
C GLY A 58 -4.05 -0.70 3.76
N LEU A 59 -4.47 -1.94 3.53
CA LEU A 59 -5.23 -2.69 4.52
C LEU A 59 -4.39 -2.93 5.77
N PHE A 60 -4.85 -2.41 6.90
CA PHE A 60 -4.15 -2.57 8.17
C PHE A 60 -5.13 -2.60 9.34
N LYS A 61 -4.88 -3.50 10.29
CA LYS A 61 -5.74 -3.64 11.45
C LYS A 61 -5.51 -2.48 12.43
N ASN A 62 -6.61 -1.94 12.95
CA ASN A 62 -6.53 -0.83 13.89
C ASN A 62 -6.50 -1.34 15.33
N SER A 63 -6.44 -0.41 16.28
CA SER A 63 -6.39 -0.78 17.69
C SER A 63 -7.61 -1.62 18.08
N ASP A 64 -8.80 -1.11 17.78
CA ASP A 64 -10.04 -1.81 18.10
C ASP A 64 -9.97 -3.26 17.63
N GLY A 65 -9.61 -3.45 16.36
CA GLY A 65 -9.52 -4.79 15.81
C GLY A 65 -10.05 -4.87 14.39
N GLN A 66 -10.55 -3.75 13.89
CA GLN A 66 -11.11 -3.71 12.54
C GLN A 66 -10.01 -3.42 11.51
N PHE A 67 -10.32 -3.63 10.23
CA PHE A 67 -9.37 -3.39 9.16
C PHE A 67 -9.72 -2.12 8.40
N TYR A 68 -8.82 -1.14 8.45
CA TYR A 68 -9.03 0.13 7.77
C TYR A 68 -8.18 0.21 6.50
N TRP A 69 -8.29 1.34 5.80
CA TRP A 69 -7.53 1.55 4.57
C TRP A 69 -6.64 2.78 4.68
N ASP A 70 -5.32 2.56 4.72
CA ASP A 70 -4.37 3.65 4.82
C ASP A 70 -4.55 4.65 3.69
N ARG A 71 -5.04 5.84 4.02
CA ARG A 71 -5.27 6.88 3.03
C ARG A 71 -4.25 8.00 3.18
N GLY A 72 -3.05 7.64 3.63
CA GLY A 72 -2.00 8.63 3.80
C GLY A 72 -1.68 8.89 5.26
N GLN A 73 -0.75 9.80 5.51
CA GLN A 73 -0.35 10.14 6.88
C GLN A 73 -1.30 11.16 7.48
N GLY A 74 -1.94 10.79 8.58
CA GLY A 74 -2.87 11.70 9.24
C GLY A 74 -4.28 11.60 8.67
N ILE A 75 -4.38 11.43 7.36
CA ILE A 75 -5.67 11.32 6.70
C ILE A 75 -6.56 10.30 7.40
N ASN A 76 -7.85 10.62 7.51
CA ASN A 76 -8.80 9.73 8.15
C ASN A 76 -8.87 8.39 7.43
N PRO A 77 -8.60 7.30 8.17
CA PRO A 77 -8.62 5.94 7.61
C PRO A 77 -10.04 5.48 7.28
N ASP A 78 -10.18 4.78 6.15
CA ASP A 78 -11.47 4.28 5.73
C ASP A 78 -11.70 2.84 6.20
N LEU A 79 -12.80 2.63 6.90
CA LEU A 79 -13.13 1.30 7.42
C LEU A 79 -13.49 0.34 6.29
N LEU A 80 -12.93 -0.87 6.34
CA LEU A 80 -13.20 -1.87 5.32
C LEU A 80 -14.64 -2.38 5.42
N ASN A 81 -15.53 -1.79 4.63
CA ASN A 81 -16.93 -2.19 4.62
C ASN A 81 -17.38 -2.55 3.21
N GLN A 82 -16.56 -3.32 2.51
CA GLN A 82 -16.87 -3.74 1.15
C GLN A 82 -17.41 -5.17 1.13
N PRO A 83 -18.36 -5.44 0.22
CA PRO A 83 -18.97 -6.76 0.09
C PRO A 83 -17.99 -7.80 -0.48
N ILE A 84 -17.11 -7.35 -1.36
CA ILE A 84 -16.13 -8.23 -1.97
C ILE A 84 -14.79 -8.16 -1.23
N THR A 85 -14.22 -9.33 -0.96
CA THR A 85 -12.95 -9.41 -0.25
C THR A 85 -12.04 -10.46 -0.88
N TYR A 86 -10.76 -10.41 -0.53
CA TYR A 86 -9.78 -11.36 -1.05
C TYR A 86 -9.10 -12.12 0.08
N TRP A 87 -9.73 -12.12 1.25
CA TRP A 87 -9.17 -12.81 2.41
C TRP A 87 -8.79 -14.23 2.06
N ALA A 88 -7.53 -14.58 2.34
CA ALA A 88 -7.04 -15.93 2.05
C ALA A 88 -7.82 -16.98 2.84
N ASN A 89 -7.57 -18.25 2.53
CA ASN A 89 -8.24 -19.35 3.21
C ASN A 89 -8.01 -19.28 4.71
N GLY A 90 -9.04 -18.85 5.45
CA GLY A 90 -8.93 -18.74 6.90
C GLY A 90 -8.55 -17.34 7.35
N GLU A 91 -8.64 -16.39 6.43
CA GLU A 91 -8.30 -15.00 6.74
C GLU A 91 -9.56 -14.15 6.89
N PRO A 92 -9.45 -13.07 7.67
CA PRO A 92 -8.21 -12.69 8.34
C PRO A 92 -7.85 -13.65 9.47
N SER A 93 -6.55 -13.79 9.74
CA SER A 93 -6.09 -14.68 10.80
C SER A 93 -6.51 -14.16 12.17
N ASN A 94 -6.69 -15.08 13.12
CA ASN A 94 -7.08 -14.73 14.47
C ASN A 94 -5.89 -14.71 15.41
N ASP A 95 -4.75 -14.23 14.90
CA ASP A 95 -3.53 -14.14 15.70
C ASP A 95 -3.25 -12.71 16.12
N PRO A 96 -2.90 -12.53 17.40
CA PRO A 96 -2.60 -11.20 17.96
C PRO A 96 -1.30 -10.64 17.43
N THR A 97 -0.41 -11.52 16.99
CA THR A 97 0.89 -11.11 16.45
C THR A 97 0.73 -10.49 15.07
N ARG A 98 -0.27 -10.95 14.34
CA ARG A 98 -0.52 -10.43 12.99
C ARG A 98 -1.69 -9.45 12.99
N GLN A 99 -1.41 -8.20 12.59
CA GLN A 99 -2.43 -7.17 12.55
C GLN A 99 -2.48 -6.51 11.18
N CYS A 100 -1.32 -6.40 10.54
CA CYS A 100 -1.23 -5.78 9.23
C CYS A 100 -1.42 -6.82 8.13
N VAL A 101 -1.87 -6.36 6.96
CA VAL A 101 -2.09 -7.24 5.82
C VAL A 101 -1.11 -6.95 4.70
N TYR A 102 -0.68 -8.00 4.01
CA TYR A 102 0.26 -7.86 2.90
C TYR A 102 -0.20 -8.66 1.69
N PHE A 103 -0.15 -8.02 0.52
CA PHE A 103 -0.57 -8.66 -0.72
C PHE A 103 0.28 -9.89 -1.01
N ASP A 104 -0.31 -11.07 -0.85
CA ASP A 104 0.39 -12.32 -1.09
C ASP A 104 0.44 -12.64 -2.59
N GLY A 105 1.55 -12.30 -3.22
CA GLY A 105 1.70 -12.55 -4.64
C GLY A 105 1.93 -14.02 -4.95
N ARG A 106 2.70 -14.69 -4.10
CA ARG A 106 3.00 -16.11 -4.28
C ARG A 106 1.71 -16.93 -4.33
N SER A 107 0.72 -16.52 -3.53
CA SER A 107 -0.55 -17.22 -3.48
C SER A 107 -1.06 -17.52 -4.88
N GLY A 108 -0.91 -18.78 -5.31
CA GLY A 108 -1.36 -19.17 -6.63
C GLY A 108 -2.71 -18.58 -6.98
N ASP A 109 -3.49 -18.25 -5.97
CA ASP A 109 -4.82 -17.67 -6.18
C ASP A 109 -4.80 -16.18 -5.90
N LYS A 110 -5.63 -15.43 -6.63
CA LYS A 110 -5.72 -13.98 -6.45
C LYS A 110 -6.79 -13.62 -5.44
N SER A 111 -7.78 -14.51 -5.28
CA SER A 111 -8.86 -14.27 -4.35
C SER A 111 -8.42 -14.55 -2.92
N LYS A 112 -7.27 -15.18 -2.78
CA LYS A 112 -6.72 -15.51 -1.46
C LYS A 112 -5.34 -14.89 -1.27
N VAL A 113 -5.17 -13.66 -1.76
CA VAL A 113 -3.90 -12.96 -1.64
C VAL A 113 -3.82 -12.19 -0.33
N TRP A 114 -4.97 -11.81 0.19
CA TRP A 114 -5.04 -11.06 1.45
C TRP A 114 -4.59 -11.92 2.62
N THR A 115 -3.34 -11.71 3.04
CA THR A 115 -2.78 -12.48 4.16
C THR A 115 -2.25 -11.54 5.24
N THR A 116 -2.58 -11.84 6.49
CA THR A 116 -2.14 -11.04 7.62
C THR A 116 -0.75 -11.44 8.07
N ASP A 117 -0.06 -10.55 8.76
CA ASP A 117 1.28 -10.81 9.27
C ASP A 117 1.76 -9.70 10.18
N THR A 118 2.76 -10.00 11.01
CA THR A 118 3.30 -9.03 11.94
C THR A 118 3.73 -7.74 11.22
N CYS A 119 3.56 -6.61 11.88
CA CYS A 119 3.92 -5.33 11.31
C CYS A 119 5.39 -5.00 11.57
N ALA A 120 6.21 -6.04 11.70
CA ALA A 120 7.62 -5.86 11.96
C ALA A 120 8.46 -6.57 10.90
N THR A 121 7.82 -7.42 10.10
CA THR A 121 8.51 -8.15 9.05
C THR A 121 8.86 -7.23 7.88
N PRO A 122 10.15 -7.21 7.52
CA PRO A 122 10.65 -6.38 6.42
C PRO A 122 10.18 -6.89 5.06
N ARG A 123 9.25 -6.15 4.46
CA ARG A 123 8.71 -6.51 3.15
C ARG A 123 8.51 -5.29 2.28
N PRO A 124 8.46 -5.50 0.95
CA PRO A 124 8.27 -4.41 -0.01
C PRO A 124 6.87 -3.82 0.05
N PHE A 125 6.69 -2.64 -0.54
CA PHE A 125 5.40 -1.98 -0.56
C PHE A 125 5.23 -1.16 -1.84
N ILE A 126 4.09 -0.49 -1.95
CA ILE A 126 3.79 0.33 -3.12
C ILE A 126 3.21 1.67 -2.73
N CYS A 127 3.89 2.74 -3.11
CA CYS A 127 3.43 4.09 -2.79
C CYS A 127 2.56 4.65 -3.91
N GLN A 128 1.53 5.41 -3.53
CA GLN A 128 0.62 5.99 -4.50
C GLN A 128 0.41 7.49 -4.22
N LYS A 129 0.49 8.29 -5.28
CA LYS A 129 0.30 9.73 -5.15
C LYS A 129 -1.14 10.13 -5.40
N HIS A 130 -1.94 9.16 -5.84
CA HIS A 130 -3.35 9.40 -6.12
C HIS A 130 -3.52 10.43 -7.23
N ARG A 131 -2.70 10.31 -8.28
CA ARG A 131 -2.76 11.23 -9.41
C ARG A 131 -2.98 12.66 -8.92
N TYR A 132 -2.28 13.04 -7.86
CA TYR A 132 -2.39 14.38 -7.31
C TYR A 132 -1.02 14.99 -7.05
N ASP A 133 -0.81 16.19 -7.57
CA ASP A 133 0.47 16.89 -7.40
C ASP A 133 0.61 17.43 -5.98
N SER A 134 1.69 17.06 -5.31
CA SER A 134 1.93 17.50 -3.94
C SER A 134 3.16 18.41 -3.88
N ASP A 135 4.24 17.97 -4.51
CA ASP A 135 5.48 18.74 -4.53
C ASP A 135 5.36 19.96 -5.43
N HIS A 136 4.85 21.05 -4.87
CA HIS A 136 4.69 22.28 -5.63
C HIS A 136 5.87 22.53 -6.56
N LYS A 137 7.08 22.39 -6.02
CA LYS A 137 8.29 22.59 -6.80
C LYS A 137 9.17 21.34 -6.77
N PRO A 138 9.94 21.15 -7.85
CA PRO A 138 10.84 19.99 -7.98
C PRO A 138 12.02 20.06 -7.01
N ASN A 139 12.02 19.19 -6.01
CA ASN A 139 13.10 19.16 -5.02
C ASN A 139 14.45 19.03 -5.71
N THR A 140 14.60 18.01 -6.54
CA THR A 140 15.86 17.78 -7.26
C THR A 140 15.60 17.28 -8.67
N ILE A 141 16.63 17.29 -9.50
CA ILE A 141 16.52 16.84 -10.87
C ILE A 141 16.74 15.33 -10.98
N GLY A 142 16.00 14.69 -11.87
CA GLY A 142 16.14 13.25 -12.06
C GLY A 142 15.52 12.77 -13.35
N ASP A 143 16.31 12.74 -14.41
CA ASP A 143 15.84 12.29 -15.71
C ASP A 143 15.62 10.78 -15.72
N ALA A 144 14.43 10.36 -15.29
CA ALA A 144 14.10 8.94 -15.25
C ALA A 144 12.61 8.73 -15.51
N SER A 145 12.30 7.95 -16.54
CA SER A 145 10.92 7.66 -16.90
C SER A 145 10.76 6.20 -17.33
N GLY A 146 9.52 5.80 -17.58
CA GLY A 146 9.25 4.44 -18.00
C GLY A 146 7.94 4.31 -18.76
N PRO A 147 7.78 3.19 -19.48
CA PRO A 147 6.57 2.93 -20.26
C PRO A 147 5.35 2.65 -19.37
N SER A 148 4.53 3.67 -19.18
CA SER A 148 3.33 3.54 -18.35
C SER A 148 2.30 4.60 -18.72
N SER A 149 1.03 4.33 -18.38
CA SER A 149 -0.04 5.27 -18.67
C SER A 149 -0.93 5.48 -17.45
N GLY A 150 -1.15 6.75 -17.11
CA GLY A 150 -1.98 7.06 -15.95
C GLY A 150 -1.35 6.61 -14.65
N GLY A 1 12.40 18.17 -16.72
CA GLY A 1 12.09 16.99 -15.94
C GLY A 1 12.99 16.82 -14.74
N SER A 2 13.03 15.61 -14.20
CA SER A 2 13.87 15.32 -13.03
C SER A 2 15.34 15.26 -13.42
N SER A 3 16.12 16.22 -12.92
CA SER A 3 17.55 16.27 -13.22
C SER A 3 18.24 14.97 -12.82
N GLY A 4 18.36 14.06 -13.78
CA GLY A 4 19.00 12.79 -13.51
C GLY A 4 18.09 11.83 -12.76
N SER A 5 18.69 10.94 -11.97
CA SER A 5 17.93 9.97 -11.20
C SER A 5 17.30 10.61 -9.96
N SER A 6 15.98 10.67 -9.94
CA SER A 6 15.25 11.26 -8.83
C SER A 6 13.74 11.07 -8.99
N GLY A 7 13.11 10.51 -7.96
CA GLY A 7 11.68 10.29 -8.01
C GLY A 7 11.31 8.86 -7.64
N VAL A 8 10.67 8.69 -6.49
CA VAL A 8 10.25 7.37 -6.03
C VAL A 8 8.98 6.92 -6.73
N LYS A 9 9.09 5.81 -7.47
CA LYS A 9 7.96 5.26 -8.20
C LYS A 9 6.86 4.82 -7.24
N PHE A 10 5.62 5.16 -7.56
CA PHE A 10 4.48 4.80 -6.72
C PHE A 10 4.10 3.34 -6.93
N LEU A 11 3.43 3.06 -8.06
CA LEU A 11 3.01 1.71 -8.38
C LEU A 11 4.21 0.83 -8.74
N THR A 12 5.06 0.56 -7.75
CA THR A 12 6.24 -0.26 -7.97
C THR A 12 6.69 -0.93 -6.67
N VAL A 13 6.85 -2.25 -6.72
CA VAL A 13 7.28 -3.01 -5.54
C VAL A 13 8.74 -2.73 -5.21
N ASN A 14 8.98 -1.68 -4.43
CA ASN A 14 10.33 -1.31 -4.04
C ASN A 14 11.01 -2.44 -3.27
N ASP A 15 11.99 -3.08 -3.90
CA ASP A 15 12.72 -4.18 -3.28
C ASP A 15 13.01 -3.88 -1.82
N ASP A 16 13.39 -2.63 -1.54
CA ASP A 16 13.71 -2.20 -0.18
C ASP A 16 12.64 -2.67 0.79
N ILE A 17 12.93 -3.74 1.54
CA ILE A 17 11.98 -4.29 2.50
C ILE A 17 11.95 -3.44 3.77
N LEU A 18 10.74 -3.04 4.18
CA LEU A 18 10.58 -2.24 5.38
C LEU A 18 9.28 -2.59 6.09
N SER A 19 9.31 -2.57 7.42
CA SER A 19 8.14 -2.89 8.22
C SER A 19 6.96 -2.01 7.84
N MET A 20 5.75 -2.44 8.20
CA MET A 20 4.55 -1.68 7.89
C MET A 20 4.69 -0.23 8.33
N PRO A 21 5.08 -0.03 9.59
CA PRO A 21 5.26 1.32 10.16
C PRO A 21 6.48 2.03 9.58
N GLN A 22 7.25 1.31 8.77
CA GLN A 22 8.43 1.89 8.15
C GLN A 22 8.15 2.27 6.69
N ALA A 23 7.33 1.47 6.02
CA ALA A 23 6.98 1.73 4.64
C ALA A 23 6.06 2.95 4.51
N ARG A 24 4.84 2.81 5.01
CA ARG A 24 3.88 3.89 4.95
C ARG A 24 4.55 5.25 5.20
N ASN A 25 5.48 5.26 6.16
CA ASN A 25 6.20 6.49 6.49
C ASN A 25 7.02 6.98 5.30
N PHE A 26 7.65 6.04 4.60
CA PHE A 26 8.47 6.38 3.44
C PHE A 26 7.62 6.95 2.32
N CYS A 27 6.78 6.10 1.72
CA CYS A 27 5.91 6.52 0.64
C CYS A 27 5.33 7.91 0.90
N ALA A 28 5.07 8.20 2.18
CA ALA A 28 4.52 9.48 2.58
C ALA A 28 5.58 10.58 2.53
N SER A 29 6.72 10.33 3.16
CA SER A 29 7.80 11.29 3.19
C SER A 29 8.15 11.75 1.78
N ALA A 30 7.77 10.97 0.79
CA ALA A 30 8.04 11.29 -0.60
C ALA A 30 6.91 12.11 -1.20
N GLY A 31 5.67 11.78 -0.83
CA GLY A 31 4.53 12.51 -1.34
C GLY A 31 3.44 11.57 -1.84
N GLY A 32 3.18 10.50 -1.10
CA GLY A 32 2.16 9.54 -1.48
C GLY A 32 1.69 8.70 -0.33
N TYR A 33 1.02 7.59 -0.64
CA TYR A 33 0.51 6.69 0.38
C TYR A 33 0.37 5.27 -0.15
N LEU A 34 0.34 4.30 0.76
CA LEU A 34 0.21 2.90 0.39
C LEU A 34 -0.95 2.70 -0.59
N ALA A 35 -0.74 1.84 -1.58
CA ALA A 35 -1.77 1.56 -2.58
C ALA A 35 -2.74 0.49 -2.06
N ASP A 36 -3.99 0.90 -1.85
CA ASP A 36 -5.01 -0.01 -1.37
C ASP A 36 -5.36 -1.05 -2.43
N ASP A 37 -6.24 -1.99 -2.08
CA ASP A 37 -6.66 -3.04 -3.00
C ASP A 37 -8.16 -3.04 -3.16
N LEU A 38 -8.74 -1.87 -3.40
CA LEU A 38 -10.18 -1.74 -3.57
C LEU A 38 -10.54 -1.69 -5.05
N GLY A 39 -10.94 -2.84 -5.60
CA GLY A 39 -11.32 -2.90 -7.00
C GLY A 39 -10.75 -4.13 -7.70
N ASP A 40 -11.63 -4.97 -8.21
CA ASP A 40 -11.21 -6.18 -8.91
C ASP A 40 -10.09 -5.88 -9.89
N ASP A 41 -10.23 -4.78 -10.62
CA ASP A 41 -9.22 -4.38 -11.60
C ASP A 41 -7.93 -3.95 -10.91
N LYS A 42 -8.06 -3.32 -9.75
CA LYS A 42 -6.90 -2.86 -8.99
C LYS A 42 -6.05 -4.03 -8.54
N ASN A 43 -6.69 -5.02 -7.92
CA ASN A 43 -5.99 -6.21 -7.43
C ASN A 43 -5.30 -6.94 -8.59
N ASN A 44 -6.03 -7.11 -9.69
CA ASN A 44 -5.50 -7.81 -10.85
C ASN A 44 -4.20 -7.16 -11.32
N PHE A 45 -4.21 -5.84 -11.45
CA PHE A 45 -3.04 -5.09 -11.89
C PHE A 45 -1.83 -5.43 -11.02
N TYR A 46 -2.08 -5.62 -9.73
CA TYR A 46 -1.01 -5.94 -8.79
C TYR A 46 -0.52 -7.37 -8.98
N SER A 47 -1.46 -8.30 -9.15
CA SER A 47 -1.13 -9.70 -9.35
C SER A 47 -0.05 -9.85 -10.41
N SER A 48 -0.11 -9.01 -11.44
CA SER A 48 0.86 -9.06 -12.53
C SER A 48 2.27 -8.78 -12.01
N ILE A 49 2.46 -7.59 -11.45
CA ILE A 49 3.76 -7.20 -10.92
C ILE A 49 4.10 -7.98 -9.65
N ALA A 50 3.08 -8.61 -9.07
CA ALA A 50 3.26 -9.40 -7.85
C ALA A 50 3.66 -10.83 -8.17
N ALA A 51 4.23 -11.02 -9.36
CA ALA A 51 4.66 -12.35 -9.80
C ALA A 51 5.52 -13.01 -8.74
N ASN A 52 4.88 -13.71 -7.80
CA ASN A 52 5.59 -14.39 -6.73
C ASN A 52 6.25 -13.39 -5.79
N THR A 53 5.58 -12.26 -5.56
CA THR A 53 6.09 -11.22 -4.68
C THR A 53 5.02 -10.75 -3.70
N GLN A 54 5.40 -10.68 -2.42
CA GLN A 54 4.46 -10.25 -1.38
C GLN A 54 4.86 -8.88 -0.84
N PHE A 55 3.95 -7.92 -0.94
CA PHE A 55 4.20 -6.57 -0.45
C PHE A 55 3.04 -6.08 0.42
N TRP A 56 3.32 -5.06 1.22
CA TRP A 56 2.30 -4.49 2.11
C TRP A 56 1.24 -3.72 1.31
N ILE A 57 0.12 -3.41 1.96
CA ILE A 57 -0.95 -2.68 1.31
C ILE A 57 -1.54 -1.62 2.25
N GLY A 58 -2.56 -0.93 1.77
CA GLY A 58 -3.19 0.11 2.57
C GLY A 58 -4.00 -0.47 3.72
N LEU A 59 -4.36 -1.74 3.60
CA LEU A 59 -5.13 -2.42 4.64
C LEU A 59 -4.28 -2.69 5.87
N PHE A 60 -4.81 -2.33 7.05
CA PHE A 60 -4.09 -2.53 8.29
C PHE A 60 -5.06 -2.50 9.48
N LYS A 61 -4.83 -3.39 10.45
CA LYS A 61 -5.67 -3.47 11.63
C LYS A 61 -5.36 -2.32 12.60
N ASN A 62 -6.37 -1.90 13.35
CA ASN A 62 -6.20 -0.82 14.31
C ASN A 62 -6.22 -1.35 15.75
N SER A 63 -6.02 -0.46 16.70
CA SER A 63 -6.02 -0.83 18.11
C SER A 63 -7.33 -1.52 18.50
N ASP A 64 -8.45 -0.93 18.07
CA ASP A 64 -9.76 -1.47 18.37
C ASP A 64 -9.82 -2.97 18.03
N GLY A 65 -9.27 -3.33 16.89
CA GLY A 65 -9.26 -4.72 16.48
C GLY A 65 -9.89 -4.92 15.11
N GLN A 66 -10.19 -3.83 14.43
CA GLN A 66 -10.80 -3.88 13.11
C GLN A 66 -9.79 -3.53 12.02
N PHE A 67 -10.12 -3.84 10.78
CA PHE A 67 -9.25 -3.56 9.66
C PHE A 67 -9.63 -2.24 8.98
N TYR A 68 -8.66 -1.37 8.77
CA TYR A 68 -8.89 -0.08 8.14
C TYR A 68 -8.07 0.07 6.87
N TRP A 69 -8.14 1.24 6.26
CA TRP A 69 -7.40 1.51 5.03
C TRP A 69 -6.35 2.59 5.25
N ASP A 70 -5.39 2.69 4.33
CA ASP A 70 -4.33 3.67 4.43
C ASP A 70 -4.51 4.78 3.39
N ARG A 71 -5.03 5.91 3.84
CA ARG A 71 -5.26 7.05 2.96
C ARG A 71 -4.28 8.18 3.23
N GLY A 72 -3.10 7.81 3.75
CA GLY A 72 -2.09 8.81 4.05
C GLY A 72 -1.57 8.68 5.47
N GLN A 73 -0.69 9.60 5.86
CA GLN A 73 -0.11 9.58 7.20
C GLN A 73 -1.02 10.29 8.20
N GLY A 74 -1.35 11.54 7.90
CA GLY A 74 -2.22 12.31 8.78
C GLY A 74 -3.67 12.28 8.33
N ILE A 75 -3.97 11.45 7.34
CA ILE A 75 -5.33 11.34 6.82
C ILE A 75 -6.14 10.33 7.62
N ASN A 76 -7.42 10.62 7.81
CA ASN A 76 -8.31 9.74 8.56
C ASN A 76 -8.52 8.43 7.81
N PRO A 77 -8.26 7.30 8.49
CA PRO A 77 -8.43 5.97 7.90
C PRO A 77 -9.89 5.61 7.68
N ASP A 78 -10.14 4.61 6.84
CA ASP A 78 -11.49 4.16 6.54
C ASP A 78 -11.72 2.74 7.03
N LEU A 79 -12.83 2.53 7.74
CA LEU A 79 -13.16 1.20 8.26
C LEU A 79 -13.59 0.27 7.14
N LEU A 80 -12.85 -0.83 6.96
CA LEU A 80 -13.17 -1.80 5.93
C LEU A 80 -14.62 -2.26 6.03
N ASN A 81 -15.47 -1.69 5.18
CA ASN A 81 -16.89 -2.04 5.17
C ASN A 81 -17.36 -2.39 3.76
N GLN A 82 -16.48 -3.03 3.00
CA GLN A 82 -16.80 -3.43 1.63
C GLN A 82 -17.38 -4.84 1.59
N PRO A 83 -18.37 -5.04 0.71
CA PRO A 83 -19.03 -6.35 0.56
C PRO A 83 -18.12 -7.39 -0.07
N ILE A 84 -17.24 -6.93 -0.94
CA ILE A 84 -16.31 -7.84 -1.62
C ILE A 84 -14.92 -7.77 -0.98
N THR A 85 -14.37 -8.93 -0.66
CA THR A 85 -13.04 -9.00 -0.05
C THR A 85 -12.18 -10.04 -0.75
N TYR A 86 -10.89 -10.05 -0.41
CA TYR A 86 -9.95 -11.00 -1.01
C TYR A 86 -9.25 -11.83 0.07
N TRP A 87 -9.76 -11.74 1.29
CA TRP A 87 -9.18 -12.49 2.40
C TRP A 87 -8.76 -13.89 1.97
N ALA A 88 -7.59 -14.31 2.42
CA ALA A 88 -7.08 -15.63 2.08
C ALA A 88 -7.78 -16.72 2.87
N ASN A 89 -7.36 -17.97 2.66
CA ASN A 89 -7.96 -19.10 3.36
C ASN A 89 -7.83 -18.94 4.87
N GLY A 90 -8.97 -18.87 5.55
CA GLY A 90 -8.96 -18.72 6.99
C GLY A 90 -8.68 -17.29 7.43
N GLU A 91 -8.49 -16.41 6.46
CA GLU A 91 -8.21 -15.01 6.74
C GLU A 91 -9.50 -14.22 6.97
N PRO A 92 -9.41 -13.14 7.75
CA PRO A 92 -8.14 -12.71 8.37
C PRO A 92 -7.69 -13.67 9.47
N SER A 93 -6.37 -13.84 9.58
CA SER A 93 -5.80 -14.73 10.58
C SER A 93 -6.27 -14.33 11.98
N ASN A 94 -6.58 -15.32 12.80
CA ASN A 94 -7.03 -15.09 14.17
C ASN A 94 -5.85 -14.96 15.12
N ASP A 95 -4.70 -14.56 14.59
CA ASP A 95 -3.49 -14.41 15.39
C ASP A 95 -3.40 -12.99 15.94
N PRO A 96 -3.07 -12.88 17.24
CA PRO A 96 -2.94 -11.59 17.92
C PRO A 96 -1.71 -10.81 17.45
N THR A 97 -0.76 -11.51 16.86
CA THR A 97 0.46 -10.89 16.35
C THR A 97 0.23 -10.25 14.99
N ARG A 98 -0.42 -11.00 14.10
CA ARG A 98 -0.70 -10.50 12.75
C ARG A 98 -1.85 -9.49 12.78
N GLN A 99 -1.52 -8.22 12.54
CA GLN A 99 -2.52 -7.16 12.53
C GLN A 99 -2.58 -6.47 11.17
N CYS A 100 -1.44 -6.44 10.49
CA CYS A 100 -1.36 -5.81 9.17
C CYS A 100 -1.56 -6.84 8.06
N VAL A 101 -1.97 -6.36 6.89
CA VAL A 101 -2.20 -7.24 5.75
C VAL A 101 -1.24 -6.92 4.62
N TYR A 102 -0.77 -7.96 3.93
CA TYR A 102 0.16 -7.80 2.82
C TYR A 102 -0.31 -8.58 1.60
N PHE A 103 -0.28 -7.93 0.44
CA PHE A 103 -0.69 -8.57 -0.80
C PHE A 103 0.20 -9.77 -1.13
N ASP A 104 -0.38 -10.95 -1.07
CA ASP A 104 0.36 -12.18 -1.36
C ASP A 104 0.27 -12.53 -2.83
N GLY A 105 1.31 -12.16 -3.59
CA GLY A 105 1.34 -12.44 -5.02
C GLY A 105 1.47 -13.93 -5.31
N ARG A 106 2.31 -14.61 -4.53
CA ARG A 106 2.53 -16.03 -4.70
C ARG A 106 1.21 -16.80 -4.69
N SER A 107 0.33 -16.43 -3.77
CA SER A 107 -0.96 -17.07 -3.64
C SER A 107 -1.59 -17.33 -5.01
N GLY A 108 -1.54 -18.58 -5.45
CA GLY A 108 -2.10 -18.93 -6.74
C GLY A 108 -3.46 -18.31 -6.97
N ASP A 109 -4.23 -18.13 -5.89
CA ASP A 109 -5.56 -17.54 -5.99
C ASP A 109 -5.50 -16.04 -5.70
N LYS A 110 -5.80 -15.24 -6.72
CA LYS A 110 -5.79 -13.79 -6.58
C LYS A 110 -6.83 -13.33 -5.57
N SER A 111 -7.92 -14.09 -5.46
CA SER A 111 -8.99 -13.75 -4.52
C SER A 111 -8.59 -14.10 -3.09
N LYS A 112 -7.46 -14.79 -2.94
CA LYS A 112 -6.96 -15.18 -1.64
C LYS A 112 -5.56 -14.63 -1.39
N VAL A 113 -5.31 -13.43 -1.91
CA VAL A 113 -4.01 -12.79 -1.76
C VAL A 113 -3.94 -12.01 -0.44
N TRP A 114 -5.11 -11.68 0.10
CA TRP A 114 -5.18 -10.93 1.36
C TRP A 114 -4.73 -11.79 2.53
N THR A 115 -3.46 -11.65 2.92
CA THR A 115 -2.91 -12.41 4.03
C THR A 115 -2.38 -11.50 5.12
N THR A 116 -2.73 -11.80 6.37
CA THR A 116 -2.30 -11.00 7.50
C THR A 116 -0.87 -11.38 7.93
N ASP A 117 -0.24 -10.50 8.68
CA ASP A 117 1.12 -10.75 9.16
C ASP A 117 1.56 -9.66 10.14
N THR A 118 2.63 -9.93 10.88
CA THR A 118 3.14 -8.98 11.85
C THR A 118 3.57 -7.68 11.18
N CYS A 119 3.36 -6.57 11.86
CA CYS A 119 3.73 -5.26 11.33
C CYS A 119 5.18 -4.93 11.65
N ALA A 120 6.00 -5.98 11.79
CA ALA A 120 7.41 -5.80 12.08
C ALA A 120 8.29 -6.51 11.06
N THR A 121 7.67 -7.36 10.25
CA THR A 121 8.39 -8.10 9.22
C THR A 121 8.78 -7.20 8.06
N PRO A 122 10.07 -7.17 7.73
CA PRO A 122 10.59 -6.36 6.62
C PRO A 122 10.15 -6.87 5.26
N ARG A 123 9.22 -6.15 4.63
CA ARG A 123 8.72 -6.54 3.32
C ARG A 123 8.52 -5.31 2.43
N PRO A 124 8.43 -5.54 1.12
CA PRO A 124 8.24 -4.46 0.13
C PRO A 124 6.85 -3.85 0.22
N PHE A 125 6.68 -2.70 -0.44
CA PHE A 125 5.39 -2.01 -0.44
C PHE A 125 5.21 -1.19 -1.71
N ILE A 126 4.06 -0.57 -1.85
CA ILE A 126 3.76 0.24 -3.03
C ILE A 126 3.05 1.54 -2.63
N CYS A 127 3.32 2.61 -3.36
CA CYS A 127 2.71 3.90 -3.09
C CYS A 127 1.70 4.26 -4.19
N GLN A 128 0.85 5.24 -3.89
CA GLN A 128 -0.16 5.68 -4.85
C GLN A 128 -0.45 7.17 -4.68
N LYS A 129 -0.86 7.81 -5.78
CA LYS A 129 -1.16 9.23 -5.75
C LYS A 129 -2.67 9.46 -5.63
N HIS A 130 -3.06 10.70 -5.37
CA HIS A 130 -4.47 11.06 -5.22
C HIS A 130 -5.02 11.63 -6.53
N ARG A 131 -6.28 11.33 -6.81
CA ARG A 131 -6.93 11.81 -8.02
C ARG A 131 -6.82 13.33 -8.14
N TYR A 132 -7.00 13.85 -9.35
CA TYR A 132 -6.91 15.29 -9.58
C TYR A 132 -8.26 15.95 -9.34
N ASP A 133 -8.30 16.84 -8.35
CA ASP A 133 -9.52 17.55 -8.00
C ASP A 133 -9.32 19.07 -8.08
N SER A 134 -9.49 19.62 -9.28
CA SER A 134 -9.33 21.05 -9.49
C SER A 134 -8.10 21.56 -8.75
N ASP A 135 -7.01 20.81 -8.83
CA ASP A 135 -5.76 21.18 -8.17
C ASP A 135 -5.38 22.62 -8.52
N HIS A 136 -5.45 23.49 -7.51
CA HIS A 136 -5.11 24.90 -7.71
C HIS A 136 -3.60 25.11 -7.65
N LYS A 137 -2.95 25.00 -8.81
CA LYS A 137 -1.50 25.18 -8.89
C LYS A 137 -1.14 26.20 -9.97
N PRO A 138 -1.22 27.49 -9.60
CA PRO A 138 -0.90 28.59 -10.52
C PRO A 138 0.58 28.66 -10.85
N ASN A 139 1.42 28.37 -9.85
CA ASN A 139 2.87 28.41 -10.03
C ASN A 139 3.38 27.08 -10.56
N THR A 140 3.58 27.00 -11.87
CA THR A 140 4.07 25.79 -12.51
C THR A 140 5.59 25.70 -12.42
N ILE A 141 6.07 24.78 -11.59
CA ILE A 141 7.51 24.60 -11.41
C ILE A 141 7.80 23.42 -10.49
N GLY A 142 8.84 22.65 -10.83
CA GLY A 142 9.20 21.50 -10.02
C GLY A 142 10.57 21.65 -9.38
N ASP A 143 11.61 21.35 -10.16
CA ASP A 143 12.98 21.45 -9.66
C ASP A 143 13.38 22.90 -9.46
N ALA A 144 12.92 23.50 -8.37
CA ALA A 144 13.23 24.90 -8.07
C ALA A 144 14.58 25.02 -7.38
N SER A 145 15.64 25.19 -8.18
CA SER A 145 16.99 25.32 -7.64
C SER A 145 17.56 26.69 -7.94
N GLY A 146 16.73 27.73 -7.83
CA GLY A 146 17.18 29.08 -8.11
C GLY A 146 17.34 29.89 -6.84
N PRO A 147 18.55 30.46 -6.65
CA PRO A 147 18.86 31.29 -5.47
C PRO A 147 18.13 32.61 -5.49
N SER A 148 18.12 33.27 -6.64
CA SER A 148 17.45 34.57 -6.78
C SER A 148 15.95 34.39 -6.92
N SER A 149 15.20 35.36 -6.41
CA SER A 149 13.73 35.30 -6.47
C SER A 149 13.15 36.69 -6.69
N GLY A 150 12.22 36.80 -7.64
CA GLY A 150 11.60 38.08 -7.92
C GLY A 150 11.58 38.40 -9.41
N GLY A 1 -1.22 15.40 -19.06
CA GLY A 1 -0.34 15.41 -17.90
C GLY A 1 0.92 14.60 -18.12
N SER A 2 1.94 14.84 -17.31
CA SER A 2 3.21 14.13 -17.42
C SER A 2 3.67 13.63 -16.05
N SER A 3 3.89 12.32 -15.95
CA SER A 3 4.34 11.71 -14.70
C SER A 3 5.86 11.62 -14.65
N GLY A 4 6.49 12.67 -14.12
CA GLY A 4 7.94 12.70 -14.02
C GLY A 4 8.41 13.09 -12.63
N SER A 5 8.68 12.09 -11.79
CA SER A 5 9.15 12.34 -10.44
C SER A 5 10.51 11.70 -10.20
N SER A 6 11.50 12.51 -9.86
CA SER A 6 12.84 12.02 -9.61
C SER A 6 12.99 11.52 -8.18
N GLY A 7 12.50 10.31 -7.94
CA GLY A 7 12.58 9.74 -6.60
C GLY A 7 11.99 8.34 -6.54
N VAL A 8 10.83 8.22 -5.91
CA VAL A 8 10.16 6.93 -5.77
C VAL A 8 9.03 6.79 -6.79
N LYS A 9 8.96 5.61 -7.42
CA LYS A 9 7.93 5.35 -8.41
C LYS A 9 6.59 5.02 -7.74
N PHE A 10 5.51 5.19 -8.48
CA PHE A 10 4.17 4.91 -7.97
C PHE A 10 3.69 3.53 -8.41
N LEU A 11 2.69 3.02 -7.73
CA LEU A 11 2.13 1.71 -8.05
C LEU A 11 3.23 0.74 -8.46
N THR A 12 4.40 0.88 -7.85
CA THR A 12 5.54 0.02 -8.15
C THR A 12 6.19 -0.51 -6.89
N VAL A 13 6.33 -1.82 -6.80
CA VAL A 13 6.93 -2.46 -5.63
C VAL A 13 8.35 -1.94 -5.41
N ASN A 14 8.56 -1.28 -4.27
CA ASN A 14 9.87 -0.74 -3.93
C ASN A 14 10.75 -1.81 -3.28
N ASP A 15 11.73 -2.28 -4.04
CA ASP A 15 12.65 -3.31 -3.54
C ASP A 15 12.92 -3.11 -2.05
N ASP A 16 13.40 -1.92 -1.70
CA ASP A 16 13.71 -1.60 -0.31
C ASP A 16 12.66 -2.21 0.63
N ILE A 17 13.02 -3.29 1.29
CA ILE A 17 12.12 -3.96 2.22
C ILE A 17 12.03 -3.21 3.54
N LEU A 18 10.80 -3.02 4.02
CA LEU A 18 10.58 -2.32 5.28
C LEU A 18 9.25 -2.74 5.92
N SER A 19 9.21 -2.73 7.24
CA SER A 19 8.01 -3.11 7.97
C SER A 19 6.83 -2.21 7.60
N MET A 20 5.64 -2.57 8.06
CA MET A 20 4.44 -1.80 7.78
C MET A 20 4.59 -0.36 8.28
N PRO A 21 4.98 -0.22 9.56
CA PRO A 21 5.16 1.10 10.19
C PRO A 21 6.38 1.82 9.64
N GLN A 22 7.17 1.13 8.83
CA GLN A 22 8.37 1.73 8.25
C GLN A 22 8.12 2.13 6.80
N ALA A 23 7.26 1.37 6.12
CA ALA A 23 6.93 1.66 4.73
C ALA A 23 6.00 2.87 4.61
N ARG A 24 4.79 2.72 5.13
CA ARG A 24 3.81 3.80 5.08
C ARG A 24 4.46 5.14 5.41
N ASN A 25 5.41 5.12 6.34
CA ASN A 25 6.11 6.33 6.76
C ASN A 25 6.97 6.86 5.62
N PHE A 26 7.66 5.96 4.93
CA PHE A 26 8.53 6.34 3.82
C PHE A 26 7.73 6.97 2.69
N CYS A 27 6.74 6.23 2.19
CA CYS A 27 5.90 6.70 1.10
C CYS A 27 5.46 8.15 1.35
N ALA A 28 5.16 8.47 2.60
CA ALA A 28 4.74 9.81 2.97
C ALA A 28 5.88 10.81 2.81
N SER A 29 7.06 10.44 3.29
CA SER A 29 8.23 11.30 3.20
C SER A 29 8.54 11.66 1.75
N ALA A 30 8.43 10.68 0.86
CA ALA A 30 8.69 10.89 -0.55
C ALA A 30 7.62 11.78 -1.17
N GLY A 31 6.36 11.53 -0.81
CA GLY A 31 5.27 12.32 -1.35
C GLY A 31 4.11 11.47 -1.80
N GLY A 32 3.77 10.46 -0.99
CA GLY A 32 2.67 9.58 -1.33
C GLY A 32 2.21 8.74 -0.16
N TYR A 33 1.49 7.66 -0.44
CA TYR A 33 0.99 6.78 0.60
C TYR A 33 0.79 5.37 0.07
N LEU A 34 0.66 4.40 0.98
CA LEU A 34 0.46 3.01 0.60
C LEU A 34 -0.70 2.88 -0.38
N ALA A 35 -0.50 2.06 -1.41
CA ALA A 35 -1.53 1.83 -2.42
C ALA A 35 -2.48 0.73 -2.00
N ASP A 36 -3.73 1.09 -1.75
CA ASP A 36 -4.74 0.13 -1.33
C ASP A 36 -4.97 -0.93 -2.42
N ASP A 37 -5.52 -2.07 -2.02
CA ASP A 37 -5.79 -3.15 -2.96
C ASP A 37 -7.27 -3.45 -3.03
N LEU A 38 -8.08 -2.40 -3.12
CA LEU A 38 -9.53 -2.55 -3.19
C LEU A 38 -10.04 -2.18 -4.58
N GLY A 39 -10.37 -3.20 -5.38
CA GLY A 39 -10.88 -2.95 -6.72
C GLY A 39 -10.60 -4.11 -7.66
N ASP A 40 -11.67 -4.70 -8.18
CA ASP A 40 -11.54 -5.83 -9.09
C ASP A 40 -10.35 -5.63 -10.04
N ASP A 41 -10.37 -4.51 -10.76
CA ASP A 41 -9.29 -4.20 -11.70
C ASP A 41 -7.97 -3.99 -10.97
N LYS A 42 -8.05 -3.51 -9.73
CA LYS A 42 -6.87 -3.26 -8.92
C LYS A 42 -6.20 -4.57 -8.53
N ASN A 43 -6.91 -5.39 -7.76
CA ASN A 43 -6.38 -6.67 -7.31
C ASN A 43 -5.81 -7.46 -8.48
N ASN A 44 -6.50 -7.41 -9.61
CA ASN A 44 -6.07 -8.13 -10.81
C ASN A 44 -4.77 -7.54 -11.35
N PHE A 45 -4.67 -6.22 -11.34
CA PHE A 45 -3.48 -5.54 -11.84
C PHE A 45 -2.29 -5.79 -10.91
N TYR A 46 -2.57 -5.88 -9.62
CA TYR A 46 -1.52 -6.12 -8.63
C TYR A 46 -0.94 -7.53 -8.77
N SER A 47 -1.82 -8.53 -8.77
CA SER A 47 -1.40 -9.92 -8.89
C SER A 47 -0.33 -10.07 -9.97
N SER A 48 -0.46 -9.29 -11.03
CA SER A 48 0.49 -9.33 -12.14
C SER A 48 1.90 -8.99 -11.65
N ILE A 49 2.11 -7.73 -11.29
CA ILE A 49 3.40 -7.28 -10.82
C ILE A 49 3.79 -8.00 -9.53
N ALA A 50 2.80 -8.57 -8.85
CA ALA A 50 3.03 -9.29 -7.60
C ALA A 50 3.46 -10.73 -7.87
N ALA A 51 4.00 -10.97 -9.06
CA ALA A 51 4.45 -12.30 -9.45
C ALA A 51 5.43 -12.86 -8.43
N ASN A 52 4.94 -13.73 -7.56
CA ASN A 52 5.78 -14.34 -6.53
C ASN A 52 6.46 -13.27 -5.68
N THR A 53 5.75 -12.18 -5.42
CA THR A 53 6.29 -11.09 -4.62
C THR A 53 5.27 -10.62 -3.58
N GLN A 54 5.71 -10.54 -2.33
CA GLN A 54 4.85 -10.10 -1.25
C GLN A 54 5.18 -8.69 -0.81
N PHE A 55 4.18 -7.81 -0.81
CA PHE A 55 4.37 -6.42 -0.41
C PHE A 55 3.24 -5.95 0.49
N TRP A 56 3.47 -4.84 1.18
CA TRP A 56 2.48 -4.28 2.09
C TRP A 56 1.41 -3.51 1.32
N ILE A 57 0.20 -3.46 1.87
CA ILE A 57 -0.90 -2.75 1.25
C ILE A 57 -1.54 -1.77 2.21
N GLY A 58 -2.47 -0.96 1.70
CA GLY A 58 -3.16 0.02 2.54
C GLY A 58 -3.97 -0.63 3.64
N LEU A 59 -4.20 -1.94 3.52
CA LEU A 59 -4.97 -2.68 4.51
C LEU A 59 -4.15 -2.90 5.77
N PHE A 60 -4.73 -2.56 6.92
CA PHE A 60 -4.05 -2.74 8.20
C PHE A 60 -5.05 -2.71 9.35
N LYS A 61 -4.88 -3.62 10.30
CA LYS A 61 -5.77 -3.70 11.46
C LYS A 61 -5.48 -2.56 12.44
N ASN A 62 -6.52 -1.87 12.86
CA ASN A 62 -6.38 -0.76 13.80
C ASN A 62 -6.59 -1.23 15.24
N SER A 63 -6.47 -0.31 16.18
CA SER A 63 -6.64 -0.63 17.60
C SER A 63 -7.99 -1.29 17.84
N ASP A 64 -9.06 -0.61 17.43
CA ASP A 64 -10.41 -1.14 17.61
C ASP A 64 -10.47 -2.62 17.26
N GLY A 65 -9.65 -3.03 16.30
CA GLY A 65 -9.62 -4.41 15.88
C GLY A 65 -10.23 -4.62 14.51
N GLN A 66 -10.41 -3.53 13.77
CA GLN A 66 -10.99 -3.61 12.43
C GLN A 66 -9.96 -3.25 11.37
N PHE A 67 -10.20 -3.71 10.14
CA PHE A 67 -9.28 -3.44 9.04
C PHE A 67 -9.61 -2.11 8.37
N TYR A 68 -8.62 -1.22 8.32
CA TYR A 68 -8.81 0.09 7.72
C TYR A 68 -7.97 0.22 6.45
N TRP A 69 -8.06 1.39 5.80
CA TRP A 69 -7.32 1.64 4.58
C TRP A 69 -6.38 2.83 4.75
N ASP A 70 -5.12 2.64 4.37
CA ASP A 70 -4.12 3.70 4.48
C ASP A 70 -4.43 4.84 3.51
N ARG A 71 -4.83 5.98 4.05
CA ARG A 71 -5.16 7.14 3.23
C ARG A 71 -4.17 8.28 3.49
N GLY A 72 -2.91 7.93 3.72
CA GLY A 72 -1.90 8.92 3.98
C GLY A 72 -1.49 8.97 5.44
N GLN A 73 -0.53 9.84 5.76
CA GLN A 73 -0.04 9.98 7.13
C GLN A 73 -0.96 10.90 7.94
N GLY A 74 -1.53 10.35 9.01
CA GLY A 74 -2.41 11.14 9.85
C GLY A 74 -3.82 11.21 9.31
N ILE A 75 -3.94 11.31 7.99
CA ILE A 75 -5.25 11.39 7.34
C ILE A 75 -6.19 10.32 7.89
N ASN A 76 -7.46 10.68 8.02
CA ASN A 76 -8.48 9.75 8.53
C ASN A 76 -8.57 8.51 7.65
N PRO A 77 -8.32 7.34 8.26
CA PRO A 77 -8.38 6.06 7.55
C PRO A 77 -9.80 5.68 7.15
N ASP A 78 -9.92 4.73 6.22
CA ASP A 78 -11.21 4.28 5.75
C ASP A 78 -11.52 2.86 6.26
N LEU A 79 -12.67 2.71 6.92
CA LEU A 79 -13.07 1.42 7.46
C LEU A 79 -13.46 0.46 6.34
N LEU A 80 -12.79 -0.69 6.29
CA LEU A 80 -13.08 -1.69 5.27
C LEU A 80 -14.55 -2.07 5.26
N ASN A 81 -15.31 -1.47 4.35
CA ASN A 81 -16.73 -1.75 4.24
C ASN A 81 -17.11 -2.13 2.81
N GLN A 82 -16.27 -2.93 2.18
CA GLN A 82 -16.51 -3.38 0.82
C GLN A 82 -17.10 -4.78 0.79
N PRO A 83 -18.06 -5.01 -0.12
CA PRO A 83 -18.72 -6.31 -0.26
C PRO A 83 -17.79 -7.37 -0.85
N ILE A 84 -16.83 -6.93 -1.65
CA ILE A 84 -15.86 -7.83 -2.27
C ILE A 84 -14.54 -7.85 -1.51
N THR A 85 -14.04 -9.04 -1.22
CA THR A 85 -12.78 -9.19 -0.50
C THR A 85 -11.94 -10.31 -1.09
N TYR A 86 -10.65 -10.33 -0.76
CA TYR A 86 -9.75 -11.35 -1.26
C TYR A 86 -9.12 -12.13 -0.10
N TRP A 87 -9.71 -12.00 1.07
CA TRP A 87 -9.21 -12.69 2.26
C TRP A 87 -8.84 -14.14 1.93
N ALA A 88 -7.60 -14.51 2.26
CA ALA A 88 -7.12 -15.86 2.00
C ALA A 88 -7.91 -16.89 2.81
N ASN A 89 -7.58 -18.17 2.61
CA ASN A 89 -8.25 -19.24 3.33
C ASN A 89 -8.17 -19.03 4.83
N GLY A 90 -9.33 -18.84 5.46
CA GLY A 90 -9.37 -18.64 6.90
C GLY A 90 -9.22 -17.18 7.28
N GLU A 91 -8.72 -16.37 6.34
CA GLU A 91 -8.53 -14.95 6.58
C GLU A 91 -9.86 -14.20 6.55
N PRO A 92 -9.93 -13.08 7.27
CA PRO A 92 -8.80 -12.57 8.06
C PRO A 92 -8.50 -13.45 9.27
N SER A 93 -7.24 -13.45 9.70
CA SER A 93 -6.83 -14.24 10.85
C SER A 93 -7.02 -13.47 12.14
N ASN A 94 -7.38 -14.18 13.20
CA ASN A 94 -7.59 -13.56 14.51
C ASN A 94 -6.37 -13.75 15.41
N ASP A 95 -5.19 -13.62 14.83
CA ASP A 95 -3.95 -13.78 15.58
C ASP A 95 -3.54 -12.48 16.24
N PRO A 96 -3.11 -12.55 17.51
CA PRO A 96 -2.67 -11.38 18.27
C PRO A 96 -1.36 -10.80 17.75
N THR A 97 -0.57 -11.64 17.09
CA THR A 97 0.71 -11.21 16.54
C THR A 97 0.55 -10.60 15.15
N ARG A 98 -0.37 -11.17 14.37
CA ARG A 98 -0.62 -10.68 13.02
C ARG A 98 -1.76 -9.67 13.02
N GLN A 99 -1.46 -8.43 12.61
CA GLN A 99 -2.46 -7.38 12.56
C GLN A 99 -2.51 -6.74 11.18
N CYS A 100 -1.35 -6.59 10.56
CA CYS A 100 -1.25 -5.98 9.24
C CYS A 100 -1.51 -7.03 8.15
N VAL A 101 -1.88 -6.56 6.97
CA VAL A 101 -2.16 -7.45 5.84
C VAL A 101 -1.19 -7.19 4.69
N TYR A 102 -0.77 -8.25 4.03
CA TYR A 102 0.16 -8.15 2.90
C TYR A 102 -0.32 -8.99 1.72
N PHE A 103 -0.26 -8.41 0.53
CA PHE A 103 -0.68 -9.12 -0.68
C PHE A 103 0.24 -10.28 -0.98
N ASP A 104 -0.25 -11.50 -0.75
CA ASP A 104 0.53 -12.70 -1.00
C ASP A 104 0.67 -12.97 -2.49
N GLY A 105 1.68 -12.36 -3.10
CA GLY A 105 1.90 -12.55 -4.53
C GLY A 105 2.08 -14.00 -4.91
N ARG A 106 2.90 -14.71 -4.13
CA ARG A 106 3.17 -16.12 -4.39
C ARG A 106 1.86 -16.91 -4.47
N SER A 107 0.96 -16.67 -3.53
CA SER A 107 -0.32 -17.36 -3.49
C SER A 107 -0.97 -17.37 -4.87
N GLY A 108 -0.77 -18.45 -5.61
CA GLY A 108 -1.34 -18.56 -6.94
C GLY A 108 -2.75 -17.98 -7.01
N ASP A 109 -3.54 -18.25 -5.99
CA ASP A 109 -4.91 -17.75 -5.94
C ASP A 109 -4.94 -16.26 -5.63
N LYS A 110 -5.10 -15.45 -6.68
CA LYS A 110 -5.14 -14.00 -6.52
C LYS A 110 -6.23 -13.59 -5.53
N SER A 111 -7.36 -14.27 -5.60
CA SER A 111 -8.48 -13.98 -4.70
C SER A 111 -8.14 -14.36 -3.27
N LYS A 112 -7.08 -15.13 -3.10
CA LYS A 112 -6.64 -15.56 -1.78
C LYS A 112 -5.26 -15.04 -1.45
N VAL A 113 -4.98 -13.80 -1.88
CA VAL A 113 -3.68 -13.18 -1.63
C VAL A 113 -3.69 -12.41 -0.31
N TRP A 114 -4.86 -11.90 0.06
CA TRP A 114 -4.98 -11.15 1.31
C TRP A 114 -4.64 -12.02 2.51
N THR A 115 -3.45 -11.81 3.06
CA THR A 115 -3.00 -12.58 4.22
C THR A 115 -2.44 -11.66 5.30
N THR A 116 -2.77 -11.97 6.56
CA THR A 116 -2.31 -11.17 7.69
C THR A 116 -0.89 -11.55 8.09
N ASP A 117 -0.19 -10.63 8.74
CA ASP A 117 1.17 -10.87 9.18
C ASP A 117 1.65 -9.76 10.11
N THR A 118 2.70 -10.05 10.88
CA THR A 118 3.24 -9.07 11.82
C THR A 118 3.66 -7.80 11.10
N CYS A 119 3.49 -6.66 11.76
CA CYS A 119 3.84 -5.37 11.18
C CYS A 119 5.31 -5.04 11.45
N ALA A 120 6.13 -6.09 11.58
CA ALA A 120 7.55 -5.91 11.83
C ALA A 120 8.39 -6.59 10.75
N THR A 121 7.76 -7.49 10.01
CA THR A 121 8.45 -8.21 8.94
C THR A 121 8.83 -7.27 7.80
N PRO A 122 10.13 -7.27 7.46
CA PRO A 122 10.65 -6.42 6.38
C PRO A 122 10.20 -6.87 5.01
N ARG A 123 9.28 -6.11 4.41
CA ARG A 123 8.75 -6.44 3.09
C ARG A 123 8.58 -5.19 2.25
N PRO A 124 8.53 -5.37 0.91
CA PRO A 124 8.36 -4.26 -0.03
C PRO A 124 6.98 -3.63 0.04
N PHE A 125 6.88 -2.38 -0.39
CA PHE A 125 5.60 -1.67 -0.38
C PHE A 125 5.37 -0.95 -1.70
N ILE A 126 4.24 -0.25 -1.80
CA ILE A 126 3.90 0.48 -3.01
C ILE A 126 3.26 1.83 -2.68
N CYS A 127 3.83 2.90 -3.21
CA CYS A 127 3.30 4.24 -2.97
C CYS A 127 2.29 4.64 -4.05
N GLN A 128 1.33 5.47 -3.67
CA GLN A 128 0.29 5.91 -4.60
C GLN A 128 0.03 7.40 -4.43
N LYS A 129 -0.40 8.04 -5.52
CA LYS A 129 -0.69 9.47 -5.50
C LYS A 129 -2.13 9.73 -5.05
N HIS A 130 -2.40 10.96 -4.65
CA HIS A 130 -3.74 11.34 -4.20
C HIS A 130 -4.48 12.12 -5.27
N ARG A 131 -4.35 11.67 -6.52
CA ARG A 131 -5.01 12.32 -7.64
C ARG A 131 -6.21 11.51 -8.12
N TYR A 132 -6.98 10.98 -7.18
CA TYR A 132 -8.15 10.18 -7.51
C TYR A 132 -9.42 11.02 -7.46
N ASP A 133 -9.64 11.69 -6.34
CA ASP A 133 -10.81 12.53 -6.16
C ASP A 133 -10.57 13.93 -6.75
N SER A 134 -11.65 14.70 -6.89
CA SER A 134 -11.56 16.04 -7.45
C SER A 134 -11.92 17.09 -6.39
N ASP A 135 -11.44 16.88 -5.17
CA ASP A 135 -11.71 17.80 -4.07
C ASP A 135 -11.14 19.18 -4.38
N HIS A 136 -9.89 19.22 -4.81
CA HIS A 136 -9.23 20.48 -5.13
C HIS A 136 -8.57 20.42 -6.50
N LYS A 137 -8.11 21.57 -6.99
CA LYS A 137 -7.46 21.64 -8.29
C LYS A 137 -5.96 21.49 -8.15
N PRO A 138 -5.43 20.34 -8.60
CA PRO A 138 -3.99 20.05 -8.55
C PRO A 138 -3.19 20.91 -9.50
N ASN A 139 -1.86 20.75 -9.47
CA ASN A 139 -0.97 21.53 -10.34
C ASN A 139 -0.12 20.59 -11.20
N THR A 140 -0.69 20.14 -12.32
CA THR A 140 0.02 19.24 -13.22
C THR A 140 0.25 19.90 -14.57
N ILE A 141 1.49 20.34 -14.81
CA ILE A 141 1.84 20.98 -16.06
C ILE A 141 2.70 20.07 -16.93
N GLY A 142 2.57 20.22 -18.25
CA GLY A 142 3.34 19.40 -19.17
C GLY A 142 4.80 19.80 -19.22
N ASP A 143 5.62 19.17 -18.38
CA ASP A 143 7.04 19.46 -18.34
C ASP A 143 7.87 18.28 -18.86
N ALA A 144 9.01 18.58 -19.46
CA ALA A 144 9.89 17.55 -20.00
C ALA A 144 10.06 16.41 -19.00
N SER A 145 10.28 15.20 -19.53
CA SER A 145 10.46 14.03 -18.69
C SER A 145 11.54 13.10 -19.26
N GLY A 146 11.84 12.03 -18.53
CA GLY A 146 12.85 11.09 -18.99
C GLY A 146 12.25 9.91 -19.72
N PRO A 147 13.10 9.12 -20.38
CA PRO A 147 12.67 7.94 -21.14
C PRO A 147 12.19 6.82 -20.23
N SER A 148 12.17 7.07 -18.93
CA SER A 148 11.73 6.08 -17.95
C SER A 148 10.60 5.23 -18.52
N SER A 149 10.90 3.95 -18.77
CA SER A 149 9.93 3.03 -19.33
C SER A 149 10.17 1.61 -18.82
N GLY A 150 9.16 1.04 -18.16
CA GLY A 150 9.29 -0.31 -17.63
C GLY A 150 8.00 -1.09 -17.73
N GLY A 1 9.28 19.18 -9.40
CA GLY A 1 8.72 18.22 -8.47
C GLY A 1 9.79 17.30 -7.89
N SER A 2 9.66 17.00 -6.61
CA SER A 2 10.62 16.13 -5.93
C SER A 2 10.21 14.66 -6.08
N SER A 3 8.93 14.38 -5.86
CA SER A 3 8.42 13.02 -5.96
C SER A 3 8.07 12.68 -7.40
N GLY A 4 8.78 11.71 -7.97
CA GLY A 4 8.54 11.29 -9.33
C GLY A 4 9.37 10.10 -9.74
N SER A 5 9.68 10.03 -11.04
CA SER A 5 10.48 8.92 -11.56
C SER A 5 11.91 8.98 -11.01
N SER A 6 12.46 10.19 -10.94
CA SER A 6 13.81 10.39 -10.45
C SER A 6 13.95 9.84 -9.03
N GLY A 7 13.03 10.22 -8.15
CA GLY A 7 13.08 9.75 -6.78
C GLY A 7 12.41 8.40 -6.60
N VAL A 8 11.31 8.37 -5.86
CA VAL A 8 10.59 7.12 -5.62
C VAL A 8 9.53 6.88 -6.68
N LYS A 9 9.39 5.64 -7.11
CA LYS A 9 8.39 5.28 -8.12
C LYS A 9 7.05 4.96 -7.48
N PHE A 10 5.98 5.15 -8.23
CA PHE A 10 4.63 4.88 -7.73
C PHE A 10 4.07 3.60 -8.36
N LEU A 11 3.09 3.00 -7.70
CA LEU A 11 2.47 1.77 -8.19
C LEU A 11 3.52 0.77 -8.62
N THR A 12 4.62 0.71 -7.87
CA THR A 12 5.71 -0.21 -8.18
C THR A 12 6.32 -0.80 -6.90
N VAL A 13 6.54 -2.11 -6.91
CA VAL A 13 7.11 -2.79 -5.75
C VAL A 13 8.58 -2.43 -5.58
N ASN A 14 8.89 -1.70 -4.51
CA ASN A 14 10.27 -1.30 -4.23
C ASN A 14 11.01 -2.37 -3.46
N ASP A 15 12.07 -2.90 -4.06
CA ASP A 15 12.87 -3.95 -3.42
C ASP A 15 13.11 -3.63 -1.96
N ASP A 16 13.63 -2.43 -1.70
CA ASP A 16 13.92 -1.99 -0.34
C ASP A 16 12.84 -2.47 0.63
N ILE A 17 13.14 -3.52 1.39
CA ILE A 17 12.20 -4.08 2.35
C ILE A 17 12.13 -3.21 3.61
N LEU A 18 10.90 -2.92 4.04
CA LEU A 18 10.69 -2.11 5.24
C LEU A 18 9.40 -2.51 5.95
N SER A 19 9.44 -2.50 7.28
CA SER A 19 8.28 -2.87 8.07
C SER A 19 7.09 -1.98 7.75
N MET A 20 5.89 -2.46 8.07
CA MET A 20 4.68 -1.71 7.81
C MET A 20 4.80 -0.27 8.31
N PRO A 21 5.20 -0.13 9.59
CA PRO A 21 5.37 1.17 10.22
C PRO A 21 6.56 1.95 9.66
N GLN A 22 7.28 1.32 8.74
CA GLN A 22 8.45 1.94 8.13
C GLN A 22 8.18 2.29 6.67
N ALA A 23 7.32 1.49 6.03
CA ALA A 23 6.97 1.72 4.63
C ALA A 23 6.04 2.91 4.49
N ARG A 24 4.84 2.79 5.06
CA ARG A 24 3.86 3.87 4.99
C ARG A 24 4.47 5.20 5.43
N ASN A 25 5.41 5.13 6.36
CA ASN A 25 6.07 6.33 6.87
C ASN A 25 7.00 6.92 5.82
N PHE A 26 7.64 6.06 5.04
CA PHE A 26 8.56 6.50 3.99
C PHE A 26 7.79 7.15 2.84
N CYS A 27 6.88 6.39 2.24
CA CYS A 27 6.08 6.88 1.12
C CYS A 27 5.50 8.26 1.44
N ALA A 28 4.96 8.40 2.64
CA ALA A 28 4.38 9.67 3.07
C ALA A 28 5.38 10.81 2.94
N SER A 29 6.60 10.57 3.40
CA SER A 29 7.66 11.58 3.34
C SER A 29 7.97 11.94 1.90
N ALA A 30 8.06 10.94 1.04
CA ALA A 30 8.35 11.15 -0.37
C ALA A 30 7.23 11.93 -1.06
N GLY A 31 5.99 11.59 -0.72
CA GLY A 31 4.85 12.27 -1.31
C GLY A 31 3.79 11.30 -1.80
N GLY A 32 3.54 10.26 -1.02
CA GLY A 32 2.54 9.27 -1.40
C GLY A 32 2.07 8.44 -0.22
N TYR A 33 1.28 7.42 -0.50
CA TYR A 33 0.74 6.54 0.54
C TYR A 33 0.48 5.14 0.01
N LEU A 34 0.68 4.14 0.85
CA LEU A 34 0.47 2.76 0.46
C LEU A 34 -0.71 2.63 -0.50
N ALA A 35 -0.55 1.81 -1.53
CA ALA A 35 -1.61 1.61 -2.51
C ALA A 35 -2.61 0.56 -2.04
N ASP A 36 -3.85 0.98 -1.81
CA ASP A 36 -4.90 0.08 -1.35
C ASP A 36 -5.23 -0.96 -2.42
N ASP A 37 -5.94 -2.00 -2.03
CA ASP A 37 -6.33 -3.06 -2.95
C ASP A 37 -7.81 -3.38 -2.82
N LEU A 38 -8.65 -2.45 -3.25
CA LEU A 38 -10.10 -2.63 -3.18
C LEU A 38 -10.72 -2.51 -4.57
N GLY A 39 -10.90 -3.66 -5.23
CA GLY A 39 -11.50 -3.66 -6.55
C GLY A 39 -11.01 -4.82 -7.40
N ASP A 40 -11.91 -5.39 -8.18
CA ASP A 40 -11.57 -6.52 -9.04
C ASP A 40 -10.47 -6.13 -10.03
N ASP A 41 -10.52 -4.89 -10.50
CA ASP A 41 -9.52 -4.39 -11.45
C ASP A 41 -8.25 -3.98 -10.73
N LYS A 42 -8.40 -3.42 -9.52
CA LYS A 42 -7.26 -2.98 -8.73
C LYS A 42 -6.38 -4.16 -8.34
N ASN A 43 -6.99 -5.15 -7.68
CA ASN A 43 -6.27 -6.34 -7.24
C ASN A 43 -5.65 -7.07 -8.44
N ASN A 44 -6.46 -7.28 -9.47
CA ASN A 44 -6.00 -7.97 -10.68
C ASN A 44 -4.76 -7.30 -11.24
N PHE A 45 -4.78 -5.96 -11.29
CA PHE A 45 -3.66 -5.21 -11.82
C PHE A 45 -2.39 -5.45 -10.98
N TYR A 46 -2.58 -5.58 -9.67
CA TYR A 46 -1.46 -5.80 -8.76
C TYR A 46 -0.93 -7.22 -8.91
N SER A 47 -1.83 -8.20 -8.83
CA SER A 47 -1.45 -9.60 -8.93
C SER A 47 -0.44 -9.80 -10.06
N SER A 48 -0.56 -9.00 -11.12
CA SER A 48 0.35 -9.09 -12.26
C SER A 48 1.76 -8.66 -11.86
N ILE A 49 1.87 -7.49 -11.25
CA ILE A 49 3.16 -6.97 -10.81
C ILE A 49 3.62 -7.63 -9.52
N ALA A 50 2.71 -8.35 -8.88
CA ALA A 50 3.02 -9.05 -7.64
C ALA A 50 3.49 -10.47 -7.90
N ALA A 51 4.00 -10.71 -9.10
CA ALA A 51 4.47 -12.03 -9.48
C ALA A 51 5.39 -12.61 -8.39
N ASN A 52 4.91 -13.65 -7.72
CA ASN A 52 5.68 -14.30 -6.66
C ASN A 52 6.33 -13.26 -5.76
N THR A 53 5.63 -12.15 -5.54
CA THR A 53 6.14 -11.08 -4.69
C THR A 53 5.16 -10.74 -3.58
N GLN A 54 5.67 -10.57 -2.37
CA GLN A 54 4.84 -10.25 -1.22
C GLN A 54 5.17 -8.86 -0.68
N PHE A 55 4.24 -7.92 -0.87
CA PHE A 55 4.42 -6.55 -0.41
C PHE A 55 3.26 -6.12 0.47
N TRP A 56 3.47 -5.03 1.22
CA TRP A 56 2.43 -4.50 2.10
C TRP A 56 1.39 -3.72 1.31
N ILE A 57 0.17 -3.64 1.85
CA ILE A 57 -0.91 -2.93 1.19
C ILE A 57 -1.51 -1.88 2.12
N GLY A 58 -2.47 -1.11 1.59
CA GLY A 58 -3.11 -0.09 2.40
C GLY A 58 -3.99 -0.67 3.50
N LEU A 59 -4.13 -1.99 3.50
CA LEU A 59 -4.95 -2.67 4.50
C LEU A 59 -4.16 -2.89 5.79
N PHE A 60 -4.69 -2.39 6.89
CA PHE A 60 -4.04 -2.53 8.19
C PHE A 60 -5.07 -2.57 9.31
N LYS A 61 -4.92 -3.54 10.22
CA LYS A 61 -5.83 -3.69 11.34
C LYS A 61 -5.63 -2.57 12.36
N ASN A 62 -6.71 -1.89 12.70
CA ASN A 62 -6.66 -0.80 13.68
C ASN A 62 -6.76 -1.33 15.10
N SER A 63 -6.63 -0.43 16.07
CA SER A 63 -6.70 -0.82 17.48
C SER A 63 -8.01 -1.54 17.78
N ASP A 64 -9.11 -0.98 17.30
CA ASP A 64 -10.43 -1.58 17.51
C ASP A 64 -10.42 -3.05 17.12
N GLY A 65 -9.89 -3.36 15.94
CA GLY A 65 -9.83 -4.72 15.49
C GLY A 65 -10.29 -4.88 14.05
N GLN A 66 -10.71 -3.76 13.45
CA GLN A 66 -11.18 -3.77 12.07
C GLN A 66 -10.06 -3.36 11.10
N PHE A 67 -10.18 -3.77 9.85
CA PHE A 67 -9.19 -3.44 8.84
C PHE A 67 -9.56 -2.15 8.10
N TYR A 68 -8.65 -1.18 8.13
CA TYR A 68 -8.89 0.10 7.47
C TYR A 68 -7.99 0.26 6.24
N TRP A 69 -8.13 1.39 5.56
CA TRP A 69 -7.32 1.67 4.38
C TRP A 69 -6.42 2.87 4.60
N ASP A 70 -5.15 2.73 4.23
CA ASP A 70 -4.18 3.82 4.38
C ASP A 70 -4.51 4.97 3.44
N ARG A 71 -4.85 6.13 4.01
CA ARG A 71 -5.18 7.30 3.23
C ARG A 71 -4.12 8.38 3.39
N GLY A 72 -2.93 7.98 3.81
CA GLY A 72 -1.85 8.93 4.00
C GLY A 72 -1.48 9.10 5.47
N GLN A 73 -0.67 10.11 5.75
CA GLN A 73 -0.24 10.38 7.12
C GLN A 73 -1.18 11.36 7.80
N GLY A 74 -1.72 10.97 8.95
CA GLY A 74 -2.63 11.84 9.68
C GLY A 74 -4.05 11.77 9.14
N ILE A 75 -4.18 11.71 7.82
CA ILE A 75 -5.49 11.66 7.18
C ILE A 75 -6.35 10.57 7.80
N ASN A 76 -7.67 10.77 7.78
CA ASN A 76 -8.60 9.81 8.34
C ASN A 76 -8.67 8.55 7.48
N PRO A 77 -8.53 7.38 8.12
CA PRO A 77 -8.57 6.09 7.42
C PRO A 77 -9.98 5.75 6.92
N ASP A 78 -10.07 4.67 6.16
CA ASP A 78 -11.36 4.24 5.61
C ASP A 78 -11.69 2.82 6.06
N LEU A 79 -12.83 2.66 6.71
CA LEU A 79 -13.27 1.35 7.19
C LEU A 79 -13.60 0.42 6.03
N LEU A 80 -12.95 -0.74 6.00
CA LEU A 80 -13.17 -1.71 4.94
C LEU A 80 -14.64 -2.11 4.86
N ASN A 81 -15.37 -1.47 3.96
CA ASN A 81 -16.80 -1.76 3.79
C ASN A 81 -17.08 -2.25 2.38
N GLN A 82 -16.06 -2.82 1.73
CA GLN A 82 -16.21 -3.34 0.38
C GLN A 82 -16.84 -4.73 0.39
N PRO A 83 -17.74 -4.98 -0.57
CA PRO A 83 -18.42 -6.27 -0.69
C PRO A 83 -17.48 -7.38 -1.14
N ILE A 84 -16.46 -7.02 -1.91
CA ILE A 84 -15.49 -7.99 -2.40
C ILE A 84 -14.25 -8.02 -1.53
N THR A 85 -13.83 -9.22 -1.13
CA THR A 85 -12.66 -9.38 -0.29
C THR A 85 -11.73 -10.45 -0.85
N TYR A 86 -10.47 -10.41 -0.43
CA TYR A 86 -9.48 -11.38 -0.89
C TYR A 86 -8.88 -12.14 0.28
N TRP A 87 -9.56 -12.09 1.42
CA TRP A 87 -9.09 -12.78 2.62
C TRP A 87 -8.74 -14.24 2.31
N ALA A 88 -7.56 -14.66 2.74
CA ALA A 88 -7.11 -16.03 2.52
C ALA A 88 -7.97 -17.02 3.29
N ASN A 89 -7.78 -18.31 3.00
CA ASN A 89 -8.55 -19.36 3.66
C ASN A 89 -8.49 -19.19 5.18
N GLY A 90 -9.62 -18.81 5.77
CA GLY A 90 -9.67 -18.62 7.21
C GLY A 90 -9.45 -17.17 7.61
N GLU A 91 -8.81 -16.41 6.74
CA GLU A 91 -8.53 -15.01 7.02
C GLU A 91 -9.82 -14.19 7.04
N PRO A 92 -9.81 -13.06 7.75
CA PRO A 92 -8.62 -12.61 8.49
C PRO A 92 -8.30 -13.50 9.69
N SER A 93 -7.08 -13.38 10.21
CA SER A 93 -6.67 -14.17 11.35
C SER A 93 -6.87 -13.41 12.66
N ASN A 94 -7.38 -14.10 13.67
CA ASN A 94 -7.63 -13.47 14.97
C ASN A 94 -6.39 -13.57 15.86
N ASP A 95 -5.23 -13.31 15.28
CA ASP A 95 -3.98 -13.35 16.01
C ASP A 95 -3.61 -11.97 16.56
N PRO A 96 -3.19 -11.92 17.84
CA PRO A 96 -2.81 -10.68 18.50
C PRO A 96 -1.51 -10.11 17.95
N THR A 97 -0.64 -10.98 17.46
CA THR A 97 0.65 -10.57 16.91
C THR A 97 0.49 -10.04 15.49
N ARG A 98 -0.32 -10.74 14.69
CA ARG A 98 -0.55 -10.34 13.31
C ARG A 98 -1.72 -9.35 13.22
N GLN A 99 -1.43 -8.13 12.78
CA GLN A 99 -2.45 -7.11 12.64
C GLN A 99 -2.47 -6.53 11.24
N CYS A 100 -1.29 -6.38 10.65
CA CYS A 100 -1.17 -5.83 9.30
C CYS A 100 -1.42 -6.90 8.25
N VAL A 101 -1.79 -6.48 7.05
CA VAL A 101 -2.06 -7.42 5.96
C VAL A 101 -1.18 -7.12 4.76
N TYR A 102 -0.70 -8.18 4.11
CA TYR A 102 0.16 -8.04 2.94
C TYR A 102 -0.34 -8.90 1.79
N PHE A 103 -0.07 -8.46 0.57
CA PHE A 103 -0.49 -9.19 -0.62
C PHE A 103 0.44 -10.39 -0.89
N ASP A 104 -0.11 -11.59 -0.76
CA ASP A 104 0.67 -12.81 -0.98
C ASP A 104 0.64 -13.19 -2.46
N GLY A 105 1.58 -12.66 -3.22
CA GLY A 105 1.64 -12.96 -4.64
C GLY A 105 1.78 -14.44 -4.91
N ARG A 106 2.68 -15.10 -4.17
CA ARG A 106 2.92 -16.52 -4.33
C ARG A 106 1.61 -17.30 -4.25
N SER A 107 0.69 -16.82 -3.43
CA SER A 107 -0.60 -17.47 -3.26
C SER A 107 -1.18 -17.90 -4.60
N GLY A 108 -1.00 -19.17 -4.93
CA GLY A 108 -1.50 -19.69 -6.19
C GLY A 108 -2.82 -19.06 -6.60
N ASP A 109 -3.65 -18.75 -5.61
CA ASP A 109 -4.95 -18.14 -5.86
C ASP A 109 -4.89 -16.62 -5.64
N LYS A 110 -5.81 -15.90 -6.28
CA LYS A 110 -5.86 -14.45 -6.15
C LYS A 110 -6.89 -14.03 -5.12
N SER A 111 -7.94 -14.83 -4.98
CA SER A 111 -9.00 -14.53 -4.02
C SER A 111 -8.55 -14.86 -2.60
N LYS A 112 -7.35 -15.39 -2.48
CA LYS A 112 -6.80 -15.75 -1.17
C LYS A 112 -5.37 -15.23 -1.02
N VAL A 113 -5.13 -14.02 -1.52
CA VAL A 113 -3.81 -13.41 -1.45
C VAL A 113 -3.64 -12.64 -0.13
N TRP A 114 -4.75 -12.13 0.40
CA TRP A 114 -4.72 -11.39 1.64
C TRP A 114 -4.28 -12.27 2.80
N THR A 115 -3.23 -11.85 3.51
CA THR A 115 -2.72 -12.61 4.65
C THR A 115 -2.26 -11.69 5.76
N THR A 116 -2.68 -11.98 6.98
CA THR A 116 -2.31 -11.18 8.14
C THR A 116 -0.94 -11.59 8.68
N ASP A 117 -0.22 -10.61 9.23
CA ASP A 117 1.10 -10.86 9.77
C ASP A 117 1.58 -9.68 10.62
N THR A 118 2.67 -9.88 11.34
CA THR A 118 3.23 -8.84 12.19
C THR A 118 3.66 -7.63 11.36
N CYS A 119 3.58 -6.45 11.97
CA CYS A 119 3.96 -5.22 11.30
C CYS A 119 5.43 -4.90 11.52
N ALA A 120 6.23 -5.94 11.73
CA ALA A 120 7.66 -5.77 11.97
C ALA A 120 8.48 -6.41 10.86
N THR A 121 7.90 -7.42 10.21
CA THR A 121 8.58 -8.13 9.13
C THR A 121 8.90 -7.18 7.98
N PRO A 122 10.19 -7.06 7.66
CA PRO A 122 10.66 -6.20 6.57
C PRO A 122 10.27 -6.73 5.20
N ARG A 123 9.33 -6.05 4.55
CA ARG A 123 8.86 -6.45 3.23
C ARG A 123 8.65 -5.24 2.33
N PRO A 124 8.61 -5.47 1.01
CA PRO A 124 8.42 -4.40 0.03
C PRO A 124 7.00 -3.84 0.06
N PHE A 125 6.84 -2.62 -0.45
CA PHE A 125 5.54 -1.96 -0.47
C PHE A 125 5.37 -1.15 -1.75
N ILE A 126 4.21 -0.51 -1.89
CA ILE A 126 3.92 0.32 -3.06
C ILE A 126 3.27 1.63 -2.66
N CYS A 127 3.90 2.74 -3.05
CA CYS A 127 3.38 4.07 -2.74
C CYS A 127 2.47 4.57 -3.85
N GLN A 128 1.40 5.26 -3.46
CA GLN A 128 0.45 5.79 -4.43
C GLN A 128 0.28 7.30 -4.26
N LYS A 129 0.04 8.00 -5.36
CA LYS A 129 -0.13 9.45 -5.33
C LYS A 129 -1.56 9.81 -4.91
N HIS A 130 -1.78 11.09 -4.66
CA HIS A 130 -3.10 11.58 -4.26
C HIS A 130 -4.12 11.34 -5.36
N ARG A 131 -5.38 11.17 -4.97
CA ARG A 131 -6.46 10.94 -5.93
C ARG A 131 -7.03 12.26 -6.44
N TYR A 132 -7.38 13.14 -5.51
CA TYR A 132 -7.94 14.44 -5.87
C TYR A 132 -7.29 15.55 -5.05
N ASP A 133 -7.32 16.77 -5.60
CA ASP A 133 -6.74 17.92 -4.91
C ASP A 133 -7.41 18.17 -3.57
N SER A 134 -6.64 18.06 -2.50
CA SER A 134 -7.17 18.27 -1.16
C SER A 134 -6.63 19.57 -0.55
N ASP A 135 -6.43 20.56 -1.41
CA ASP A 135 -5.92 21.86 -0.95
C ASP A 135 -6.90 22.97 -1.29
N HIS A 136 -6.70 24.13 -0.67
CA HIS A 136 -7.57 25.28 -0.90
C HIS A 136 -7.06 26.13 -2.05
N LYS A 137 -6.73 25.48 -3.16
CA LYS A 137 -6.22 26.19 -4.34
C LYS A 137 -6.96 25.74 -5.60
N PRO A 138 -7.20 26.71 -6.50
CA PRO A 138 -7.90 26.44 -7.76
C PRO A 138 -7.06 25.61 -8.73
N ASN A 139 -7.68 25.18 -9.82
CA ASN A 139 -6.99 24.37 -10.82
C ASN A 139 -6.43 25.25 -11.93
N THR A 140 -5.13 25.11 -12.18
CA THR A 140 -4.47 25.89 -13.22
C THR A 140 -5.01 25.54 -14.60
N ILE A 141 -5.17 24.25 -14.86
CA ILE A 141 -5.68 23.77 -16.14
C ILE A 141 -6.75 24.72 -16.69
N GLY A 142 -6.74 24.92 -18.00
CA GLY A 142 -7.72 25.79 -18.63
C GLY A 142 -8.81 25.03 -19.35
N ASP A 143 -8.44 24.36 -20.44
CA ASP A 143 -9.40 23.59 -21.22
C ASP A 143 -8.81 22.24 -21.61
N ALA A 144 -9.64 21.20 -21.52
CA ALA A 144 -9.19 19.85 -21.86
C ALA A 144 -9.70 19.44 -23.24
N SER A 145 -11.03 19.41 -23.40
CA SER A 145 -11.64 19.03 -24.67
C SER A 145 -12.19 20.26 -25.39
N GLY A 146 -11.68 20.51 -26.59
CA GLY A 146 -12.13 21.65 -27.38
C GLY A 146 -11.22 21.94 -28.55
N PRO A 147 -10.30 22.90 -28.36
CA PRO A 147 -9.35 23.29 -29.41
C PRO A 147 -8.31 22.21 -29.69
N SER A 148 -7.51 22.43 -30.71
CA SER A 148 -6.47 21.47 -31.10
C SER A 148 -5.52 21.22 -29.93
N SER A 149 -5.83 20.23 -29.12
CA SER A 149 -5.00 19.89 -27.97
C SER A 149 -4.73 18.38 -27.92
N GLY A 150 -3.46 18.02 -27.90
CA GLY A 150 -3.07 16.62 -27.85
C GLY A 150 -2.30 16.18 -29.09
N GLY A 1 8.17 19.66 -7.76
CA GLY A 1 9.48 20.05 -7.25
C GLY A 1 10.58 19.88 -8.28
N SER A 2 11.65 20.67 -8.14
CA SER A 2 12.77 20.59 -9.07
C SER A 2 13.83 19.63 -8.57
N SER A 3 14.17 19.74 -7.29
CA SER A 3 15.19 18.88 -6.69
C SER A 3 14.57 17.54 -6.27
N GLY A 4 15.18 16.45 -6.74
CA GLY A 4 14.68 15.13 -6.41
C GLY A 4 13.65 14.63 -7.40
N SER A 5 14.05 14.58 -8.67
CA SER A 5 13.15 14.13 -9.74
C SER A 5 13.01 12.61 -9.70
N SER A 6 14.14 11.91 -9.69
CA SER A 6 14.15 10.46 -9.67
C SER A 6 14.39 9.94 -8.26
N GLY A 7 13.40 9.24 -7.72
CA GLY A 7 13.51 8.69 -6.39
C GLY A 7 12.60 7.50 -6.16
N VAL A 8 11.40 7.77 -5.66
CA VAL A 8 10.43 6.70 -5.39
C VAL A 8 9.35 6.67 -6.46
N LYS A 9 9.18 5.50 -7.09
CA LYS A 9 8.17 5.34 -8.13
C LYS A 9 6.84 4.89 -7.54
N PHE A 10 5.76 5.15 -8.26
CA PHE A 10 4.42 4.77 -7.81
C PHE A 10 3.99 3.45 -8.46
N LEU A 11 2.93 2.85 -7.91
CA LEU A 11 2.42 1.60 -8.43
C LEU A 11 3.54 0.67 -8.86
N THR A 12 4.59 0.60 -8.04
CA THR A 12 5.74 -0.25 -8.33
C THR A 12 6.35 -0.82 -7.06
N VAL A 13 6.53 -2.13 -7.04
CA VAL A 13 7.12 -2.80 -5.87
C VAL A 13 8.59 -2.43 -5.70
N ASN A 14 8.87 -1.60 -4.71
CA ASN A 14 10.23 -1.17 -4.44
C ASN A 14 10.95 -2.17 -3.53
N ASP A 15 12.03 -2.75 -4.04
CA ASP A 15 12.80 -3.72 -3.27
C ASP A 15 12.95 -3.27 -1.82
N ASP A 16 13.35 -2.02 -1.63
CA ASP A 16 13.53 -1.47 -0.30
C ASP A 16 12.53 -2.06 0.68
N ILE A 17 12.97 -3.06 1.44
CA ILE A 17 12.11 -3.71 2.42
C ILE A 17 12.07 -2.94 3.73
N LEU A 18 10.86 -2.73 4.25
CA LEU A 18 10.69 -2.01 5.51
C LEU A 18 9.41 -2.44 6.21
N SER A 19 9.46 -2.49 7.54
CA SER A 19 8.30 -2.90 8.33
C SER A 19 7.09 -2.03 8.00
N MET A 20 5.90 -2.55 8.30
CA MET A 20 4.66 -1.82 8.03
C MET A 20 4.75 -0.39 8.54
N PRO A 21 5.12 -0.24 9.81
CA PRO A 21 5.24 1.08 10.45
C PRO A 21 6.43 1.87 9.91
N GLN A 22 7.18 1.26 9.00
CA GLN A 22 8.34 1.91 8.40
C GLN A 22 8.07 2.27 6.95
N ALA A 23 7.26 1.46 6.28
CA ALA A 23 6.92 1.69 4.88
C ALA A 23 5.93 2.85 4.75
N ARG A 24 4.72 2.65 5.26
CA ARG A 24 3.69 3.68 5.20
C ARG A 24 4.25 5.04 5.59
N ASN A 25 5.19 5.04 6.53
CA ASN A 25 5.81 6.28 6.98
C ASN A 25 6.75 6.85 5.92
N PHE A 26 7.40 5.95 5.19
CA PHE A 26 8.33 6.36 4.14
C PHE A 26 7.59 7.00 2.97
N CYS A 27 6.72 6.22 2.33
CA CYS A 27 5.95 6.72 1.19
C CYS A 27 5.49 8.15 1.43
N ALA A 28 5.11 8.45 2.67
CA ALA A 28 4.66 9.78 3.02
C ALA A 28 5.75 10.82 2.78
N SER A 29 6.95 10.53 3.27
CA SER A 29 8.08 11.45 3.11
C SER A 29 8.38 11.68 1.63
N ALA A 30 8.35 10.61 0.84
CA ALA A 30 8.62 10.71 -0.59
C ALA A 30 7.56 11.55 -1.29
N GLY A 31 6.30 11.35 -0.91
CA GLY A 31 5.21 12.09 -1.52
C GLY A 31 4.04 11.22 -1.90
N GLY A 32 3.76 10.22 -1.06
CA GLY A 32 2.66 9.31 -1.34
C GLY A 32 2.30 8.46 -0.14
N TYR A 33 1.60 7.35 -0.39
CA TYR A 33 1.19 6.45 0.68
C TYR A 33 0.90 5.06 0.13
N LEU A 34 0.84 4.07 1.03
CA LEU A 34 0.57 2.70 0.63
C LEU A 34 -0.59 2.64 -0.36
N ALA A 35 -0.41 1.88 -1.43
CA ALA A 35 -1.45 1.73 -2.45
C ALA A 35 -2.48 0.68 -2.04
N ASP A 36 -3.70 1.13 -1.79
CA ASP A 36 -4.77 0.24 -1.39
C ASP A 36 -5.14 -0.72 -2.52
N ASP A 37 -5.88 -1.77 -2.18
CA ASP A 37 -6.29 -2.76 -3.16
C ASP A 37 -7.77 -3.11 -3.01
N LEU A 38 -8.63 -2.19 -3.46
CA LEU A 38 -10.07 -2.39 -3.37
C LEU A 38 -10.72 -2.28 -4.75
N GLY A 39 -10.90 -3.42 -5.41
CA GLY A 39 -11.51 -3.44 -6.71
C GLY A 39 -10.97 -4.55 -7.60
N ASP A 40 -11.85 -5.46 -8.00
CA ASP A 40 -11.46 -6.58 -8.84
C ASP A 40 -10.38 -6.16 -9.83
N ASP A 41 -10.49 -4.95 -10.35
CA ASP A 41 -9.52 -4.43 -11.31
C ASP A 41 -8.21 -4.08 -10.62
N LYS A 42 -8.30 -3.26 -9.57
CA LYS A 42 -7.11 -2.84 -8.82
C LYS A 42 -6.30 -4.06 -8.39
N ASN A 43 -6.95 -5.00 -7.71
CA ASN A 43 -6.28 -6.21 -7.23
C ASN A 43 -5.74 -7.02 -8.40
N ASN A 44 -6.58 -7.22 -9.41
CA ASN A 44 -6.19 -7.99 -10.59
C ASN A 44 -4.90 -7.44 -11.19
N PHE A 45 -4.82 -6.12 -11.28
CA PHE A 45 -3.64 -5.46 -11.84
C PHE A 45 -2.41 -5.75 -10.99
N TYR A 46 -2.58 -5.70 -9.68
CA TYR A 46 -1.47 -5.95 -8.76
C TYR A 46 -1.02 -7.41 -8.84
N SER A 47 -1.97 -8.33 -8.75
CA SER A 47 -1.67 -9.76 -8.81
C SER A 47 -0.70 -10.05 -9.95
N SER A 48 -0.74 -9.23 -10.98
CA SER A 48 0.13 -9.40 -12.14
C SER A 48 1.57 -9.02 -11.80
N ILE A 49 1.77 -7.76 -11.40
CA ILE A 49 3.09 -7.27 -11.04
C ILE A 49 3.60 -7.94 -9.78
N ALA A 50 2.69 -8.54 -9.01
CA ALA A 50 3.05 -9.22 -7.78
C ALA A 50 3.52 -10.64 -8.06
N ALA A 51 3.99 -10.88 -9.29
CA ALA A 51 4.46 -12.20 -9.67
C ALA A 51 5.46 -12.75 -8.66
N ASN A 52 4.95 -13.50 -7.69
CA ASN A 52 5.80 -14.08 -6.65
C ASN A 52 6.44 -12.99 -5.80
N THR A 53 5.70 -11.91 -5.57
CA THR A 53 6.20 -10.80 -4.77
C THR A 53 5.24 -10.46 -3.63
N GLN A 54 5.76 -10.40 -2.42
CA GLN A 54 4.95 -10.09 -1.25
C GLN A 54 5.27 -8.69 -0.71
N PHE A 55 4.32 -7.78 -0.85
CA PHE A 55 4.51 -6.42 -0.38
C PHE A 55 3.32 -5.95 0.46
N TRP A 56 3.53 -4.92 1.25
CA TRP A 56 2.47 -4.38 2.11
C TRP A 56 1.43 -3.62 1.29
N ILE A 57 0.26 -3.41 1.87
CA ILE A 57 -0.81 -2.69 1.18
C ILE A 57 -1.47 -1.69 2.12
N GLY A 58 -2.51 -1.02 1.61
CA GLY A 58 -3.21 -0.04 2.42
C GLY A 58 -4.05 -0.67 3.51
N LEU A 59 -4.33 -1.96 3.36
CA LEU A 59 -5.13 -2.68 4.36
C LEU A 59 -4.31 -2.97 5.61
N PHE A 60 -4.82 -2.52 6.75
CA PHE A 60 -4.14 -2.73 8.03
C PHE A 60 -5.13 -2.77 9.18
N LYS A 61 -4.93 -3.70 10.11
CA LYS A 61 -5.81 -3.84 11.26
C LYS A 61 -5.50 -2.78 12.31
N ASN A 62 -6.56 -2.25 12.94
CA ASN A 62 -6.40 -1.22 13.96
C ASN A 62 -6.45 -1.83 15.36
N SER A 63 -6.36 -0.99 16.37
CA SER A 63 -6.40 -1.44 17.76
C SER A 63 -7.67 -2.25 18.03
N ASP A 64 -8.81 -1.66 17.72
CA ASP A 64 -10.09 -2.32 17.94
C ASP A 64 -10.07 -3.73 17.37
N GLY A 65 -9.58 -3.87 16.14
CA GLY A 65 -9.52 -5.17 15.50
C GLY A 65 -10.14 -5.18 14.12
N GLN A 66 -10.39 -3.98 13.59
CA GLN A 66 -10.99 -3.86 12.26
C GLN A 66 -9.95 -3.49 11.22
N PHE A 67 -10.22 -3.83 9.97
CA PHE A 67 -9.30 -3.54 8.87
C PHE A 67 -9.63 -2.19 8.24
N TYR A 68 -8.63 -1.33 8.13
CA TYR A 68 -8.81 -0.01 7.54
C TYR A 68 -7.93 0.16 6.30
N TRP A 69 -8.14 1.27 5.60
CA TRP A 69 -7.37 1.55 4.39
C TRP A 69 -6.42 2.73 4.61
N ASP A 70 -5.17 2.57 4.18
CA ASP A 70 -4.17 3.63 4.33
C ASP A 70 -4.38 4.72 3.28
N ARG A 71 -4.58 5.95 3.74
CA ARG A 71 -4.79 7.08 2.85
C ARG A 71 -3.84 8.23 3.19
N GLY A 72 -2.66 7.87 3.71
CA GLY A 72 -1.68 8.88 4.07
C GLY A 72 -1.22 8.75 5.50
N GLN A 73 -0.49 9.76 5.98
CA GLN A 73 0.01 9.74 7.35
C GLN A 73 -1.02 10.33 8.33
N GLY A 74 -1.34 11.60 8.14
CA GLY A 74 -2.31 12.25 9.00
C GLY A 74 -3.71 12.22 8.43
N ILE A 75 -3.91 11.41 7.39
CA ILE A 75 -5.21 11.31 6.75
C ILE A 75 -6.08 10.25 7.44
N ASN A 76 -7.38 10.52 7.51
CA ASN A 76 -8.31 9.60 8.15
C ASN A 76 -8.40 8.29 7.37
N PRO A 77 -8.12 7.17 8.04
CA PRO A 77 -8.17 5.84 7.43
C PRO A 77 -9.59 5.41 7.10
N ASP A 78 -9.79 4.94 5.87
CA ASP A 78 -11.11 4.49 5.42
C ASP A 78 -11.33 3.02 5.77
N LEU A 79 -12.19 2.78 6.77
CA LEU A 79 -12.49 1.42 7.20
C LEU A 79 -12.92 0.56 6.02
N LEU A 80 -12.76 -0.76 6.16
CA LEU A 80 -13.14 -1.70 5.12
C LEU A 80 -14.66 -1.85 5.06
N ASN A 81 -15.29 -1.09 4.18
CA ASN A 81 -16.74 -1.14 4.01
C ASN A 81 -17.11 -1.69 2.64
N GLN A 82 -16.28 -2.59 2.12
CA GLN A 82 -16.53 -3.19 0.81
C GLN A 82 -17.04 -4.61 0.96
N PRO A 83 -18.05 -4.97 0.14
CA PRO A 83 -18.65 -6.30 0.16
C PRO A 83 -17.72 -7.37 -0.39
N ILE A 84 -16.86 -6.97 -1.32
CA ILE A 84 -15.90 -7.90 -1.92
C ILE A 84 -14.57 -7.87 -1.19
N THR A 85 -13.99 -9.04 -0.97
CA THR A 85 -12.70 -9.14 -0.29
C THR A 85 -11.81 -10.19 -0.95
N TYR A 86 -10.51 -10.12 -0.66
CA TYR A 86 -9.56 -11.06 -1.23
C TYR A 86 -8.93 -11.92 -0.13
N TRP A 87 -9.48 -11.83 1.08
CA TRP A 87 -8.98 -12.60 2.21
C TRP A 87 -8.62 -14.02 1.78
N ALA A 88 -7.42 -14.46 2.16
CA ALA A 88 -6.96 -15.80 1.82
C ALA A 88 -7.74 -16.87 2.58
N ASN A 89 -7.34 -18.12 2.42
CA ASN A 89 -8.01 -19.22 3.09
C ASN A 89 -8.04 -19.01 4.61
N GLY A 90 -9.24 -18.95 5.18
CA GLY A 90 -9.38 -18.76 6.60
C GLY A 90 -9.23 -17.31 7.01
N GLU A 91 -8.62 -16.51 6.13
CA GLU A 91 -8.41 -15.09 6.40
C GLU A 91 -9.73 -14.33 6.36
N PRO A 92 -9.78 -13.20 7.09
CA PRO A 92 -8.65 -12.71 7.87
C PRO A 92 -8.35 -13.59 9.09
N SER A 93 -7.08 -13.70 9.44
CA SER A 93 -6.67 -14.52 10.58
C SER A 93 -6.93 -13.78 11.89
N ASN A 94 -7.58 -14.47 12.84
CA ASN A 94 -7.88 -13.89 14.13
C ASN A 94 -6.71 -14.03 15.09
N ASP A 95 -5.51 -13.78 14.58
CA ASP A 95 -4.30 -13.87 15.39
C ASP A 95 -3.88 -12.51 15.91
N PRO A 96 -3.48 -12.45 17.20
CA PRO A 96 -3.04 -11.21 17.84
C PRO A 96 -1.70 -10.72 17.30
N THR A 97 -0.79 -11.64 17.06
CA THR A 97 0.53 -11.30 16.53
C THR A 97 0.43 -10.68 15.14
N ARG A 98 -0.52 -11.16 14.35
CA ARG A 98 -0.72 -10.66 13.00
C ARG A 98 -1.86 -9.63 12.96
N GLN A 99 -1.52 -8.40 12.60
CA GLN A 99 -2.51 -7.33 12.53
C GLN A 99 -2.51 -6.68 11.15
N CYS A 100 -1.32 -6.50 10.58
CA CYS A 100 -1.19 -5.90 9.26
C CYS A 100 -1.39 -6.93 8.16
N VAL A 101 -1.79 -6.47 6.98
CA VAL A 101 -2.02 -7.35 5.85
C VAL A 101 -1.04 -7.05 4.71
N TYR A 102 -0.61 -8.10 4.02
CA TYR A 102 0.32 -7.94 2.91
C TYR A 102 -0.11 -8.80 1.71
N PHE A 103 -0.06 -8.21 0.53
CA PHE A 103 -0.44 -8.92 -0.69
C PHE A 103 0.45 -10.13 -0.92
N ASP A 104 -0.17 -11.30 -1.06
CA ASP A 104 0.56 -12.54 -1.28
C ASP A 104 0.63 -12.87 -2.77
N GLY A 105 1.66 -12.35 -3.44
CA GLY A 105 1.82 -12.59 -4.86
C GLY A 105 1.96 -14.07 -5.17
N ARG A 106 2.79 -14.76 -4.40
CA ARG A 106 3.01 -16.19 -4.60
C ARG A 106 1.69 -16.94 -4.66
N SER A 107 0.78 -16.60 -3.75
CA SER A 107 -0.52 -17.24 -3.69
C SER A 107 -1.03 -17.59 -5.09
N GLY A 108 -0.91 -18.87 -5.44
CA GLY A 108 -1.36 -19.32 -6.76
C GLY A 108 -2.62 -18.61 -7.20
N ASP A 109 -3.53 -18.36 -6.27
CA ASP A 109 -4.78 -17.69 -6.58
C ASP A 109 -4.71 -16.20 -6.26
N LYS A 110 -5.35 -15.38 -7.07
CA LYS A 110 -5.36 -13.94 -6.87
C LYS A 110 -6.46 -13.52 -5.91
N SER A 111 -7.46 -14.39 -5.75
CA SER A 111 -8.59 -14.11 -4.87
C SER A 111 -8.21 -14.41 -3.41
N LYS A 112 -7.09 -15.07 -3.22
CA LYS A 112 -6.62 -15.41 -1.88
C LYS A 112 -5.21 -14.87 -1.64
N VAL A 113 -4.95 -13.68 -2.17
CA VAL A 113 -3.65 -13.04 -2.01
C VAL A 113 -3.56 -12.34 -0.66
N TRP A 114 -4.68 -11.84 -0.17
CA TRP A 114 -4.73 -11.15 1.11
C TRP A 114 -4.30 -12.08 2.25
N THR A 115 -3.19 -11.72 2.91
CA THR A 115 -2.67 -12.52 4.01
C THR A 115 -2.16 -11.62 5.13
N THR A 116 -2.61 -11.91 6.35
CA THR A 116 -2.19 -11.13 7.51
C THR A 116 -0.78 -11.51 7.95
N ASP A 117 -0.14 -10.62 8.70
CA ASP A 117 1.21 -10.85 9.18
C ASP A 117 1.65 -9.74 10.14
N THR A 118 2.69 -10.03 10.92
CA THR A 118 3.21 -9.06 11.89
C THR A 118 3.64 -7.77 11.20
N CYS A 119 3.51 -6.65 11.90
CA CYS A 119 3.89 -5.36 11.36
C CYS A 119 5.35 -5.05 11.65
N ALA A 120 6.16 -6.10 11.76
CA ALA A 120 7.59 -5.94 12.04
C ALA A 120 8.44 -6.61 10.97
N THR A 121 7.79 -7.46 10.16
CA THR A 121 8.49 -8.17 9.10
C THR A 121 8.86 -7.24 7.95
N PRO A 122 10.17 -7.19 7.64
CA PRO A 122 10.68 -6.33 6.56
C PRO A 122 10.26 -6.81 5.18
N ARG A 123 9.34 -6.08 4.56
CA ARG A 123 8.85 -6.43 3.24
C ARG A 123 8.67 -5.19 2.38
N PRO A 124 8.64 -5.38 1.05
CA PRO A 124 8.46 -4.29 0.09
C PRO A 124 7.06 -3.70 0.13
N PHE A 125 6.89 -2.53 -0.49
CA PHE A 125 5.60 -1.87 -0.53
C PHE A 125 5.42 -1.09 -1.83
N ILE A 126 4.32 -0.36 -1.93
CA ILE A 126 4.03 0.43 -3.12
C ILE A 126 3.37 1.76 -2.75
N CYS A 127 3.96 2.86 -3.21
CA CYS A 127 3.42 4.19 -2.93
C CYS A 127 2.39 4.58 -3.98
N GLN A 128 1.37 5.33 -3.56
CA GLN A 128 0.32 5.78 -4.45
C GLN A 128 0.01 7.24 -4.23
N LYS A 129 -0.40 7.93 -5.30
CA LYS A 129 -0.73 9.34 -5.22
C LYS A 129 -2.23 9.53 -4.95
N HIS A 130 -2.61 10.77 -4.62
CA HIS A 130 -4.01 11.08 -4.34
C HIS A 130 -4.73 11.53 -5.60
N ARG A 131 -5.34 10.58 -6.29
CA ARG A 131 -6.08 10.87 -7.52
C ARG A 131 -7.55 10.51 -7.38
N TYR A 132 -8.32 11.42 -6.77
CA TYR A 132 -9.74 11.19 -6.56
C TYR A 132 -10.41 12.43 -5.96
N ASP A 133 -11.59 12.75 -6.45
CA ASP A 133 -12.33 13.91 -5.97
C ASP A 133 -11.38 15.04 -5.58
N SER A 134 -10.38 15.27 -6.42
CA SER A 134 -9.40 16.32 -6.16
C SER A 134 -10.09 17.65 -5.86
N ASP A 135 -10.91 18.11 -6.80
CA ASP A 135 -11.64 19.36 -6.64
C ASP A 135 -12.90 19.37 -7.48
N HIS A 136 -13.82 20.29 -7.17
CA HIS A 136 -15.07 20.41 -7.90
C HIS A 136 -15.01 21.54 -8.92
N LYS A 137 -14.81 22.75 -8.43
CA LYS A 137 -14.74 23.93 -9.29
C LYS A 137 -13.66 24.90 -8.80
N PRO A 138 -12.73 25.26 -9.70
CA PRO A 138 -11.64 26.18 -9.38
C PRO A 138 -12.13 27.61 -9.17
N ASN A 139 -13.19 27.98 -9.86
CA ASN A 139 -13.77 29.32 -9.75
C ASN A 139 -13.63 29.84 -8.31
N THR A 140 -13.81 28.95 -7.34
CA THR A 140 -13.72 29.31 -5.94
C THR A 140 -13.27 28.13 -5.09
N ILE A 141 -12.06 28.23 -4.54
CA ILE A 141 -11.52 27.16 -3.70
C ILE A 141 -10.21 27.59 -3.05
N GLY A 142 -10.21 27.68 -1.72
CA GLY A 142 -9.01 28.07 -1.01
C GLY A 142 -8.55 27.03 -0.01
N ASP A 143 -7.50 26.30 -0.35
CA ASP A 143 -6.97 25.26 0.52
C ASP A 143 -5.50 25.52 0.84
N ALA A 144 -4.98 24.78 1.82
CA ALA A 144 -3.59 24.93 2.23
C ALA A 144 -2.70 23.91 1.53
N SER A 145 -2.06 24.34 0.45
CA SER A 145 -1.17 23.46 -0.31
C SER A 145 0.16 24.14 -0.59
N GLY A 146 1.25 23.39 -0.44
CA GLY A 146 2.57 23.93 -0.68
C GLY A 146 3.67 23.03 -0.17
N PRO A 147 4.77 22.94 -0.94
CA PRO A 147 5.92 22.10 -0.58
C PRO A 147 6.69 22.66 0.62
N SER A 148 7.64 21.88 1.12
CA SER A 148 8.44 22.30 2.26
C SER A 148 9.09 23.65 2.01
N SER A 149 9.39 24.37 3.08
CA SER A 149 10.01 25.68 2.97
C SER A 149 11.41 25.58 2.40
N GLY A 150 11.75 26.52 1.51
CA GLY A 150 13.06 26.50 0.89
C GLY A 150 13.91 27.67 1.34
N GLY A 1 16.86 14.14 -23.44
CA GLY A 1 15.81 13.42 -22.74
C GLY A 1 15.75 13.77 -21.26
N SER A 2 16.64 13.17 -20.48
CA SER A 2 16.69 13.42 -19.05
C SER A 2 16.36 14.87 -18.74
N SER A 3 15.17 15.10 -18.18
CA SER A 3 14.74 16.44 -17.84
C SER A 3 14.55 16.59 -16.33
N GLY A 4 13.65 15.79 -15.77
CA GLY A 4 13.38 15.84 -14.34
C GLY A 4 13.88 14.61 -13.62
N SER A 5 13.84 14.65 -12.29
CA SER A 5 14.29 13.53 -11.48
C SER A 5 13.11 12.73 -10.94
N SER A 6 13.21 11.41 -11.02
CA SER A 6 12.13 10.53 -10.55
C SER A 6 12.55 9.84 -9.25
N GLY A 7 12.15 10.42 -8.12
CA GLY A 7 12.49 9.85 -6.83
C GLY A 7 11.86 8.48 -6.63
N VAL A 8 10.66 8.46 -6.07
CA VAL A 8 9.95 7.21 -5.82
C VAL A 8 8.85 6.99 -6.84
N LYS A 9 8.78 5.78 -7.37
CA LYS A 9 7.76 5.42 -8.36
C LYS A 9 6.43 5.09 -7.69
N PHE A 10 5.35 5.20 -8.44
CA PHE A 10 4.02 4.91 -7.92
C PHE A 10 3.46 3.63 -8.54
N LEU A 11 2.72 2.86 -7.75
CA LEU A 11 2.13 1.62 -8.21
C LEU A 11 3.20 0.63 -8.64
N THR A 12 4.37 0.73 -8.00
CA THR A 12 5.49 -0.16 -8.31
C THR A 12 6.10 -0.73 -7.04
N VAL A 13 6.28 -2.05 -7.01
CA VAL A 13 6.86 -2.71 -5.85
C VAL A 13 8.35 -2.40 -5.73
N ASN A 14 8.70 -1.67 -4.67
CA ASN A 14 10.09 -1.31 -4.43
C ASN A 14 10.81 -2.39 -3.62
N ASP A 15 11.95 -2.84 -4.13
CA ASP A 15 12.74 -3.87 -3.46
C ASP A 15 12.95 -3.51 -1.99
N ASP A 16 13.37 -2.28 -1.74
CA ASP A 16 13.61 -1.82 -0.39
C ASP A 16 12.56 -2.36 0.58
N ILE A 17 12.93 -3.37 1.36
CA ILE A 17 12.02 -3.97 2.31
C ILE A 17 11.96 -3.17 3.61
N LEU A 18 10.76 -2.93 4.09
CA LEU A 18 10.56 -2.18 5.33
C LEU A 18 9.25 -2.57 6.01
N SER A 19 9.28 -2.64 7.34
CA SER A 19 8.10 -3.01 8.11
C SER A 19 6.93 -2.11 7.76
N MET A 20 5.72 -2.53 8.15
CA MET A 20 4.52 -1.75 7.89
C MET A 20 4.67 -0.33 8.40
N PRO A 21 5.07 -0.19 9.67
CA PRO A 21 5.25 1.12 10.31
C PRO A 21 6.46 1.87 9.75
N GLN A 22 7.20 1.21 8.85
CA GLN A 22 8.38 1.82 8.25
C GLN A 22 8.10 2.21 6.80
N ALA A 23 7.23 1.45 6.15
CA ALA A 23 6.88 1.73 4.75
C ALA A 23 5.95 2.94 4.65
N ARG A 24 4.74 2.79 5.18
CA ARG A 24 3.76 3.88 5.15
C ARG A 24 4.43 5.23 5.44
N ASN A 25 5.33 5.23 6.41
CA ASN A 25 6.04 6.46 6.78
C ASN A 25 6.93 6.94 5.64
N PHE A 26 7.54 5.99 4.94
CA PHE A 26 8.41 6.31 3.82
C PHE A 26 7.63 6.97 2.68
N CYS A 27 6.69 6.22 2.11
CA CYS A 27 5.88 6.72 1.01
C CYS A 27 5.39 8.13 1.30
N ALA A 28 4.96 8.36 2.54
CA ALA A 28 4.47 9.68 2.93
C ALA A 28 5.54 10.74 2.74
N SER A 29 6.75 10.45 3.20
CA SER A 29 7.86 11.39 3.09
C SER A 29 8.14 11.72 1.62
N ALA A 30 8.13 10.69 0.77
CA ALA A 30 8.38 10.88 -0.65
C ALA A 30 7.29 11.73 -1.29
N GLY A 31 6.05 11.53 -0.85
CA GLY A 31 4.94 12.28 -1.40
C GLY A 31 3.81 11.39 -1.86
N GLY A 32 3.57 10.31 -1.12
CA GLY A 32 2.50 9.38 -1.49
C GLY A 32 1.99 8.59 -0.29
N TYR A 33 1.31 7.49 -0.57
CA TYR A 33 0.76 6.64 0.49
C TYR A 33 0.57 5.21 -0.01
N LEU A 34 0.45 4.28 0.93
CA LEU A 34 0.26 2.87 0.60
C LEU A 34 -0.91 2.70 -0.38
N ALA A 35 -0.72 1.86 -1.39
CA ALA A 35 -1.75 1.61 -2.38
C ALA A 35 -2.74 0.56 -1.89
N ASP A 36 -4.03 0.91 -1.94
CA ASP A 36 -5.07 -0.01 -1.49
C ASP A 36 -5.41 -1.02 -2.58
N ASP A 37 -5.92 -2.18 -2.17
CA ASP A 37 -6.28 -3.23 -3.10
C ASP A 37 -7.79 -3.37 -3.21
N LEU A 38 -8.48 -2.24 -3.17
CA LEU A 38 -9.95 -2.22 -3.27
C LEU A 38 -10.40 -2.11 -4.71
N GLY A 39 -10.89 -3.22 -5.27
CA GLY A 39 -11.36 -3.21 -6.65
C GLY A 39 -10.80 -4.36 -7.45
N ASP A 40 -11.68 -5.08 -8.14
CA ASP A 40 -11.27 -6.22 -8.96
C ASP A 40 -10.14 -5.83 -9.92
N ASP A 41 -10.21 -4.59 -10.42
CA ASP A 41 -9.21 -4.09 -11.35
C ASP A 41 -7.93 -3.71 -10.61
N LYS A 42 -8.07 -3.31 -9.35
CA LYS A 42 -6.94 -2.91 -8.53
C LYS A 42 -6.12 -4.12 -8.11
N ASN A 43 -6.81 -5.17 -7.65
CA ASN A 43 -6.15 -6.39 -7.21
C ASN A 43 -5.46 -7.08 -8.39
N ASN A 44 -6.21 -7.28 -9.47
CA ASN A 44 -5.67 -7.93 -10.66
C ASN A 44 -4.41 -7.23 -11.14
N PHE A 45 -4.50 -5.91 -11.31
CA PHE A 45 -3.36 -5.12 -11.77
C PHE A 45 -2.13 -5.38 -10.90
N TYR A 46 -2.36 -5.65 -9.63
CA TYR A 46 -1.27 -5.92 -8.69
C TYR A 46 -0.76 -7.34 -8.85
N SER A 47 -1.68 -8.30 -8.86
CA SER A 47 -1.32 -9.71 -9.00
C SER A 47 -0.28 -9.89 -10.11
N SER A 48 -0.47 -9.19 -11.22
CA SER A 48 0.44 -9.28 -12.36
C SER A 48 1.86 -8.90 -11.94
N ILE A 49 2.00 -7.70 -11.39
CA ILE A 49 3.31 -7.23 -10.95
C ILE A 49 3.75 -7.94 -9.67
N ALA A 50 2.81 -8.61 -9.01
CA ALA A 50 3.11 -9.33 -7.79
C ALA A 50 3.56 -10.76 -8.09
N ALA A 51 4.07 -10.98 -9.29
CA ALA A 51 4.54 -12.30 -9.70
C ALA A 51 5.54 -12.86 -8.70
N ASN A 52 5.05 -13.69 -7.78
CA ASN A 52 5.90 -14.29 -6.77
C ASN A 52 6.55 -13.23 -5.90
N THR A 53 5.79 -12.18 -5.60
CA THR A 53 6.29 -11.08 -4.77
C THR A 53 5.25 -10.66 -3.74
N GLN A 54 5.67 -10.57 -2.48
CA GLN A 54 4.77 -10.18 -1.41
C GLN A 54 5.13 -8.79 -0.89
N PHE A 55 4.14 -7.89 -0.91
CA PHE A 55 4.34 -6.52 -0.45
C PHE A 55 3.20 -6.07 0.46
N TRP A 56 3.41 -5.00 1.19
CA TRP A 56 2.40 -4.47 2.09
C TRP A 56 1.32 -3.71 1.31
N ILE A 57 0.26 -3.31 2.01
CA ILE A 57 -0.84 -2.58 1.39
C ILE A 57 -1.50 -1.64 2.38
N GLY A 58 -2.51 -0.91 1.91
CA GLY A 58 -3.21 0.03 2.77
C GLY A 58 -4.06 -0.67 3.82
N LEU A 59 -4.25 -1.98 3.65
CA LEU A 59 -5.05 -2.76 4.59
C LEU A 59 -4.26 -3.06 5.85
N PHE A 60 -4.80 -2.66 7.00
CA PHE A 60 -4.15 -2.88 8.27
C PHE A 60 -5.16 -2.86 9.41
N LYS A 61 -4.90 -3.67 10.45
CA LYS A 61 -5.79 -3.74 11.59
C LYS A 61 -5.51 -2.61 12.58
N ASN A 62 -6.57 -1.88 12.94
CA ASN A 62 -6.43 -0.76 13.87
C ASN A 62 -6.52 -1.24 15.32
N SER A 63 -6.46 -0.31 16.26
CA SER A 63 -6.52 -0.64 17.67
C SER A 63 -7.87 -1.27 18.01
N ASP A 64 -8.95 -0.64 17.57
CA ASP A 64 -10.29 -1.14 17.82
C ASP A 64 -10.38 -2.65 17.53
N GLY A 65 -9.87 -3.05 16.37
CA GLY A 65 -9.91 -4.45 15.99
C GLY A 65 -10.41 -4.65 14.57
N GLN A 66 -10.66 -3.55 13.87
CA GLN A 66 -11.17 -3.61 12.50
C GLN A 66 -10.07 -3.22 11.50
N PHE A 67 -10.18 -3.74 10.29
CA PHE A 67 -9.21 -3.45 9.24
C PHE A 67 -9.59 -2.17 8.49
N TYR A 68 -8.64 -1.24 8.40
CA TYR A 68 -8.88 0.02 7.72
C TYR A 68 -7.98 0.15 6.49
N TRP A 69 -8.06 1.30 5.81
CA TRP A 69 -7.25 1.54 4.63
C TRP A 69 -6.36 2.76 4.81
N ASP A 70 -5.11 2.65 4.40
CA ASP A 70 -4.15 3.74 4.53
C ASP A 70 -4.42 4.82 3.48
N ARG A 71 -4.55 6.07 3.94
CA ARG A 71 -4.81 7.18 3.04
C ARG A 71 -3.76 8.27 3.21
N GLY A 72 -2.62 7.91 3.79
CA GLY A 72 -1.56 8.86 4.00
C GLY A 72 -1.25 9.08 5.47
N GLN A 73 -0.31 9.98 5.75
CA GLN A 73 0.08 10.28 7.13
C GLN A 73 -0.91 11.23 7.77
N GLY A 74 -1.50 10.82 8.89
CA GLY A 74 -2.46 11.66 9.58
C GLY A 74 -3.85 11.60 8.96
N ILE A 75 -3.90 11.50 7.64
CA ILE A 75 -5.17 11.43 6.93
C ILE A 75 -6.06 10.32 7.50
N ASN A 76 -7.36 10.58 7.55
CA ASN A 76 -8.32 9.62 8.08
C ASN A 76 -8.42 8.41 7.15
N PRO A 77 -8.13 7.22 7.69
CA PRO A 77 -8.18 5.97 6.93
C PRO A 77 -9.62 5.56 6.59
N ASP A 78 -9.76 4.56 5.73
CA ASP A 78 -11.07 4.08 5.32
C ASP A 78 -11.33 2.69 5.88
N LEU A 79 -12.48 2.54 6.54
CA LEU A 79 -12.86 1.25 7.12
C LEU A 79 -13.29 0.26 6.04
N LEU A 80 -12.75 -0.95 6.11
CA LEU A 80 -13.08 -1.99 5.13
C LEU A 80 -14.54 -2.40 5.26
N ASN A 81 -15.39 -1.78 4.44
CA ASN A 81 -16.81 -2.08 4.44
C ASN A 81 -17.29 -2.47 3.06
N GLN A 82 -16.44 -3.16 2.31
CA GLN A 82 -16.78 -3.59 0.95
C GLN A 82 -17.23 -5.05 0.94
N PRO A 83 -18.19 -5.37 0.07
CA PRO A 83 -18.72 -6.72 -0.05
C PRO A 83 -17.72 -7.69 -0.67
N ILE A 84 -16.84 -7.15 -1.52
CA ILE A 84 -15.82 -7.96 -2.17
C ILE A 84 -14.53 -7.98 -1.36
N THR A 85 -13.99 -9.19 -1.15
CA THR A 85 -12.76 -9.33 -0.39
C THR A 85 -11.89 -10.46 -0.97
N TYR A 86 -10.63 -10.49 -0.58
CA TYR A 86 -9.70 -11.50 -1.05
C TYR A 86 -9.08 -12.27 0.10
N TRP A 87 -9.72 -12.18 1.27
CA TRP A 87 -9.23 -12.86 2.46
C TRP A 87 -8.80 -14.29 2.13
N ALA A 88 -7.60 -14.65 2.57
CA ALA A 88 -7.06 -15.99 2.32
C ALA A 88 -7.85 -17.05 3.09
N ASN A 89 -7.39 -18.29 3.02
CA ASN A 89 -8.04 -19.39 3.71
C ASN A 89 -8.07 -19.15 5.22
N GLY A 90 -9.28 -19.06 5.77
CA GLY A 90 -9.43 -18.83 7.20
C GLY A 90 -9.04 -17.42 7.60
N GLU A 91 -8.83 -16.57 6.61
CA GLU A 91 -8.45 -15.18 6.87
C GLU A 91 -9.69 -14.28 6.98
N PRO A 92 -9.56 -13.19 7.74
CA PRO A 92 -8.32 -12.85 8.43
C PRO A 92 -8.01 -13.79 9.58
N SER A 93 -6.73 -14.07 9.79
CA SER A 93 -6.31 -14.96 10.86
C SER A 93 -6.63 -14.37 12.23
N ASN A 94 -7.01 -15.24 13.17
CA ASN A 94 -7.36 -14.79 14.51
C ASN A 94 -6.11 -14.71 15.39
N ASP A 95 -5.00 -14.29 14.80
CA ASP A 95 -3.74 -14.16 15.52
C ASP A 95 -3.58 -12.74 16.09
N PRO A 96 -3.29 -12.67 17.40
CA PRO A 96 -3.12 -11.38 18.09
C PRO A 96 -1.84 -10.67 17.66
N THR A 97 -0.84 -11.45 17.26
CA THR A 97 0.44 -10.89 16.82
C THR A 97 0.33 -10.29 15.43
N ARG A 98 -0.47 -10.91 14.58
CA ARG A 98 -0.67 -10.44 13.21
C ARG A 98 -1.82 -9.43 13.15
N GLN A 99 -1.50 -8.21 12.76
CA GLN A 99 -2.50 -7.16 12.65
C GLN A 99 -2.52 -6.55 11.26
N CYS A 100 -1.33 -6.39 10.68
CA CYS A 100 -1.20 -5.82 9.34
C CYS A 100 -1.44 -6.88 8.27
N VAL A 101 -1.86 -6.45 7.08
CA VAL A 101 -2.11 -7.36 5.98
C VAL A 101 -1.22 -7.04 4.78
N TYR A 102 -0.75 -8.08 4.11
CA TYR A 102 0.11 -7.91 2.95
C TYR A 102 -0.43 -8.69 1.75
N PHE A 103 -0.16 -8.18 0.56
CA PHE A 103 -0.62 -8.82 -0.67
C PHE A 103 0.28 -9.99 -1.04
N ASP A 104 -0.20 -11.20 -0.79
CA ASP A 104 0.56 -12.41 -1.09
C ASP A 104 0.48 -12.75 -2.58
N GLY A 105 1.35 -12.14 -3.37
CA GLY A 105 1.36 -12.39 -4.80
C GLY A 105 1.66 -13.84 -5.14
N ARG A 106 2.53 -14.45 -4.34
CA ARG A 106 2.91 -15.85 -4.56
C ARG A 106 1.68 -16.74 -4.57
N SER A 107 0.76 -16.49 -3.65
CA SER A 107 -0.46 -17.28 -3.54
C SER A 107 -1.10 -17.49 -4.92
N GLY A 108 -0.88 -18.65 -5.50
CA GLY A 108 -1.43 -18.95 -6.81
C GLY A 108 -2.83 -18.39 -6.99
N ASP A 109 -3.63 -18.45 -5.92
CA ASP A 109 -4.99 -17.95 -5.96
C ASP A 109 -5.04 -16.48 -5.52
N LYS A 110 -5.40 -15.61 -6.46
CA LYS A 110 -5.49 -14.18 -6.19
C LYS A 110 -6.59 -13.89 -5.19
N SER A 111 -7.56 -14.79 -5.11
CA SER A 111 -8.69 -14.63 -4.19
C SER A 111 -8.24 -14.88 -2.75
N LYS A 112 -7.03 -15.39 -2.59
CA LYS A 112 -6.49 -15.67 -1.26
C LYS A 112 -5.14 -14.97 -1.06
N VAL A 113 -5.06 -13.73 -1.52
CA VAL A 113 -3.83 -12.96 -1.38
C VAL A 113 -3.79 -12.18 -0.08
N TRP A 114 -4.98 -11.81 0.41
CA TRP A 114 -5.09 -11.06 1.66
C TRP A 114 -4.70 -11.93 2.84
N THR A 115 -3.47 -11.77 3.31
CA THR A 115 -2.98 -12.54 4.45
C THR A 115 -2.53 -11.63 5.58
N THR A 116 -2.86 -12.02 6.81
CA THR A 116 -2.50 -11.23 7.98
C THR A 116 -1.13 -11.64 8.52
N ASP A 117 -0.39 -10.66 9.04
CA ASP A 117 0.94 -10.92 9.59
C ASP A 117 1.41 -9.74 10.42
N THR A 118 2.39 -9.99 11.29
CA THR A 118 2.93 -8.96 12.16
C THR A 118 3.42 -7.76 11.35
N CYS A 119 3.46 -6.60 11.99
CA CYS A 119 3.91 -5.37 11.33
C CYS A 119 5.39 -5.12 11.61
N ALA A 120 6.13 -6.19 11.84
CA ALA A 120 7.56 -6.07 12.11
C ALA A 120 8.39 -6.83 11.09
N THR A 121 7.73 -7.31 10.04
CA THR A 121 8.39 -8.05 8.98
C THR A 121 8.81 -7.14 7.83
N PRO A 122 10.11 -7.14 7.53
CA PRO A 122 10.68 -6.30 6.45
C PRO A 122 10.25 -6.79 5.08
N ARG A 123 9.29 -6.11 4.48
CA ARG A 123 8.80 -6.46 3.15
C ARG A 123 8.58 -5.22 2.29
N PRO A 124 8.53 -5.42 0.96
CA PRO A 124 8.33 -4.33 0.01
C PRO A 124 6.91 -3.75 0.08
N PHE A 125 6.73 -2.59 -0.54
CA PHE A 125 5.42 -1.93 -0.55
C PHE A 125 5.24 -1.13 -1.83
N ILE A 126 4.06 -0.52 -1.98
CA ILE A 126 3.75 0.28 -3.15
C ILE A 126 3.16 1.63 -2.75
N CYS A 127 3.77 2.70 -3.23
CA CYS A 127 3.31 4.06 -2.94
C CYS A 127 2.36 4.55 -4.02
N GLN A 128 1.40 5.38 -3.62
CA GLN A 128 0.42 5.93 -4.55
C GLN A 128 0.13 7.39 -4.23
N LYS A 129 -0.28 8.14 -5.25
CA LYS A 129 -0.60 9.55 -5.08
C LYS A 129 -2.03 9.74 -4.60
N HIS A 130 -2.26 10.77 -3.80
CA HIS A 130 -3.60 11.06 -3.28
C HIS A 130 -4.11 12.40 -3.80
N ARG A 131 -5.37 12.69 -3.53
CA ARG A 131 -5.98 13.94 -3.96
C ARG A 131 -6.54 14.72 -2.77
N TYR A 132 -7.56 14.16 -2.14
CA TYR A 132 -8.20 14.81 -0.99
C TYR A 132 -7.16 15.52 -0.14
N ASP A 133 -7.27 16.85 -0.07
CA ASP A 133 -6.34 17.65 0.72
C ASP A 133 -7.09 18.56 1.69
N SER A 134 -6.44 18.91 2.79
CA SER A 134 -7.04 19.78 3.79
C SER A 134 -6.99 21.24 3.37
N ASP A 135 -7.79 22.07 4.00
CA ASP A 135 -7.83 23.50 3.69
C ASP A 135 -6.70 24.24 4.38
N HIS A 136 -6.64 24.12 5.71
CA HIS A 136 -5.59 24.78 6.48
C HIS A 136 -4.56 23.77 6.97
N LYS A 137 -3.50 24.27 7.60
CA LYS A 137 -2.44 23.42 8.12
C LYS A 137 -1.91 23.94 9.45
N PRO A 138 -2.16 23.19 10.52
CA PRO A 138 -1.72 23.56 11.87
C PRO A 138 -0.20 23.45 12.03
N ASN A 139 0.47 24.59 12.07
CA ASN A 139 1.92 24.64 12.20
C ASN A 139 2.33 24.29 13.64
N THR A 140 3.28 23.37 13.76
CA THR A 140 3.76 22.95 15.08
C THR A 140 5.22 22.52 15.02
N ILE A 141 5.94 22.69 16.12
CA ILE A 141 7.34 22.32 16.19
C ILE A 141 7.50 20.80 16.24
N GLY A 142 8.32 20.27 15.35
CA GLY A 142 8.55 18.84 15.30
C GLY A 142 9.34 18.41 14.08
N ASP A 143 10.60 18.04 14.29
CA ASP A 143 11.45 17.60 13.19
C ASP A 143 12.80 17.11 13.71
N ALA A 144 13.28 16.02 13.14
CA ALA A 144 14.57 15.45 13.54
C ALA A 144 15.25 14.75 12.38
N SER A 145 16.47 14.27 12.61
CA SER A 145 17.23 13.58 11.57
C SER A 145 18.28 12.66 12.19
N GLY A 146 18.75 11.69 11.41
CA GLY A 146 19.75 10.77 11.90
C GLY A 146 20.58 10.16 10.77
N PRO A 147 21.57 9.33 11.15
CA PRO A 147 22.45 8.68 10.18
C PRO A 147 21.72 7.61 9.36
N SER A 148 22.13 7.45 8.11
CA SER A 148 21.53 6.45 7.23
C SER A 148 22.44 6.13 6.06
N SER A 149 22.42 4.88 5.63
CA SER A 149 23.25 4.43 4.52
C SER A 149 22.40 3.81 3.41
N GLY A 150 22.84 3.98 2.17
CA GLY A 150 22.11 3.44 1.04
C GLY A 150 22.90 2.37 0.31
N GLY A 1 21.39 12.48 -17.32
CA GLY A 1 20.20 11.97 -17.96
C GLY A 1 19.06 12.98 -17.94
N SER A 2 18.14 12.81 -16.98
CA SER A 2 17.00 13.71 -16.86
C SER A 2 17.14 14.59 -15.62
N SER A 3 17.28 13.96 -14.47
CA SER A 3 17.41 14.68 -13.21
C SER A 3 16.26 15.67 -13.02
N GLY A 4 15.04 15.22 -13.32
CA GLY A 4 13.89 16.07 -13.18
C GLY A 4 12.88 15.52 -12.19
N SER A 5 13.15 15.72 -10.90
CA SER A 5 12.26 15.24 -9.85
C SER A 5 11.95 13.75 -10.05
N SER A 6 12.98 12.97 -10.32
CA SER A 6 12.82 11.54 -10.54
C SER A 6 13.35 10.75 -9.34
N GLY A 7 12.46 10.43 -8.41
CA GLY A 7 12.85 9.68 -7.23
C GLY A 7 11.99 8.45 -7.01
N VAL A 8 11.22 8.47 -5.93
CA VAL A 8 10.34 7.35 -5.60
C VAL A 8 9.29 7.14 -6.69
N LYS A 9 9.14 5.89 -7.13
CA LYS A 9 8.17 5.55 -8.16
C LYS A 9 6.83 5.16 -7.55
N PHE A 10 5.75 5.42 -8.28
CA PHE A 10 4.41 5.09 -7.80
C PHE A 10 3.91 3.80 -8.46
N LEU A 11 2.97 3.14 -7.78
CA LEU A 11 2.40 1.90 -8.29
C LEU A 11 3.50 0.94 -8.74
N THR A 12 4.54 0.81 -7.91
CA THR A 12 5.65 -0.07 -8.21
C THR A 12 6.24 -0.67 -6.93
N VAL A 13 6.58 -1.96 -6.99
CA VAL A 13 7.16 -2.64 -5.84
C VAL A 13 8.62 -2.29 -5.67
N ASN A 14 8.92 -1.52 -4.62
CA ASN A 14 10.30 -1.12 -4.33
C ASN A 14 11.03 -2.19 -3.55
N ASP A 15 12.06 -2.77 -4.16
CA ASP A 15 12.84 -3.81 -3.52
C ASP A 15 13.07 -3.49 -2.04
N ASP A 16 13.59 -2.30 -1.78
CA ASP A 16 13.85 -1.86 -0.40
C ASP A 16 12.76 -2.37 0.54
N ILE A 17 13.09 -3.43 1.28
CA ILE A 17 12.15 -4.02 2.23
C ILE A 17 12.06 -3.19 3.50
N LEU A 18 10.84 -2.93 3.96
CA LEU A 18 10.62 -2.16 5.18
C LEU A 18 9.34 -2.58 5.87
N SER A 19 9.36 -2.61 7.19
CA SER A 19 8.19 -3.00 7.98
C SER A 19 7.02 -2.07 7.70
N MET A 20 5.83 -2.50 8.10
CA MET A 20 4.61 -1.71 7.89
C MET A 20 4.79 -0.30 8.44
N PRO A 21 5.22 -0.19 9.70
CA PRO A 21 5.43 1.09 10.37
C PRO A 21 6.63 1.85 9.80
N GLN A 22 7.34 1.21 8.87
CA GLN A 22 8.50 1.82 8.25
C GLN A 22 8.20 2.23 6.81
N ALA A 23 7.32 1.48 6.16
CA ALA A 23 6.94 1.76 4.77
C ALA A 23 6.01 2.96 4.70
N ARG A 24 4.86 2.85 5.35
CA ARG A 24 3.88 3.93 5.36
C ARG A 24 4.54 5.27 5.64
N ASN A 25 5.48 5.28 6.59
CA ASN A 25 6.19 6.50 6.95
C ASN A 25 7.06 6.98 5.80
N PHE A 26 7.60 6.04 5.03
CA PHE A 26 8.45 6.36 3.90
C PHE A 26 7.64 7.02 2.78
N CYS A 27 6.75 6.25 2.17
CA CYS A 27 5.91 6.74 1.09
C CYS A 27 5.42 8.16 1.39
N ALA A 28 4.89 8.36 2.58
CA ALA A 28 4.38 9.66 3.00
C ALA A 28 5.44 10.75 2.78
N SER A 29 6.67 10.46 3.19
CA SER A 29 7.76 11.41 3.06
C SER A 29 8.06 11.69 1.58
N ALA A 30 8.04 10.64 0.77
CA ALA A 30 8.30 10.76 -0.66
C ALA A 30 7.21 11.59 -1.34
N GLY A 31 5.98 11.45 -0.87
CA GLY A 31 4.86 12.18 -1.44
C GLY A 31 3.75 11.27 -1.90
N GLY A 32 3.48 10.23 -1.13
CA GLY A 32 2.43 9.29 -1.49
C GLY A 32 1.93 8.50 -0.30
N TYR A 33 1.32 7.34 -0.57
CA TYR A 33 0.80 6.49 0.49
C TYR A 33 0.52 5.09 -0.04
N LEU A 34 0.60 4.10 0.85
CA LEU A 34 0.35 2.71 0.48
C LEU A 34 -0.83 2.60 -0.47
N ALA A 35 -0.66 1.84 -1.54
CA ALA A 35 -1.72 1.65 -2.52
C ALA A 35 -2.71 0.58 -2.06
N ASP A 36 -3.95 0.99 -1.83
CA ASP A 36 -5.00 0.07 -1.39
C ASP A 36 -5.32 -0.95 -2.47
N ASP A 37 -6.02 -2.00 -2.09
CA ASP A 37 -6.40 -3.05 -3.04
C ASP A 37 -7.88 -3.38 -2.92
N LEU A 38 -8.72 -2.43 -3.29
CA LEU A 38 -10.17 -2.61 -3.23
C LEU A 38 -10.79 -2.55 -4.61
N GLY A 39 -10.95 -3.72 -5.23
CA GLY A 39 -11.54 -3.78 -6.56
C GLY A 39 -10.89 -4.85 -7.43
N ASP A 40 -11.72 -5.65 -8.09
CA ASP A 40 -11.22 -6.71 -8.96
C ASP A 40 -10.19 -6.16 -9.94
N ASP A 41 -10.49 -5.00 -10.52
CA ASP A 41 -9.58 -4.38 -11.49
C ASP A 41 -8.28 -3.94 -10.81
N LYS A 42 -8.41 -3.39 -9.62
CA LYS A 42 -7.25 -2.92 -8.87
C LYS A 42 -6.35 -4.10 -8.47
N ASN A 43 -6.90 -5.04 -7.72
CA ASN A 43 -6.16 -6.21 -7.28
C ASN A 43 -5.51 -6.91 -8.47
N ASN A 44 -6.34 -7.30 -9.45
CA ASN A 44 -5.85 -7.98 -10.64
C ASN A 44 -4.59 -7.32 -11.17
N PHE A 45 -4.65 -6.00 -11.33
CA PHE A 45 -3.51 -5.24 -11.83
C PHE A 45 -2.25 -5.51 -10.99
N TYR A 46 -2.43 -5.52 -9.68
CA TYR A 46 -1.33 -5.76 -8.77
C TYR A 46 -0.83 -7.20 -8.89
N SER A 47 -1.74 -8.16 -8.71
CA SER A 47 -1.38 -9.57 -8.79
C SER A 47 -0.31 -9.80 -9.84
N SER A 48 -0.45 -9.13 -10.98
CA SER A 48 0.51 -9.27 -12.08
C SER A 48 1.91 -8.90 -11.62
N ILE A 49 2.07 -7.65 -11.18
CA ILE A 49 3.36 -7.16 -10.71
C ILE A 49 3.77 -7.85 -9.41
N ALA A 50 2.79 -8.44 -8.74
CA ALA A 50 3.05 -9.13 -7.48
C ALA A 50 3.47 -10.58 -7.73
N ALA A 51 4.01 -10.83 -8.92
CA ALA A 51 4.45 -12.17 -9.27
C ALA A 51 5.32 -12.78 -8.18
N ASN A 52 4.74 -13.69 -7.40
CA ASN A 52 5.45 -14.34 -6.31
C ASN A 52 6.19 -13.31 -5.45
N THR A 53 5.53 -12.18 -5.19
CA THR A 53 6.12 -11.13 -4.39
C THR A 53 5.10 -10.53 -3.43
N GLN A 54 5.39 -10.57 -2.13
CA GLN A 54 4.49 -10.03 -1.13
C GLN A 54 4.91 -8.61 -0.73
N PHE A 55 3.97 -7.68 -0.81
CA PHE A 55 4.25 -6.29 -0.46
C PHE A 55 3.12 -5.72 0.40
N TRP A 56 3.48 -4.82 1.32
CA TRP A 56 2.50 -4.20 2.20
C TRP A 56 1.47 -3.42 1.40
N ILE A 57 0.30 -3.23 1.99
CA ILE A 57 -0.78 -2.50 1.33
C ILE A 57 -1.47 -1.54 2.31
N GLY A 58 -2.49 -0.84 1.82
CA GLY A 58 -3.21 0.10 2.65
C GLY A 58 -4.06 -0.60 3.69
N LEU A 59 -4.30 -1.89 3.49
CA LEU A 59 -5.10 -2.68 4.43
C LEU A 59 -4.32 -3.00 5.70
N PHE A 60 -4.85 -2.58 6.84
CA PHE A 60 -4.19 -2.82 8.12
C PHE A 60 -5.22 -2.86 9.25
N LYS A 61 -4.98 -3.74 10.22
CA LYS A 61 -5.88 -3.87 11.37
C LYS A 61 -5.63 -2.77 12.39
N ASN A 62 -6.69 -2.30 13.01
CA ASN A 62 -6.60 -1.24 14.01
C ASN A 62 -6.80 -1.80 15.42
N SER A 63 -6.57 -0.97 16.43
CA SER A 63 -6.73 -1.37 17.81
C SER A 63 -8.08 -2.05 18.03
N ASP A 64 -9.15 -1.35 17.66
CA ASP A 64 -10.51 -1.87 17.81
C ASP A 64 -10.59 -3.32 17.32
N GLY A 65 -9.83 -3.62 16.27
CA GLY A 65 -9.83 -4.98 15.73
C GLY A 65 -10.38 -5.02 14.31
N GLN A 66 -10.67 -3.86 13.75
CA GLN A 66 -11.21 -3.78 12.39
C GLN A 66 -10.11 -3.41 11.41
N PHE A 67 -10.33 -3.72 10.13
CA PHE A 67 -9.37 -3.43 9.08
C PHE A 67 -9.70 -2.10 8.41
N TYR A 68 -8.66 -1.28 8.19
CA TYR A 68 -8.84 0.01 7.55
C TYR A 68 -7.89 0.17 6.37
N TRP A 69 -8.02 1.29 5.66
CA TRP A 69 -7.18 1.56 4.50
C TRP A 69 -6.25 2.75 4.77
N ASP A 70 -5.03 2.66 4.28
CA ASP A 70 -4.05 3.73 4.47
C ASP A 70 -4.32 4.88 3.50
N ARG A 71 -4.88 5.97 4.03
CA ARG A 71 -5.19 7.14 3.23
C ARG A 71 -4.22 8.27 3.52
N GLY A 72 -2.96 7.93 3.76
CA GLY A 72 -1.96 8.93 4.05
C GLY A 72 -1.64 9.02 5.54
N GLN A 73 -0.69 9.88 5.89
CA GLN A 73 -0.29 10.05 7.27
C GLN A 73 -1.22 11.03 7.99
N GLY A 74 -1.78 10.59 9.12
CA GLY A 74 -2.68 11.44 9.87
C GLY A 74 -4.09 11.44 9.31
N ILE A 75 -4.20 11.34 8.00
CA ILE A 75 -5.51 11.31 7.33
C ILE A 75 -6.39 10.20 7.88
N ASN A 76 -7.67 10.50 8.06
CA ASN A 76 -8.62 9.51 8.58
C ASN A 76 -8.63 8.26 7.70
N PRO A 77 -8.30 7.11 8.32
CA PRO A 77 -8.26 5.83 7.62
C PRO A 77 -9.66 5.34 7.24
N ASP A 78 -9.79 4.81 6.04
CA ASP A 78 -11.07 4.30 5.55
C ASP A 78 -11.26 2.84 5.95
N LEU A 79 -12.31 2.57 6.72
CA LEU A 79 -12.60 1.20 7.16
C LEU A 79 -13.04 0.33 6.00
N LEU A 80 -12.77 -0.97 6.10
CA LEU A 80 -13.15 -1.91 5.05
C LEU A 80 -14.65 -2.14 5.05
N ASN A 81 -15.35 -1.43 4.16
CA ASN A 81 -16.80 -1.57 4.05
C ASN A 81 -17.19 -2.08 2.67
N GLN A 82 -16.38 -2.97 2.12
CA GLN A 82 -16.64 -3.54 0.80
C GLN A 82 -17.21 -4.95 0.93
N PRO A 83 -18.20 -5.27 0.08
CA PRO A 83 -18.84 -6.58 0.07
C PRO A 83 -17.92 -7.68 -0.45
N ILE A 84 -17.00 -7.31 -1.34
CA ILE A 84 -16.06 -8.25 -1.91
C ILE A 84 -14.73 -8.22 -1.17
N THR A 85 -14.19 -9.40 -0.85
CA THR A 85 -12.93 -9.51 -0.14
C THR A 85 -12.08 -10.65 -0.70
N TYR A 86 -10.78 -10.59 -0.45
CA TYR A 86 -9.86 -11.62 -0.93
C TYR A 86 -9.21 -12.35 0.23
N TRP A 87 -9.74 -12.13 1.43
CA TRP A 87 -9.21 -12.77 2.64
C TRP A 87 -8.84 -14.22 2.36
N ALA A 88 -7.55 -14.54 2.47
CA ALA A 88 -7.07 -15.89 2.23
C ALA A 88 -7.89 -16.91 3.01
N ASN A 89 -7.57 -18.18 2.82
CA ASN A 89 -8.28 -19.26 3.50
C ASN A 89 -8.28 -19.04 5.02
N GLY A 90 -9.46 -18.91 5.60
CA GLY A 90 -9.58 -18.70 7.03
C GLY A 90 -9.34 -17.25 7.42
N GLU A 91 -8.69 -16.50 6.54
CA GLU A 91 -8.41 -15.10 6.80
C GLU A 91 -9.69 -14.27 6.78
N PRO A 92 -9.68 -13.12 7.49
CA PRO A 92 -8.50 -12.67 8.23
C PRO A 92 -8.21 -13.55 9.45
N SER A 93 -6.97 -13.52 9.92
CA SER A 93 -6.57 -14.30 11.08
C SER A 93 -6.79 -13.52 12.38
N ASN A 94 -7.39 -14.18 13.36
CA ASN A 94 -7.66 -13.55 14.64
C ASN A 94 -6.48 -13.71 15.59
N ASP A 95 -5.27 -13.52 15.06
CA ASP A 95 -4.06 -13.65 15.86
C ASP A 95 -3.61 -12.28 16.38
N PRO A 96 -3.20 -12.25 17.65
CA PRO A 96 -2.73 -11.02 18.29
C PRO A 96 -1.39 -10.54 17.74
N THR A 97 -0.64 -11.46 17.15
CA THR A 97 0.66 -11.14 16.58
C THR A 97 0.51 -10.50 15.19
N ARG A 98 -0.35 -11.09 14.37
CA ARG A 98 -0.58 -10.59 13.02
C ARG A 98 -1.75 -9.60 13.01
N GLN A 99 -1.45 -8.36 12.63
CA GLN A 99 -2.47 -7.32 12.57
C GLN A 99 -2.54 -6.69 11.17
N CYS A 100 -1.38 -6.52 10.56
CA CYS A 100 -1.30 -5.93 9.23
C CYS A 100 -1.57 -6.98 8.15
N VAL A 101 -1.92 -6.52 6.96
CA VAL A 101 -2.20 -7.42 5.85
C VAL A 101 -1.21 -7.21 4.71
N TYR A 102 -0.85 -8.30 4.04
CA TYR A 102 0.09 -8.24 2.93
C TYR A 102 -0.44 -8.99 1.72
N PHE A 103 -0.21 -8.43 0.53
CA PHE A 103 -0.68 -9.04 -0.71
C PHE A 103 0.15 -10.29 -1.03
N ASP A 104 -0.45 -11.46 -0.82
CA ASP A 104 0.24 -12.72 -1.09
C ASP A 104 0.32 -12.98 -2.59
N GLY A 105 1.40 -12.48 -3.19
CA GLY A 105 1.59 -12.67 -4.62
C GLY A 105 1.80 -14.12 -5.00
N ARG A 106 2.50 -14.86 -4.14
CA ARG A 106 2.77 -16.26 -4.38
C ARG A 106 1.48 -17.07 -4.42
N SER A 107 0.61 -16.82 -3.45
CA SER A 107 -0.67 -17.53 -3.38
C SER A 107 -1.27 -17.74 -4.77
N GLY A 108 -1.13 -18.95 -5.29
CA GLY A 108 -1.65 -19.25 -6.61
C GLY A 108 -2.99 -18.59 -6.87
N ASP A 109 -3.86 -18.58 -5.86
CA ASP A 109 -5.17 -17.97 -5.98
C ASP A 109 -5.09 -16.46 -5.79
N LYS A 110 -5.80 -15.73 -6.64
CA LYS A 110 -5.81 -14.27 -6.56
C LYS A 110 -6.90 -13.78 -5.61
N SER A 111 -7.81 -14.67 -5.25
CA SER A 111 -8.89 -14.33 -4.33
C SER A 111 -8.50 -14.59 -2.89
N LYS A 112 -7.41 -15.33 -2.71
CA LYS A 112 -6.92 -15.66 -1.37
C LYS A 112 -5.54 -15.05 -1.13
N VAL A 113 -5.26 -13.94 -1.81
CA VAL A 113 -3.98 -13.27 -1.67
C VAL A 113 -3.88 -12.53 -0.34
N TRP A 114 -5.01 -12.01 0.12
CA TRP A 114 -5.06 -11.28 1.39
C TRP A 114 -4.63 -12.18 2.55
N THR A 115 -3.60 -11.75 3.27
CA THR A 115 -3.10 -12.51 4.41
C THR A 115 -2.54 -11.59 5.48
N THR A 116 -2.83 -11.91 6.74
CA THR A 116 -2.35 -11.10 7.86
C THR A 116 -0.95 -11.53 8.28
N ASP A 117 -0.23 -10.60 8.90
CA ASP A 117 1.14 -10.88 9.36
C ASP A 117 1.64 -9.75 10.27
N THR A 118 2.70 -10.04 11.00
CA THR A 118 3.28 -9.06 11.92
C THR A 118 3.70 -7.80 11.17
N CYS A 119 3.51 -6.64 11.80
CA CYS A 119 3.87 -5.37 11.20
C CYS A 119 5.34 -5.04 11.47
N ALA A 120 6.15 -6.08 11.63
CA ALA A 120 7.58 -5.90 11.89
C ALA A 120 8.42 -6.61 10.83
N THR A 121 7.76 -7.44 10.01
CA THR A 121 8.45 -8.18 8.96
C THR A 121 8.85 -7.25 7.82
N PRO A 122 10.15 -7.23 7.49
CA PRO A 122 10.68 -6.41 6.40
C PRO A 122 10.23 -6.90 5.03
N ARG A 123 9.31 -6.16 4.42
CA ARG A 123 8.80 -6.52 3.09
C ARG A 123 8.62 -5.28 2.23
N PRO A 124 8.53 -5.48 0.91
CA PRO A 124 8.34 -4.39 -0.05
C PRO A 124 6.95 -3.77 0.04
N PHE A 125 6.78 -2.62 -0.58
CA PHE A 125 5.50 -1.92 -0.57
C PHE A 125 5.29 -1.14 -1.87
N ILE A 126 4.18 -0.42 -1.95
CA ILE A 126 3.86 0.37 -3.13
C ILE A 126 3.22 1.70 -2.75
N CYS A 127 3.86 2.80 -3.16
CA CYS A 127 3.36 4.13 -2.86
C CYS A 127 2.43 4.63 -3.97
N GLN A 128 1.36 5.29 -3.58
CA GLN A 128 0.40 5.82 -4.54
C GLN A 128 0.01 7.26 -4.19
N LYS A 129 0.16 8.15 -5.16
CA LYS A 129 -0.18 9.56 -4.97
C LYS A 129 -1.66 9.81 -5.23
N HIS A 130 -2.16 10.94 -4.73
CA HIS A 130 -3.56 11.29 -4.91
C HIS A 130 -3.78 11.95 -6.27
N ARG A 131 -2.90 12.89 -6.62
CA ARG A 131 -2.99 13.60 -7.89
C ARG A 131 -1.74 14.43 -8.14
N TYR A 132 -1.56 14.84 -9.39
CA TYR A 132 -0.40 15.65 -9.77
C TYR A 132 -0.29 16.89 -8.88
N ASP A 133 0.86 17.04 -8.24
CA ASP A 133 1.10 18.18 -7.36
C ASP A 133 2.59 18.49 -7.26
N SER A 134 2.92 19.70 -6.82
CA SER A 134 4.30 20.12 -6.68
C SER A 134 5.16 18.97 -6.18
N ASP A 135 5.98 18.41 -7.07
CA ASP A 135 6.86 17.30 -6.71
C ASP A 135 7.90 17.74 -5.68
N HIS A 136 8.58 16.77 -5.09
CA HIS A 136 9.59 17.05 -4.08
C HIS A 136 10.98 16.63 -4.58
N LYS A 137 12.01 17.00 -3.82
CA LYS A 137 13.38 16.68 -4.18
C LYS A 137 13.64 15.18 -4.02
N PRO A 138 13.93 14.50 -5.14
CA PRO A 138 14.21 13.06 -5.15
C PRO A 138 15.54 12.73 -4.47
N ASN A 139 15.70 11.45 -4.12
CA ASN A 139 16.92 11.00 -3.47
C ASN A 139 17.78 10.18 -4.43
N THR A 140 17.17 9.18 -5.06
CA THR A 140 17.88 8.34 -6.01
C THR A 140 17.60 8.75 -7.44
N ILE A 141 18.66 8.83 -8.24
CA ILE A 141 18.53 9.22 -9.65
C ILE A 141 18.65 8.01 -10.57
N GLY A 142 17.83 7.99 -11.62
CA GLY A 142 17.86 6.88 -12.56
C GLY A 142 17.25 7.25 -13.90
N ASP A 143 17.65 6.53 -14.94
CA ASP A 143 17.13 6.78 -16.28
C ASP A 143 15.82 6.03 -16.51
N ALA A 144 15.87 4.71 -16.34
CA ALA A 144 14.70 3.86 -16.53
C ALA A 144 14.07 4.10 -17.89
N SER A 145 14.91 4.22 -18.92
CA SER A 145 14.43 4.44 -20.27
C SER A 145 13.79 3.18 -20.85
N GLY A 146 12.55 3.32 -21.31
CA GLY A 146 11.84 2.19 -21.87
C GLY A 146 10.35 2.45 -22.03
N PRO A 147 9.81 2.09 -23.20
CA PRO A 147 8.38 2.29 -23.49
C PRO A 147 7.49 1.37 -22.67
N SER A 148 6.66 1.97 -21.82
CA SER A 148 5.75 1.20 -20.98
C SER A 148 4.59 2.07 -20.50
N SER A 149 3.38 1.67 -20.89
CA SER A 149 2.18 2.40 -20.51
C SER A 149 1.00 1.46 -20.29
N GLY A 150 0.35 1.60 -19.13
CA GLY A 150 -0.78 0.75 -18.81
C GLY A 150 -0.38 -0.70 -18.61
N GLY A 1 22.16 15.92 -14.86
CA GLY A 1 21.45 14.72 -14.45
C GLY A 1 20.45 14.25 -15.49
N SER A 2 19.20 14.10 -15.07
CA SER A 2 18.15 13.64 -15.97
C SER A 2 16.92 14.54 -15.87
N SER A 3 16.56 15.17 -16.97
CA SER A 3 15.41 16.06 -17.01
C SER A 3 14.21 15.42 -16.31
N GLY A 4 13.47 16.22 -15.54
CA GLY A 4 12.31 15.71 -14.85
C GLY A 4 12.66 15.11 -13.50
N SER A 5 12.69 15.96 -12.47
CA SER A 5 13.02 15.50 -11.12
C SER A 5 11.98 14.51 -10.61
N SER A 6 12.34 13.23 -10.61
CA SER A 6 11.44 12.18 -10.15
C SER A 6 12.21 11.03 -9.51
N GLY A 7 11.91 10.74 -8.26
CA GLY A 7 12.58 9.67 -7.55
C GLY A 7 11.68 8.47 -7.30
N VAL A 8 10.96 8.51 -6.18
CA VAL A 8 10.05 7.43 -5.81
C VAL A 8 8.93 7.29 -6.84
N LYS A 9 8.89 6.15 -7.51
CA LYS A 9 7.88 5.88 -8.52
C LYS A 9 6.57 5.43 -7.87
N PHE A 10 5.45 5.72 -8.54
CA PHE A 10 4.14 5.35 -8.02
C PHE A 10 3.68 4.02 -8.62
N LEU A 11 2.84 3.30 -7.88
CA LEU A 11 2.31 2.03 -8.34
C LEU A 11 3.45 1.10 -8.78
N THR A 12 4.55 1.13 -8.03
CA THR A 12 5.70 0.30 -8.33
C THR A 12 6.28 -0.33 -7.07
N VAL A 13 6.50 -1.64 -7.12
CA VAL A 13 7.05 -2.37 -5.98
C VAL A 13 8.49 -1.95 -5.72
N ASN A 14 8.72 -1.36 -4.54
CA ASN A 14 10.06 -0.91 -4.16
C ASN A 14 10.81 -2.01 -3.44
N ASP A 15 11.81 -2.58 -4.09
CA ASP A 15 12.62 -3.64 -3.52
C ASP A 15 12.86 -3.39 -2.02
N ASP A 16 13.40 -2.22 -1.71
CA ASP A 16 13.68 -1.84 -0.34
C ASP A 16 12.62 -2.41 0.60
N ILE A 17 12.96 -3.49 1.30
CA ILE A 17 12.04 -4.13 2.23
C ILE A 17 11.97 -3.36 3.54
N LEU A 18 10.76 -3.03 3.96
CA LEU A 18 10.55 -2.29 5.21
C LEU A 18 9.24 -2.70 5.87
N SER A 19 9.24 -2.73 7.20
CA SER A 19 8.06 -3.11 7.96
C SER A 19 6.87 -2.21 7.61
N MET A 20 5.71 -2.55 8.12
CA MET A 20 4.50 -1.77 7.87
C MET A 20 4.66 -0.34 8.37
N PRO A 21 5.06 -0.19 9.63
CA PRO A 21 5.26 1.12 10.26
C PRO A 21 6.47 1.85 9.68
N GLN A 22 7.27 1.15 8.89
CA GLN A 22 8.45 1.74 8.27
C GLN A 22 8.16 2.16 6.84
N ALA A 23 7.29 1.42 6.17
CA ALA A 23 6.92 1.72 4.78
C ALA A 23 6.03 2.95 4.71
N ARG A 24 4.81 2.81 5.24
CA ARG A 24 3.85 3.90 5.24
C ARG A 24 4.54 5.24 5.53
N ASN A 25 5.50 5.21 6.45
CA ASN A 25 6.23 6.42 6.81
C ASN A 25 7.10 6.91 5.66
N PHE A 26 7.71 5.96 4.95
CA PHE A 26 8.56 6.30 3.82
C PHE A 26 7.76 6.95 2.70
N CYS A 27 6.80 6.22 2.16
CA CYS A 27 5.95 6.72 1.09
C CYS A 27 5.54 8.16 1.35
N ALA A 28 5.07 8.43 2.57
CA ALA A 28 4.64 9.77 2.95
C ALA A 28 5.77 10.77 2.77
N SER A 29 6.94 10.46 3.30
CA SER A 29 8.10 11.34 3.20
C SER A 29 8.37 11.70 1.74
N ALA A 30 8.33 10.70 0.86
CA ALA A 30 8.57 10.90 -0.55
C ALA A 30 7.48 11.77 -1.17
N GLY A 31 6.23 11.50 -0.79
CA GLY A 31 5.11 12.26 -1.33
C GLY A 31 3.96 11.38 -1.76
N GLY A 32 3.72 10.32 -1.00
CA GLY A 32 2.64 9.41 -1.32
C GLY A 32 2.28 8.48 -0.17
N TYR A 33 1.34 7.58 -0.40
CA TYR A 33 0.92 6.64 0.63
C TYR A 33 0.66 5.26 0.03
N LEU A 34 0.60 4.25 0.89
CA LEU A 34 0.36 2.88 0.45
C LEU A 34 -0.82 2.82 -0.51
N ALA A 35 -0.71 1.97 -1.53
CA ALA A 35 -1.76 1.82 -2.53
C ALA A 35 -2.86 0.89 -2.01
N ASP A 36 -4.11 1.24 -2.30
CA ASP A 36 -5.25 0.44 -1.86
C ASP A 36 -5.34 -0.85 -2.68
N ASP A 37 -6.16 -1.78 -2.19
CA ASP A 37 -6.34 -3.06 -2.87
C ASP A 37 -7.82 -3.42 -2.95
N LEU A 38 -8.67 -2.41 -3.08
CA LEU A 38 -10.11 -2.63 -3.17
C LEU A 38 -10.62 -2.40 -4.59
N GLY A 39 -10.71 -3.47 -5.37
CA GLY A 39 -11.19 -3.37 -6.73
C GLY A 39 -10.61 -4.46 -7.63
N ASP A 40 -11.48 -5.36 -8.08
CA ASP A 40 -11.05 -6.45 -8.94
C ASP A 40 -9.97 -5.98 -9.92
N ASP A 41 -10.15 -4.79 -10.47
CA ASP A 41 -9.20 -4.23 -11.42
C ASP A 41 -7.86 -3.96 -10.74
N LYS A 42 -7.91 -3.42 -9.53
CA LYS A 42 -6.70 -3.12 -8.78
C LYS A 42 -6.02 -4.40 -8.28
N ASN A 43 -6.81 -5.27 -7.65
CA ASN A 43 -6.28 -6.53 -7.14
C ASN A 43 -5.66 -7.35 -8.26
N ASN A 44 -6.47 -7.67 -9.26
CA ASN A 44 -6.01 -8.46 -10.40
C ASN A 44 -4.86 -7.75 -11.12
N PHE A 45 -4.81 -6.44 -10.98
CA PHE A 45 -3.77 -5.63 -11.62
C PHE A 45 -2.42 -5.85 -10.93
N TYR A 46 -2.46 -5.97 -9.61
CA TYR A 46 -1.24 -6.18 -8.83
C TYR A 46 -0.64 -7.55 -9.10
N SER A 47 -1.47 -8.58 -9.06
CA SER A 47 -1.02 -9.94 -9.30
C SER A 47 0.07 -9.97 -10.37
N SER A 48 -0.11 -9.17 -11.41
CA SER A 48 0.85 -9.10 -12.51
C SER A 48 2.21 -8.66 -12.01
N ILE A 49 2.31 -7.40 -11.58
CA ILE A 49 3.56 -6.86 -11.08
C ILE A 49 3.99 -7.57 -9.79
N ALA A 50 3.07 -8.33 -9.21
CA ALA A 50 3.36 -9.07 -7.99
C ALA A 50 3.69 -10.53 -8.29
N ALA A 51 4.13 -10.79 -9.52
CA ALA A 51 4.48 -12.14 -9.93
C ALA A 51 5.39 -12.81 -8.91
N ASN A 52 4.79 -13.58 -8.00
CA ASN A 52 5.55 -14.27 -6.97
C ASN A 52 6.24 -13.28 -6.04
N THR A 53 5.56 -12.17 -5.76
CA THR A 53 6.13 -11.14 -4.89
C THR A 53 5.11 -10.72 -3.83
N GLN A 54 5.54 -10.74 -2.57
CA GLN A 54 4.67 -10.35 -1.47
C GLN A 54 5.03 -8.97 -0.94
N PHE A 55 4.04 -8.07 -0.91
CA PHE A 55 4.26 -6.71 -0.44
C PHE A 55 3.11 -6.25 0.45
N TRP A 56 3.31 -5.13 1.13
CA TRP A 56 2.28 -4.59 2.02
C TRP A 56 1.21 -3.84 1.23
N ILE A 57 0.15 -3.45 1.91
CA ILE A 57 -0.96 -2.73 1.27
C ILE A 57 -1.56 -1.69 2.21
N GLY A 58 -2.61 -1.02 1.75
CA GLY A 58 -3.26 -0.01 2.56
C GLY A 58 -4.10 -0.61 3.68
N LEU A 59 -4.41 -1.90 3.55
CA LEU A 59 -5.21 -2.59 4.55
C LEU A 59 -4.38 -2.90 5.79
N PHE A 60 -4.81 -2.37 6.94
CA PHE A 60 -4.12 -2.58 8.19
C PHE A 60 -5.09 -2.59 9.37
N LYS A 61 -4.87 -3.51 10.31
CA LYS A 61 -5.73 -3.62 11.48
C LYS A 61 -5.40 -2.55 12.51
N ASN A 62 -6.43 -1.98 13.11
CA ASN A 62 -6.25 -0.93 14.12
C ASN A 62 -6.34 -1.52 15.52
N SER A 63 -6.17 -0.65 16.52
CA SER A 63 -6.24 -1.08 17.92
C SER A 63 -7.55 -1.82 18.20
N ASP A 64 -8.67 -1.15 17.91
CA ASP A 64 -9.98 -1.75 18.13
C ASP A 64 -10.02 -3.18 17.63
N GLY A 65 -9.51 -3.40 16.42
CA GLY A 65 -9.51 -4.73 15.84
C GLY A 65 -10.15 -4.78 14.47
N GLN A 66 -10.50 -3.60 13.95
CA GLN A 66 -11.13 -3.52 12.64
C GLN A 66 -10.10 -3.17 11.56
N PHE A 67 -10.40 -3.56 10.32
CA PHE A 67 -9.49 -3.30 9.21
C PHE A 67 -9.79 -1.95 8.57
N TYR A 68 -8.76 -1.14 8.41
CA TYR A 68 -8.91 0.19 7.82
C TYR A 68 -8.09 0.32 6.54
N TRP A 69 -8.24 1.45 5.85
CA TRP A 69 -7.51 1.69 4.61
C TRP A 69 -6.62 2.92 4.74
N ASP A 70 -5.30 2.71 4.62
CA ASP A 70 -4.35 3.80 4.72
C ASP A 70 -4.68 4.90 3.73
N ARG A 71 -5.00 6.09 4.25
CA ARG A 71 -5.34 7.23 3.41
C ARG A 71 -4.30 8.33 3.55
N GLY A 72 -3.10 7.95 3.98
CA GLY A 72 -2.03 8.92 4.13
C GLY A 72 -1.56 9.03 5.57
N GLN A 73 -0.53 9.85 5.80
CA GLN A 73 0.01 10.03 7.13
C GLN A 73 -0.91 10.92 7.98
N GLY A 74 -1.49 10.32 9.01
CA GLY A 74 -2.39 11.06 9.88
C GLY A 74 -3.80 11.14 9.33
N ILE A 75 -3.92 11.31 8.02
CA ILE A 75 -5.21 11.39 7.37
C ILE A 75 -6.19 10.37 7.94
N ASN A 76 -7.46 10.75 8.04
CA ASN A 76 -8.49 9.87 8.57
C ASN A 76 -8.63 8.62 7.70
N PRO A 77 -8.44 7.45 8.30
CA PRO A 77 -8.54 6.16 7.60
C PRO A 77 -9.98 5.83 7.22
N ASP A 78 -10.15 4.80 6.39
CA ASP A 78 -11.47 4.38 5.95
C ASP A 78 -11.78 2.97 6.43
N LEU A 79 -12.90 2.82 7.11
CA LEU A 79 -13.32 1.52 7.63
C LEU A 79 -13.62 0.55 6.49
N LEU A 80 -12.94 -0.59 6.49
CA LEU A 80 -13.14 -1.61 5.47
C LEU A 80 -14.58 -2.10 5.46
N ASN A 81 -15.43 -1.44 4.67
CA ASN A 81 -16.83 -1.82 4.57
C ASN A 81 -17.22 -2.10 3.12
N GLN A 82 -16.50 -3.03 2.50
CA GLN A 82 -16.78 -3.39 1.11
C GLN A 82 -17.32 -4.81 1.02
N PRO A 83 -18.28 -5.02 0.10
CA PRO A 83 -18.90 -6.32 -0.12
C PRO A 83 -17.94 -7.34 -0.74
N ILE A 84 -16.97 -6.84 -1.48
CA ILE A 84 -15.99 -7.70 -2.13
C ILE A 84 -14.67 -7.71 -1.36
N THR A 85 -14.12 -8.89 -1.13
CA THR A 85 -12.87 -9.04 -0.40
C THR A 85 -12.01 -10.15 -1.01
N TYR A 86 -10.74 -10.19 -0.61
CA TYR A 86 -9.82 -11.20 -1.11
C TYR A 86 -9.13 -11.93 0.03
N TRP A 87 -9.72 -11.84 1.22
CA TRP A 87 -9.17 -12.50 2.40
C TRP A 87 -8.80 -13.94 2.09
N ALA A 88 -7.55 -14.30 2.39
CA ALA A 88 -7.07 -15.65 2.15
C ALA A 88 -7.88 -16.68 2.93
N ASN A 89 -7.65 -17.95 2.66
CA ASN A 89 -8.36 -19.03 3.33
C ASN A 89 -8.35 -18.81 4.85
N GLY A 90 -9.54 -18.66 5.42
CA GLY A 90 -9.65 -18.45 6.85
C GLY A 90 -9.45 -17.01 7.25
N GLU A 91 -8.75 -16.25 6.40
CA GLU A 91 -8.49 -14.84 6.66
C GLU A 91 -9.78 -14.03 6.61
N PRO A 92 -9.81 -12.91 7.35
CA PRO A 92 -8.68 -12.47 8.17
C PRO A 92 -8.45 -13.38 9.37
N SER A 93 -7.23 -13.33 9.92
CA SER A 93 -6.89 -14.15 11.08
C SER A 93 -7.21 -13.41 12.38
N ASN A 94 -7.43 -14.18 13.45
CA ASN A 94 -7.74 -13.61 14.75
C ASN A 94 -6.54 -13.70 15.69
N ASP A 95 -5.34 -13.58 15.12
CA ASP A 95 -4.12 -13.63 15.91
C ASP A 95 -3.71 -12.25 16.40
N PRO A 96 -3.33 -12.17 17.69
CA PRO A 96 -2.93 -10.90 18.30
C PRO A 96 -1.58 -10.41 17.79
N THR A 97 -0.80 -11.32 17.23
CA THR A 97 0.51 -10.99 16.68
C THR A 97 0.39 -10.37 15.29
N ARG A 98 -0.44 -10.99 14.45
CA ARG A 98 -0.64 -10.50 13.09
C ARG A 98 -1.80 -9.50 13.04
N GLN A 99 -1.47 -8.25 12.72
CA GLN A 99 -2.49 -7.21 12.63
C GLN A 99 -2.50 -6.56 11.24
N CYS A 100 -1.31 -6.46 10.65
CA CYS A 100 -1.19 -5.86 9.32
C CYS A 100 -1.45 -6.89 8.23
N VAL A 101 -1.78 -6.41 7.04
CA VAL A 101 -2.06 -7.29 5.91
C VAL A 101 -1.12 -7.01 4.75
N TYR A 102 -0.69 -8.07 4.07
CA TYR A 102 0.21 -7.92 2.94
C TYR A 102 -0.27 -8.75 1.74
N PHE A 103 -0.16 -8.18 0.56
CA PHE A 103 -0.60 -8.85 -0.66
C PHE A 103 0.28 -10.07 -0.95
N ASP A 104 -0.33 -11.24 -0.95
CA ASP A 104 0.39 -12.48 -1.20
C ASP A 104 0.33 -12.84 -2.69
N GLY A 105 1.36 -12.46 -3.44
CA GLY A 105 1.39 -12.75 -4.86
C GLY A 105 1.70 -14.21 -5.13
N ARG A 106 2.29 -14.88 -4.16
CA ARG A 106 2.64 -16.29 -4.31
C ARG A 106 1.45 -17.18 -3.99
N SER A 107 0.30 -16.56 -3.73
CA SER A 107 -0.91 -17.30 -3.40
C SER A 107 -1.49 -17.96 -4.65
N GLY A 108 -1.71 -19.27 -4.58
CA GLY A 108 -2.26 -19.99 -5.69
C GLY A 108 -3.44 -19.28 -6.34
N ASP A 109 -4.20 -18.54 -5.53
CA ASP A 109 -5.35 -17.80 -6.02
C ASP A 109 -5.17 -16.30 -5.79
N LYS A 110 -5.78 -15.51 -6.66
CA LYS A 110 -5.69 -14.06 -6.56
C LYS A 110 -6.68 -13.52 -5.54
N SER A 111 -7.84 -14.17 -5.42
CA SER A 111 -8.86 -13.75 -4.48
C SER A 111 -8.46 -14.12 -3.05
N LYS A 112 -7.45 -14.97 -2.93
CA LYS A 112 -6.98 -15.39 -1.62
C LYS A 112 -5.55 -14.91 -1.38
N VAL A 113 -5.23 -13.73 -1.90
CA VAL A 113 -3.91 -13.15 -1.74
C VAL A 113 -3.78 -12.43 -0.41
N TRP A 114 -4.89 -11.86 0.06
CA TRP A 114 -4.91 -11.13 1.33
C TRP A 114 -4.51 -12.04 2.47
N THR A 115 -3.44 -11.67 3.18
CA THR A 115 -2.96 -12.46 4.31
C THR A 115 -2.43 -11.56 5.41
N THR A 116 -2.77 -11.89 6.65
CA THR A 116 -2.32 -11.10 7.81
C THR A 116 -0.93 -11.52 8.24
N ASP A 117 -0.23 -10.61 8.91
CA ASP A 117 1.12 -10.88 9.39
C ASP A 117 1.61 -9.77 10.30
N THR A 118 2.67 -10.05 11.05
CA THR A 118 3.24 -9.07 11.98
C THR A 118 3.67 -7.81 11.25
N CYS A 119 3.55 -6.67 11.92
CA CYS A 119 3.93 -5.39 11.33
C CYS A 119 5.41 -5.10 11.58
N ALA A 120 6.21 -6.16 11.69
CA ALA A 120 7.64 -6.02 11.93
C ALA A 120 8.44 -6.71 10.84
N THR A 121 7.77 -7.55 10.05
CA THR A 121 8.42 -8.29 8.98
C THR A 121 8.79 -7.35 7.82
N PRO A 122 10.08 -7.34 7.45
CA PRO A 122 10.58 -6.50 6.35
C PRO A 122 10.08 -6.97 4.99
N ARG A 123 9.16 -6.21 4.41
CA ARG A 123 8.61 -6.55 3.11
C ARG A 123 8.42 -5.29 2.24
N PRO A 124 8.37 -5.48 0.92
CA PRO A 124 8.19 -4.38 -0.03
C PRO A 124 6.79 -3.78 0.04
N PHE A 125 6.64 -2.60 -0.55
CA PHE A 125 5.35 -1.91 -0.55
C PHE A 125 5.19 -1.08 -1.83
N ILE A 126 3.99 -0.53 -2.01
CA ILE A 126 3.70 0.29 -3.18
C ILE A 126 3.08 1.62 -2.78
N CYS A 127 3.75 2.72 -3.15
CA CYS A 127 3.26 4.05 -2.83
C CYS A 127 2.35 4.58 -3.94
N GLN A 128 1.43 5.47 -3.57
CA GLN A 128 0.51 6.05 -4.53
C GLN A 128 0.07 7.45 -4.11
N LYS A 129 0.23 8.40 -5.01
CA LYS A 129 -0.15 9.79 -4.72
C LYS A 129 -1.66 9.93 -4.59
N HIS A 130 -2.12 11.16 -4.36
CA HIS A 130 -3.54 11.43 -4.21
C HIS A 130 -4.23 11.48 -5.58
N ARG A 131 -3.92 10.51 -6.42
CA ARG A 131 -4.50 10.44 -7.76
C ARG A 131 -4.69 11.85 -8.34
N TYR A 132 -3.75 12.74 -8.04
CA TYR A 132 -3.81 14.11 -8.52
C TYR A 132 -2.44 14.78 -8.45
N ASP A 133 -2.16 15.63 -9.43
CA ASP A 133 -0.89 16.34 -9.48
C ASP A 133 -1.07 17.82 -9.19
N SER A 134 -0.74 18.22 -7.97
CA SER A 134 -0.88 19.61 -7.55
C SER A 134 0.48 20.20 -7.17
N ASP A 135 0.50 21.51 -6.94
CA ASP A 135 1.73 22.20 -6.57
C ASP A 135 1.52 23.06 -5.33
N HIS A 136 1.62 22.44 -4.16
CA HIS A 136 1.42 23.17 -2.89
C HIS A 136 2.70 23.88 -2.50
N LYS A 137 3.82 23.17 -2.53
CA LYS A 137 5.12 23.74 -2.16
C LYS A 137 5.84 24.27 -3.40
N PRO A 138 6.26 25.55 -3.34
CA PRO A 138 6.97 26.20 -4.44
C PRO A 138 8.38 25.64 -4.63
N ASN A 139 8.73 25.33 -5.87
CA ASN A 139 10.04 24.79 -6.18
C ASN A 139 10.96 25.88 -6.73
N THR A 140 11.51 26.68 -5.83
CA THR A 140 12.41 27.76 -6.22
C THR A 140 13.38 28.10 -5.10
N ILE A 141 14.59 28.50 -5.47
CA ILE A 141 15.62 28.85 -4.50
C ILE A 141 16.02 30.32 -4.62
N GLY A 142 15.65 31.11 -3.62
CA GLY A 142 15.97 32.52 -3.64
C GLY A 142 16.87 32.92 -2.47
N ASP A 143 18.17 33.06 -2.75
CA ASP A 143 19.12 33.44 -1.72
C ASP A 143 19.96 34.63 -2.18
N ALA A 144 20.45 34.56 -3.41
CA ALA A 144 21.26 35.64 -3.98
C ALA A 144 22.31 36.11 -2.98
N SER A 145 22.94 35.15 -2.28
CA SER A 145 23.96 35.46 -1.29
C SER A 145 25.27 34.77 -1.63
N GLY A 146 26.38 35.40 -1.29
CA GLY A 146 27.68 34.84 -1.56
C GLY A 146 28.80 35.87 -1.51
N PRO A 147 28.99 36.47 -0.33
CA PRO A 147 30.02 37.49 -0.12
C PRO A 147 31.42 36.90 -0.15
N SER A 148 32.42 37.77 -0.06
CA SER A 148 33.81 37.34 -0.08
C SER A 148 34.74 38.48 0.35
N SER A 149 35.53 38.22 1.39
CA SER A 149 36.47 39.22 1.90
C SER A 149 37.91 38.82 1.60
N GLY A 150 38.63 39.68 0.89
CA GLY A 150 40.01 39.40 0.55
C GLY A 150 40.63 40.49 -0.29
N GLY A 1 1.75 10.60 -16.27
CA GLY A 1 2.89 11.41 -16.64
C GLY A 1 3.15 12.54 -15.67
N SER A 2 3.64 13.67 -16.19
CA SER A 2 3.93 14.83 -15.36
C SER A 2 4.56 14.41 -14.03
N SER A 3 5.48 13.45 -14.09
CA SER A 3 6.14 12.96 -12.89
C SER A 3 6.96 14.06 -12.23
N GLY A 4 7.33 13.85 -10.97
CA GLY A 4 8.11 14.83 -10.25
C GLY A 4 9.58 14.74 -10.57
N SER A 5 10.28 13.84 -9.88
CA SER A 5 11.72 13.67 -10.10
C SER A 5 12.10 12.19 -10.01
N SER A 6 13.31 11.88 -10.47
CA SER A 6 13.80 10.51 -10.44
C SER A 6 13.97 10.01 -9.00
N GLY A 7 12.85 9.65 -8.38
CA GLY A 7 12.89 9.17 -7.01
C GLY A 7 12.04 7.92 -6.81
N VAL A 8 10.98 8.06 -6.02
CA VAL A 8 10.09 6.93 -5.76
C VAL A 8 8.95 6.88 -6.76
N LYS A 9 8.88 5.79 -7.52
CA LYS A 9 7.83 5.63 -8.52
C LYS A 9 6.50 5.29 -7.86
N PHE A 10 5.44 5.24 -8.67
CA PHE A 10 4.11 4.93 -8.15
C PHE A 10 3.64 3.57 -8.65
N LEU A 11 2.75 2.94 -7.89
CA LEU A 11 2.23 1.62 -8.24
C LEU A 11 3.35 0.68 -8.67
N THR A 12 4.45 0.72 -7.92
CA THR A 12 5.60 -0.13 -8.21
C THR A 12 6.20 -0.70 -6.93
N VAL A 13 6.52 -2.00 -6.97
CA VAL A 13 7.11 -2.66 -5.80
C VAL A 13 8.56 -2.24 -5.61
N ASN A 14 8.83 -1.54 -4.51
CA ASN A 14 10.18 -1.08 -4.21
C ASN A 14 10.95 -2.15 -3.42
N ASP A 15 11.91 -2.79 -4.09
CA ASP A 15 12.72 -3.83 -3.46
C ASP A 15 12.96 -3.50 -1.98
N ASP A 16 13.48 -2.30 -1.72
CA ASP A 16 13.76 -1.88 -0.36
C ASP A 16 12.70 -2.41 0.61
N ILE A 17 13.04 -3.45 1.35
CA ILE A 17 12.13 -4.04 2.31
C ILE A 17 12.06 -3.23 3.59
N LEU A 18 10.85 -2.94 4.05
CA LEU A 18 10.65 -2.17 5.27
C LEU A 18 9.35 -2.57 5.96
N SER A 19 9.37 -2.60 7.28
CA SER A 19 8.20 -2.97 8.07
C SER A 19 7.03 -2.02 7.78
N MET A 20 5.83 -2.46 8.11
CA MET A 20 4.63 -1.65 7.88
C MET A 20 4.83 -0.23 8.41
N PRO A 21 5.28 -0.12 9.67
CA PRO A 21 5.51 1.18 10.31
C PRO A 21 6.71 1.90 9.73
N GLN A 22 7.39 1.25 8.79
CA GLN A 22 8.56 1.84 8.15
C GLN A 22 8.26 2.20 6.70
N ALA A 23 7.35 1.46 6.09
CA ALA A 23 6.97 1.69 4.70
C ALA A 23 6.03 2.89 4.59
N ARG A 24 4.91 2.83 5.30
CA ARG A 24 3.93 3.91 5.29
C ARG A 24 4.60 5.26 5.57
N ASN A 25 5.53 5.26 6.51
CA ASN A 25 6.24 6.48 6.87
C ASN A 25 7.11 6.98 5.71
N PHE A 26 7.65 6.04 4.95
CA PHE A 26 8.49 6.39 3.80
C PHE A 26 7.67 7.03 2.69
N CYS A 27 6.75 6.26 2.12
CA CYS A 27 5.89 6.76 1.04
C CYS A 27 5.44 8.20 1.33
N ALA A 28 5.10 8.46 2.59
CA ALA A 28 4.66 9.78 3.00
C ALA A 28 5.76 10.82 2.82
N SER A 29 6.93 10.52 3.36
CA SER A 29 8.08 11.43 3.27
C SER A 29 8.41 11.73 1.81
N ALA A 30 8.33 10.72 0.96
CA ALA A 30 8.61 10.87 -0.45
C ALA A 30 7.56 11.76 -1.13
N GLY A 31 6.30 11.55 -0.76
CA GLY A 31 5.22 12.33 -1.34
C GLY A 31 4.06 11.47 -1.80
N GLY A 32 3.70 10.49 -0.97
CA GLY A 32 2.60 9.61 -1.32
C GLY A 32 2.16 8.76 -0.14
N TYR A 33 1.57 7.61 -0.44
CA TYR A 33 1.10 6.70 0.61
C TYR A 33 0.88 5.30 0.05
N LEU A 34 0.65 4.34 0.93
CA LEU A 34 0.43 2.95 0.53
C LEU A 34 -0.72 2.86 -0.47
N ALA A 35 -0.55 2.03 -1.48
CA ALA A 35 -1.56 1.84 -2.51
C ALA A 35 -2.61 0.83 -2.07
N ASP A 36 -3.86 1.28 -1.97
CA ASP A 36 -4.95 0.42 -1.55
C ASP A 36 -5.13 -0.74 -2.53
N ASP A 37 -5.68 -1.84 -2.03
CA ASP A 37 -5.91 -3.02 -2.86
C ASP A 37 -7.38 -3.43 -2.84
N LEU A 38 -8.24 -2.48 -3.16
CA LEU A 38 -9.69 -2.74 -3.18
C LEU A 38 -10.27 -2.45 -4.56
N GLY A 39 -10.76 -3.50 -5.22
CA GLY A 39 -11.35 -3.33 -6.53
C GLY A 39 -10.97 -4.45 -7.49
N ASP A 40 -11.96 -5.22 -7.92
CA ASP A 40 -11.72 -6.32 -8.84
C ASP A 40 -10.60 -6.00 -9.82
N ASP A 41 -10.52 -4.73 -10.21
CA ASP A 41 -9.50 -4.28 -11.14
C ASP A 41 -8.21 -3.92 -10.41
N LYS A 42 -8.36 -3.25 -9.27
CA LYS A 42 -7.20 -2.85 -8.47
C LYS A 42 -6.40 -4.06 -8.03
N ASN A 43 -7.09 -5.07 -7.51
CA ASN A 43 -6.44 -6.29 -7.05
C ASN A 43 -5.68 -6.97 -8.18
N ASN A 44 -6.40 -7.27 -9.26
CA ASN A 44 -5.79 -7.92 -10.42
C ASN A 44 -4.52 -7.20 -10.84
N PHE A 45 -4.64 -5.90 -11.09
CA PHE A 45 -3.50 -5.09 -11.50
C PHE A 45 -2.25 -5.47 -10.72
N TYR A 46 -2.37 -5.51 -9.39
CA TYR A 46 -1.26 -5.85 -8.53
C TYR A 46 -0.84 -7.31 -8.73
N SER A 47 -1.83 -8.19 -8.76
CA SER A 47 -1.57 -9.63 -8.93
C SER A 47 -0.45 -9.84 -9.94
N SER A 48 -0.54 -9.18 -11.08
CA SER A 48 0.46 -9.31 -12.13
C SER A 48 1.85 -8.95 -11.61
N ILE A 49 2.06 -7.65 -11.38
CA ILE A 49 3.34 -7.17 -10.87
C ILE A 49 3.74 -7.90 -9.59
N ALA A 50 2.76 -8.54 -8.96
CA ALA A 50 3.01 -9.28 -7.72
C ALA A 50 3.49 -10.70 -8.02
N ALA A 51 3.99 -10.90 -9.22
CA ALA A 51 4.49 -12.21 -9.64
C ALA A 51 5.45 -12.79 -8.59
N ASN A 52 4.92 -13.64 -7.72
CA ASN A 52 5.73 -14.25 -6.67
C ASN A 52 6.40 -13.18 -5.80
N THR A 53 5.67 -12.11 -5.52
CA THR A 53 6.19 -11.03 -4.70
C THR A 53 5.16 -10.57 -3.67
N GLN A 54 5.57 -10.51 -2.40
CA GLN A 54 4.69 -10.09 -1.33
C GLN A 54 5.05 -8.69 -0.84
N PHE A 55 4.09 -7.78 -0.91
CA PHE A 55 4.32 -6.40 -0.48
C PHE A 55 3.16 -5.92 0.41
N TRP A 56 3.42 -4.90 1.20
CA TRP A 56 2.42 -4.34 2.10
C TRP A 56 1.30 -3.66 1.30
N ILE A 57 0.18 -3.42 1.97
CA ILE A 57 -0.96 -2.77 1.33
C ILE A 57 -1.68 -1.84 2.29
N GLY A 58 -2.59 -1.04 1.76
CA GLY A 58 -3.35 -0.11 2.59
C GLY A 58 -4.19 -0.83 3.63
N LEU A 59 -4.32 -2.15 3.48
CA LEU A 59 -5.11 -2.94 4.42
C LEU A 59 -4.33 -3.20 5.70
N PHE A 60 -4.80 -2.61 6.80
CA PHE A 60 -4.16 -2.78 8.10
C PHE A 60 -5.18 -2.76 9.22
N LYS A 61 -5.00 -3.66 10.19
CA LYS A 61 -5.92 -3.75 11.33
C LYS A 61 -5.68 -2.61 12.30
N ASN A 62 -6.76 -2.17 12.96
CA ASN A 62 -6.67 -1.08 13.93
C ASN A 62 -6.88 -1.60 15.35
N SER A 63 -6.82 -0.69 16.31
CA SER A 63 -7.00 -1.05 17.72
C SER A 63 -8.32 -1.81 17.91
N ASP A 64 -9.42 -1.17 17.53
CA ASP A 64 -10.73 -1.78 17.66
C ASP A 64 -10.71 -3.25 17.24
N GLY A 65 -10.11 -3.50 16.08
CA GLY A 65 -10.02 -4.86 15.57
C GLY A 65 -10.55 -4.98 14.16
N GLN A 66 -10.82 -3.85 13.52
CA GLN A 66 -11.33 -3.84 12.16
C GLN A 66 -10.25 -3.44 11.16
N PHE A 67 -10.39 -3.89 9.93
CA PHE A 67 -9.42 -3.58 8.88
C PHE A 67 -9.76 -2.28 8.18
N TYR A 68 -8.78 -1.40 8.05
CA TYR A 68 -8.99 -0.11 7.40
C TYR A 68 -8.12 0.02 6.15
N TRP A 69 -8.21 1.17 5.49
CA TRP A 69 -7.43 1.42 4.29
C TRP A 69 -6.57 2.67 4.44
N ASP A 70 -5.27 2.51 4.23
CA ASP A 70 -4.33 3.63 4.34
C ASP A 70 -4.71 4.74 3.37
N ARG A 71 -4.96 5.93 3.92
CA ARG A 71 -5.32 7.08 3.11
C ARG A 71 -4.31 8.21 3.27
N GLY A 72 -3.11 7.86 3.69
CA GLY A 72 -2.07 8.85 3.88
C GLY A 72 -1.56 8.90 5.31
N GLN A 73 -0.67 9.84 5.59
CA GLN A 73 -0.12 10.00 6.93
C GLN A 73 -1.05 10.79 7.83
N GLY A 74 -1.64 10.12 8.81
CA GLY A 74 -2.56 10.79 9.72
C GLY A 74 -3.96 10.84 9.18
N ILE A 75 -4.09 11.02 7.87
CA ILE A 75 -5.39 11.10 7.23
C ILE A 75 -6.26 9.90 7.60
N ASN A 76 -7.55 10.15 7.82
CA ASN A 76 -8.49 9.10 8.19
C ASN A 76 -8.62 8.08 7.06
N PRO A 77 -8.31 6.82 7.37
CA PRO A 77 -8.39 5.73 6.40
C PRO A 77 -9.83 5.38 6.03
N ASP A 78 -10.01 4.22 5.40
CA ASP A 78 -11.33 3.77 4.99
C ASP A 78 -11.65 2.41 5.59
N LEU A 79 -12.75 2.33 6.33
CA LEU A 79 -13.16 1.08 6.96
C LEU A 79 -13.58 0.05 5.91
N LEU A 80 -12.92 -1.10 5.92
CA LEU A 80 -13.22 -2.17 4.97
C LEU A 80 -14.66 -2.64 5.12
N ASN A 81 -15.55 -2.10 4.30
CA ASN A 81 -16.96 -2.48 4.34
C ASN A 81 -17.39 -3.14 3.04
N GLN A 82 -16.58 -2.97 1.99
CA GLN A 82 -16.87 -3.56 0.70
C GLN A 82 -17.41 -4.98 0.85
N PRO A 83 -18.41 -5.32 0.01
CA PRO A 83 -19.02 -6.65 0.04
C PRO A 83 -18.08 -7.74 -0.46
N ILE A 84 -17.10 -7.35 -1.27
CA ILE A 84 -16.14 -8.29 -1.82
C ILE A 84 -14.79 -8.17 -1.10
N THR A 85 -14.21 -9.32 -0.78
CA THR A 85 -12.92 -9.36 -0.09
C THR A 85 -12.01 -10.43 -0.68
N TYR A 86 -10.71 -10.29 -0.45
CA TYR A 86 -9.73 -11.25 -0.96
C TYR A 86 -9.02 -11.94 0.19
N TRP A 87 -9.72 -12.13 1.30
CA TRP A 87 -9.14 -12.78 2.47
C TRP A 87 -8.70 -14.20 2.14
N ALA A 88 -7.49 -14.56 2.55
CA ALA A 88 -6.96 -15.90 2.30
C ALA A 88 -7.75 -16.96 3.06
N ASN A 89 -7.42 -18.22 2.82
CA ASN A 89 -8.10 -19.32 3.48
C ASN A 89 -8.22 -19.07 4.98
N GLY A 90 -9.46 -18.93 5.47
CA GLY A 90 -9.68 -18.68 6.88
C GLY A 90 -9.60 -17.21 7.23
N GLU A 91 -8.76 -16.48 6.52
CA GLU A 91 -8.59 -15.05 6.76
C GLU A 91 -9.91 -14.31 6.61
N PRO A 92 -10.03 -13.17 7.30
CA PRO A 92 -8.96 -12.64 8.15
C PRO A 92 -8.74 -13.48 9.40
N SER A 93 -7.49 -13.56 9.85
CA SER A 93 -7.15 -14.34 11.03
C SER A 93 -7.44 -13.55 12.30
N ASN A 94 -7.48 -14.26 13.43
CA ASN A 94 -7.75 -13.61 14.71
C ASN A 94 -6.54 -13.70 15.64
N ASP A 95 -5.35 -13.46 15.07
CA ASP A 95 -4.12 -13.51 15.83
C ASP A 95 -3.80 -12.15 16.44
N PRO A 96 -3.38 -12.15 17.71
CA PRO A 96 -3.03 -10.93 18.43
C PRO A 96 -1.76 -10.29 17.91
N THR A 97 -0.80 -11.12 17.52
CA THR A 97 0.47 -10.64 17.00
C THR A 97 0.32 -10.10 15.59
N ARG A 98 -0.49 -10.79 14.79
CA ARG A 98 -0.72 -10.38 13.40
C ARG A 98 -1.83 -9.35 13.32
N GLN A 99 -1.49 -8.14 12.87
CA GLN A 99 -2.47 -7.08 12.75
C GLN A 99 -2.45 -6.48 11.34
N CYS A 100 -1.27 -6.38 10.76
CA CYS A 100 -1.10 -5.84 9.41
C CYS A 100 -1.39 -6.90 8.36
N VAL A 101 -1.54 -6.47 7.11
CA VAL A 101 -1.81 -7.38 6.00
C VAL A 101 -0.97 -7.03 4.79
N TYR A 102 -0.55 -8.05 4.05
CA TYR A 102 0.26 -7.86 2.86
C TYR A 102 -0.25 -8.71 1.71
N PHE A 103 -0.18 -8.15 0.50
CA PHE A 103 -0.64 -8.86 -0.69
C PHE A 103 0.26 -10.06 -1.00
N ASP A 104 -0.33 -11.25 -0.97
CA ASP A 104 0.42 -12.48 -1.24
C ASP A 104 0.45 -12.78 -2.73
N GLY A 105 1.41 -12.17 -3.44
CA GLY A 105 1.52 -12.38 -4.87
C GLY A 105 1.76 -13.84 -5.22
N ARG A 106 2.54 -14.53 -4.40
CA ARG A 106 2.83 -15.94 -4.62
C ARG A 106 1.55 -16.78 -4.59
N SER A 107 0.62 -16.39 -3.72
CA SER A 107 -0.63 -17.11 -3.58
C SER A 107 -1.30 -17.30 -4.94
N GLY A 108 -1.15 -18.49 -5.50
CA GLY A 108 -1.75 -18.79 -6.79
C GLY A 108 -3.10 -18.11 -6.97
N ASP A 109 -3.93 -18.16 -5.94
CA ASP A 109 -5.25 -17.55 -6.00
C ASP A 109 -5.15 -16.03 -5.81
N LYS A 110 -5.95 -15.30 -6.57
CA LYS A 110 -5.96 -13.84 -6.49
C LYS A 110 -6.94 -13.36 -5.42
N SER A 111 -7.84 -14.25 -5.02
CA SER A 111 -8.83 -13.91 -4.00
C SER A 111 -8.32 -14.25 -2.60
N LYS A 112 -7.26 -15.05 -2.56
CA LYS A 112 -6.66 -15.45 -1.28
C LYS A 112 -5.28 -14.85 -1.12
N VAL A 113 -5.06 -13.69 -1.73
CA VAL A 113 -3.78 -13.01 -1.64
C VAL A 113 -3.59 -12.34 -0.28
N TRP A 114 -4.69 -11.83 0.28
CA TRP A 114 -4.65 -11.17 1.57
C TRP A 114 -4.19 -12.14 2.66
N THR A 115 -3.22 -11.71 3.46
CA THR A 115 -2.70 -12.52 4.54
C THR A 115 -2.20 -11.66 5.70
N THR A 116 -2.74 -11.91 6.89
CA THR A 116 -2.36 -11.16 8.08
C THR A 116 -0.95 -11.55 8.54
N ASP A 117 -0.19 -10.56 8.99
CA ASP A 117 1.17 -10.80 9.45
C ASP A 117 1.62 -9.68 10.38
N THR A 118 2.69 -9.94 11.15
CA THR A 118 3.21 -8.95 12.08
C THR A 118 3.67 -7.70 11.35
N CYS A 119 3.56 -6.56 12.02
CA CYS A 119 3.96 -5.28 11.43
C CYS A 119 5.43 -5.01 11.69
N ALA A 120 6.22 -6.08 11.80
CA ALA A 120 7.65 -5.97 12.04
C ALA A 120 8.45 -6.67 10.95
N THR A 121 7.76 -7.47 10.14
CA THR A 121 8.41 -8.21 9.07
C THR A 121 8.80 -7.27 7.92
N PRO A 122 10.09 -7.25 7.58
CA PRO A 122 10.62 -6.41 6.51
C PRO A 122 10.17 -6.88 5.12
N ARG A 123 9.26 -6.13 4.52
CA ARG A 123 8.74 -6.47 3.19
C ARG A 123 8.58 -5.23 2.34
N PRO A 124 8.52 -5.42 1.01
CA PRO A 124 8.35 -4.32 0.05
C PRO A 124 6.96 -3.69 0.12
N PHE A 125 6.81 -2.53 -0.51
CA PHE A 125 5.53 -1.83 -0.52
C PHE A 125 5.33 -1.10 -1.84
N ILE A 126 4.21 -0.39 -1.95
CA ILE A 126 3.89 0.35 -3.16
C ILE A 126 3.28 1.71 -2.83
N CYS A 127 3.97 2.77 -3.23
CA CYS A 127 3.49 4.14 -2.98
C CYS A 127 2.54 4.59 -4.09
N GLN A 128 1.55 5.40 -3.72
CA GLN A 128 0.58 5.90 -4.67
C GLN A 128 0.28 7.38 -4.41
N LYS A 129 -0.19 8.07 -5.44
CA LYS A 129 -0.52 9.49 -5.32
C LYS A 129 -2.02 9.68 -5.13
N HIS A 130 -2.40 10.76 -4.45
CA HIS A 130 -3.80 11.05 -4.20
C HIS A 130 -4.46 11.64 -5.46
N ARG A 131 -5.80 11.60 -5.49
CA ARG A 131 -6.54 12.12 -6.62
C ARG A 131 -6.61 13.64 -6.57
N TYR A 132 -5.88 14.30 -7.47
CA TYR A 132 -5.85 15.76 -7.52
C TYR A 132 -7.22 16.31 -7.90
N ASP A 133 -7.67 17.32 -7.17
CA ASP A 133 -8.96 17.94 -7.42
C ASP A 133 -8.80 19.20 -8.26
N SER A 134 -9.04 19.08 -9.56
CA SER A 134 -8.92 20.21 -10.46
C SER A 134 -10.24 20.97 -10.58
N ASP A 135 -10.21 22.25 -10.23
CA ASP A 135 -11.41 23.08 -10.29
C ASP A 135 -11.41 23.95 -11.55
N HIS A 136 -12.58 24.41 -11.94
CA HIS A 136 -12.72 25.24 -13.14
C HIS A 136 -11.61 26.29 -13.19
N LYS A 137 -10.84 26.26 -14.27
CA LYS A 137 -9.75 27.20 -14.45
C LYS A 137 -9.60 27.59 -15.92
N PRO A 138 -9.00 28.77 -16.17
CA PRO A 138 -8.79 29.28 -17.52
C PRO A 138 -7.74 28.48 -18.29
N ASN A 139 -7.95 28.32 -19.59
CA ASN A 139 -7.03 27.58 -20.43
C ASN A 139 -7.14 26.08 -20.17
N THR A 140 -8.33 25.65 -19.76
CA THR A 140 -8.56 24.23 -19.48
C THR A 140 -9.96 23.82 -19.91
N ILE A 141 -10.29 22.54 -19.70
CA ILE A 141 -11.60 22.03 -20.07
C ILE A 141 -12.23 21.25 -18.91
N GLY A 142 -13.20 21.86 -18.26
CA GLY A 142 -13.86 21.20 -17.14
C GLY A 142 -15.15 21.91 -16.75
N ASP A 143 -15.71 21.51 -15.61
CA ASP A 143 -16.95 22.11 -15.12
C ASP A 143 -17.28 21.60 -13.72
N ALA A 144 -18.09 22.36 -13.00
CA ALA A 144 -18.49 21.99 -11.64
C ALA A 144 -19.84 21.30 -11.62
N SER A 145 -20.21 20.75 -10.48
CA SER A 145 -21.47 20.05 -10.33
C SER A 145 -22.50 20.91 -9.61
N GLY A 146 -22.20 21.26 -8.36
CA GLY A 146 -23.11 22.09 -7.59
C GLY A 146 -23.22 21.62 -6.14
N PRO A 147 -22.26 22.04 -5.30
CA PRO A 147 -22.25 21.68 -3.89
C PRO A 147 -23.36 22.35 -3.10
N SER A 148 -23.33 22.18 -1.78
CA SER A 148 -24.34 22.76 -0.91
C SER A 148 -23.70 23.40 0.32
N SER A 149 -24.17 24.59 0.67
CA SER A 149 -23.65 25.31 1.83
C SER A 149 -24.76 26.07 2.54
N GLY A 150 -24.58 26.28 3.85
CA GLY A 150 -25.57 26.98 4.63
C GLY A 150 -24.95 27.90 5.67
N GLY A 1 13.01 23.18 -20.23
CA GLY A 1 12.02 22.26 -19.73
C GLY A 1 12.46 21.55 -18.47
N SER A 2 11.70 20.55 -18.04
CA SER A 2 12.02 19.79 -16.84
C SER A 2 12.61 18.43 -17.19
N SER A 3 13.76 18.12 -16.61
CA SER A 3 14.43 16.85 -16.87
C SER A 3 13.68 15.69 -16.21
N GLY A 4 13.35 15.86 -14.93
CA GLY A 4 12.64 14.82 -14.21
C GLY A 4 12.76 14.98 -12.71
N SER A 5 11.85 15.73 -12.11
CA SER A 5 11.87 15.95 -10.67
C SER A 5 11.01 14.91 -9.95
N SER A 6 11.63 13.79 -9.60
CA SER A 6 10.92 12.71 -8.91
C SER A 6 11.91 11.76 -8.23
N GLY A 7 11.39 10.87 -7.39
CA GLY A 7 12.23 9.92 -6.69
C GLY A 7 11.63 8.53 -6.64
N VAL A 8 11.03 8.20 -5.50
CA VAL A 8 10.41 6.89 -5.33
C VAL A 8 9.28 6.67 -6.34
N LYS A 9 9.41 5.62 -7.14
CA LYS A 9 8.40 5.31 -8.15
C LYS A 9 7.06 4.98 -7.48
N PHE A 10 5.98 5.22 -8.22
CA PHE A 10 4.63 4.96 -7.72
C PHE A 10 4.07 3.67 -8.31
N LEU A 11 2.99 3.17 -7.72
CA LEU A 11 2.36 1.94 -8.18
C LEU A 11 3.40 0.92 -8.62
N THR A 12 4.53 0.90 -7.92
CA THR A 12 5.61 -0.03 -8.24
C THR A 12 6.18 -0.66 -6.97
N VAL A 13 6.53 -1.93 -7.05
CA VAL A 13 7.09 -2.64 -5.90
C VAL A 13 8.55 -2.27 -5.69
N ASN A 14 8.79 -1.40 -4.72
CA ASN A 14 10.15 -0.96 -4.41
C ASN A 14 10.91 -2.02 -3.63
N ASP A 15 12.03 -2.47 -4.18
CA ASP A 15 12.85 -3.49 -3.53
C ASP A 15 13.01 -3.20 -2.05
N ASP A 16 13.41 -1.98 -1.73
CA ASP A 16 13.61 -1.56 -0.34
C ASP A 16 12.55 -2.20 0.56
N ILE A 17 12.99 -3.11 1.42
CA ILE A 17 12.07 -3.79 2.34
C ILE A 17 11.95 -3.03 3.65
N LEU A 18 10.72 -2.79 4.08
CA LEU A 18 10.47 -2.07 5.33
C LEU A 18 9.14 -2.50 5.95
N SER A 19 9.12 -2.62 7.27
CA SER A 19 7.92 -3.03 7.98
C SER A 19 6.74 -2.14 7.61
N MET A 20 5.56 -2.52 8.08
CA MET A 20 4.35 -1.75 7.80
C MET A 20 4.50 -0.30 8.29
N PRO A 21 4.91 -0.15 9.55
CA PRO A 21 5.10 1.17 10.16
C PRO A 21 6.29 1.91 9.58
N GLN A 22 7.24 1.15 9.02
CA GLN A 22 8.43 1.75 8.42
C GLN A 22 8.17 2.15 6.97
N ALA A 23 7.29 1.42 6.30
CA ALA A 23 6.95 1.70 4.91
C ALA A 23 6.03 2.92 4.81
N ARG A 24 4.81 2.77 5.31
CA ARG A 24 3.83 3.86 5.28
C ARG A 24 4.49 5.20 5.60
N ASN A 25 5.40 5.17 6.57
CA ASN A 25 6.11 6.39 6.97
C ASN A 25 6.98 6.92 5.84
N PHE A 26 7.58 6.01 5.09
CA PHE A 26 8.44 6.38 3.98
C PHE A 26 7.63 7.02 2.85
N CYS A 27 6.74 6.23 2.26
CA CYS A 27 5.90 6.71 1.16
C CYS A 27 5.42 8.14 1.43
N ALA A 28 5.03 8.40 2.68
CA ALA A 28 4.56 9.72 3.07
C ALA A 28 5.66 10.76 2.93
N SER A 29 6.84 10.44 3.47
CA SER A 29 7.97 11.35 3.42
C SER A 29 8.29 11.74 1.98
N ALA A 30 8.31 10.75 1.09
CA ALA A 30 8.60 10.99 -0.32
C ALA A 30 7.50 11.85 -0.96
N GLY A 31 6.26 11.61 -0.57
CA GLY A 31 5.16 12.36 -1.12
C GLY A 31 4.04 11.47 -1.65
N GLY A 32 3.70 10.44 -0.88
CA GLY A 32 2.66 9.53 -1.29
C GLY A 32 2.10 8.72 -0.12
N TYR A 33 1.45 7.60 -0.45
CA TYR A 33 0.88 6.74 0.59
C TYR A 33 0.59 5.35 0.03
N LEU A 34 0.70 4.35 0.88
CA LEU A 34 0.46 2.97 0.48
C LEU A 34 -0.70 2.88 -0.51
N ALA A 35 -0.58 1.98 -1.48
CA ALA A 35 -1.61 1.80 -2.49
C ALA A 35 -2.74 0.93 -1.97
N ASP A 36 -3.96 1.23 -2.41
CA ASP A 36 -5.14 0.47 -1.98
C ASP A 36 -5.29 -0.80 -2.82
N ASP A 37 -6.16 -1.69 -2.35
CA ASP A 37 -6.41 -2.95 -3.06
C ASP A 37 -7.90 -3.22 -3.18
N LEU A 38 -8.69 -2.15 -3.26
CA LEU A 38 -10.13 -2.27 -3.38
C LEU A 38 -10.59 -2.03 -4.83
N GLY A 39 -10.77 -3.11 -5.57
CA GLY A 39 -11.20 -2.98 -6.95
C GLY A 39 -10.83 -4.19 -7.79
N ASP A 40 -11.82 -4.94 -8.24
CA ASP A 40 -11.59 -6.12 -9.05
C ASP A 40 -10.47 -5.88 -10.05
N ASP A 41 -10.40 -4.66 -10.57
CA ASP A 41 -9.37 -4.30 -11.54
C ASP A 41 -8.06 -3.94 -10.83
N LYS A 42 -8.17 -3.32 -9.66
CA LYS A 42 -7.01 -2.92 -8.89
C LYS A 42 -6.23 -4.15 -8.41
N ASN A 43 -6.94 -5.12 -7.86
CA ASN A 43 -6.32 -6.34 -7.36
C ASN A 43 -5.73 -7.15 -8.51
N ASN A 44 -6.49 -7.29 -9.59
CA ASN A 44 -6.03 -8.04 -10.75
C ASN A 44 -4.71 -7.49 -11.27
N PHE A 45 -4.58 -6.17 -11.27
CA PHE A 45 -3.38 -5.52 -11.75
C PHE A 45 -2.17 -5.87 -10.87
N TYR A 46 -2.43 -5.97 -9.57
CA TYR A 46 -1.37 -6.31 -8.61
C TYR A 46 -0.96 -7.77 -8.74
N SER A 47 -1.95 -8.66 -8.75
CA SER A 47 -1.69 -10.09 -8.87
C SER A 47 -0.67 -10.38 -9.96
N SER A 48 -0.65 -9.51 -10.98
CA SER A 48 0.27 -9.66 -12.10
C SER A 48 1.67 -9.18 -11.72
N ILE A 49 1.81 -7.87 -11.57
CA ILE A 49 3.09 -7.27 -11.21
C ILE A 49 3.60 -7.82 -9.89
N ALA A 50 2.73 -8.51 -9.16
CA ALA A 50 3.09 -9.10 -7.87
C ALA A 50 3.54 -10.56 -8.04
N ALA A 51 3.94 -10.91 -9.26
CA ALA A 51 4.39 -12.26 -9.56
C ALA A 51 5.37 -12.75 -8.49
N ASN A 52 4.93 -13.72 -7.70
CA ASN A 52 5.76 -14.28 -6.64
C ASN A 52 6.39 -13.17 -5.81
N THR A 53 5.64 -12.10 -5.58
CA THR A 53 6.14 -10.98 -4.81
C THR A 53 5.19 -10.63 -3.67
N GLN A 54 5.73 -10.53 -2.46
CA GLN A 54 4.92 -10.20 -1.29
C GLN A 54 5.24 -8.79 -0.79
N PHE A 55 4.25 -7.91 -0.89
CA PHE A 55 4.42 -6.52 -0.46
C PHE A 55 3.27 -6.09 0.44
N TRP A 56 3.47 -4.99 1.16
CA TRP A 56 2.44 -4.47 2.05
C TRP A 56 1.36 -3.72 1.27
N ILE A 57 0.21 -3.54 1.91
CA ILE A 57 -0.90 -2.84 1.28
C ILE A 57 -1.55 -1.84 2.24
N GLY A 58 -2.49 -1.05 1.73
CA GLY A 58 -3.16 -0.07 2.55
C GLY A 58 -3.99 -0.70 3.64
N LEU A 59 -4.29 -1.99 3.49
CA LEU A 59 -5.08 -2.71 4.48
C LEU A 59 -4.28 -2.96 5.76
N PHE A 60 -4.83 -2.52 6.89
CA PHE A 60 -4.16 -2.70 8.17
C PHE A 60 -5.18 -2.69 9.32
N LYS A 61 -4.96 -3.56 10.29
CA LYS A 61 -5.86 -3.66 11.44
C LYS A 61 -5.68 -2.46 12.37
N ASN A 62 -6.77 -2.02 12.98
CA ASN A 62 -6.75 -0.89 13.89
C ASN A 62 -6.86 -1.35 15.34
N SER A 63 -6.61 -0.44 16.27
CA SER A 63 -6.68 -0.75 17.69
C SER A 63 -7.99 -1.47 18.01
N ASP A 64 -9.10 -0.86 17.60
CA ASP A 64 -10.42 -1.43 17.86
C ASP A 64 -10.43 -2.92 17.51
N GLY A 65 -9.95 -3.26 16.33
CA GLY A 65 -9.93 -4.65 15.90
C GLY A 65 -10.38 -4.82 14.46
N GLN A 66 -10.76 -3.72 13.82
CA GLN A 66 -11.22 -3.76 12.45
C GLN A 66 -10.12 -3.32 11.49
N PHE A 67 -10.24 -3.71 10.23
CA PHE A 67 -9.25 -3.35 9.21
C PHE A 67 -9.61 -2.01 8.56
N TYR A 68 -8.58 -1.27 8.17
CA TYR A 68 -8.78 0.03 7.53
C TYR A 68 -7.84 0.20 6.34
N TRP A 69 -7.96 1.34 5.67
CA TRP A 69 -7.12 1.63 4.50
C TRP A 69 -6.25 2.86 4.76
N ASP A 70 -5.01 2.80 4.27
CA ASP A 70 -4.08 3.91 4.44
C ASP A 70 -4.42 5.07 3.51
N ARG A 71 -4.69 6.23 4.10
CA ARG A 71 -5.04 7.41 3.32
C ARG A 71 -4.01 8.52 3.52
N GLY A 72 -2.77 8.13 3.80
CA GLY A 72 -1.72 9.10 4.02
C GLY A 72 -1.38 9.27 5.49
N GLN A 73 -0.64 10.33 5.81
CA GLN A 73 -0.25 10.61 7.18
C GLN A 73 -1.19 11.62 7.83
N GLY A 74 -1.80 11.24 8.95
CA GLY A 74 -2.70 12.12 9.65
C GLY A 74 -4.12 12.02 9.13
N ILE A 75 -4.26 11.68 7.85
CA ILE A 75 -5.58 11.55 7.23
C ILE A 75 -6.35 10.39 7.84
N ASN A 76 -7.67 10.53 7.89
CA ASN A 76 -8.53 9.49 8.46
C ASN A 76 -8.60 8.29 7.53
N PRO A 77 -8.14 7.12 8.03
CA PRO A 77 -8.13 5.87 7.26
C PRO A 77 -9.54 5.33 7.04
N ASP A 78 -9.81 4.86 5.83
CA ASP A 78 -11.11 4.31 5.49
C ASP A 78 -11.22 2.86 5.94
N LEU A 79 -12.19 2.58 6.80
CA LEU A 79 -12.41 1.23 7.30
C LEU A 79 -12.74 0.27 6.18
N LEU A 80 -12.47 -1.02 6.40
CA LEU A 80 -12.74 -2.05 5.40
C LEU A 80 -14.16 -2.61 5.57
N ASN A 81 -15.09 -2.07 4.79
CA ASN A 81 -16.48 -2.51 4.85
C ASN A 81 -16.98 -2.93 3.46
N GLN A 82 -16.05 -3.20 2.56
CA GLN A 82 -16.39 -3.60 1.20
C GLN A 82 -16.95 -5.02 1.18
N PRO A 83 -17.95 -5.25 0.31
CA PRO A 83 -18.59 -6.56 0.17
C PRO A 83 -17.66 -7.60 -0.46
N ILE A 84 -16.74 -7.13 -1.30
CA ILE A 84 -15.80 -8.02 -1.97
C ILE A 84 -14.45 -8.01 -1.26
N THR A 85 -13.93 -9.21 -0.97
CA THR A 85 -12.64 -9.33 -0.30
C THR A 85 -11.83 -10.49 -0.88
N TYR A 86 -10.54 -10.51 -0.58
CA TYR A 86 -9.66 -11.56 -1.07
C TYR A 86 -9.03 -12.33 0.09
N TRP A 87 -9.49 -12.04 1.31
CA TRP A 87 -8.98 -12.69 2.49
C TRP A 87 -8.68 -14.16 2.21
N ALA A 88 -7.41 -14.54 2.36
CA ALA A 88 -6.99 -15.92 2.12
C ALA A 88 -7.89 -16.90 2.87
N ASN A 89 -7.66 -18.19 2.64
CA ASN A 89 -8.45 -19.22 3.29
C ASN A 89 -8.39 -19.09 4.81
N GLY A 90 -9.55 -18.88 5.43
CA GLY A 90 -9.61 -18.73 6.88
C GLY A 90 -9.32 -17.32 7.32
N GLU A 91 -8.77 -16.50 6.42
CA GLU A 91 -8.44 -15.12 6.74
C GLU A 91 -9.70 -14.26 6.75
N PRO A 92 -9.63 -13.14 7.50
CA PRO A 92 -8.44 -12.77 8.26
C PRO A 92 -8.19 -13.69 9.44
N SER A 93 -6.93 -13.82 9.83
CA SER A 93 -6.55 -14.69 10.94
C SER A 93 -6.83 -13.99 12.27
N ASN A 94 -7.14 -14.79 13.29
CA ASN A 94 -7.43 -14.26 14.62
C ASN A 94 -6.19 -14.29 15.50
N ASP A 95 -5.05 -13.92 14.93
CA ASP A 95 -3.79 -13.91 15.67
C ASP A 95 -3.50 -12.53 16.22
N PRO A 96 -3.13 -12.46 17.51
CA PRO A 96 -2.82 -11.20 18.19
C PRO A 96 -1.52 -10.58 17.69
N THR A 97 -0.64 -11.41 17.13
CA THR A 97 0.64 -10.94 16.61
C THR A 97 0.46 -10.29 15.25
N ARG A 98 -0.29 -10.94 14.37
CA ARG A 98 -0.53 -10.42 13.03
C ARG A 98 -1.70 -9.45 13.02
N GLN A 99 -1.43 -8.19 12.68
CA GLN A 99 -2.47 -7.17 12.63
C GLN A 99 -2.56 -6.54 11.25
N CYS A 100 -1.41 -6.35 10.61
CA CYS A 100 -1.36 -5.77 9.28
C CYS A 100 -1.59 -6.83 8.21
N VAL A 101 -1.88 -6.38 6.99
CA VAL A 101 -2.13 -7.30 5.88
C VAL A 101 -1.15 -7.05 4.74
N TYR A 102 -0.75 -8.13 4.07
CA TYR A 102 0.19 -8.03 2.95
C TYR A 102 -0.30 -8.83 1.75
N PHE A 103 0.05 -8.36 0.56
CA PHE A 103 -0.35 -9.03 -0.68
C PHE A 103 0.51 -10.26 -0.94
N ASP A 104 -0.10 -11.44 -0.81
CA ASP A 104 0.60 -12.69 -1.04
C ASP A 104 0.72 -12.99 -2.53
N GLY A 105 1.74 -12.46 -3.17
CA GLY A 105 1.94 -12.68 -4.59
C GLY A 105 2.16 -14.14 -4.92
N ARG A 106 3.00 -14.80 -4.14
CA ARG A 106 3.31 -16.22 -4.36
C ARG A 106 2.03 -17.05 -4.38
N SER A 107 1.06 -16.66 -3.55
CA SER A 107 -0.21 -17.37 -3.46
C SER A 107 -0.82 -17.54 -4.86
N GLY A 108 -0.74 -18.76 -5.38
CA GLY A 108 -1.29 -19.04 -6.70
C GLY A 108 -2.67 -18.44 -6.88
N ASP A 109 -3.49 -18.50 -5.84
CA ASP A 109 -4.84 -17.96 -5.90
C ASP A 109 -4.83 -16.45 -5.65
N LYS A 110 -5.26 -15.68 -6.64
CA LYS A 110 -5.30 -14.23 -6.52
C LYS A 110 -6.42 -13.80 -5.57
N SER A 111 -7.38 -14.68 -5.35
CA SER A 111 -8.49 -14.40 -4.46
C SER A 111 -8.14 -14.71 -3.01
N LYS A 112 -6.96 -15.28 -2.81
CA LYS A 112 -6.49 -15.63 -1.47
C LYS A 112 -5.12 -15.02 -1.20
N VAL A 113 -4.85 -13.87 -1.80
CA VAL A 113 -3.58 -13.18 -1.62
C VAL A 113 -3.55 -12.43 -0.30
N TRP A 114 -4.72 -11.97 0.14
CA TRP A 114 -4.83 -11.23 1.39
C TRP A 114 -4.46 -12.11 2.59
N THR A 115 -3.39 -11.74 3.28
CA THR A 115 -2.93 -12.51 4.43
C THR A 115 -2.40 -11.59 5.52
N THR A 116 -2.74 -11.90 6.77
CA THR A 116 -2.29 -11.09 7.91
C THR A 116 -0.88 -11.47 8.33
N ASP A 117 -0.17 -10.51 8.91
CA ASP A 117 1.20 -10.74 9.36
C ASP A 117 1.69 -9.60 10.24
N THR A 118 2.70 -9.87 11.05
CA THR A 118 3.26 -8.86 11.95
C THR A 118 3.63 -7.59 11.17
N CYS A 119 3.48 -6.45 11.82
CA CYS A 119 3.81 -5.17 11.20
C CYS A 119 5.27 -4.81 11.42
N ALA A 120 6.11 -5.83 11.54
CA ALA A 120 7.54 -5.62 11.76
C ALA A 120 8.37 -6.36 10.72
N THR A 121 7.70 -7.21 9.94
CA THR A 121 8.37 -7.97 8.89
C THR A 121 8.81 -7.08 7.74
N PRO A 122 10.11 -7.10 7.44
CA PRO A 122 10.69 -6.29 6.35
C PRO A 122 10.26 -6.79 4.97
N ARG A 123 9.32 -6.08 4.35
CA ARG A 123 8.83 -6.45 3.04
C ARG A 123 8.60 -5.21 2.17
N PRO A 124 8.55 -5.43 0.84
CA PRO A 124 8.34 -4.34 -0.12
C PRO A 124 6.93 -3.76 -0.04
N PHE A 125 6.75 -2.58 -0.61
CA PHE A 125 5.45 -1.92 -0.61
C PHE A 125 5.27 -1.08 -1.88
N ILE A 126 4.11 -0.44 -1.99
CA ILE A 126 3.81 0.39 -3.16
C ILE A 126 3.22 1.73 -2.73
N CYS A 127 3.83 2.81 -3.19
CA CYS A 127 3.37 4.16 -2.86
C CYS A 127 2.43 4.69 -3.94
N GLN A 128 1.41 5.43 -3.52
CA GLN A 128 0.46 6.00 -4.45
C GLN A 128 0.13 7.45 -4.09
N LYS A 129 -0.24 8.24 -5.08
CA LYS A 129 -0.58 9.64 -4.87
C LYS A 129 -2.08 9.83 -4.74
N HIS A 130 -2.51 11.08 -4.59
CA HIS A 130 -3.93 11.39 -4.45
C HIS A 130 -4.70 10.98 -5.70
N ARG A 131 -4.02 11.02 -6.85
CA ARG A 131 -4.64 10.64 -8.12
C ARG A 131 -5.92 11.45 -8.35
N TYR A 132 -5.84 12.75 -8.07
CA TYR A 132 -7.00 13.63 -8.25
C TYR A 132 -6.68 14.74 -9.25
N ASP A 133 -7.06 14.51 -10.51
CA ASP A 133 -6.81 15.48 -11.57
C ASP A 133 -7.97 16.48 -11.67
N SER A 134 -9.20 15.95 -11.60
CA SER A 134 -10.38 16.78 -11.69
C SER A 134 -10.16 18.13 -11.00
N ASP A 135 -10.10 19.19 -11.81
CA ASP A 135 -9.88 20.53 -11.28
C ASP A 135 -10.31 21.59 -12.30
N HIS A 136 -10.38 22.84 -11.85
CA HIS A 136 -10.79 23.94 -12.72
C HIS A 136 -9.63 24.92 -12.92
N LYS A 137 -9.10 25.44 -11.81
CA LYS A 137 -8.00 26.38 -11.87
C LYS A 137 -6.84 25.92 -10.98
N PRO A 138 -5.64 26.45 -11.27
CA PRO A 138 -4.43 26.11 -10.51
C PRO A 138 -4.45 26.67 -9.09
N ASN A 139 -4.71 25.80 -8.11
CA ASN A 139 -4.75 26.21 -6.72
C ASN A 139 -3.36 26.19 -6.10
N THR A 140 -2.71 25.04 -6.17
CA THR A 140 -1.36 24.90 -5.61
C THR A 140 -0.31 25.51 -6.53
N ILE A 141 0.38 26.52 -6.03
CA ILE A 141 1.42 27.18 -6.81
C ILE A 141 2.81 26.70 -6.41
N GLY A 142 3.65 26.44 -7.42
CA GLY A 142 4.99 25.97 -7.16
C GLY A 142 5.88 27.04 -6.57
N ASP A 143 6.04 27.03 -5.25
CA ASP A 143 6.87 28.01 -4.56
C ASP A 143 8.34 27.74 -4.80
N ALA A 144 9.04 28.72 -5.35
CA ALA A 144 10.47 28.59 -5.63
C ALA A 144 11.26 28.32 -4.36
N SER A 145 11.77 27.10 -4.23
CA SER A 145 12.55 26.72 -3.06
C SER A 145 13.32 25.43 -3.32
N GLY A 146 14.25 25.11 -2.41
CA GLY A 146 15.04 23.90 -2.55
C GLY A 146 16.45 24.19 -3.00
N PRO A 147 17.43 23.47 -2.43
CA PRO A 147 18.85 23.65 -2.75
C PRO A 147 19.18 23.15 -4.16
N SER A 148 20.14 23.81 -4.81
CA SER A 148 20.55 23.44 -6.15
C SER A 148 21.46 22.23 -6.13
N SER A 149 21.00 21.14 -6.73
CA SER A 149 21.78 19.90 -6.78
C SER A 149 22.49 19.75 -8.12
N GLY A 150 23.74 20.17 -8.17
CA GLY A 150 24.51 20.07 -9.40
C GLY A 150 25.57 18.98 -9.35
#